data_4NE1
#
_entry.id   4NE1
#
_cell.length_a   252.390
_cell.length_b   252.390
_cell.length_c   131.360
_cell.angle_alpha   90.000
_cell.angle_beta   90.000
_cell.angle_gamma   120.000
#
_symmetry.space_group_name_H-M   'P 3'
#
loop_
_entity.id
_entity.type
_entity.pdbx_description
1 polymer 'DNA (26-MER)'
2 polymer 'DNA (26-MER)'
3 polymer 'Centromere protein S'
4 polymer 'Centromere protein X'
#
loop_
_entity_poly.entity_id
_entity_poly.type
_entity_poly.pdbx_seq_one_letter_code
_entity_poly.pdbx_strand_id
1 'polydeoxyribonucleotide'
;(DA)(DA)(DA)(DA)(DA)(DA)(DA)(DA)(DA)(DA)(DA)(DA)(DA)(DA)(DA)(DA)(DA)(DA)(DA)(DA)
(DA)(DA)(DA)(DA)(DA)(DA)
;
E,O,s,u
2 'polydeoxyribonucleotide'
;(DT)(DT)(DT)(DT)(DT)(DT)(DT)(DT)(DT)(DT)(DT)(DT)(DT)(DT)(DT)(DT)(DT)(DT)(DT)(DT)
(DT)(DT)(DT)(DT)(DT)(DT)
;
F,P,t,v
3 'polypeptide(L)'
;SYQQRLKAAVHYTVGCLCEEVALDKAMQFSKQTIAAISELTFRQCENFAKDLEMFARHAKRTTINTEDVKLLARRSNSLL
KYITDKSEEIAQANLERKAQKKKKS
;
C,G,A,I,J,K,Q,R,S,T,Y,a,c,e,f,g,k,l,m,n
4 'polypeptide(L)' SGFRKELVSRLLHLHFKDDKTKVSGDALQLMVELLKVFVVEAAVRGVRQAQAEDALRVDVDQLEKVLPQLLLDF D,H,B,L,M,N,U,V,W,X,Z,b,d,h,i,j,o,p,q,r
#
# COMPACT_ATOMS: atom_id res chain seq x y z
N SER I 1 -27.35 -78.45 -10.34
CA SER I 1 -28.62 -78.37 -11.13
C SER I 1 -29.17 -76.92 -11.28
N TYR I 2 -30.05 -76.73 -12.28
CA TYR I 2 -30.49 -75.39 -12.73
C TYR I 2 -31.23 -74.41 -11.76
N GLN I 3 -32.26 -74.84 -11.01
CA GLN I 3 -32.91 -73.96 -10.01
C GLN I 3 -32.14 -73.66 -8.71
N GLN I 4 -31.25 -74.58 -8.30
CA GLN I 4 -30.32 -74.38 -7.18
C GLN I 4 -29.38 -73.16 -7.40
N ARG I 5 -28.86 -73.05 -8.62
CA ARG I 5 -28.08 -71.88 -9.09
C ARG I 5 -28.87 -70.52 -9.17
N LEU I 6 -30.14 -70.56 -9.57
CA LEU I 6 -31.03 -69.37 -9.60
C LEU I 6 -31.36 -68.84 -8.20
N LYS I 7 -31.51 -69.74 -7.21
CA LYS I 7 -31.64 -69.37 -5.78
C LYS I 7 -30.36 -68.70 -5.31
N ALA I 8 -29.23 -69.27 -5.73
CA ALA I 8 -27.89 -68.79 -5.40
C ALA I 8 -27.47 -67.55 -6.19
N ALA I 9 -27.98 -67.38 -7.42
CA ALA I 9 -27.80 -66.13 -8.19
C ALA I 9 -28.63 -64.98 -7.56
N VAL I 10 -29.85 -65.30 -7.11
CA VAL I 10 -30.68 -64.39 -6.31
C VAL I 10 -29.99 -64.03 -4.96
N HIS I 11 -29.34 -65.00 -4.32
CA HIS I 11 -28.50 -64.82 -3.10
C HIS I 11 -27.41 -63.70 -3.19
N TYR I 12 -26.66 -63.64 -4.29
CA TYR I 12 -25.57 -62.66 -4.52
C TYR I 12 -26.08 -61.23 -4.66
N THR I 13 -27.16 -61.05 -5.44
CA THR I 13 -27.76 -59.75 -5.69
C THR I 13 -28.50 -59.19 -4.46
N VAL I 14 -29.32 -60.02 -3.82
CA VAL I 14 -29.99 -59.67 -2.56
C VAL I 14 -28.97 -59.26 -1.49
N GLY I 15 -27.83 -59.96 -1.47
CA GLY I 15 -26.69 -59.70 -0.57
C GLY I 15 -25.98 -58.35 -0.71
N CYS I 16 -25.89 -57.86 -1.96
CA CYS I 16 -25.37 -56.51 -2.27
C CYS I 16 -26.28 -55.37 -1.73
N LEU I 17 -27.58 -55.47 -2.00
CA LEU I 17 -28.59 -54.51 -1.50
C LEU I 17 -28.71 -54.55 0.02
N CYS I 18 -28.59 -55.74 0.59
CA CYS I 18 -28.55 -55.93 2.05
C CYS I 18 -27.23 -55.45 2.75
N GLU I 19 -26.11 -55.51 2.04
CA GLU I 19 -24.89 -54.89 2.58
C GLU I 19 -24.85 -53.37 2.40
N GLU I 20 -25.58 -52.86 1.41
CA GLU I 20 -25.95 -51.43 1.31
C GLU I 20 -26.64 -50.94 2.59
N VAL I 21 -27.56 -51.78 3.09
CA VAL I 21 -28.35 -51.55 4.33
C VAL I 21 -27.55 -51.64 5.68
N ALA I 22 -26.53 -52.50 5.70
CA ALA I 22 -25.60 -52.55 6.81
C ALA I 22 -24.92 -51.17 7.13
N LEU I 23 -24.60 -50.36 6.10
CA LEU I 23 -23.97 -48.99 6.20
C LEU I 23 -24.84 -47.98 6.99
N ASP I 24 -26.13 -47.99 6.67
CA ASP I 24 -27.06 -46.89 6.93
C ASP I 24 -27.67 -46.89 8.34
N LYS I 25 -27.94 -48.09 8.87
CA LYS I 25 -28.60 -48.22 10.16
C LYS I 25 -27.59 -48.42 11.29
N ALA I 26 -26.33 -48.57 10.92
CA ALA I 26 -25.29 -48.92 11.87
C ALA I 26 -25.48 -50.34 12.41
N MET I 27 -26.22 -51.18 11.67
CA MET I 27 -26.31 -52.59 12.04
C MET I 27 -26.36 -53.59 10.89
N GLN I 28 -25.55 -54.61 11.10
CA GLN I 28 -25.15 -55.63 10.14
C GLN I 28 -26.19 -56.79 10.02
N PHE I 29 -25.95 -57.73 9.07
CA PHE I 29 -26.77 -58.95 8.82
C PHE I 29 -26.09 -60.28 9.13
N SER I 30 -26.79 -61.17 9.81
CA SER I 30 -26.30 -62.51 9.99
C SER I 30 -26.53 -63.22 8.68
N LYS I 31 -25.72 -64.25 8.45
CA LYS I 31 -25.87 -65.22 7.38
C LYS I 31 -27.37 -65.56 7.20
N GLN I 32 -28.03 -65.88 8.32
CA GLN I 32 -29.43 -66.33 8.34
C GLN I 32 -30.41 -65.28 7.79
N THR I 33 -30.21 -64.01 8.13
CA THR I 33 -31.03 -62.93 7.57
C THR I 33 -30.80 -62.85 6.07
N ILE I 34 -29.54 -62.82 5.66
CA ILE I 34 -29.19 -62.86 4.26
C ILE I 34 -29.79 -64.07 3.51
N ALA I 35 -29.55 -65.27 4.06
CA ALA I 35 -30.06 -66.51 3.49
C ALA I 35 -31.60 -66.57 3.47
N ALA I 36 -32.22 -66.01 4.49
CA ALA I 36 -33.70 -65.99 4.56
C ALA I 36 -34.32 -64.88 3.70
N ILE I 37 -33.55 -63.83 3.38
CA ILE I 37 -34.03 -62.77 2.46
C ILE I 37 -33.96 -63.22 0.99
N SER I 38 -32.97 -64.07 0.67
CA SER I 38 -32.76 -64.63 -0.68
C SER I 38 -33.78 -65.73 -1.13
N GLU I 39 -34.05 -66.67 -0.22
CA GLU I 39 -35.12 -67.69 -0.35
C GLU I 39 -36.47 -67.04 -0.75
N LEU I 40 -36.79 -65.93 -0.08
CA LEU I 40 -38.02 -65.16 -0.31
C LEU I 40 -38.11 -64.53 -1.69
N THR I 41 -37.01 -63.95 -2.19
CA THR I 41 -36.97 -63.33 -3.53
C THR I 41 -37.23 -64.34 -4.60
N PHE I 42 -36.50 -65.45 -4.55
CA PHE I 42 -36.75 -66.57 -5.44
C PHE I 42 -38.20 -67.09 -5.37
N ARG I 43 -38.71 -67.33 -4.16
CA ARG I 43 -40.07 -67.84 -3.98
C ARG I 43 -41.14 -66.81 -4.28
N GLN I 44 -40.77 -65.53 -4.14
CA GLN I 44 -41.67 -64.40 -4.44
C GLN I 44 -41.78 -64.20 -5.96
N CYS I 45 -40.72 -64.56 -6.71
CA CYS I 45 -40.72 -64.46 -8.17
C CYS I 45 -41.79 -65.33 -8.85
N GLU I 46 -42.24 -66.38 -8.15
CA GLU I 46 -43.38 -67.24 -8.57
C GLU I 46 -44.69 -66.47 -8.77
N ASN I 47 -45.19 -65.90 -7.67
CA ASN I 47 -46.51 -65.30 -7.67
C ASN I 47 -46.52 -63.95 -8.42
N PHE I 48 -45.37 -63.27 -8.49
CA PHE I 48 -45.18 -62.08 -9.36
C PHE I 48 -45.34 -62.45 -10.86
N ALA I 49 -44.63 -63.49 -11.31
CA ALA I 49 -44.70 -63.97 -12.68
C ALA I 49 -46.10 -64.46 -13.05
N LYS I 50 -46.69 -65.31 -12.21
CA LYS I 50 -48.03 -65.80 -12.49
C LYS I 50 -49.12 -64.71 -12.37
N ASP I 51 -48.99 -63.74 -11.44
CA ASP I 51 -49.89 -62.56 -11.45
C ASP I 51 -49.66 -61.63 -12.66
N LEU I 52 -48.41 -61.41 -13.05
CA LEU I 52 -48.09 -60.68 -14.28
C LEU I 52 -48.72 -61.36 -15.52
N GLU I 53 -48.61 -62.70 -15.56
CA GLU I 53 -49.24 -63.54 -16.60
C GLU I 53 -50.78 -63.38 -16.64
N MET I 54 -51.42 -63.53 -15.47
CA MET I 54 -52.89 -63.40 -15.32
C MET I 54 -53.35 -62.03 -15.75
N PHE I 55 -52.49 -61.03 -15.54
CA PHE I 55 -52.72 -59.67 -16.00
C PHE I 55 -52.51 -59.53 -17.51
N ALA I 56 -51.42 -60.10 -18.04
CA ALA I 56 -51.06 -59.97 -19.47
C ALA I 56 -51.99 -60.74 -20.41
N ARG I 57 -52.35 -61.97 -20.02
CA ARG I 57 -53.31 -62.79 -20.77
C ARG I 57 -54.74 -62.30 -20.55
N HIS I 58 -54.97 -61.68 -19.41
CA HIS I 58 -56.29 -61.12 -19.08
C HIS I 58 -56.65 -59.84 -19.85
N ALA I 59 -55.64 -59.23 -20.48
CA ALA I 59 -55.76 -58.05 -21.38
C ALA I 59 -55.58 -58.39 -22.88
N LYS I 60 -55.77 -59.66 -23.24
CA LYS I 60 -55.60 -60.16 -24.63
C LYS I 60 -54.26 -59.78 -25.29
N ARG I 61 -53.17 -59.89 -24.55
CA ARG I 61 -51.85 -59.65 -25.11
C ARG I 61 -50.95 -60.83 -24.80
N THR I 62 -49.92 -61.03 -25.61
CA THR I 62 -48.96 -62.08 -25.30
C THR I 62 -47.79 -61.54 -24.45
N THR I 63 -47.51 -60.24 -24.49
CA THR I 63 -46.41 -59.68 -23.70
C THR I 63 -46.91 -58.75 -22.61
N ILE I 64 -46.37 -58.96 -21.41
CA ILE I 64 -46.50 -58.04 -20.30
C ILE I 64 -45.88 -56.67 -20.67
N ASN I 65 -46.58 -55.56 -20.36
CA ASN I 65 -46.01 -54.19 -20.47
C ASN I 65 -45.90 -53.40 -19.13
N THR I 66 -45.57 -52.11 -19.22
CA THR I 66 -45.38 -51.24 -18.02
C THR I 66 -46.56 -51.21 -17.02
N GLU I 67 -47.78 -51.33 -17.54
CA GLU I 67 -49.00 -51.23 -16.72
C GLU I 67 -49.27 -52.45 -15.82
N ASP I 68 -48.85 -53.65 -16.23
CA ASP I 68 -48.99 -54.88 -15.40
C ASP I 68 -48.08 -54.85 -14.16
N VAL I 69 -46.86 -54.31 -14.32
CA VAL I 69 -45.87 -54.19 -13.24
C VAL I 69 -46.20 -53.09 -12.20
N LYS I 70 -46.67 -51.92 -12.67
CA LYS I 70 -47.15 -50.84 -11.78
C LYS I 70 -48.44 -51.23 -11.04
N LEU I 71 -49.27 -52.05 -11.71
CA LEU I 71 -50.45 -52.70 -11.11
C LEU I 71 -50.06 -53.70 -10.00
N LEU I 72 -48.85 -54.28 -10.12
CA LEU I 72 -48.31 -55.27 -9.15
C LEU I 72 -47.79 -54.66 -7.81
N ALA I 73 -47.60 -53.34 -7.81
CA ALA I 73 -47.28 -52.55 -6.61
C ALA I 73 -48.50 -51.78 -6.08
N ARG I 74 -49.67 -52.45 -6.03
CA ARG I 74 -51.01 -51.79 -5.86
C ARG I 74 -51.53 -51.41 -4.46
N ARG I 75 -51.37 -52.25 -3.43
CA ARG I 75 -52.05 -51.95 -2.16
C ARG I 75 -51.36 -51.04 -1.16
N SER I 76 -50.14 -50.60 -1.46
CA SER I 76 -49.50 -49.51 -0.68
C SER I 76 -49.28 -48.17 -1.43
N ASN I 77 -49.59 -47.06 -0.74
CA ASN I 77 -49.42 -45.67 -1.22
C ASN I 77 -48.00 -45.26 -1.54
N SER I 78 -47.05 -45.63 -0.68
CA SER I 78 -45.63 -45.27 -0.83
C SER I 78 -44.90 -45.99 -1.98
N LEU I 79 -45.41 -47.17 -2.34
CA LEU I 79 -44.85 -47.98 -3.43
C LEU I 79 -45.27 -47.32 -4.74
N LEU I 80 -46.55 -46.91 -4.83
CA LEU I 80 -47.08 -46.00 -5.88
C LEU I 80 -46.17 -44.80 -6.11
N LYS I 81 -45.89 -44.04 -5.04
CA LYS I 81 -45.12 -42.79 -5.05
C LYS I 81 -43.74 -43.01 -5.67
N TYR I 82 -43.00 -43.91 -5.04
CA TYR I 82 -41.62 -44.20 -5.37
C TYR I 82 -41.44 -44.85 -6.76
N ILE I 83 -42.33 -45.77 -7.09
CA ILE I 83 -42.19 -46.55 -8.34
C ILE I 83 -42.64 -45.78 -9.59
N THR I 84 -43.68 -44.95 -9.47
CA THR I 84 -44.03 -44.04 -10.58
C THR I 84 -42.89 -43.05 -10.86
N ASP I 85 -42.22 -42.57 -9.79
CA ASP I 85 -40.99 -41.76 -9.87
C ASP I 85 -39.95 -42.47 -10.73
N LYS I 86 -39.67 -43.72 -10.36
CA LYS I 86 -38.74 -44.59 -11.09
C LYS I 86 -39.21 -44.97 -12.51
N SER I 87 -40.53 -44.98 -12.75
CA SER I 87 -41.07 -45.26 -14.09
C SER I 87 -40.92 -44.07 -15.05
N GLU I 88 -41.00 -42.85 -14.53
CA GLU I 88 -40.71 -41.64 -15.31
C GLU I 88 -39.21 -41.43 -15.58
N GLU I 89 -38.38 -41.95 -14.66
CA GLU I 89 -36.91 -41.92 -14.79
C GLU I 89 -36.38 -42.93 -15.83
N ILE I 90 -36.95 -44.14 -15.83
CA ILE I 90 -36.53 -45.18 -16.79
C ILE I 90 -37.15 -44.92 -18.20
N ALA I 91 -38.28 -44.18 -18.25
CA ALA I 91 -38.81 -43.62 -19.50
C ALA I 91 -37.89 -42.56 -20.14
N GLN I 92 -37.12 -41.83 -19.32
CA GLN I 92 -35.98 -41.00 -19.79
C GLN I 92 -34.82 -41.82 -20.46
N ALA I 93 -34.54 -43.00 -19.91
CA ALA I 93 -33.44 -43.90 -20.35
C ALA I 93 -33.81 -44.87 -21.49
N SER J 1 -25.01 -52.48 -8.03
CA SER J 1 -26.10 -52.90 -7.12
C SER J 1 -27.49 -52.57 -7.69
N GLY J 2 -27.98 -53.47 -8.55
CA GLY J 2 -29.29 -53.34 -9.22
C GLY J 2 -29.56 -54.62 -9.99
N PHE J 3 -30.75 -55.22 -9.76
CA PHE J 3 -31.11 -56.61 -10.20
C PHE J 3 -30.83 -56.89 -11.72
N ARG J 4 -30.12 -57.99 -12.00
CA ARG J 4 -29.76 -58.39 -13.39
C ARG J 4 -31.01 -58.73 -14.17
N LYS J 5 -31.12 -58.10 -15.33
CA LYS J 5 -32.34 -58.18 -16.13
C LYS J 5 -32.50 -59.57 -16.78
N GLU J 6 -31.38 -60.23 -17.07
CA GLU J 6 -31.40 -61.62 -17.51
C GLU J 6 -31.97 -62.52 -16.42
N LEU J 7 -31.50 -62.30 -15.19
CA LEU J 7 -31.99 -63.03 -14.00
C LEU J 7 -33.50 -62.93 -13.79
N VAL J 8 -34.04 -61.72 -13.80
CA VAL J 8 -35.49 -61.49 -13.60
C VAL J 8 -36.38 -62.16 -14.70
N SER J 9 -35.94 -62.13 -15.98
CA SER J 9 -36.63 -62.78 -17.14
C SER J 9 -36.71 -64.32 -17.07
N ARG J 10 -35.58 -64.97 -16.80
CA ARG J 10 -35.54 -66.43 -16.69
C ARG J 10 -36.30 -66.91 -15.45
N LEU J 11 -36.19 -66.15 -14.35
CA LEU J 11 -36.99 -66.37 -13.13
C LEU J 11 -38.49 -66.28 -13.41
N LEU J 12 -38.89 -65.22 -14.13
CA LEU J 12 -40.30 -65.07 -14.54
C LEU J 12 -40.78 -66.23 -15.47
N HIS J 13 -39.95 -66.60 -16.48
CA HIS J 13 -40.28 -67.66 -17.48
C HIS J 13 -40.35 -69.13 -16.96
N LEU J 14 -39.72 -69.43 -15.82
CA LEU J 14 -39.76 -70.78 -15.20
C LEU J 14 -41.16 -71.26 -14.73
N HIS J 15 -41.96 -70.35 -14.16
CA HIS J 15 -43.31 -70.66 -13.63
C HIS J 15 -44.48 -69.77 -14.16
N PHE J 16 -44.39 -69.30 -15.41
CA PHE J 16 -45.54 -68.73 -16.12
C PHE J 16 -46.60 -69.81 -16.35
N LYS J 17 -47.89 -69.48 -16.12
CA LYS J 17 -49.03 -70.39 -16.48
C LYS J 17 -49.35 -70.53 -18.02
N ASP J 18 -49.43 -69.43 -18.76
CA ASP J 18 -49.44 -69.51 -20.24
C ASP J 18 -48.05 -69.25 -20.80
N ASP J 19 -47.58 -70.15 -21.66
CA ASP J 19 -46.27 -69.97 -22.26
C ASP J 19 -46.24 -68.82 -23.30
N LYS J 20 -47.42 -68.29 -23.67
CA LYS J 20 -47.53 -67.13 -24.59
C LYS J 20 -46.86 -65.86 -24.03
N THR J 21 -46.76 -65.81 -22.70
CA THR J 21 -46.17 -64.71 -21.94
C THR J 21 -44.68 -64.44 -22.22
N LYS J 22 -44.41 -63.19 -22.58
CA LYS J 22 -43.07 -62.59 -22.66
C LYS J 22 -43.12 -61.36 -21.73
N VAL J 23 -41.97 -60.76 -21.46
CA VAL J 23 -41.92 -59.51 -20.69
C VAL J 23 -41.28 -58.40 -21.55
N SER J 24 -41.98 -57.27 -21.72
CA SER J 24 -41.44 -56.11 -22.48
C SER J 24 -40.27 -55.47 -21.74
N GLY J 25 -39.48 -54.66 -22.46
CA GLY J 25 -38.27 -54.05 -21.92
C GLY J 25 -38.46 -53.22 -20.66
N ASP J 26 -39.33 -52.22 -20.75
CA ASP J 26 -39.61 -51.31 -19.64
C ASP J 26 -40.26 -52.01 -18.44
N ALA J 27 -41.16 -52.96 -18.72
CA ALA J 27 -41.81 -53.76 -17.66
C ALA J 27 -40.83 -54.56 -16.80
N LEU J 28 -39.81 -55.16 -17.43
CA LEU J 28 -38.81 -55.98 -16.73
C LEU J 28 -37.81 -55.14 -15.93
N GLN J 29 -37.44 -53.98 -16.49
CA GLN J 29 -36.74 -52.92 -15.76
C GLN J 29 -37.51 -52.51 -14.52
N LEU J 30 -38.84 -52.42 -14.63
CA LEU J 30 -39.70 -52.05 -13.50
C LEU J 30 -39.87 -53.21 -12.51
N MET J 31 -39.77 -54.44 -13.02
CA MET J 31 -39.74 -55.62 -12.16
C MET J 31 -38.41 -55.71 -11.42
N VAL J 32 -37.33 -55.39 -12.11
CA VAL J 32 -36.02 -55.14 -11.50
C VAL J 32 -36.13 -54.13 -10.31
N GLU J 33 -36.87 -53.03 -10.54
CA GLU J 33 -37.19 -52.01 -9.51
C GLU J 33 -38.00 -52.61 -8.37
N LEU J 34 -39.13 -53.25 -8.71
CA LEU J 34 -40.05 -53.82 -7.71
C LEU J 34 -39.40 -54.92 -6.86
N LEU J 35 -38.57 -55.75 -7.50
CA LEU J 35 -37.75 -56.74 -6.80
C LEU J 35 -36.61 -56.12 -5.98
N LYS J 36 -35.99 -55.07 -6.52
CA LYS J 36 -34.99 -54.30 -5.82
C LYS J 36 -35.58 -53.63 -4.53
N VAL J 37 -36.79 -53.05 -4.61
CA VAL J 37 -37.52 -52.46 -3.44
C VAL J 37 -37.91 -53.52 -2.41
N PHE J 38 -38.29 -54.68 -2.93
CA PHE J 38 -38.59 -55.83 -2.13
C PHE J 38 -37.41 -56.26 -1.23
N VAL J 39 -36.24 -56.50 -1.84
CA VAL J 39 -35.01 -56.90 -1.10
C VAL J 39 -34.54 -55.84 -0.09
N VAL J 40 -34.49 -54.57 -0.53
CA VAL J 40 -34.13 -53.40 0.30
C VAL J 40 -35.03 -53.26 1.52
N GLU J 41 -36.35 -53.40 1.33
CA GLU J 41 -37.27 -53.32 2.46
C GLU J 41 -37.22 -54.52 3.42
N ALA J 42 -37.16 -55.72 2.85
CA ALA J 42 -36.93 -56.95 3.62
C ALA J 42 -35.70 -56.79 4.51
N ALA J 43 -34.64 -56.23 3.91
CA ALA J 43 -33.38 -55.93 4.60
C ALA J 43 -33.46 -54.82 5.69
N VAL J 44 -34.11 -53.69 5.38
CA VAL J 44 -34.22 -52.55 6.32
C VAL J 44 -34.91 -53.01 7.59
N ARG J 45 -36.01 -53.72 7.39
CA ARG J 45 -36.81 -54.26 8.50
C ARG J 45 -36.14 -55.34 9.36
N GLY J 46 -35.27 -56.17 8.76
CA GLY J 46 -34.48 -57.20 9.48
C GLY J 46 -33.53 -56.62 10.53
N VAL J 47 -32.73 -55.62 10.10
CA VAL J 47 -31.87 -54.75 10.96
C VAL J 47 -32.69 -54.09 12.10
N ARG J 48 -33.84 -53.50 11.74
CA ARG J 48 -34.78 -52.86 12.70
C ARG J 48 -35.27 -53.80 13.82
N GLN J 49 -35.43 -55.09 13.52
CA GLN J 49 -35.83 -56.13 14.50
C GLN J 49 -34.71 -56.58 15.47
N ALA J 50 -33.50 -56.86 14.96
CA ALA J 50 -32.37 -57.26 15.82
C ALA J 50 -32.04 -56.24 16.93
N GLN J 51 -31.91 -54.96 16.57
CA GLN J 51 -31.66 -53.88 17.55
C GLN J 51 -32.81 -53.59 18.54
N ALA J 52 -34.04 -53.94 18.15
CA ALA J 52 -35.21 -53.72 19.00
C ALA J 52 -35.17 -54.64 20.21
N GLU J 53 -34.86 -55.91 19.97
CA GLU J 53 -34.58 -56.91 21.02
C GLU J 53 -33.10 -56.86 21.44
N ASP J 54 -32.44 -55.75 21.09
CA ASP J 54 -30.98 -55.53 21.21
C ASP J 54 -30.08 -56.78 21.08
N ALA J 55 -30.12 -57.40 19.90
CA ALA J 55 -29.17 -58.45 19.50
C ALA J 55 -27.88 -57.77 18.96
N LEU J 56 -26.73 -58.45 19.01
CA LEU J 56 -25.48 -57.84 18.49
C LEU J 56 -25.01 -58.31 17.08
N ARG J 57 -25.91 -59.01 16.41
CA ARG J 57 -26.21 -58.90 14.95
C ARG J 57 -27.62 -59.46 14.63
N VAL J 58 -28.08 -59.32 13.39
CA VAL J 58 -29.43 -59.77 13.01
C VAL J 58 -29.51 -61.31 12.74
N ASP J 59 -29.85 -62.10 13.77
CA ASP J 59 -30.11 -63.58 13.69
C ASP J 59 -31.52 -63.94 13.13
N VAL J 60 -31.78 -65.24 12.87
CA VAL J 60 -33.06 -65.67 12.24
C VAL J 60 -34.33 -65.22 13.02
N ASP J 61 -34.32 -65.36 14.35
CA ASP J 61 -35.39 -64.89 15.28
C ASP J 61 -36.00 -63.50 14.94
N GLN J 62 -35.14 -62.53 14.69
CA GLN J 62 -35.53 -61.17 14.34
C GLN J 62 -36.21 -61.04 12.98
N LEU J 63 -35.42 -61.18 11.93
CA LEU J 63 -35.94 -61.24 10.59
C LEU J 63 -37.27 -62.09 10.44
N GLU J 64 -37.33 -63.27 11.07
CA GLU J 64 -38.56 -64.14 10.99
C GLU J 64 -39.80 -63.62 11.75
N LYS J 65 -39.60 -62.77 12.74
CA LYS J 65 -40.72 -62.09 13.38
C LYS J 65 -41.15 -60.91 12.50
N VAL J 66 -40.29 -60.57 11.52
CA VAL J 66 -40.61 -59.62 10.43
C VAL J 66 -41.00 -60.29 9.09
N LEU J 67 -40.80 -61.61 8.97
CA LEU J 67 -41.16 -62.28 7.71
C LEU J 67 -42.66 -62.52 7.53
N PRO J 68 -43.39 -62.69 8.65
CA PRO J 68 -44.86 -62.70 8.64
C PRO J 68 -45.49 -61.52 7.89
N GLN J 69 -45.19 -60.31 8.36
CA GLN J 69 -45.66 -59.07 7.74
C GLN J 69 -45.03 -58.75 6.35
N LEU J 70 -43.92 -59.43 6.00
CA LEU J 70 -43.23 -59.20 4.71
C LEU J 70 -44.03 -59.76 3.52
N LEU J 71 -44.70 -60.87 3.77
CA LEU J 71 -45.51 -61.55 2.76
C LEU J 71 -46.90 -60.89 2.54
N LEU J 72 -47.41 -60.21 3.57
CA LEU J 72 -48.69 -59.45 3.49
C LEU J 72 -48.62 -58.20 2.60
N ASP J 73 -47.48 -57.52 2.67
CA ASP J 73 -47.22 -56.30 1.89
C ASP J 73 -46.74 -56.65 0.48
N PHE J 74 -46.31 -57.91 0.29
CA PHE J 74 -45.82 -58.44 -0.99
C PHE J 74 -46.43 -59.83 -1.27
N SER K 1 -62.46 -32.80 18.20
CA SER K 1 -62.46 -33.07 16.72
C SER K 1 -63.40 -34.23 16.36
N TYR K 2 -63.84 -34.22 15.11
CA TYR K 2 -64.68 -35.26 14.50
C TYR K 2 -64.02 -36.64 14.50
N GLN K 3 -62.73 -36.70 14.12
CA GLN K 3 -61.87 -37.88 14.32
C GLN K 3 -61.92 -38.43 15.78
N GLN K 4 -61.59 -37.59 16.76
CA GLN K 4 -61.64 -37.93 18.21
C GLN K 4 -63.01 -38.40 18.68
N ARG K 5 -64.04 -37.75 18.15
CA ARG K 5 -65.43 -37.99 18.45
C ARG K 5 -65.82 -39.41 18.03
N LEU K 6 -65.48 -39.76 16.79
CA LEU K 6 -65.68 -41.11 16.25
C LEU K 6 -64.84 -42.13 17.00
N LYS K 7 -63.60 -41.75 17.37
CA LYS K 7 -62.71 -42.59 18.20
C LYS K 7 -63.37 -42.97 19.53
N ALA K 8 -63.98 -42.02 20.22
CA ALA K 8 -64.64 -42.32 21.50
C ALA K 8 -65.93 -43.16 21.35
N ALA K 9 -66.68 -42.95 20.26
CA ALA K 9 -67.83 -43.82 19.91
C ALA K 9 -67.42 -45.28 19.54
N VAL K 10 -66.32 -45.44 18.79
CA VAL K 10 -65.70 -46.78 18.49
C VAL K 10 -65.17 -47.46 19.76
N HIS K 11 -64.57 -46.65 20.65
CA HIS K 11 -64.02 -47.07 21.95
C HIS K 11 -65.08 -47.77 22.80
N TYR K 12 -66.29 -47.22 22.73
CA TYR K 12 -67.46 -47.81 23.34
C TYR K 12 -67.62 -49.24 22.88
N THR K 13 -67.75 -49.44 21.57
CA THR K 13 -68.07 -50.75 21.04
C THR K 13 -66.93 -51.78 21.11
N VAL K 14 -65.69 -51.32 20.98
CA VAL K 14 -64.52 -52.19 21.24
C VAL K 14 -64.39 -52.62 22.73
N GLY K 15 -64.65 -51.69 23.66
CA GLY K 15 -64.74 -51.98 25.11
C GLY K 15 -65.81 -52.99 25.48
N CYS K 16 -66.92 -52.97 24.72
CA CYS K 16 -68.02 -54.00 24.73
C CYS K 16 -67.50 -55.45 24.52
N LEU K 17 -66.89 -55.69 23.34
CA LEU K 17 -66.44 -57.03 22.94
C LEU K 17 -65.35 -57.53 23.88
N CYS K 18 -64.45 -56.62 24.26
CA CYS K 18 -63.40 -56.88 25.27
C CYS K 18 -63.96 -57.24 26.67
N GLU K 19 -65.03 -56.55 27.11
CA GLU K 19 -65.76 -56.91 28.34
C GLU K 19 -66.51 -58.26 28.27
N GLU K 20 -67.11 -58.52 27.12
CA GLU K 20 -67.73 -59.82 26.92
C GLU K 20 -66.72 -60.98 26.95
N VAL K 21 -65.49 -60.74 26.48
CA VAL K 21 -64.38 -61.71 26.62
C VAL K 21 -63.91 -61.82 28.10
N ALA K 22 -64.08 -60.74 28.88
CA ALA K 22 -63.87 -60.75 30.35
C ALA K 22 -64.83 -61.70 31.10
N LEU K 23 -66.07 -61.83 30.61
CA LEU K 23 -67.12 -62.81 31.08
C LEU K 23 -66.81 -64.35 30.98
N ASP K 24 -66.35 -64.76 29.80
CA ASP K 24 -66.28 -66.17 29.36
C ASP K 24 -65.16 -67.01 30.03
N LYS K 25 -63.95 -66.45 30.09
CA LYS K 25 -62.76 -67.15 30.63
C LYS K 25 -62.40 -66.70 32.05
N ALA K 26 -63.31 -65.97 32.71
CA ALA K 26 -63.00 -65.28 33.97
C ALA K 26 -61.59 -64.65 33.92
N MET K 27 -61.33 -63.94 32.81
CA MET K 27 -60.05 -63.23 32.56
C MET K 27 -60.19 -61.71 32.22
N GLN K 28 -59.70 -60.80 33.11
CA GLN K 28 -59.88 -59.33 32.90
C GLN K 28 -58.77 -58.65 32.07
N PHE K 29 -59.17 -57.62 31.32
CA PHE K 29 -58.31 -56.90 30.36
C PHE K 29 -57.66 -55.70 31.03
N SER K 30 -56.37 -55.46 30.74
CA SER K 30 -55.76 -54.16 31.09
C SER K 30 -56.45 -53.10 30.21
N LYS K 31 -56.55 -51.89 30.73
CA LYS K 31 -57.32 -50.89 30.01
C LYS K 31 -56.57 -50.34 28.77
N GLN K 32 -55.22 -50.36 28.83
CA GLN K 32 -54.32 -50.05 27.68
C GLN K 32 -54.67 -50.93 26.50
N THR K 33 -55.01 -52.18 26.84
CA THR K 33 -55.51 -53.19 25.90
C THR K 33 -56.80 -52.68 25.18
N ILE K 34 -57.81 -52.23 25.94
CA ILE K 34 -59.06 -51.70 25.35
C ILE K 34 -58.80 -50.51 24.38
N ALA K 35 -57.91 -49.59 24.75
CA ALA K 35 -57.54 -48.49 23.85
C ALA K 35 -56.71 -48.91 22.64
N ALA K 36 -55.81 -49.87 22.80
CA ALA K 36 -54.99 -50.31 21.67
C ALA K 36 -55.82 -50.97 20.56
N ILE K 37 -56.91 -51.68 20.91
CA ILE K 37 -57.85 -52.24 19.89
C ILE K 37 -58.86 -51.21 19.34
N SER K 38 -59.20 -50.18 20.11
CA SER K 38 -60.06 -49.10 19.57
C SER K 38 -59.30 -48.25 18.53
N GLU K 39 -58.07 -47.85 18.87
CA GLU K 39 -57.12 -47.20 17.93
C GLU K 39 -56.81 -48.08 16.70
N LEU K 40 -56.62 -49.39 16.94
CA LEU K 40 -56.31 -50.38 15.88
C LEU K 40 -57.41 -50.48 14.85
N THR K 41 -58.66 -50.54 15.33
CA THR K 41 -59.83 -50.62 14.47
C THR K 41 -59.94 -49.40 13.58
N PHE K 42 -59.72 -48.21 14.16
CA PHE K 42 -59.85 -46.92 13.46
C PHE K 42 -58.91 -46.79 12.25
N ARG K 43 -57.63 -47.06 12.48
CA ARG K 43 -56.65 -46.98 11.40
C ARG K 43 -56.64 -48.25 10.53
N GLN K 44 -57.17 -49.35 11.06
CA GLN K 44 -57.42 -50.58 10.28
C GLN K 44 -58.53 -50.33 9.25
N CYS K 45 -59.41 -49.39 9.59
CA CYS K 45 -60.51 -49.04 8.69
C CYS K 45 -60.02 -48.21 7.53
N GLU K 46 -58.89 -47.50 7.72
CA GLU K 46 -58.14 -46.98 6.58
C GLU K 46 -57.69 -48.15 5.66
N ASN K 47 -57.00 -49.16 6.22
CA ASN K 47 -56.61 -50.38 5.48
C ASN K 47 -57.77 -51.10 4.80
N PHE K 48 -58.84 -51.33 5.55
CA PHE K 48 -60.04 -51.94 5.01
C PHE K 48 -60.74 -51.12 3.91
N ALA K 49 -60.98 -49.83 4.17
CA ALA K 49 -61.72 -48.98 3.21
C ALA K 49 -60.98 -48.60 1.91
N LYS K 50 -59.69 -48.25 2.00
CA LYS K 50 -58.83 -47.94 0.82
C LYS K 50 -58.77 -49.15 -0.10
N ASP K 51 -58.59 -50.33 0.49
CA ASP K 51 -58.61 -51.56 -0.28
C ASP K 51 -60.01 -51.88 -0.82
N LEU K 52 -61.07 -51.62 -0.03
CA LEU K 52 -62.45 -51.83 -0.49
C LEU K 52 -62.80 -50.93 -1.68
N GLU K 53 -62.38 -49.66 -1.60
CA GLU K 53 -62.45 -48.75 -2.74
C GLU K 53 -61.72 -49.34 -4.00
N MET K 54 -60.45 -49.71 -3.85
CA MET K 54 -59.67 -50.37 -4.91
C MET K 54 -60.35 -51.60 -5.54
N PHE K 55 -61.00 -52.42 -4.70
CA PHE K 55 -61.72 -53.67 -5.11
C PHE K 55 -62.98 -53.36 -5.92
N ALA K 56 -63.82 -52.47 -5.38
CA ALA K 56 -65.10 -52.11 -5.99
C ALA K 56 -64.83 -51.56 -7.37
N ARG K 57 -63.84 -50.68 -7.47
CA ARG K 57 -63.48 -50.07 -8.76
C ARG K 57 -62.91 -51.08 -9.77
N HIS K 58 -62.19 -52.10 -9.31
CA HIS K 58 -61.64 -53.14 -10.22
C HIS K 58 -62.68 -54.09 -10.89
N ALA K 59 -63.87 -54.22 -10.27
CA ALA K 59 -64.95 -55.12 -10.73
C ALA K 59 -66.13 -54.42 -11.43
N LYS K 60 -65.83 -53.37 -12.21
CA LYS K 60 -66.87 -52.58 -12.91
C LYS K 60 -67.83 -51.69 -12.04
N ARG K 61 -67.55 -51.46 -10.74
CA ARG K 61 -68.53 -50.75 -9.86
C ARG K 61 -67.97 -49.62 -8.97
N THR K 62 -68.85 -48.80 -8.40
CA THR K 62 -68.45 -47.84 -7.32
C THR K 62 -69.02 -48.24 -5.95
N THR K 63 -70.13 -48.99 -5.96
CA THR K 63 -70.83 -49.39 -4.74
C THR K 63 -70.27 -50.75 -4.25
N ILE K 64 -69.70 -50.77 -3.03
CA ILE K 64 -69.14 -52.00 -2.49
C ILE K 64 -70.27 -52.93 -2.04
N ASN K 65 -70.22 -54.18 -2.49
CA ASN K 65 -71.24 -55.21 -2.20
C ASN K 65 -70.69 -56.36 -1.36
N THR K 66 -71.48 -57.43 -1.28
CA THR K 66 -71.07 -58.69 -0.67
C THR K 66 -69.73 -59.29 -1.19
N GLU K 67 -69.44 -59.19 -2.49
CA GLU K 67 -68.29 -59.87 -3.14
C GLU K 67 -66.92 -59.39 -2.70
N ASP K 68 -66.79 -58.07 -2.65
CA ASP K 68 -65.56 -57.42 -2.26
C ASP K 68 -65.29 -57.61 -0.79
N VAL K 69 -66.35 -57.48 0.02
CA VAL K 69 -66.29 -57.70 1.48
C VAL K 69 -65.83 -59.16 1.84
N LYS K 70 -66.40 -60.17 1.19
CA LYS K 70 -66.04 -61.59 1.40
C LYS K 70 -64.61 -61.92 0.98
N LEU K 71 -64.14 -61.25 -0.07
CA LEU K 71 -62.75 -61.34 -0.53
C LEU K 71 -61.75 -60.68 0.46
N LEU K 72 -62.16 -59.65 1.22
CA LEU K 72 -61.28 -58.94 2.20
C LEU K 72 -60.96 -59.73 3.50
N ALA K 73 -61.79 -60.75 3.80
CA ALA K 73 -61.59 -61.66 4.93
C ALA K 73 -61.05 -63.07 4.55
N ARG K 74 -60.12 -63.16 3.58
CA ARG K 74 -59.67 -64.46 3.01
C ARG K 74 -58.29 -64.95 3.53
N ARG K 75 -57.85 -64.40 4.66
CA ARG K 75 -56.49 -64.63 5.12
C ARG K 75 -56.23 -65.83 6.04
N SER K 76 -56.88 -65.86 7.20
CA SER K 76 -56.87 -67.06 8.04
C SER K 76 -58.14 -67.85 7.74
N ASN K 77 -58.03 -69.17 7.84
CA ASN K 77 -59.17 -70.04 7.52
C ASN K 77 -60.43 -70.02 8.42
N SER K 78 -60.27 -69.79 9.74
CA SER K 78 -61.42 -69.68 10.70
C SER K 78 -62.26 -68.42 10.44
N LEU K 79 -61.61 -67.39 9.91
CA LEU K 79 -62.25 -66.17 9.42
C LEU K 79 -63.16 -66.40 8.18
N LEU K 80 -62.65 -67.12 7.17
CA LEU K 80 -63.40 -67.47 5.94
C LEU K 80 -64.68 -68.26 6.24
N LYS K 81 -64.51 -69.26 7.12
CA LYS K 81 -65.56 -70.16 7.60
C LYS K 81 -66.64 -69.35 8.31
N TYR K 82 -66.21 -68.52 9.25
CA TYR K 82 -67.05 -67.60 10.04
C TYR K 82 -68.00 -66.77 9.18
N ILE K 83 -67.39 -66.08 8.22
CA ILE K 83 -68.04 -65.09 7.35
C ILE K 83 -69.16 -65.68 6.45
N THR K 84 -68.90 -66.80 5.76
CA THR K 84 -69.88 -67.39 4.81
C THR K 84 -71.24 -67.77 5.42
N ASP K 85 -71.21 -68.29 6.64
CA ASP K 85 -72.40 -68.68 7.42
C ASP K 85 -73.33 -67.52 7.71
N LYS K 86 -72.73 -66.48 8.31
CA LYS K 86 -73.43 -65.26 8.69
C LYS K 86 -73.99 -64.53 7.46
N SER K 87 -73.38 -64.74 6.29
CA SER K 87 -73.82 -64.14 5.01
C SER K 87 -75.14 -64.73 4.50
N GLU K 88 -75.32 -66.03 4.66
CA GLU K 88 -76.58 -66.71 4.31
C GLU K 88 -77.73 -66.38 5.31
N GLU K 89 -77.35 -66.24 6.58
CA GLU K 89 -78.26 -65.83 7.67
C GLU K 89 -78.80 -64.38 7.49
N ILE K 90 -77.91 -63.43 7.19
CA ILE K 90 -78.32 -62.04 6.90
C ILE K 90 -78.77 -61.83 5.43
N ALA K 91 -78.41 -62.74 4.50
CA ALA K 91 -78.97 -62.73 3.12
C ALA K 91 -80.46 -63.06 3.13
N GLN K 92 -80.89 -63.75 4.18
CA GLN K 92 -82.32 -63.95 4.45
C GLN K 92 -83.04 -62.63 4.82
N ALA K 93 -82.30 -61.64 5.32
CA ALA K 93 -82.82 -60.28 5.56
C ALA K 93 -82.80 -59.44 4.28
N SER L 1 -75.20 -59.39 19.91
CA SER L 1 -74.23 -59.05 20.98
C SER L 1 -73.07 -58.20 20.42
N GLY L 2 -73.03 -56.88 20.71
CA GLY L 2 -71.91 -55.99 20.28
C GLY L 2 -72.10 -54.77 19.35
N PHE L 3 -71.41 -54.79 18.19
CA PHE L 3 -71.31 -53.71 17.12
C PHE L 3 -72.61 -53.14 16.49
N ARG L 4 -72.82 -51.83 16.55
CA ARG L 4 -74.00 -51.22 15.92
C ARG L 4 -73.70 -50.91 14.48
N LYS L 5 -74.78 -50.95 13.71
CA LYS L 5 -74.73 -50.80 12.26
C LYS L 5 -74.11 -49.47 11.81
N GLU L 6 -74.50 -48.36 12.43
CA GLU L 6 -74.06 -47.00 12.05
C GLU L 6 -72.55 -46.78 12.25
N LEU L 7 -72.03 -47.30 13.38
CA LEU L 7 -70.60 -47.25 13.75
C LEU L 7 -69.74 -47.58 12.54
N VAL L 8 -69.93 -48.80 12.07
CA VAL L 8 -69.23 -49.34 10.93
C VAL L 8 -69.41 -48.48 9.64
N SER L 9 -70.64 -48.08 9.31
CA SER L 9 -70.93 -47.33 8.08
C SER L 9 -70.22 -45.98 8.01
N ARG L 10 -70.35 -45.20 9.08
CA ARG L 10 -69.69 -43.91 9.18
C ARG L 10 -68.18 -44.09 9.15
N LEU L 11 -67.74 -45.14 9.83
CA LEU L 11 -66.33 -45.44 9.91
C LEU L 11 -65.71 -45.69 8.56
N LEU L 12 -66.45 -46.40 7.70
CA LEU L 12 -66.00 -46.67 6.35
C LEU L 12 -65.87 -45.40 5.51
N HIS L 13 -66.86 -44.53 5.60
CA HIS L 13 -66.92 -43.34 4.74
C HIS L 13 -65.86 -42.30 5.07
N LEU L 14 -65.18 -42.50 6.20
CA LEU L 14 -64.10 -41.62 6.64
C LEU L 14 -62.88 -41.64 5.72
N HIS L 15 -62.47 -42.83 5.29
CA HIS L 15 -61.23 -43.01 4.55
C HIS L 15 -61.46 -43.13 3.04
N PHE L 16 -62.72 -43.15 2.59
CA PHE L 16 -63.01 -43.22 1.16
C PHE L 16 -62.46 -41.99 0.50
N LYS L 17 -61.70 -42.21 -0.56
CA LYS L 17 -61.29 -41.10 -1.40
C LYS L 17 -62.38 -40.78 -2.42
N ASP L 18 -63.12 -41.80 -2.89
CA ASP L 18 -64.41 -41.53 -3.58
C ASP L 18 -65.61 -41.89 -2.68
N ASP L 19 -66.45 -40.90 -2.38
CA ASP L 19 -67.68 -41.09 -1.57
C ASP L 19 -68.93 -41.43 -2.39
N LYS L 20 -68.74 -41.63 -3.70
CA LYS L 20 -69.80 -42.21 -4.53
C LYS L 20 -69.97 -43.68 -4.16
N THR L 21 -68.89 -44.24 -3.59
CA THR L 21 -68.85 -45.57 -2.95
C THR L 21 -70.00 -45.75 -1.96
N LYS L 22 -70.88 -46.71 -2.27
CA LYS L 22 -72.01 -47.03 -1.42
C LYS L 22 -71.80 -48.38 -0.72
N VAL L 23 -72.57 -48.62 0.32
CA VAL L 23 -72.48 -49.88 1.07
C VAL L 23 -73.88 -50.52 1.17
N SER L 24 -74.00 -51.75 0.68
CA SER L 24 -75.25 -52.51 0.83
C SER L 24 -75.48 -52.94 2.30
N GLY L 25 -76.76 -53.08 2.69
CA GLY L 25 -77.15 -53.34 4.09
C GLY L 25 -76.70 -54.69 4.66
N ASP L 26 -76.71 -55.71 3.81
CA ASP L 26 -76.18 -57.04 4.14
C ASP L 26 -74.66 -57.01 4.32
N ALA L 27 -73.92 -56.39 3.39
CA ALA L 27 -72.47 -56.18 3.56
C ALA L 27 -72.13 -55.39 4.84
N LEU L 28 -73.03 -54.50 5.28
CA LEU L 28 -72.92 -53.76 6.57
C LEU L 28 -73.13 -54.66 7.81
N GLN L 29 -74.20 -55.45 7.77
CA GLN L 29 -74.44 -56.55 8.72
C GLN L 29 -73.25 -57.53 8.84
N LEU L 30 -72.56 -57.73 7.72
CA LEU L 30 -71.39 -58.63 7.62
C LEU L 30 -70.07 -58.04 8.18
N MET L 31 -69.85 -56.74 8.00
CA MET L 31 -68.71 -56.03 8.58
C MET L 31 -68.80 -55.93 10.09
N VAL L 32 -70.04 -55.87 10.60
CA VAL L 32 -70.35 -56.02 12.03
C VAL L 32 -69.83 -57.37 12.53
N GLU L 33 -70.11 -58.45 11.80
CA GLU L 33 -69.54 -59.80 12.06
C GLU L 33 -68.00 -59.79 12.00
N LEU L 34 -67.43 -59.19 10.95
CA LEU L 34 -65.97 -59.12 10.76
C LEU L 34 -65.23 -58.40 11.89
N LEU L 35 -65.65 -57.17 12.19
CA LEU L 35 -64.94 -56.39 13.18
C LEU L 35 -65.23 -56.92 14.57
N LYS L 36 -66.40 -57.52 14.75
CA LYS L 36 -66.73 -58.28 15.93
C LYS L 36 -65.69 -59.39 16.15
N VAL L 37 -65.46 -60.24 15.13
CA VAL L 37 -64.39 -61.29 15.24
C VAL L 37 -62.99 -60.69 15.27
N PHE L 38 -62.85 -59.48 14.74
CA PHE L 38 -61.58 -58.76 14.73
C PHE L 38 -61.10 -58.41 16.14
N VAL L 39 -62.00 -57.77 16.90
CA VAL L 39 -61.76 -57.43 18.31
C VAL L 39 -61.61 -58.69 19.17
N VAL L 40 -62.49 -59.68 18.95
CA VAL L 40 -62.48 -60.99 19.69
C VAL L 40 -61.18 -61.78 19.52
N GLU L 41 -60.63 -61.83 18.31
CA GLU L 41 -59.34 -62.50 18.08
C GLU L 41 -58.12 -61.69 18.49
N ALA L 42 -58.21 -60.36 18.35
CA ALA L 42 -57.25 -59.42 18.92
C ALA L 42 -57.12 -59.62 20.44
N ALA L 43 -58.27 -59.66 21.13
CA ALA L 43 -58.36 -59.99 22.58
C ALA L 43 -57.91 -61.43 22.95
N VAL L 44 -58.48 -62.45 22.29
CA VAL L 44 -58.25 -63.90 22.54
C VAL L 44 -56.78 -64.26 22.57
N ARG L 45 -56.07 -63.86 21.52
CA ARG L 45 -54.65 -64.16 21.43
C ARG L 45 -53.80 -63.26 22.34
N GLY L 46 -54.23 -62.02 22.58
CA GLY L 46 -53.61 -61.17 23.60
C GLY L 46 -53.74 -61.84 24.96
N VAL L 47 -54.96 -62.25 25.29
CA VAL L 47 -55.29 -63.04 26.50
C VAL L 47 -54.52 -64.37 26.56
N ARG L 48 -54.59 -65.16 25.47
CA ARG L 48 -53.89 -66.45 25.38
C ARG L 48 -52.36 -66.34 25.53
N GLN L 49 -51.80 -65.19 25.15
CA GLN L 49 -50.35 -64.93 25.30
C GLN L 49 -49.97 -64.64 26.75
N ALA L 50 -50.75 -63.80 27.43
CA ALA L 50 -50.56 -63.49 28.86
C ALA L 50 -50.55 -64.75 29.70
N GLN L 51 -51.51 -65.61 29.45
CA GLN L 51 -51.57 -66.91 30.12
C GLN L 51 -50.50 -67.94 29.68
N ALA L 52 -50.08 -67.96 28.40
CA ALA L 52 -49.05 -68.94 27.88
C ALA L 52 -47.60 -68.75 28.40
N GLU L 53 -47.25 -67.49 28.69
CA GLU L 53 -45.96 -67.11 29.30
C GLU L 53 -46.09 -66.74 30.80
N ASP L 54 -47.26 -67.09 31.34
CA ASP L 54 -47.57 -66.95 32.76
C ASP L 54 -47.43 -65.53 33.34
N ALA L 55 -48.27 -64.61 32.86
CA ALA L 55 -48.36 -63.22 33.34
C ALA L 55 -49.49 -63.07 34.37
N LEU L 56 -49.41 -62.01 35.19
CA LEU L 56 -50.31 -61.84 36.35
C LEU L 56 -51.56 -60.96 36.09
N ARG L 57 -51.63 -60.43 34.87
CA ARG L 57 -52.89 -60.04 34.19
C ARG L 57 -52.66 -59.93 32.68
N VAL L 58 -53.70 -59.55 31.91
CA VAL L 58 -53.53 -59.27 30.46
C VAL L 58 -52.85 -57.88 30.21
N ASP L 59 -51.54 -57.93 29.89
CA ASP L 59 -50.58 -56.80 29.76
C ASP L 59 -50.12 -56.60 28.29
N VAL L 60 -49.69 -55.40 27.91
CA VAL L 60 -49.46 -55.02 26.48
C VAL L 60 -48.37 -55.81 25.74
N ASP L 61 -47.32 -56.19 26.46
CA ASP L 61 -46.21 -57.01 25.91
C ASP L 61 -46.73 -58.29 25.19
N GLN L 62 -47.77 -58.89 25.76
CA GLN L 62 -48.39 -60.12 25.25
C GLN L 62 -49.27 -59.93 24.00
N LEU L 63 -50.17 -58.94 24.03
CA LEU L 63 -50.91 -58.48 22.83
C LEU L 63 -49.95 -58.20 21.66
N GLU L 64 -48.91 -57.43 21.92
CA GLU L 64 -48.01 -57.02 20.85
C GLU L 64 -47.04 -58.13 20.43
N LYS L 65 -46.91 -59.16 21.27
CA LYS L 65 -46.27 -60.41 20.86
C LYS L 65 -47.19 -61.24 19.91
N VAL L 66 -48.51 -60.99 19.99
CA VAL L 66 -49.45 -61.57 19.03
C VAL L 66 -49.82 -60.57 17.89
N LEU L 67 -49.26 -59.36 17.90
CA LEU L 67 -49.53 -58.33 16.86
C LEU L 67 -49.01 -58.62 15.43
N PRO L 68 -47.72 -59.06 15.29
CA PRO L 68 -47.27 -59.51 13.96
C PRO L 68 -48.16 -60.63 13.39
N GLN L 69 -48.40 -61.68 14.18
CA GLN L 69 -49.30 -62.81 13.84
C GLN L 69 -50.80 -62.39 13.59
N LEU L 70 -51.29 -61.38 14.32
CA LEU L 70 -52.67 -60.91 14.12
C LEU L 70 -52.87 -60.03 12.89
N LEU L 71 -51.86 -59.25 12.54
CA LEU L 71 -52.02 -58.37 11.41
C LEU L 71 -51.67 -59.06 10.11
N LEU L 72 -50.91 -60.16 10.21
CA LEU L 72 -50.89 -61.22 9.19
C LEU L 72 -52.28 -61.84 8.86
N ASP L 73 -53.03 -62.29 9.90
CA ASP L 73 -54.41 -62.91 9.80
C ASP L 73 -55.52 -61.86 9.40
N PHE L 74 -55.21 -60.57 9.60
CA PHE L 74 -56.10 -59.46 9.19
C PHE L 74 -55.45 -58.50 8.19
N SER M 1 -34.79 -83.41 43.69
CA SER M 1 -33.77 -83.33 44.77
C SER M 1 -34.30 -82.89 46.14
N TYR M 2 -33.48 -83.08 47.17
CA TYR M 2 -33.92 -82.74 48.50
C TYR M 2 -34.03 -81.25 48.42
N GLN M 3 -32.91 -80.68 48.03
CA GLN M 3 -32.82 -79.31 47.61
C GLN M 3 -33.95 -78.91 46.63
N GLN M 4 -34.26 -79.71 45.60
CA GLN M 4 -35.23 -79.32 44.51
C GLN M 4 -36.71 -79.08 44.87
N ARG M 5 -37.35 -80.01 45.58
CA ARG M 5 -38.72 -79.70 45.96
C ARG M 5 -38.68 -78.81 47.19
N LEU M 6 -37.59 -78.87 47.94
CA LEU M 6 -37.43 -77.88 48.97
C LEU M 6 -37.12 -76.44 48.45
N LYS M 7 -36.40 -76.35 47.30
CA LYS M 7 -36.36 -75.06 46.50
C LYS M 7 -37.78 -74.67 46.01
N ALA M 8 -38.62 -75.69 45.78
CA ALA M 8 -40.05 -75.56 45.46
C ALA M 8 -40.91 -75.04 46.61
N ALA M 9 -40.64 -75.51 47.83
CA ALA M 9 -41.26 -74.94 49.02
C ALA M 9 -40.71 -73.55 49.37
N VAL M 10 -39.42 -73.28 49.11
CA VAL M 10 -38.84 -71.91 49.23
C VAL M 10 -39.53 -71.00 48.20
N HIS M 11 -39.52 -71.48 46.95
CA HIS M 11 -40.21 -70.88 45.80
C HIS M 11 -41.65 -70.55 46.22
N TYR M 12 -42.26 -71.43 47.02
CA TYR M 12 -43.61 -71.19 47.52
C TYR M 12 -43.74 -70.05 48.54
N THR M 13 -42.95 -70.07 49.61
CA THR M 13 -43.11 -69.11 50.73
C THR M 13 -42.86 -67.70 50.25
N VAL M 14 -41.83 -67.59 49.43
CA VAL M 14 -41.49 -66.33 48.83
C VAL M 14 -42.60 -65.88 47.85
N GLY M 15 -43.28 -66.82 47.19
CA GLY M 15 -44.39 -66.49 46.26
C GLY M 15 -45.60 -65.87 46.94
N CYS M 16 -45.81 -66.29 48.19
CA CYS M 16 -46.79 -65.71 49.08
C CYS M 16 -46.51 -64.23 49.24
N LEU M 17 -45.30 -63.92 49.73
CA LEU M 17 -44.91 -62.55 50.03
C LEU M 17 -44.93 -61.60 48.81
N CYS M 18 -44.59 -62.13 47.63
CA CYS M 18 -44.55 -61.33 46.39
C CYS M 18 -45.92 -60.91 45.86
N GLU M 19 -46.89 -61.77 46.11
CA GLU M 19 -48.27 -61.42 45.89
C GLU M 19 -48.82 -60.38 46.88
N GLU M 20 -48.45 -60.48 48.16
CA GLU M 20 -48.83 -59.46 49.15
C GLU M 20 -48.23 -58.09 48.86
N VAL M 21 -47.07 -58.10 48.19
CA VAL M 21 -46.47 -56.88 47.63
C VAL M 21 -47.32 -56.39 46.42
N ALA M 22 -47.80 -57.33 45.59
CA ALA M 22 -48.70 -57.01 44.44
C ALA M 22 -50.04 -56.34 44.86
N LEU M 23 -50.42 -56.51 46.14
CA LEU M 23 -51.56 -55.82 46.78
C LEU M 23 -51.29 -54.33 47.15
N ASP M 24 -50.16 -54.07 47.83
CA ASP M 24 -49.87 -52.80 48.52
C ASP M 24 -49.71 -51.58 47.59
N LYS M 25 -48.92 -51.77 46.53
CA LYS M 25 -48.70 -50.74 45.55
C LYS M 25 -49.53 -50.98 44.29
N ALA M 26 -50.18 -52.14 44.21
CA ALA M 26 -51.10 -52.54 43.13
C ALA M 26 -50.43 -52.74 41.77
N MET M 27 -49.43 -53.63 41.77
CA MET M 27 -48.62 -53.97 40.60
C MET M 27 -47.69 -55.12 40.95
N GLN M 28 -47.40 -55.97 39.97
CA GLN M 28 -46.84 -57.30 40.22
C GLN M 28 -45.40 -57.51 39.69
N PHE M 29 -44.89 -58.74 39.85
CA PHE M 29 -43.59 -59.14 39.33
C PHE M 29 -43.66 -60.15 38.20
N SER M 30 -42.59 -60.15 37.42
CA SER M 30 -42.36 -61.13 36.36
C SER M 30 -42.04 -62.53 36.95
N LYS M 31 -42.29 -63.57 36.16
CA LYS M 31 -42.10 -64.99 36.54
C LYS M 31 -40.65 -65.35 36.94
N GLN M 32 -39.73 -64.81 36.14
CA GLN M 32 -38.29 -64.96 36.37
C GLN M 32 -37.85 -64.20 37.62
N THR M 33 -38.45 -63.03 37.89
CA THR M 33 -38.25 -62.35 39.18
C THR M 33 -38.60 -63.23 40.42
N ILE M 34 -39.74 -63.93 40.37
CA ILE M 34 -40.18 -64.83 41.45
C ILE M 34 -39.15 -65.91 41.66
N ALA M 35 -38.83 -66.58 40.55
CA ALA M 35 -37.75 -67.53 40.48
C ALA M 35 -36.43 -66.96 41.02
N ALA M 36 -36.07 -65.73 40.62
CA ALA M 36 -34.76 -65.11 40.93
C ALA M 36 -34.56 -64.84 42.41
N ILE M 37 -35.65 -64.46 43.09
CA ILE M 37 -35.61 -64.28 44.55
C ILE M 37 -35.48 -65.61 45.29
N SER M 38 -36.15 -66.66 44.78
CA SER M 38 -36.11 -68.02 45.40
C SER M 38 -34.70 -68.64 45.37
N GLU M 39 -34.11 -68.59 44.18
CA GLU M 39 -32.70 -68.86 43.95
C GLU M 39 -31.79 -68.00 44.82
N LEU M 40 -32.04 -66.69 44.85
CA LEU M 40 -31.17 -65.73 45.56
C LEU M 40 -31.08 -65.99 47.06
N THR M 41 -32.21 -66.35 47.66
CA THR M 41 -32.26 -66.59 49.09
C THR M 41 -31.57 -67.91 49.39
N PHE M 42 -31.76 -68.90 48.52
CA PHE M 42 -31.09 -70.20 48.60
C PHE M 42 -29.57 -70.04 48.64
N ARG M 43 -29.06 -69.21 47.75
CA ARG M 43 -27.65 -68.84 47.71
C ARG M 43 -27.29 -68.03 48.94
N GLN M 44 -28.24 -67.23 49.41
CA GLN M 44 -28.07 -66.42 50.58
C GLN M 44 -28.01 -67.26 51.85
N CYS M 45 -28.69 -68.40 51.81
CA CYS M 45 -28.72 -69.34 52.94
C CYS M 45 -27.35 -69.98 53.18
N GLU M 46 -26.54 -70.03 52.12
CA GLU M 46 -25.13 -70.41 52.20
C GLU M 46 -24.38 -69.41 53.09
N ASN M 47 -24.54 -68.12 52.77
CA ASN M 47 -23.97 -67.04 53.55
C ASN M 47 -24.44 -67.04 55.01
N PHE M 48 -25.74 -67.17 55.24
CA PHE M 48 -26.31 -67.33 56.59
C PHE M 48 -25.64 -68.44 57.39
N ALA M 49 -25.71 -69.67 56.87
CA ALA M 49 -25.28 -70.89 57.58
C ALA M 49 -23.82 -70.93 58.06
N LYS M 50 -22.89 -70.65 57.13
CA LYS M 50 -21.45 -70.60 57.43
C LYS M 50 -21.17 -69.72 58.63
N ASP M 51 -21.64 -68.49 58.53
CA ASP M 51 -21.32 -67.42 59.45
C ASP M 51 -21.91 -67.63 60.82
N LEU M 52 -23.13 -68.17 60.85
CA LEU M 52 -23.83 -68.51 62.07
C LEU M 52 -23.05 -69.56 62.86
N GLU M 53 -22.56 -70.60 62.18
CA GLU M 53 -21.79 -71.65 62.82
C GLU M 53 -20.49 -71.14 63.46
N MET M 54 -19.84 -70.21 62.77
CA MET M 54 -18.61 -69.62 63.27
C MET M 54 -18.79 -68.65 64.45
N PHE M 55 -19.99 -68.06 64.59
CA PHE M 55 -20.43 -67.33 65.80
C PHE M 55 -20.73 -68.22 67.03
N ALA M 56 -21.41 -69.35 66.80
CA ALA M 56 -21.75 -70.32 67.86
C ALA M 56 -20.51 -71.03 68.40
N ARG M 57 -19.55 -71.34 67.52
CA ARG M 57 -18.18 -71.78 67.88
C ARG M 57 -17.28 -70.74 68.62
N HIS M 58 -17.44 -69.44 68.31
CA HIS M 58 -16.83 -68.32 69.11
C HIS M 58 -17.22 -68.30 70.59
N ALA M 59 -18.44 -68.75 70.89
CA ALA M 59 -19.06 -68.63 72.22
C ALA M 59 -19.09 -69.95 73.02
N LYS M 60 -18.19 -70.89 72.66
CA LYS M 60 -18.10 -72.23 73.31
C LYS M 60 -19.43 -73.06 73.31
N ARG M 61 -20.23 -72.94 72.25
CA ARG M 61 -21.53 -73.65 72.15
C ARG M 61 -21.79 -74.30 70.79
N THR M 62 -22.65 -75.32 70.82
CA THR M 62 -23.29 -75.84 69.60
C THR M 62 -24.74 -75.41 69.49
N THR M 63 -25.37 -75.07 70.63
CA THR M 63 -26.80 -74.76 70.65
C THR M 63 -27.04 -73.28 70.38
N ILE M 64 -27.76 -72.98 69.29
CA ILE M 64 -27.82 -71.62 68.73
C ILE M 64 -28.89 -70.74 69.42
N ASN M 65 -28.47 -69.54 69.85
CA ASN M 65 -29.35 -68.56 70.54
C ASN M 65 -29.59 -67.25 69.81
N THR M 66 -30.32 -66.40 70.50
CA THR M 66 -30.74 -65.08 70.06
C THR M 66 -29.61 -64.16 69.50
N GLU M 67 -28.42 -64.25 70.10
CA GLU M 67 -27.33 -63.29 69.84
C GLU M 67 -26.67 -63.41 68.49
N ASP M 68 -26.49 -64.65 68.03
CA ASP M 68 -25.88 -64.92 66.73
C ASP M 68 -26.77 -64.38 65.57
N VAL M 69 -28.08 -64.60 65.74
CA VAL M 69 -29.13 -64.18 64.78
C VAL M 69 -29.21 -62.66 64.60
N LYS M 70 -29.39 -61.91 65.70
CA LYS M 70 -29.51 -60.47 65.61
C LYS M 70 -28.15 -59.84 65.23
N LEU M 71 -27.04 -60.55 65.49
CA LEU M 71 -25.73 -60.10 65.00
C LEU M 71 -25.56 -60.45 63.52
N LEU M 72 -26.38 -61.35 63.00
CA LEU M 72 -26.38 -61.61 61.56
C LEU M 72 -27.10 -60.48 60.78
N ALA M 73 -28.09 -59.88 61.44
CA ALA M 73 -28.82 -58.73 60.92
C ALA M 73 -28.13 -57.41 61.28
N ARG M 74 -26.79 -57.47 61.31
CA ARG M 74 -25.88 -56.36 61.72
C ARG M 74 -25.70 -55.27 60.65
N ARG M 75 -26.17 -55.61 59.45
CA ARG M 75 -25.73 -54.96 58.22
C ARG M 75 -26.37 -53.57 57.91
N SER M 76 -27.70 -53.52 57.77
CA SER M 76 -28.45 -52.23 57.71
C SER M 76 -29.14 -51.93 59.05
N ASN M 77 -29.04 -50.68 59.50
CA ASN M 77 -29.46 -50.42 60.88
C ASN M 77 -30.95 -50.08 61.03
N SER M 78 -31.59 -49.71 59.92
CA SER M 78 -33.07 -49.71 59.81
C SER M 78 -33.68 -51.08 60.19
N LEU M 79 -33.02 -52.12 59.71
CA LEU M 79 -33.35 -53.51 60.03
C LEU M 79 -33.09 -53.87 61.50
N LEU M 80 -31.88 -53.54 62.00
CA LEU M 80 -31.45 -53.81 63.38
C LEU M 80 -32.42 -53.23 64.42
N LYS M 81 -32.88 -52.00 64.18
CA LYS M 81 -33.92 -51.40 65.04
C LYS M 81 -35.29 -52.10 64.93
N TYR M 82 -35.75 -52.41 63.72
CA TYR M 82 -36.99 -53.18 63.53
C TYR M 82 -36.98 -54.57 64.18
N ILE M 83 -35.88 -55.29 64.07
CA ILE M 83 -35.84 -56.67 64.56
C ILE M 83 -35.66 -56.86 66.10
N THR M 84 -34.92 -55.94 66.78
CA THR M 84 -34.79 -56.00 68.27
C THR M 84 -36.15 -55.91 68.96
N ASP M 85 -37.04 -55.09 68.39
CA ASP M 85 -38.47 -54.96 68.80
C ASP M 85 -39.27 -56.27 68.72
N LYS M 86 -39.19 -56.93 67.56
CA LYS M 86 -39.94 -58.16 67.38
C LYS M 86 -39.34 -59.28 68.23
N SER M 87 -38.07 -59.14 68.63
CA SER M 87 -37.41 -60.04 69.58
C SER M 87 -37.98 -59.91 71.00
N GLU M 88 -38.51 -58.74 71.33
CA GLU M 88 -39.29 -58.60 72.59
C GLU M 88 -40.69 -59.29 72.48
N GLU M 89 -41.25 -59.27 71.26
CA GLU M 89 -42.55 -59.89 71.00
C GLU M 89 -42.44 -61.40 71.12
N ILE M 90 -41.32 -61.91 70.65
CA ILE M 90 -40.99 -63.31 70.77
C ILE M 90 -40.54 -63.72 72.22
N ALA M 91 -39.82 -62.82 72.95
CA ALA M 91 -39.32 -63.08 74.33
C ALA M 91 -40.44 -63.31 75.35
N GLN M 92 -41.64 -62.88 74.97
CA GLN M 92 -42.88 -63.18 75.70
C GLN M 92 -43.25 -64.67 75.88
N ALA M 93 -42.99 -65.48 74.85
CA ALA M 93 -43.39 -66.91 74.86
C ALA M 93 -42.46 -67.79 75.70
N SER N 1 -47.87 -60.91 58.36
CA SER N 1 -47.91 -62.02 57.36
C SER N 1 -46.50 -62.46 56.93
N GLY N 2 -46.24 -63.78 56.85
CA GLY N 2 -44.87 -64.27 56.50
C GLY N 2 -44.41 -65.73 56.65
N PHE N 3 -43.15 -65.89 57.09
CA PHE N 3 -42.32 -67.14 56.91
C PHE N 3 -42.65 -68.37 57.80
N ARG N 4 -42.62 -69.59 57.21
CA ARG N 4 -43.00 -70.81 57.94
C ARG N 4 -41.84 -71.41 58.68
N LYS N 5 -42.11 -71.77 59.93
CA LYS N 5 -41.07 -72.16 60.88
C LYS N 5 -40.25 -73.36 60.41
N GLU N 6 -40.95 -74.37 59.93
CA GLU N 6 -40.28 -75.62 59.64
C GLU N 6 -39.41 -75.50 58.38
N LEU N 7 -39.93 -74.76 57.39
CA LEU N 7 -39.16 -74.31 56.24
C LEU N 7 -37.80 -73.72 56.60
N VAL N 8 -37.79 -72.65 57.41
CA VAL N 8 -36.57 -71.91 57.79
C VAL N 8 -35.54 -72.84 58.43
N SER N 9 -36.03 -73.71 59.33
CA SER N 9 -35.21 -74.61 60.13
C SER N 9 -34.49 -75.61 59.26
N ARG N 10 -35.25 -76.26 58.38
CA ARG N 10 -34.72 -77.30 57.49
C ARG N 10 -33.60 -76.73 56.60
N LEU N 11 -33.83 -75.52 56.11
CA LEU N 11 -32.92 -74.86 55.16
C LEU N 11 -31.57 -74.64 55.74
N LEU N 12 -31.53 -74.08 56.94
CA LEU N 12 -30.27 -73.78 57.60
C LEU N 12 -29.46 -75.03 58.02
N HIS N 13 -30.14 -76.09 58.48
CA HIS N 13 -29.47 -77.34 58.91
C HIS N 13 -28.88 -78.16 57.74
N LEU N 14 -29.21 -77.77 56.51
CA LEU N 14 -28.57 -78.37 55.35
C LEU N 14 -27.13 -77.88 55.10
N HIS N 15 -26.76 -76.70 55.59
CA HIS N 15 -25.47 -76.10 55.24
C HIS N 15 -24.52 -75.94 56.42
N PHE N 16 -25.02 -76.12 57.64
CA PHE N 16 -24.17 -76.28 58.83
C PHE N 16 -23.23 -77.44 58.58
N LYS N 17 -21.95 -77.29 58.95
CA LYS N 17 -20.99 -78.43 58.87
C LYS N 17 -20.70 -79.18 60.20
N ASP N 18 -21.22 -78.70 61.35
CA ASP N 18 -21.43 -79.58 62.56
C ASP N 18 -22.94 -79.83 62.89
N ASP N 19 -23.35 -81.10 63.02
CA ASP N 19 -24.76 -81.49 63.31
C ASP N 19 -25.15 -81.50 64.79
N LYS N 20 -24.18 -81.25 65.68
CA LYS N 20 -24.43 -81.11 67.12
C LYS N 20 -25.24 -79.85 67.40
N THR N 21 -25.11 -78.87 66.51
CA THR N 21 -25.95 -77.65 66.49
C THR N 21 -27.48 -77.89 66.64
N LYS N 22 -28.06 -77.36 67.73
CA LYS N 22 -29.52 -77.27 67.94
C LYS N 22 -29.95 -75.78 68.01
N VAL N 23 -31.10 -75.42 67.41
CA VAL N 23 -31.57 -74.00 67.43
C VAL N 23 -32.80 -73.80 68.32
N SER N 24 -32.64 -72.90 69.29
CA SER N 24 -33.71 -72.52 70.21
C SER N 24 -34.89 -71.90 69.44
N GLY N 25 -36.08 -72.10 69.99
CA GLY N 25 -37.35 -71.70 69.35
C GLY N 25 -37.55 -70.21 69.11
N ASP N 26 -37.15 -69.39 70.06
CA ASP N 26 -37.21 -67.97 69.85
C ASP N 26 -36.20 -67.47 68.81
N ALA N 27 -34.98 -68.04 68.74
CA ALA N 27 -34.00 -67.75 67.65
C ALA N 27 -34.52 -68.08 66.22
N LEU N 28 -35.30 -69.17 66.09
CA LEU N 28 -36.00 -69.53 64.83
C LEU N 28 -37.20 -68.61 64.50
N GLN N 29 -37.96 -68.23 65.54
CA GLN N 29 -39.01 -67.23 65.41
CA GLN N 29 -39.01 -67.23 65.41
C GLN N 29 -38.39 -65.94 64.87
N LEU N 30 -37.19 -65.62 65.36
CA LEU N 30 -36.34 -64.50 64.88
C LEU N 30 -35.97 -64.65 63.40
N MET N 31 -35.66 -65.88 62.99
CA MET N 31 -35.29 -66.15 61.62
C MET N 31 -36.44 -66.03 60.63
N VAL N 32 -37.64 -66.43 61.08
CA VAL N 32 -38.90 -66.12 60.39
C VAL N 32 -38.99 -64.60 60.07
N GLU N 33 -38.76 -63.76 61.09
CA GLU N 33 -38.69 -62.27 60.95
C GLU N 33 -37.56 -61.77 60.01
N LEU N 34 -36.33 -62.26 60.24
CA LEU N 34 -35.16 -61.83 59.45
C LEU N 34 -35.29 -62.14 57.95
N LEU N 35 -35.75 -63.34 57.64
CA LEU N 35 -36.02 -63.72 56.25
C LEU N 35 -37.20 -62.97 55.67
N LYS N 36 -38.25 -62.79 56.46
CA LYS N 36 -39.39 -61.95 56.10
C LYS N 36 -38.87 -60.59 55.65
N VAL N 37 -38.09 -59.94 56.52
CA VAL N 37 -37.54 -58.60 56.24
C VAL N 37 -36.50 -58.61 55.10
N PHE N 38 -35.77 -59.72 54.93
CA PHE N 38 -34.86 -59.84 53.80
C PHE N 38 -35.59 -59.65 52.47
N VAL N 39 -36.61 -60.47 52.25
CA VAL N 39 -37.39 -60.48 51.00
C VAL N 39 -38.14 -59.17 50.85
N VAL N 40 -38.72 -58.67 51.95
CA VAL N 40 -39.38 -57.35 52.02
C VAL N 40 -38.51 -56.22 51.44
N GLU N 41 -37.29 -56.06 51.93
CA GLU N 41 -36.46 -54.95 51.48
C GLU N 41 -35.83 -55.23 50.13
N ALA N 42 -35.61 -56.52 49.82
CA ALA N 42 -35.29 -56.94 48.46
C ALA N 42 -36.39 -56.43 47.51
N ALA N 43 -37.66 -56.74 47.83
CA ALA N 43 -38.81 -56.26 47.04
C ALA N 43 -38.98 -54.74 47.07
N VAL N 44 -38.91 -54.11 48.26
CA VAL N 44 -39.06 -52.65 48.42
C VAL N 44 -38.05 -51.93 47.56
N ARG N 45 -36.80 -52.37 47.60
CA ARG N 45 -35.76 -51.75 46.78
C ARG N 45 -35.86 -52.04 45.28
N GLY N 46 -36.35 -53.23 44.94
CA GLY N 46 -36.73 -53.58 43.56
C GLY N 46 -37.79 -52.61 43.06
N VAL N 47 -38.84 -52.43 43.87
CA VAL N 47 -39.91 -51.43 43.66
C VAL N 47 -39.36 -50.00 43.45
N ARG N 48 -38.48 -49.53 44.33
CA ARG N 48 -37.95 -48.14 44.24
C ARG N 48 -37.13 -47.83 42.98
N GLN N 49 -36.40 -48.82 42.46
CA GLN N 49 -35.68 -48.64 41.20
C GLN N 49 -36.58 -48.64 39.93
N ALA N 50 -37.57 -49.53 39.88
CA ALA N 50 -38.57 -49.56 38.79
C ALA N 50 -39.27 -48.22 38.64
N GLN N 51 -39.74 -47.68 39.77
CA GLN N 51 -40.28 -46.32 39.90
C GLN N 51 -39.31 -45.28 39.32
N ALA N 52 -38.03 -45.42 39.71
CA ALA N 52 -37.01 -44.37 39.52
C ALA N 52 -36.64 -44.12 38.07
N GLU N 53 -36.34 -45.17 37.33
CA GLU N 53 -36.06 -44.99 35.91
C GLU N 53 -37.37 -45.07 35.14
N ASP N 54 -38.46 -45.22 35.91
CA ASP N 54 -39.85 -45.20 35.44
C ASP N 54 -40.21 -46.46 34.62
N ALA N 55 -40.09 -47.63 35.26
CA ALA N 55 -40.36 -48.89 34.58
C ALA N 55 -41.82 -49.23 34.59
N LEU N 56 -42.19 -50.07 33.62
CA LEU N 56 -43.57 -50.54 33.40
C LEU N 56 -44.04 -51.50 34.50
N ARG N 57 -43.08 -52.09 35.21
CA ARG N 57 -43.29 -52.98 36.37
C ARG N 57 -41.98 -53.04 37.20
N VAL N 58 -41.94 -53.87 38.25
CA VAL N 58 -40.65 -54.31 38.81
C VAL N 58 -40.10 -55.56 38.06
N ASP N 59 -39.09 -55.35 37.19
CA ASP N 59 -38.47 -56.39 36.31
C ASP N 59 -36.92 -56.51 36.56
N VAL N 60 -36.29 -57.57 36.03
CA VAL N 60 -34.92 -58.00 36.50
C VAL N 60 -33.79 -56.91 36.54
N ASP N 61 -33.74 -56.02 35.53
CA ASP N 61 -32.74 -54.94 35.40
C ASP N 61 -32.60 -54.05 36.59
N GLN N 62 -33.76 -53.62 37.09
CA GLN N 62 -33.86 -52.73 38.21
C GLN N 62 -33.31 -53.39 39.45
N LEU N 63 -33.84 -54.57 39.75
CA LEU N 63 -33.37 -55.34 40.88
C LEU N 63 -31.85 -55.51 40.84
N GLU N 64 -31.32 -55.85 39.68
CA GLU N 64 -29.89 -56.14 39.57
C GLU N 64 -29.00 -54.88 39.71
N LYS N 65 -29.59 -53.73 39.44
CA LYS N 65 -29.00 -52.44 39.78
C LYS N 65 -28.92 -52.22 41.32
N VAL N 66 -29.84 -52.84 42.07
CA VAL N 66 -29.88 -52.71 43.55
C VAL N 66 -29.46 -54.02 44.23
N LEU N 67 -29.05 -55.01 43.44
CA LEU N 67 -28.48 -56.26 43.98
C LEU N 67 -27.14 -56.00 44.68
N PRO N 68 -26.34 -55.07 44.10
CA PRO N 68 -25.21 -54.51 44.85
C PRO N 68 -25.64 -54.07 46.26
N GLN N 69 -26.62 -53.16 46.32
CA GLN N 69 -27.15 -52.62 47.57
C GLN N 69 -27.66 -53.69 48.55
N LEU N 70 -28.36 -54.70 48.06
CA LEU N 70 -28.91 -55.77 48.91
C LEU N 70 -27.85 -56.69 49.52
N LEU N 71 -26.84 -57.05 48.74
CA LEU N 71 -25.88 -58.03 49.24
C LEU N 71 -24.75 -57.42 50.07
N LEU N 72 -24.54 -56.10 49.91
CA LEU N 72 -23.78 -55.27 50.90
C LEU N 72 -24.46 -55.29 52.28
N ASP N 73 -25.80 -55.17 52.31
CA ASP N 73 -26.58 -55.18 53.56
C ASP N 73 -26.71 -56.58 54.17
N PHE N 74 -26.32 -57.59 53.37
CA PHE N 74 -26.40 -58.99 53.73
C PHE N 74 -25.15 -59.78 53.35
N SER O 1 7.80 14.16 -60.53
CA SER O 1 8.98 13.44 -59.97
C SER O 1 10.30 13.72 -60.71
N TYR O 2 11.38 13.42 -60.01
CA TYR O 2 12.72 13.37 -60.54
C TYR O 2 12.83 12.75 -61.95
N GLN O 3 12.03 11.73 -62.20
CA GLN O 3 12.13 11.07 -63.48
C GLN O 3 11.40 11.78 -64.60
N GLN O 4 10.26 12.44 -64.31
CA GLN O 4 9.55 13.36 -65.27
C GLN O 4 10.50 14.35 -65.84
N ARG O 5 11.33 14.82 -64.93
CA ARG O 5 12.39 15.79 -65.13
C ARG O 5 13.39 15.23 -66.17
N LEU O 6 13.94 14.04 -65.88
CA LEU O 6 14.95 13.41 -66.75
C LEU O 6 14.42 12.87 -68.09
N LYS O 7 13.16 12.42 -68.08
CA LYS O 7 12.39 12.06 -69.30
C LYS O 7 12.28 13.21 -70.33
N ALA O 8 11.87 14.38 -69.85
CA ALA O 8 11.69 15.52 -70.73
C ALA O 8 13.05 15.98 -71.32
N ALA O 9 14.14 15.71 -70.59
CA ALA O 9 15.51 16.03 -71.04
C ALA O 9 15.88 15.24 -72.28
N VAL O 10 15.52 13.96 -72.27
CA VAL O 10 15.68 13.11 -73.43
C VAL O 10 15.00 13.75 -74.65
N HIS O 11 13.75 14.18 -74.47
CA HIS O 11 12.96 14.76 -75.57
C HIS O 11 13.65 15.91 -76.25
N TYR O 12 14.29 16.75 -75.45
CA TYR O 12 14.96 17.93 -75.94
C TYR O 12 15.96 17.56 -77.05
N THR O 13 16.90 16.65 -76.75
CA THR O 13 17.95 16.36 -77.74
C THR O 13 17.43 15.54 -78.91
N VAL O 14 16.45 14.68 -78.65
CA VAL O 14 15.74 13.98 -79.71
C VAL O 14 15.14 15.00 -80.69
N GLY O 15 14.50 16.05 -80.16
CA GLY O 15 13.96 17.16 -80.99
C GLY O 15 15.00 17.73 -81.93
N CYS O 16 16.17 18.04 -81.39
CA CYS O 16 17.31 18.58 -82.14
C CYS O 16 17.87 17.64 -83.26
N LEU O 17 18.27 16.43 -82.90
CA LEU O 17 19.00 15.58 -83.85
C LEU O 17 18.07 15.01 -84.92
N CYS O 18 16.80 14.88 -84.57
CA CYS O 18 15.79 14.50 -85.55
C CYS O 18 15.58 15.64 -86.55
N GLU O 19 15.82 16.87 -86.12
CA GLU O 19 15.81 17.98 -87.04
C GLU O 19 16.90 17.89 -88.09
N GLU O 20 18.08 17.37 -87.70
CA GLU O 20 19.14 16.99 -88.65
C GLU O 20 18.67 16.12 -89.83
N VAL O 21 17.93 15.05 -89.54
CA VAL O 21 17.31 14.16 -90.55
C VAL O 21 16.09 14.78 -91.33
N ALA O 22 15.25 15.58 -90.67
CA ALA O 22 14.16 16.30 -91.36
C ALA O 22 14.73 17.21 -92.44
N LEU O 23 15.85 17.87 -92.12
CA LEU O 23 16.63 18.74 -93.04
C LEU O 23 17.14 17.98 -94.28
N ASP O 24 17.78 16.86 -93.97
CA ASP O 24 18.46 15.99 -94.93
C ASP O 24 17.50 15.42 -96.02
N LYS O 25 16.26 15.13 -95.64
CA LYS O 25 15.39 14.29 -96.47
C LYS O 25 14.27 15.01 -97.24
N ALA O 26 14.12 16.29 -96.97
CA ALA O 26 12.94 17.04 -97.47
C ALA O 26 11.56 16.46 -97.05
N MET O 27 11.49 15.93 -95.80
CA MET O 27 10.24 15.45 -95.15
C MET O 27 10.18 15.75 -93.61
N GLN O 28 9.08 16.40 -93.17
CA GLN O 28 8.91 16.89 -91.79
C GLN O 28 8.10 15.94 -90.92
N PHE O 29 8.40 15.94 -89.63
CA PHE O 29 7.88 14.93 -88.71
C PHE O 29 6.74 15.47 -87.89
N SER O 30 5.78 14.60 -87.57
CA SER O 30 4.74 14.91 -86.59
C SER O 30 5.35 14.99 -85.17
N LYS O 31 4.76 15.83 -84.31
CA LYS O 31 5.24 16.05 -82.94
C LYS O 31 5.16 14.76 -82.10
N GLN O 32 4.10 13.98 -82.33
CA GLN O 32 3.95 12.66 -81.69
C GLN O 32 5.09 11.69 -82.07
N THR O 33 5.56 11.74 -83.33
CA THR O 33 6.75 10.99 -83.77
C THR O 33 7.92 11.38 -82.93
N ILE O 34 8.14 12.68 -82.84
CA ILE O 34 9.13 13.22 -81.97
C ILE O 34 8.89 12.70 -80.53
N ALA O 35 7.71 12.99 -79.96
CA ALA O 35 7.32 12.52 -78.61
C ALA O 35 7.48 11.00 -78.47
N ALA O 36 7.14 10.28 -79.53
CA ALA O 36 7.25 8.82 -79.55
C ALA O 36 8.69 8.33 -79.42
N ILE O 37 9.62 8.92 -80.19
CA ILE O 37 11.02 8.45 -80.20
C ILE O 37 11.65 8.66 -78.83
N SER O 38 11.17 9.66 -78.13
CA SER O 38 11.66 9.98 -76.79
C SER O 38 11.26 8.92 -75.76
N GLU O 39 9.97 8.67 -75.65
CA GLU O 39 9.49 7.61 -74.77
C GLU O 39 10.05 6.24 -75.12
N LEU O 40 10.27 6.00 -76.42
CA LEU O 40 10.84 4.73 -76.94
C LEU O 40 12.28 4.46 -76.46
N THR O 41 13.11 5.52 -76.49
CA THR O 41 14.51 5.42 -76.06
C THR O 41 14.56 5.15 -74.57
N PHE O 42 13.63 5.79 -73.85
CA PHE O 42 13.41 5.56 -72.44
C PHE O 42 13.08 4.08 -72.11
N ARG O 43 12.12 3.49 -72.83
CA ARG O 43 11.79 2.05 -72.73
C ARG O 43 13.06 1.24 -73.00
N GLN O 44 13.77 1.68 -74.02
CA GLN O 44 14.97 1.04 -74.52
C GLN O 44 16.04 0.98 -73.46
N CYS O 45 16.08 2.02 -72.63
CA CYS O 45 17.09 2.15 -71.59
C CYS O 45 16.92 1.14 -70.43
N GLU O 46 15.70 0.67 -70.21
CA GLU O 46 15.47 -0.40 -69.26
C GLU O 46 16.16 -1.63 -69.79
N ASN O 47 15.91 -1.93 -71.07
CA ASN O 47 16.57 -3.03 -71.74
C ASN O 47 18.09 -2.85 -71.84
N PHE O 48 18.55 -1.61 -72.08
CA PHE O 48 20.00 -1.30 -72.04
C PHE O 48 20.63 -1.56 -70.67
N ALA O 49 20.05 -0.97 -69.63
CA ALA O 49 20.47 -1.20 -68.23
C ALA O 49 20.51 -2.68 -67.81
N LYS O 50 19.36 -3.37 -67.88
CA LYS O 50 19.26 -4.84 -67.67
C LYS O 50 20.35 -5.66 -68.39
N ASP O 51 20.48 -5.47 -69.70
CA ASP O 51 21.38 -6.29 -70.52
C ASP O 51 22.81 -6.06 -70.17
N LEU O 52 23.15 -4.79 -70.02
CA LEU O 52 24.51 -4.40 -69.64
C LEU O 52 24.87 -4.96 -68.24
N GLU O 53 23.87 -5.06 -67.36
CA GLU O 53 24.04 -5.67 -66.04
C GLU O 53 24.56 -7.09 -66.16
N MET O 54 23.82 -7.87 -66.92
CA MET O 54 24.05 -9.28 -67.02
C MET O 54 25.34 -9.58 -67.81
N PHE O 55 25.78 -8.62 -68.63
CA PHE O 55 27.13 -8.61 -69.28
C PHE O 55 28.29 -8.38 -68.28
N ALA O 56 28.19 -7.35 -67.43
CA ALA O 56 29.26 -7.00 -66.50
C ALA O 56 29.36 -7.98 -65.33
N ARG O 57 28.17 -8.42 -64.84
CA ARG O 57 27.97 -9.59 -63.93
C ARG O 57 28.65 -10.88 -64.43
N HIS O 58 28.59 -11.05 -65.75
CA HIS O 58 29.03 -12.25 -66.48
C HIS O 58 30.58 -12.33 -66.64
N ALA O 59 31.23 -11.16 -66.57
CA ALA O 59 32.69 -11.00 -66.70
C ALA O 59 33.46 -10.83 -65.34
N LYS O 60 32.82 -11.12 -64.21
CA LYS O 60 33.41 -11.04 -62.84
C LYS O 60 34.04 -9.66 -62.49
N ARG O 61 33.35 -8.60 -62.91
CA ARG O 61 33.76 -7.17 -62.73
C ARG O 61 32.52 -6.24 -62.48
N THR O 62 32.77 -5.00 -62.00
CA THR O 62 31.74 -3.89 -61.84
C THR O 62 31.98 -2.55 -62.61
N THR O 63 33.16 -2.35 -63.22
CA THR O 63 33.38 -1.22 -64.17
C THR O 63 33.34 -1.63 -65.65
N ILE O 64 32.19 -1.39 -66.31
CA ILE O 64 31.86 -1.85 -67.69
C ILE O 64 32.74 -1.19 -68.78
N ASN O 65 33.14 -1.95 -69.79
CA ASN O 65 34.00 -1.46 -70.89
C ASN O 65 33.39 -1.63 -72.29
N THR O 66 34.15 -1.31 -73.33
CA THR O 66 33.67 -1.30 -74.71
C THR O 66 33.07 -2.61 -75.23
N GLU O 67 33.55 -3.74 -74.74
CA GLU O 67 33.18 -5.05 -75.31
C GLU O 67 31.76 -5.52 -74.96
N ASP O 68 31.37 -5.36 -73.69
CA ASP O 68 29.99 -5.53 -73.24
C ASP O 68 29.04 -4.65 -74.09
N VAL O 69 29.48 -3.41 -74.37
CA VAL O 69 28.72 -2.44 -75.17
C VAL O 69 28.60 -2.77 -76.67
N LYS O 70 29.72 -3.07 -77.32
CA LYS O 70 29.73 -3.52 -78.73
C LYS O 70 28.84 -4.73 -78.89
N LEU O 71 28.80 -5.56 -77.84
CA LEU O 71 27.87 -6.68 -77.74
C LEU O 71 26.37 -6.28 -77.58
N LEU O 72 26.07 -5.08 -77.06
CA LEU O 72 24.66 -4.61 -76.93
C LEU O 72 23.99 -4.17 -78.26
N ALA O 73 24.76 -3.57 -79.16
CA ALA O 73 24.29 -3.31 -80.53
C ALA O 73 24.66 -4.47 -81.50
N ARG O 74 24.51 -5.72 -81.04
CA ARG O 74 24.99 -6.95 -81.78
C ARG O 74 24.12 -7.41 -82.94
N ARG O 75 22.88 -6.92 -82.90
CA ARG O 75 21.73 -7.59 -83.51
C ARG O 75 21.58 -7.39 -85.01
N SER O 76 21.48 -6.12 -85.45
CA SER O 76 21.69 -5.74 -86.87
C SER O 76 23.18 -5.57 -87.13
N ASN O 77 23.65 -6.19 -88.19
CA ASN O 77 25.07 -6.28 -88.42
C ASN O 77 25.69 -4.95 -89.00
N SER O 78 24.84 -4.08 -89.59
CA SER O 78 25.21 -2.69 -90.08
C SER O 78 25.71 -1.80 -88.91
N LEU O 79 25.06 -2.04 -87.79
CA LEU O 79 25.33 -1.41 -86.54
C LEU O 79 26.64 -1.89 -85.86
N LEU O 80 26.90 -3.19 -85.78
CA LEU O 80 28.12 -3.73 -85.13
C LEU O 80 29.39 -3.34 -85.91
N LYS O 81 29.26 -3.32 -87.23
CA LYS O 81 30.24 -2.77 -88.16
C LYS O 81 30.49 -1.25 -87.91
N TYR O 82 29.42 -0.47 -87.82
CA TYR O 82 29.46 0.98 -87.45
C TYR O 82 30.18 1.21 -86.12
N ILE O 83 29.81 0.39 -85.13
CA ILE O 83 30.30 0.48 -83.76
C ILE O 83 31.81 0.27 -83.68
N THR O 84 32.31 -0.78 -84.36
CA THR O 84 33.75 -1.06 -84.39
C THR O 84 34.55 0.14 -84.91
N ASP O 85 34.15 0.74 -86.03
CA ASP O 85 34.79 1.97 -86.58
C ASP O 85 34.94 3.03 -85.51
N LYS O 86 33.82 3.27 -84.84
CA LYS O 86 33.69 4.29 -83.84
C LYS O 86 34.41 3.94 -82.52
N SER O 87 34.51 2.64 -82.22
CA SER O 87 35.34 2.16 -81.11
C SER O 87 36.84 2.33 -81.41
N GLU O 88 37.22 2.30 -82.70
CA GLU O 88 38.62 2.47 -83.08
C GLU O 88 39.07 3.95 -83.01
N GLU O 89 38.17 4.86 -83.41
CA GLU O 89 38.31 6.31 -83.09
C GLU O 89 38.53 6.57 -81.55
N ILE O 90 37.84 5.79 -80.70
CA ILE O 90 38.01 5.77 -79.21
C ILE O 90 39.42 5.41 -78.81
N ALA O 91 39.99 4.43 -79.51
CA ALA O 91 41.41 4.05 -79.37
C ALA O 91 42.34 5.21 -79.78
N GLN O 92 41.91 6.04 -80.73
CA GLN O 92 42.63 7.27 -81.11
C GLN O 92 42.45 8.44 -80.12
N ALA O 93 41.25 8.56 -79.52
CA ALA O 93 41.02 9.41 -78.33
C ALA O 93 41.82 8.93 -77.09
N ASN O 94 42.06 7.61 -77.02
CA ASN O 94 43.05 6.97 -76.08
C ASN O 94 44.52 7.48 -76.21
N LEU O 95 45.01 7.59 -77.46
CA LEU O 95 46.35 8.18 -77.79
C LEU O 95 46.53 9.60 -77.21
N GLU O 96 45.42 10.36 -77.23
CA GLU O 96 45.33 11.69 -76.59
C GLU O 96 45.70 11.69 -75.09
N ARG O 97 45.33 10.64 -74.34
CA ARG O 97 45.77 10.46 -72.93
C ARG O 97 47.30 10.33 -72.76
N LYS O 98 47.95 9.57 -73.65
CA LYS O 98 49.43 9.42 -73.63
C LYS O 98 50.21 10.73 -73.94
N ALA O 99 49.63 11.60 -74.77
CA ALA O 99 50.19 12.95 -74.97
C ALA O 99 50.01 13.88 -73.74
N GLN O 100 48.87 13.76 -73.05
CA GLN O 100 48.47 14.61 -71.89
C GLN O 100 49.48 14.56 -70.75
N LYS O 101 49.61 13.39 -70.15
CA LYS O 101 50.60 13.17 -69.13
C LYS O 101 51.94 12.86 -69.86
N LYS O 102 52.96 13.68 -69.65
CA LYS O 102 54.23 13.51 -70.40
C LYS O 102 55.20 12.57 -69.67
N LYS O 103 56.02 11.84 -70.43
CA LYS O 103 57.01 10.87 -69.88
C LYS O 103 58.50 11.32 -69.92
N LYS O 104 59.39 10.46 -69.40
CA LYS O 104 60.78 10.76 -68.92
C LYS O 104 61.74 11.86 -69.51
N SER O 105 62.31 11.67 -70.70
CA SER O 105 63.43 12.54 -71.13
C SER O 105 63.00 13.63 -72.10
N SER P 1 15.30 -30.21 -99.52
CA SER P 1 16.36 -29.77 -98.60
C SER P 1 16.07 -30.10 -97.13
N TYR P 2 17.16 -30.29 -96.38
CA TYR P 2 17.13 -30.63 -94.96
C TYR P 2 16.24 -29.69 -94.11
N GLN P 3 16.40 -28.37 -94.27
CA GLN P 3 15.72 -27.37 -93.42
C GLN P 3 14.20 -27.35 -93.62
N GLN P 4 13.76 -27.62 -94.86
CA GLN P 4 12.32 -27.67 -95.22
C GLN P 4 11.57 -28.80 -94.52
N ARG P 5 12.24 -29.95 -94.45
CA ARG P 5 11.69 -31.17 -93.89
C ARG P 5 11.36 -30.97 -92.40
N LEU P 6 12.24 -30.23 -91.70
CA LEU P 6 12.06 -29.96 -90.26
C LEU P 6 11.02 -28.88 -89.93
N LYS P 7 10.79 -27.96 -90.88
CA LYS P 7 9.68 -27.00 -90.78
C LYS P 7 8.30 -27.68 -90.73
N ALA P 8 8.16 -28.83 -91.41
CA ALA P 8 6.92 -29.66 -91.35
C ALA P 8 6.67 -30.32 -89.99
N ALA P 9 7.74 -30.84 -89.38
CA ALA P 9 7.63 -31.35 -88.04
C ALA P 9 7.38 -30.21 -87.04
N VAL P 10 7.89 -29.02 -87.31
CA VAL P 10 7.63 -27.82 -86.49
C VAL P 10 6.13 -27.47 -86.52
N HIS P 11 5.55 -27.49 -87.72
CA HIS P 11 4.12 -27.19 -87.92
C HIS P 11 3.29 -28.16 -87.12
N TYR P 12 3.70 -29.42 -87.12
CA TYR P 12 3.04 -30.46 -86.34
C TYR P 12 2.90 -30.07 -84.87
N THR P 13 4.02 -29.69 -84.23
CA THR P 13 4.08 -29.40 -82.80
C THR P 13 3.43 -28.05 -82.45
N VAL P 14 3.61 -27.09 -83.35
CA VAL P 14 2.87 -25.87 -83.27
C VAL P 14 1.36 -26.17 -83.28
N GLY P 15 0.93 -27.09 -84.16
CA GLY P 15 -0.44 -27.61 -84.14
C GLY P 15 -0.85 -28.22 -82.81
N CYS P 16 0.08 -28.92 -82.15
CA CYS P 16 -0.12 -29.55 -80.82
C CYS P 16 -0.69 -28.59 -79.77
N LEU P 17 0.11 -27.58 -79.46
CA LEU P 17 -0.20 -26.65 -78.37
C LEU P 17 -1.37 -25.69 -78.63
N CYS P 18 -1.56 -25.32 -79.91
CA CYS P 18 -2.69 -24.45 -80.34
C CYS P 18 -4.05 -25.06 -79.96
N GLU P 19 -4.11 -26.39 -79.94
CA GLU P 19 -5.30 -27.13 -79.60
C GLU P 19 -5.69 -27.10 -78.14
N GLU P 20 -4.70 -27.14 -77.24
CA GLU P 20 -4.95 -26.96 -75.80
C GLU P 20 -5.60 -25.60 -75.50
N VAL P 21 -5.14 -24.56 -76.22
CA VAL P 21 -5.73 -23.21 -76.24
C VAL P 21 -7.17 -23.19 -76.80
N ALA P 22 -7.44 -24.03 -77.80
CA ALA P 22 -8.77 -24.12 -78.41
C ALA P 22 -9.84 -24.68 -77.46
N LEU P 23 -9.43 -25.49 -76.48
CA LEU P 23 -10.41 -26.02 -75.50
C LEU P 23 -10.54 -25.14 -74.27
N ASP P 24 -9.46 -24.41 -73.98
CA ASP P 24 -9.43 -23.35 -72.97
C ASP P 24 -10.50 -22.25 -73.17
N LYS P 25 -10.63 -21.73 -74.41
CA LYS P 25 -11.59 -20.63 -74.72
C LYS P 25 -12.88 -21.14 -75.39
N ALA P 26 -12.91 -22.45 -75.65
CA ALA P 26 -14.00 -23.19 -76.32
C ALA P 26 -14.31 -22.63 -77.71
N MET P 27 -13.26 -22.26 -78.44
CA MET P 27 -13.43 -21.57 -79.70
C MET P 27 -12.32 -21.83 -80.70
N GLN P 28 -12.56 -21.34 -81.93
CA GLN P 28 -11.92 -21.81 -83.15
C GLN P 28 -10.85 -20.92 -83.78
N PHE P 29 -9.84 -21.62 -84.29
CA PHE P 29 -8.61 -21.06 -84.83
C PHE P 29 -8.57 -21.30 -86.32
N SER P 30 -8.01 -20.36 -87.09
CA SER P 30 -7.80 -20.61 -88.50
C SER P 30 -6.52 -21.41 -88.74
N LYS P 31 -6.53 -22.25 -89.77
CA LYS P 31 -5.37 -23.09 -90.12
C LYS P 31 -4.20 -22.24 -90.65
N GLN P 32 -4.50 -21.14 -91.36
CA GLN P 32 -3.44 -20.23 -91.80
C GLN P 32 -2.76 -19.57 -90.58
N THR P 33 -3.52 -19.41 -89.49
CA THR P 33 -2.96 -18.92 -88.22
C THR P 33 -1.97 -19.95 -87.65
N ILE P 34 -2.34 -21.23 -87.66
CA ILE P 34 -1.41 -22.32 -87.29
C ILE P 34 -0.16 -22.27 -88.17
N ALA P 35 -0.35 -22.09 -89.49
CA ALA P 35 0.75 -21.92 -90.45
C ALA P 35 1.68 -20.70 -90.15
N ALA P 36 1.11 -19.54 -89.79
CA ALA P 36 1.95 -18.36 -89.48
C ALA P 36 2.85 -18.50 -88.22
N ILE P 37 2.41 -19.32 -87.26
CA ILE P 37 3.16 -19.62 -86.00
C ILE P 37 4.46 -20.38 -86.21
N SER P 38 4.41 -21.39 -87.07
CA SER P 38 5.59 -22.21 -87.39
C SER P 38 6.68 -21.38 -88.13
N GLU P 39 6.24 -20.50 -89.04
CA GLU P 39 7.10 -19.53 -89.74
C GLU P 39 7.87 -18.63 -88.80
N LEU P 40 7.17 -17.90 -87.93
CA LEU P 40 7.87 -17.03 -86.95
C LEU P 40 8.66 -17.81 -85.88
N THR P 41 8.14 -18.98 -85.46
CA THR P 41 8.85 -19.89 -84.56
C THR P 41 10.23 -20.13 -85.16
N PHE P 42 10.24 -20.64 -86.38
CA PHE P 42 11.47 -20.86 -87.13
C PHE P 42 12.29 -19.56 -87.39
N ARG P 43 11.63 -18.45 -87.77
CA ARG P 43 12.26 -17.10 -87.90
C ARG P 43 12.88 -16.63 -86.61
N GLN P 44 12.14 -16.89 -85.54
CA GLN P 44 12.50 -16.45 -84.21
C GLN P 44 13.70 -17.19 -83.67
N CYS P 45 13.76 -18.49 -83.94
CA CYS P 45 14.82 -19.37 -83.43
C CYS P 45 16.17 -19.05 -84.03
N GLU P 46 16.14 -18.51 -85.23
CA GLU P 46 17.29 -18.00 -85.92
C GLU P 46 17.96 -16.98 -85.02
N ASN P 47 17.19 -15.98 -84.63
CA ASN P 47 17.69 -14.94 -83.76
C ASN P 47 18.03 -15.43 -82.41
N PHE P 48 17.20 -16.29 -81.84
CA PHE P 48 17.54 -16.89 -80.57
C PHE P 48 18.88 -17.62 -80.58
N ALA P 49 19.05 -18.52 -81.55
CA ALA P 49 20.31 -19.28 -81.73
C ALA P 49 21.56 -18.39 -81.99
N LYS P 50 21.44 -17.44 -82.92
CA LYS P 50 22.58 -16.57 -83.20
C LYS P 50 22.86 -15.63 -82.02
N ASP P 51 21.81 -15.19 -81.33
CA ASP P 51 21.98 -14.47 -80.08
C ASP P 51 22.67 -15.33 -79.06
N LEU P 52 22.15 -16.53 -78.84
CA LEU P 52 22.76 -17.42 -77.88
C LEU P 52 24.22 -17.66 -78.24
N GLU P 53 24.54 -17.70 -79.54
CA GLU P 53 25.92 -17.86 -80.05
C GLU P 53 26.83 -16.77 -79.51
N MET P 54 26.44 -15.52 -79.73
CA MET P 54 27.19 -14.38 -79.24
C MET P 54 27.34 -14.41 -77.73
N PHE P 55 26.34 -14.97 -77.04
CA PHE P 55 26.32 -14.99 -75.57
C PHE P 55 27.30 -16.02 -75.06
N ALA P 56 27.26 -17.18 -75.69
CA ALA P 56 28.07 -18.31 -75.30
C ALA P 56 29.49 -18.06 -75.71
N ARG P 57 29.66 -17.53 -76.91
CA ARG P 57 30.93 -17.12 -77.42
C ARG P 57 31.59 -16.11 -76.53
N HIS P 58 30.75 -15.21 -76.01
CA HIS P 58 31.13 -14.15 -75.03
C HIS P 58 31.50 -14.69 -73.64
N ALA P 59 31.06 -15.93 -73.36
CA ALA P 59 31.19 -16.55 -72.04
C ALA P 59 32.52 -17.29 -71.80
N LYS P 60 33.48 -17.06 -72.71
CA LYS P 60 34.77 -17.74 -72.70
C LYS P 60 34.52 -19.21 -73.09
N ARG P 61 33.48 -19.45 -73.90
CA ARG P 61 32.97 -20.83 -74.09
C ARG P 61 32.53 -21.19 -75.53
N THR P 62 32.25 -22.51 -75.76
CA THR P 62 31.67 -23.11 -77.01
C THR P 62 30.17 -23.74 -76.95
N THR P 63 29.68 -24.19 -75.77
CA THR P 63 28.35 -24.90 -75.60
C THR P 63 27.35 -24.24 -74.64
N ILE P 64 26.07 -24.28 -75.01
CA ILE P 64 24.99 -23.56 -74.26
C ILE P 64 24.70 -24.09 -72.83
N ASN P 65 24.63 -23.14 -71.86
CA ASN P 65 24.09 -23.38 -70.48
C ASN P 65 22.79 -22.62 -70.12
N THR P 66 22.33 -22.80 -68.88
CA THR P 66 21.05 -22.24 -68.40
C THR P 66 21.03 -20.71 -68.35
N GLU P 67 22.19 -20.11 -68.12
CA GLU P 67 22.29 -18.66 -67.95
C GLU P 67 22.15 -17.88 -69.26
N ASP P 68 22.68 -18.42 -70.36
CA ASP P 68 22.55 -17.85 -71.72
C ASP P 68 21.08 -17.79 -72.13
N VAL P 69 20.37 -18.89 -71.89
CA VAL P 69 18.92 -19.03 -72.15
C VAL P 69 18.12 -17.99 -71.35
N LYS P 70 18.39 -17.90 -70.04
CA LYS P 70 17.65 -16.98 -69.16
C LYS P 70 17.99 -15.51 -69.41
N LEU P 71 19.14 -15.26 -70.06
CA LEU P 71 19.46 -13.95 -70.61
C LEU P 71 18.54 -13.60 -71.75
N LEU P 72 18.31 -14.57 -72.62
CA LEU P 72 17.62 -14.36 -73.90
C LEU P 72 16.13 -13.88 -73.84
N ALA P 73 15.36 -14.21 -72.80
CA ALA P 73 13.97 -13.69 -72.70
C ALA P 73 13.77 -12.78 -71.46
N ARG P 74 14.63 -11.77 -71.36
CA ARG P 74 14.68 -10.81 -70.22
C ARG P 74 13.59 -9.74 -70.30
N ARG P 75 12.87 -9.76 -71.41
CA ARG P 75 12.12 -8.60 -71.90
C ARG P 75 10.73 -8.46 -71.30
N SER P 76 9.93 -9.53 -71.30
CA SER P 76 8.63 -9.55 -70.58
C SER P 76 8.76 -10.25 -69.21
N ASN P 77 8.24 -9.59 -68.18
CA ASN P 77 8.56 -9.97 -66.80
C ASN P 77 7.68 -11.15 -66.25
N SER P 78 6.46 -11.32 -66.80
CA SER P 78 5.62 -12.53 -66.56
C SER P 78 6.35 -13.78 -66.98
N LEU P 79 7.10 -13.63 -68.06
CA LEU P 79 7.94 -14.66 -68.64
C LEU P 79 9.18 -15.03 -67.76
N LEU P 80 9.92 -14.01 -67.31
CA LEU P 80 11.08 -14.17 -66.42
C LEU P 80 10.81 -15.05 -65.18
N LYS P 81 9.73 -14.72 -64.45
CA LYS P 81 9.32 -15.49 -63.26
C LYS P 81 8.96 -16.91 -63.66
N TYR P 82 8.08 -17.04 -64.66
CA TYR P 82 7.64 -18.32 -65.26
C TYR P 82 8.77 -19.31 -65.47
N ILE P 83 9.82 -18.81 -66.12
CA ILE P 83 10.94 -19.63 -66.52
C ILE P 83 11.89 -19.99 -65.38
N THR P 84 12.22 -19.05 -64.48
CA THR P 84 13.04 -19.41 -63.28
C THR P 84 12.40 -20.59 -62.47
N ASP P 85 11.07 -20.61 -62.40
CA ASP P 85 10.28 -21.66 -61.68
C ASP P 85 10.36 -23.04 -62.31
N LYS P 86 10.00 -23.06 -63.59
CA LYS P 86 10.24 -24.17 -64.49
C LYS P 86 11.68 -24.72 -64.42
N SER P 87 12.66 -23.87 -64.12
CA SER P 87 14.07 -24.29 -64.07
C SER P 87 14.36 -25.09 -62.80
N GLU P 88 13.66 -24.80 -61.70
CA GLU P 88 13.81 -25.66 -60.53
C GLU P 88 13.17 -27.06 -60.70
N GLU P 89 12.13 -27.15 -61.54
CA GLU P 89 11.52 -28.43 -61.92
C GLU P 89 12.48 -29.33 -62.73
N ILE P 90 13.07 -28.76 -63.79
CA ILE P 90 14.04 -29.46 -64.64
C ILE P 90 15.35 -29.79 -63.86
N ALA P 91 15.66 -28.98 -62.84
CA ALA P 91 16.85 -29.16 -61.94
C ALA P 91 16.80 -30.36 -60.99
N GLN P 92 15.62 -30.97 -60.83
CA GLN P 92 15.51 -32.28 -60.19
C GLN P 92 16.51 -33.31 -60.71
N ALA P 93 16.88 -33.20 -61.99
CA ALA P 93 17.88 -34.07 -62.62
C ALA P 93 19.30 -33.56 -62.37
N SER Q 1 30.56 9.65 -33.85
CA SER Q 1 32.02 9.48 -33.60
C SER Q 1 32.67 8.55 -34.64
N TYR Q 2 34.00 8.53 -34.64
CA TYR Q 2 34.76 7.68 -35.55
C TYR Q 2 34.37 6.19 -35.44
N GLN Q 3 34.19 5.68 -34.21
CA GLN Q 3 33.70 4.31 -33.90
C GLN Q 3 32.39 3.86 -34.58
N GLN Q 4 31.35 4.68 -34.50
CA GLN Q 4 30.02 4.30 -35.03
C GLN Q 4 29.98 4.33 -36.56
N ARG Q 5 30.89 5.12 -37.14
CA ARG Q 5 31.07 5.15 -38.59
C ARG Q 5 31.70 3.83 -39.10
N LEU Q 6 32.63 3.27 -38.33
CA LEU Q 6 33.20 1.93 -38.60
C LEU Q 6 32.17 0.84 -38.37
N LYS Q 7 31.31 1.03 -37.37
CA LYS Q 7 30.14 0.19 -37.16
C LYS Q 7 29.30 0.16 -38.45
N ALA Q 8 29.09 1.32 -39.09
CA ALA Q 8 28.31 1.43 -40.35
C ALA Q 8 28.98 0.85 -41.62
N ALA Q 9 30.31 0.92 -41.68
CA ALA Q 9 31.11 0.29 -42.75
C ALA Q 9 31.04 -1.25 -42.70
N VAL Q 10 31.08 -1.81 -41.48
CA VAL Q 10 30.87 -3.26 -41.18
C VAL Q 10 29.45 -3.71 -41.59
N HIS Q 11 28.47 -2.87 -41.28
CA HIS Q 11 27.05 -3.08 -41.61
C HIS Q 11 26.80 -3.32 -43.10
N TYR Q 12 27.54 -2.61 -43.96
CA TYR Q 12 27.53 -2.82 -45.42
C TYR Q 12 27.81 -4.26 -45.85
N THR Q 13 28.98 -4.78 -45.49
CA THR Q 13 29.44 -6.08 -46.00
C THR Q 13 28.59 -7.22 -45.46
N VAL Q 14 28.17 -7.10 -44.20
CA VAL Q 14 27.26 -8.06 -43.58
C VAL Q 14 25.87 -8.07 -44.25
N GLY Q 15 25.41 -6.91 -44.72
CA GLY Q 15 24.15 -6.82 -45.48
C GLY Q 15 24.20 -7.57 -46.81
N CYS Q 16 25.38 -7.48 -47.45
CA CYS Q 16 25.71 -8.22 -48.67
C CYS Q 16 25.61 -9.73 -48.44
N LEU Q 17 26.33 -10.21 -47.44
CA LEU Q 17 26.39 -11.65 -47.13
C LEU Q 17 25.06 -12.25 -46.58
N CYS Q 18 24.25 -11.41 -45.93
CA CYS Q 18 22.93 -11.83 -45.43
C CYS Q 18 21.95 -12.11 -46.57
N GLU Q 19 22.01 -11.27 -47.60
CA GLU Q 19 21.26 -11.53 -48.82
C GLU Q 19 21.74 -12.73 -49.68
N GLU Q 20 23.04 -13.05 -49.68
CA GLU Q 20 23.58 -14.25 -50.40
C GLU Q 20 23.09 -15.58 -49.80
N VAL Q 21 22.97 -15.61 -48.47
CA VAL Q 21 22.43 -16.75 -47.71
C VAL Q 21 20.89 -16.79 -47.88
N ALA Q 22 20.27 -15.62 -47.99
CA ALA Q 22 18.85 -15.50 -48.31
C ALA Q 22 18.52 -16.09 -49.69
N LEU Q 23 19.49 -16.03 -50.62
CA LEU Q 23 19.38 -16.65 -51.96
C LEU Q 23 19.47 -18.19 -51.98
N ASP Q 24 20.36 -18.74 -51.14
CA ASP Q 24 20.57 -20.20 -51.04
C ASP Q 24 19.40 -20.98 -50.38
N LYS Q 25 18.82 -20.42 -49.30
CA LYS Q 25 17.75 -21.07 -48.48
C LYS Q 25 16.32 -20.62 -48.83
N ALA Q 26 16.20 -19.81 -49.89
CA ALA Q 26 14.92 -19.28 -50.39
C ALA Q 26 14.07 -18.57 -49.34
N MET Q 27 14.73 -17.98 -48.35
CA MET Q 27 14.09 -17.22 -47.26
C MET Q 27 14.94 -16.01 -46.79
N GLN Q 28 14.38 -14.80 -46.91
CA GLN Q 28 15.08 -13.51 -46.65
C GLN Q 28 15.06 -13.06 -45.18
N PHE Q 29 15.82 -12.01 -44.90
CA PHE Q 29 16.07 -11.58 -43.53
C PHE Q 29 15.29 -10.33 -43.18
N SER Q 30 14.94 -10.18 -41.90
CA SER Q 30 14.41 -8.92 -41.40
C SER Q 30 15.55 -7.89 -41.33
N LYS Q 31 15.19 -6.60 -41.46
CA LYS Q 31 16.20 -5.53 -41.48
C LYS Q 31 16.88 -5.44 -40.10
N GLN Q 32 16.09 -5.73 -39.08
CA GLN Q 32 16.55 -5.83 -37.69
C GLN Q 32 17.59 -6.97 -37.47
N THR Q 33 17.46 -8.09 -38.19
CA THR Q 33 18.43 -9.23 -38.15
C THR Q 33 19.79 -8.84 -38.72
N ILE Q 34 19.76 -8.07 -39.80
CA ILE Q 34 20.97 -7.54 -40.40
C ILE Q 34 21.72 -6.69 -39.38
N ALA Q 35 21.00 -5.81 -38.68
CA ALA Q 35 21.56 -4.94 -37.62
C ALA Q 35 22.24 -5.70 -36.46
N ALA Q 36 21.67 -6.84 -36.07
CA ALA Q 36 22.12 -7.65 -34.91
C ALA Q 36 23.42 -8.48 -35.11
N ILE Q 37 23.58 -9.02 -36.32
CA ILE Q 37 24.82 -9.73 -36.75
C ILE Q 37 26.02 -8.76 -36.90
N SER Q 38 25.74 -7.49 -37.28
CA SER Q 38 26.77 -6.43 -37.37
C SER Q 38 27.29 -5.99 -35.99
N GLU Q 39 26.34 -5.77 -35.06
CA GLU Q 39 26.63 -5.53 -33.63
C GLU Q 39 27.48 -6.68 -33.06
N LEU Q 40 27.06 -7.91 -33.33
CA LEU Q 40 27.84 -9.14 -33.10
C LEU Q 40 29.30 -9.12 -33.65
N THR Q 41 29.50 -8.72 -34.91
CA THR Q 41 30.82 -8.74 -35.58
C THR Q 41 31.78 -7.72 -34.99
N PHE Q 42 31.27 -6.50 -34.79
CA PHE Q 42 32.01 -5.41 -34.15
C PHE Q 42 32.55 -5.82 -32.76
N ARG Q 43 31.66 -6.36 -31.91
CA ARG Q 43 32.06 -6.75 -30.55
C ARG Q 43 32.86 -8.05 -30.50
N GLN Q 44 32.78 -8.81 -31.58
CA GLN Q 44 33.59 -10.02 -31.78
C GLN Q 44 35.06 -9.66 -32.06
N CYS Q 45 35.26 -8.61 -32.85
CA CYS Q 45 36.59 -8.13 -33.18
C CYS Q 45 37.29 -7.54 -31.97
N GLU Q 46 36.52 -7.22 -30.93
CA GLU Q 46 37.11 -6.86 -29.61
C GLU Q 46 37.89 -8.06 -29.06
N ASN Q 47 37.20 -9.20 -28.93
CA ASN Q 47 37.88 -10.39 -28.45
C ASN Q 47 38.89 -10.91 -29.43
N PHE Q 48 38.59 -10.86 -30.73
CA PHE Q 48 39.61 -11.15 -31.74
C PHE Q 48 40.92 -10.38 -31.59
N ALA Q 49 40.83 -9.05 -31.59
CA ALA Q 49 42.01 -8.15 -31.59
C ALA Q 49 42.81 -8.20 -30.30
N LYS Q 50 42.10 -8.16 -29.19
CA LYS Q 50 42.78 -8.19 -27.91
C LYS Q 50 43.25 -9.63 -27.57
N ASP Q 51 42.51 -10.67 -28.01
CA ASP Q 51 43.05 -12.06 -28.05
C ASP Q 51 44.29 -12.18 -28.99
N LEU Q 52 44.21 -11.61 -30.20
CA LEU Q 52 45.37 -11.49 -31.13
C LEU Q 52 46.59 -10.76 -30.49
N GLU Q 53 46.34 -9.69 -29.73
CA GLU Q 53 47.40 -8.98 -29.00
C GLU Q 53 48.23 -9.84 -28.02
N MET Q 54 47.56 -10.53 -27.11
CA MET Q 54 48.23 -11.37 -26.12
C MET Q 54 48.86 -12.61 -26.74
N PHE Q 55 48.41 -13.00 -27.94
CA PHE Q 55 49.07 -14.05 -28.74
C PHE Q 55 50.40 -13.56 -29.32
N ALA Q 56 50.38 -12.38 -29.95
CA ALA Q 56 51.59 -11.78 -30.52
C ALA Q 56 52.54 -11.49 -29.37
N ARG Q 57 52.01 -11.06 -28.22
CA ARG Q 57 52.80 -10.95 -26.98
C ARG Q 57 53.17 -12.31 -26.34
N HIS Q 58 52.30 -13.31 -26.46
CA HIS Q 58 52.64 -14.70 -26.05
C HIS Q 58 53.76 -15.38 -26.90
N ALA Q 59 53.81 -15.04 -28.20
CA ALA Q 59 54.84 -15.56 -29.10
C ALA Q 59 56.03 -14.60 -29.17
N LYS Q 60 55.99 -13.62 -28.27
CA LYS Q 60 57.03 -12.59 -28.08
C LYS Q 60 57.45 -11.82 -29.37
N ARG Q 61 56.44 -11.33 -30.08
CA ARG Q 61 56.60 -10.52 -31.29
C ARG Q 61 55.72 -9.28 -31.24
N THR Q 62 55.97 -8.35 -32.15
CA THR Q 62 55.07 -7.21 -32.29
C THR Q 62 54.08 -7.39 -33.45
N THR Q 63 54.47 -8.14 -34.49
CA THR Q 63 53.71 -8.23 -35.74
C THR Q 63 52.99 -9.58 -35.94
N ILE Q 64 51.66 -9.54 -36.04
CA ILE Q 64 50.81 -10.75 -36.12
C ILE Q 64 50.86 -11.40 -37.49
N ASN Q 65 51.02 -12.70 -37.48
CA ASN Q 65 51.09 -13.47 -38.69
C ASN Q 65 50.01 -14.56 -38.65
N THR Q 66 50.12 -15.53 -39.56
CA THR Q 66 49.12 -16.61 -39.73
C THR Q 66 48.87 -17.58 -38.53
N GLU Q 67 49.92 -17.83 -37.73
CA GLU Q 67 49.88 -18.85 -36.65
C GLU Q 67 49.00 -18.47 -35.46
N ASP Q 68 49.06 -17.19 -35.10
CA ASP Q 68 48.21 -16.63 -34.05
C ASP Q 68 46.72 -16.74 -34.43
N VAL Q 69 46.41 -16.38 -35.67
CA VAL Q 69 45.04 -16.34 -36.22
C VAL Q 69 44.41 -17.74 -36.33
N LYS Q 70 45.19 -18.69 -36.83
CA LYS Q 70 44.77 -20.10 -36.92
C LYS Q 70 44.41 -20.60 -35.53
N LEU Q 71 45.15 -20.12 -34.53
CA LEU Q 71 44.88 -20.54 -33.16
C LEU Q 71 43.70 -19.78 -32.49
N LEU Q 72 43.36 -18.62 -33.06
CA LEU Q 72 42.20 -17.81 -32.61
C LEU Q 72 40.82 -18.41 -32.94
N ALA Q 73 40.70 -19.14 -34.05
CA ALA Q 73 39.48 -19.90 -34.32
C ALA Q 73 39.71 -21.39 -34.08
N ARG Q 74 40.27 -21.75 -32.92
CA ARG Q 74 40.71 -23.15 -32.63
C ARG Q 74 39.55 -24.04 -32.18
N ARG Q 75 38.42 -23.38 -31.96
CA ARG Q 75 37.32 -23.89 -31.15
C ARG Q 75 36.38 -24.96 -31.76
N SER Q 76 35.90 -24.77 -33.01
CA SER Q 76 35.03 -25.78 -33.76
C SER Q 76 35.72 -26.54 -34.93
N ASN Q 77 35.47 -27.84 -35.07
CA ASN Q 77 36.21 -28.65 -36.05
C ASN Q 77 35.97 -28.41 -37.54
N SER Q 78 34.73 -28.08 -37.95
CA SER Q 78 34.41 -27.71 -39.36
C SER Q 78 35.14 -26.45 -39.83
N LEU Q 79 35.21 -25.49 -38.91
CA LEU Q 79 35.86 -24.20 -39.08
C LEU Q 79 37.39 -24.31 -39.21
N LEU Q 80 37.99 -25.14 -38.35
CA LEU Q 80 39.43 -25.38 -38.27
C LEU Q 80 39.98 -26.05 -39.53
N LYS Q 81 39.24 -27.05 -40.02
CA LYS Q 81 39.50 -27.74 -41.29
C LYS Q 81 39.48 -26.75 -42.45
N TYR Q 82 38.46 -25.89 -42.47
CA TYR Q 82 38.27 -24.83 -43.46
C TYR Q 82 39.42 -23.78 -43.58
N ILE Q 83 39.89 -23.26 -42.44
CA ILE Q 83 40.93 -22.20 -42.40
C ILE Q 83 42.30 -22.62 -42.97
N THR Q 84 42.76 -23.81 -42.59
CA THR Q 84 44.07 -24.36 -43.01
C THR Q 84 44.18 -24.58 -44.52
N ASP Q 85 43.09 -25.03 -45.11
CA ASP Q 85 42.99 -25.25 -46.56
C ASP Q 85 43.14 -23.93 -47.35
N LYS Q 86 42.37 -22.93 -46.95
CA LYS Q 86 42.43 -21.61 -47.57
C LYS Q 86 43.79 -20.92 -47.35
N SER Q 87 44.53 -21.36 -46.33
CA SER Q 87 45.93 -20.94 -46.12
C SER Q 87 46.85 -21.34 -47.29
N GLU Q 88 46.56 -22.47 -47.93
CA GLU Q 88 47.22 -22.84 -49.20
C GLU Q 88 46.83 -22.03 -50.46
N GLU Q 89 45.59 -21.54 -50.53
CA GLU Q 89 45.16 -20.69 -51.65
C GLU Q 89 45.70 -19.25 -51.53
N ILE Q 90 45.75 -18.71 -50.31
CA ILE Q 90 46.43 -17.45 -49.97
C ILE Q 90 47.93 -17.51 -50.27
N ALA Q 91 48.53 -18.66 -49.97
CA ALA Q 91 49.92 -18.94 -50.37
C ALA Q 91 50.08 -18.96 -51.93
N GLN Q 92 48.99 -19.25 -52.65
CA GLN Q 92 48.98 -19.11 -54.12
C GLN Q 92 49.09 -17.66 -54.58
N ALA Q 93 48.51 -16.72 -53.82
CA ALA Q 93 48.77 -15.29 -54.06
C ALA Q 93 50.25 -14.92 -53.81
N ASN Q 94 50.94 -15.61 -52.87
CA ASN Q 94 52.42 -15.51 -52.73
C ASN Q 94 53.21 -16.12 -53.87
N LEU Q 95 52.64 -17.16 -54.50
CA LEU Q 95 53.21 -17.74 -55.72
C LEU Q 95 53.09 -16.74 -56.89
N GLU Q 96 52.01 -15.95 -56.89
CA GLU Q 96 51.94 -14.79 -57.76
C GLU Q 96 53.05 -13.83 -57.36
N ARG Q 97 53.29 -13.69 -56.05
CA ARG Q 97 54.47 -12.96 -55.55
C ARG Q 97 55.79 -13.63 -56.02
N LYS Q 98 55.78 -14.93 -56.37
CA LYS Q 98 56.91 -15.59 -57.08
C LYS Q 98 57.07 -15.09 -58.53
N ALA Q 99 55.94 -14.86 -59.19
CA ALA Q 99 55.92 -14.20 -60.50
C ALA Q 99 56.41 -12.74 -60.43
N GLN Q 100 56.07 -12.03 -59.34
CA GLN Q 100 56.46 -10.61 -59.13
C GLN Q 100 57.95 -10.34 -58.84
N LYS Q 101 58.49 -11.03 -57.82
CA LYS Q 101 59.83 -10.77 -57.21
C LYS Q 101 60.99 -11.08 -58.13
N LYS Q 102 62.01 -10.23 -58.09
CA LYS Q 102 63.19 -10.38 -58.93
C LYS Q 102 64.07 -11.52 -58.43
N LYS Q 103 64.27 -12.51 -59.31
CA LYS Q 103 65.24 -13.61 -59.12
C LYS Q 103 66.26 -13.49 -60.26
N LYS Q 104 67.54 -13.44 -59.88
CA LYS Q 104 68.62 -12.79 -60.62
C LYS Q 104 69.02 -13.30 -62.01
N SER Q 105 69.07 -14.63 -62.18
CA SER Q 105 69.52 -15.30 -63.42
C SER Q 105 68.78 -14.94 -64.72
N SER R 1 32.66 -14.01 -53.98
CA SER R 1 32.51 -13.00 -52.89
C SER R 1 33.71 -13.05 -51.95
N GLY R 2 34.66 -12.12 -52.18
CA GLY R 2 35.94 -12.09 -51.48
C GLY R 2 36.11 -10.87 -50.60
N PHE R 3 36.68 -11.08 -49.42
CA PHE R 3 36.74 -10.00 -48.44
C PHE R 3 37.99 -9.12 -48.67
N ARG R 4 37.97 -7.86 -48.23
CA ARG R 4 39.02 -6.89 -48.61
C ARG R 4 40.23 -6.77 -47.68
N LYS R 5 41.42 -6.73 -48.29
CA LYS R 5 42.72 -6.55 -47.64
C LYS R 5 42.73 -5.26 -46.80
N GLU R 6 42.36 -4.13 -47.42
CA GLU R 6 42.29 -2.83 -46.75
C GLU R 6 41.29 -2.78 -45.58
N LEU R 7 40.11 -3.38 -45.77
CA LEU R 7 39.06 -3.37 -44.76
C LEU R 7 39.57 -4.02 -43.48
N VAL R 8 40.01 -5.26 -43.60
CA VAL R 8 40.52 -6.05 -42.48
C VAL R 8 41.70 -5.34 -41.83
N SER R 9 42.55 -4.73 -42.64
CA SER R 9 43.69 -3.94 -42.15
C SER R 9 43.33 -2.84 -41.15
N ARG R 10 42.45 -1.91 -41.56
CA ARG R 10 42.08 -0.77 -40.69
C ARG R 10 41.22 -1.21 -39.51
N LEU R 11 40.40 -2.24 -39.72
CA LEU R 11 39.59 -2.88 -38.67
C LEU R 11 40.44 -3.41 -37.52
N LEU R 12 41.53 -4.12 -37.86
CA LEU R 12 42.44 -4.69 -36.86
C LEU R 12 43.19 -3.61 -36.07
N HIS R 13 43.60 -2.56 -36.79
CA HIS R 13 44.42 -1.51 -36.17
C HIS R 13 43.57 -0.62 -35.21
N LEU R 14 42.28 -0.96 -35.02
CA LEU R 14 41.39 -0.37 -34.00
C LEU R 14 41.74 -0.70 -32.54
N HIS R 15 41.95 -1.98 -32.23
CA HIS R 15 42.06 -2.42 -30.83
C HIS R 15 43.47 -2.83 -30.39
N PHE R 16 44.45 -2.53 -31.23
CA PHE R 16 45.85 -2.60 -30.82
C PHE R 16 46.13 -1.56 -29.74
N LYS R 17 46.76 -2.01 -28.65
CA LYS R 17 47.37 -1.11 -27.66
C LYS R 17 48.86 -0.83 -28.03
N ASP R 18 49.48 -1.72 -28.82
CA ASP R 18 50.78 -1.40 -29.47
C ASP R 18 50.65 -1.24 -30.99
N ASP R 19 51.02 -0.05 -31.47
CA ASP R 19 50.92 0.34 -32.88
C ASP R 19 51.98 -0.32 -33.75
N LYS R 20 53.06 -0.82 -33.13
CA LYS R 20 54.16 -1.51 -33.83
C LYS R 20 53.67 -2.82 -34.45
N THR R 21 52.48 -3.24 -34.01
CA THR R 21 51.81 -4.41 -34.53
C THR R 21 51.44 -4.19 -35.99
N LYS R 22 52.05 -5.00 -36.84
CA LYS R 22 51.84 -4.97 -38.26
C LYS R 22 51.09 -6.27 -38.58
N VAL R 23 50.44 -6.33 -39.73
CA VAL R 23 49.79 -7.57 -40.15
C VAL R 23 50.42 -8.02 -41.47
N SER R 24 51.16 -9.13 -41.45
CA SER R 24 51.87 -9.64 -42.64
C SER R 24 50.89 -9.93 -43.78
N GLY R 25 51.40 -9.98 -45.02
CA GLY R 25 50.58 -10.17 -46.23
C GLY R 25 49.63 -11.36 -46.15
N ASP R 26 50.18 -12.50 -45.74
CA ASP R 26 49.38 -13.71 -45.58
C ASP R 26 48.49 -13.76 -44.36
N ALA R 27 48.96 -13.25 -43.21
CA ALA R 27 48.13 -13.09 -42.02
C ALA R 27 46.89 -12.24 -42.30
N LEU R 28 47.05 -11.21 -43.15
CA LEU R 28 45.93 -10.31 -43.62
C LEU R 28 44.90 -11.05 -44.54
N GLN R 29 45.42 -11.84 -45.49
CA GLN R 29 44.59 -12.64 -46.40
CA GLN R 29 44.59 -12.64 -46.40
C GLN R 29 43.88 -13.81 -45.70
N LEU R 30 44.45 -14.27 -44.59
CA LEU R 30 43.82 -15.31 -43.77
C LEU R 30 42.74 -14.82 -42.82
N MET R 31 42.87 -13.61 -42.27
CA MET R 31 41.77 -13.03 -41.46
C MET R 31 40.56 -12.68 -42.33
N VAL R 32 40.82 -12.45 -43.63
CA VAL R 32 39.79 -12.41 -44.68
C VAL R 32 38.95 -13.69 -44.62
N GLU R 33 39.62 -14.84 -44.56
CA GLU R 33 38.96 -16.14 -44.41
C GLU R 33 38.22 -16.32 -43.08
N LEU R 34 38.84 -15.90 -41.96
CA LEU R 34 38.25 -16.07 -40.61
C LEU R 34 36.94 -15.31 -40.45
N LEU R 35 36.94 -14.05 -40.84
CA LEU R 35 35.74 -13.23 -40.80
C LEU R 35 34.66 -13.74 -41.76
N LYS R 36 35.06 -14.19 -42.95
CA LYS R 36 34.17 -14.79 -43.94
C LYS R 36 33.44 -15.98 -43.33
N VAL R 37 34.20 -16.87 -42.70
CA VAL R 37 33.65 -18.08 -42.10
C VAL R 37 32.80 -17.71 -40.90
N PHE R 38 33.25 -16.72 -40.13
CA PHE R 38 32.47 -16.27 -38.99
C PHE R 38 31.09 -15.74 -39.42
N VAL R 39 31.05 -14.86 -40.42
CA VAL R 39 29.78 -14.28 -40.92
C VAL R 39 28.88 -15.32 -41.58
N VAL R 40 29.46 -16.15 -42.45
CA VAL R 40 28.73 -17.30 -43.05
C VAL R 40 28.19 -18.23 -41.95
N GLU R 41 28.98 -18.54 -40.91
CA GLU R 41 28.50 -19.36 -39.76
C GLU R 41 27.49 -18.66 -38.83
N ALA R 42 27.66 -17.36 -38.57
CA ALA R 42 26.65 -16.56 -37.86
C ALA R 42 25.31 -16.52 -38.62
N ALA R 43 25.37 -16.29 -39.94
CA ALA R 43 24.20 -16.27 -40.85
C ALA R 43 23.53 -17.66 -41.08
N VAL R 44 24.34 -18.68 -41.40
CA VAL R 44 23.86 -20.07 -41.58
C VAL R 44 23.20 -20.66 -40.31
N ARG R 45 23.84 -20.49 -39.15
CA ARG R 45 23.23 -20.91 -37.86
C ARG R 45 21.97 -20.09 -37.43
N GLY R 46 21.86 -18.84 -37.88
CA GLY R 46 20.61 -18.05 -37.74
C GLY R 46 19.42 -18.64 -38.52
N VAL R 47 19.66 -18.95 -39.80
CA VAL R 47 18.68 -19.68 -40.64
C VAL R 47 18.34 -21.07 -40.09
N ARG R 48 19.33 -21.81 -39.61
CA ARG R 48 19.04 -23.14 -39.01
C ARG R 48 18.22 -23.04 -37.70
N GLN R 49 18.33 -21.93 -37.00
CA GLN R 49 17.49 -21.72 -35.83
C GLN R 49 16.08 -21.29 -36.21
N ALA R 50 15.95 -20.36 -37.17
CA ALA R 50 14.63 -19.98 -37.74
C ALA R 50 13.88 -21.16 -38.39
N GLN R 51 14.61 -22.02 -39.13
CA GLN R 51 14.12 -23.34 -39.63
C GLN R 51 13.55 -24.27 -38.51
N ALA R 52 14.26 -24.36 -37.38
CA ALA R 52 13.96 -25.27 -36.23
C ALA R 52 12.59 -25.02 -35.57
N GLU R 53 12.27 -23.76 -35.30
CA GLU R 53 10.99 -23.37 -34.69
C GLU R 53 9.91 -23.00 -35.74
N ASP R 54 10.15 -23.40 -37.00
CA ASP R 54 9.37 -22.98 -38.19
C ASP R 54 8.89 -21.54 -38.19
N ALA R 55 9.83 -20.61 -38.33
CA ALA R 55 9.50 -19.20 -38.59
C ALA R 55 9.36 -19.03 -40.09
N LEU R 56 8.48 -18.10 -40.50
CA LEU R 56 8.30 -17.80 -41.92
C LEU R 56 9.07 -16.52 -42.34
N ARG R 57 9.79 -15.93 -41.37
CA ARG R 57 11.00 -15.11 -41.65
C ARG R 57 12.06 -15.13 -40.54
N VAL R 58 13.31 -14.84 -40.90
CA VAL R 58 14.43 -15.00 -39.95
C VAL R 58 14.52 -13.75 -39.04
N ASP R 59 14.18 -13.92 -37.75
CA ASP R 59 14.01 -12.81 -36.75
C ASP R 59 14.93 -12.89 -35.49
N VAL R 60 14.92 -11.82 -34.69
CA VAL R 60 15.81 -11.60 -33.51
C VAL R 60 15.96 -12.78 -32.48
N ASP R 61 14.84 -13.42 -32.12
CA ASP R 61 14.80 -14.48 -31.09
C ASP R 61 15.56 -15.77 -31.46
N GLN R 62 15.66 -16.04 -32.77
CA GLN R 62 16.43 -17.18 -33.29
C GLN R 62 17.94 -17.01 -33.11
N LEU R 63 18.47 -15.84 -33.48
CA LEU R 63 19.90 -15.54 -33.26
C LEU R 63 20.31 -15.55 -31.77
N GLU R 64 19.47 -14.96 -30.90
CA GLU R 64 19.65 -14.98 -29.43
C GLU R 64 19.73 -16.39 -28.80
N LYS R 65 19.04 -17.37 -29.38
CA LYS R 65 19.15 -18.80 -28.96
C LYS R 65 20.48 -19.49 -29.39
N VAL R 66 21.07 -19.04 -30.50
CA VAL R 66 22.40 -19.53 -30.94
C VAL R 66 23.54 -18.57 -30.53
N LEU R 67 23.22 -17.51 -29.77
CA LEU R 67 24.24 -16.61 -29.19
C LEU R 67 25.18 -17.35 -28.23
N PRO R 68 24.63 -18.14 -27.26
CA PRO R 68 25.45 -19.01 -26.42
C PRO R 68 26.44 -19.83 -27.24
N GLN R 69 25.94 -20.59 -28.22
CA GLN R 69 26.77 -21.45 -29.06
C GLN R 69 27.84 -20.75 -29.94
N LEU R 70 27.53 -19.56 -30.47
CA LEU R 70 28.46 -18.76 -31.32
C LEU R 70 29.70 -18.13 -30.62
N LEU R 71 29.49 -17.66 -29.39
CA LEU R 71 30.54 -17.11 -28.49
C LEU R 71 31.68 -18.11 -28.23
N LEU R 72 31.29 -19.35 -27.96
CA LEU R 72 32.22 -20.44 -27.65
C LEU R 72 33.02 -20.92 -28.87
N ASP R 73 32.39 -20.91 -30.06
CA ASP R 73 33.01 -21.35 -31.35
C ASP R 73 34.12 -20.42 -31.89
N PHE R 74 34.14 -19.16 -31.45
CA PHE R 74 35.04 -18.16 -32.03
C PHE R 74 35.75 -17.30 -30.94
N SER S 1 27.37 18.51 -81.41
CA SER S 1 26.14 18.02 -82.12
C SER S 1 25.73 16.59 -81.68
N GLY S 2 24.68 16.50 -80.85
CA GLY S 2 24.26 15.21 -80.25
C GLY S 2 24.11 15.20 -78.74
N PHE S 3 24.06 13.99 -78.15
CA PHE S 3 23.80 13.77 -76.71
C PHE S 3 24.93 14.15 -75.73
N ARG S 4 24.47 14.55 -74.54
CA ARG S 4 25.30 15.17 -73.54
C ARG S 4 25.70 14.06 -72.59
N LYS S 5 26.98 14.06 -72.24
CA LYS S 5 27.58 12.95 -71.50
C LYS S 5 26.86 12.54 -70.22
N GLU S 6 26.69 13.48 -69.28
CA GLU S 6 26.07 13.17 -68.01
C GLU S 6 24.63 12.72 -68.19
N LEU S 7 23.95 13.33 -69.16
CA LEU S 7 22.55 13.05 -69.40
C LEU S 7 22.32 11.55 -69.51
N VAL S 8 23.06 10.92 -70.42
CA VAL S 8 22.90 9.50 -70.72
C VAL S 8 23.20 8.62 -69.50
N SER S 9 24.15 9.05 -68.67
CA SER S 9 24.57 8.33 -67.45
C SER S 9 23.45 8.19 -66.45
N ARG S 10 22.82 9.30 -66.13
CA ARG S 10 21.72 9.29 -65.18
C ARG S 10 20.51 8.56 -65.77
N LEU S 11 20.36 8.65 -67.09
CA LEU S 11 19.33 7.90 -67.81
C LEU S 11 19.52 6.40 -67.71
N LEU S 12 20.77 5.95 -67.84
CA LEU S 12 21.06 4.55 -67.58
C LEU S 12 21.04 4.21 -66.06
N HIS S 13 21.41 5.14 -65.16
CA HIS S 13 21.19 4.91 -63.71
C HIS S 13 19.71 4.87 -63.26
N LEU S 14 18.80 5.17 -64.20
CA LEU S 14 17.33 4.98 -64.05
C LEU S 14 16.83 3.50 -63.99
N HIS S 15 17.41 2.64 -64.84
CA HIS S 15 16.98 1.23 -65.07
C HIS S 15 17.93 0.07 -64.59
N PHE S 16 19.03 0.44 -63.90
CA PHE S 16 19.96 -0.52 -63.28
C PHE S 16 19.26 -1.32 -62.17
N LYS S 17 19.33 -2.66 -62.27
CA LYS S 17 18.95 -3.56 -61.13
C LYS S 17 19.99 -3.54 -59.92
N ASP S 18 21.31 -3.45 -60.18
CA ASP S 18 22.31 -3.03 -59.16
C ASP S 18 22.83 -1.62 -59.49
N ASP S 19 22.64 -0.69 -58.56
CA ASP S 19 23.09 0.69 -58.76
C ASP S 19 24.61 0.81 -58.58
N LYS S 20 25.26 -0.25 -58.10
CA LYS S 20 26.73 -0.28 -58.06
C LYS S 20 27.31 -0.40 -59.46
N THR S 21 26.46 -0.72 -60.44
CA THR S 21 26.87 -0.83 -61.85
C THR S 21 27.44 0.50 -62.35
N LYS S 22 28.62 0.44 -62.97
CA LYS S 22 29.34 1.62 -63.49
C LYS S 22 29.24 1.73 -65.04
N VAL S 23 29.57 2.90 -65.59
CA VAL S 23 29.85 3.09 -67.02
C VAL S 23 31.18 3.92 -67.14
N SER S 24 32.19 3.43 -67.90
CA SER S 24 33.50 4.15 -68.07
C SER S 24 33.42 5.25 -69.13
N GLY S 25 34.44 6.11 -69.22
CA GLY S 25 34.45 7.27 -70.12
C GLY S 25 34.20 6.89 -71.57
N ASP S 26 35.07 6.04 -72.09
CA ASP S 26 34.92 5.47 -73.42
C ASP S 26 33.55 4.81 -73.68
N ALA S 27 33.05 4.00 -72.73
CA ALA S 27 31.79 3.24 -72.92
C ALA S 27 30.62 4.19 -73.09
N LEU S 28 30.63 5.20 -72.25
CA LEU S 28 29.60 6.19 -72.30
C LEU S 28 29.72 6.95 -73.60
N GLN S 29 30.95 7.36 -73.94
CA GLN S 29 31.21 8.02 -75.22
CA GLN S 29 31.22 8.01 -75.23
C GLN S 29 30.60 7.22 -76.38
N LEU S 30 30.70 5.91 -76.33
CA LEU S 30 30.12 5.14 -77.40
C LEU S 30 28.60 4.93 -77.24
N MET S 31 28.08 4.99 -76.02
CA MET S 31 26.64 4.94 -75.84
C MET S 31 25.94 5.97 -76.69
N VAL S 32 26.53 7.16 -76.70
CA VAL S 32 26.03 8.24 -77.52
C VAL S 32 25.96 7.84 -78.98
N GLU S 33 26.98 7.16 -79.47
CA GLU S 33 27.02 6.75 -80.87
C GLU S 33 25.93 5.74 -81.15
N LEU S 34 25.68 4.87 -80.18
CA LEU S 34 24.64 3.87 -80.31
C LEU S 34 23.33 4.56 -80.52
N LEU S 35 23.05 5.45 -79.59
CA LEU S 35 21.81 6.15 -79.62
C LEU S 35 21.77 7.08 -80.82
N LYS S 36 22.95 7.60 -81.22
CA LYS S 36 23.10 8.35 -82.47
C LYS S 36 22.47 7.53 -83.60
N VAL S 37 23.02 6.36 -83.88
CA VAL S 37 22.50 5.54 -84.96
C VAL S 37 21.06 5.07 -84.70
N PHE S 38 20.76 4.83 -83.42
CA PHE S 38 19.43 4.47 -82.91
C PHE S 38 18.38 5.41 -83.49
N VAL S 39 18.49 6.68 -83.13
CA VAL S 39 17.51 7.62 -83.60
C VAL S 39 17.80 8.07 -85.05
N VAL S 40 19.07 8.04 -85.49
CA VAL S 40 19.48 8.32 -86.91
C VAL S 40 18.54 7.53 -87.77
N GLU S 41 18.49 6.24 -87.46
CA GLU S 41 17.78 5.28 -88.26
C GLU S 41 16.28 5.31 -88.01
N ALA S 42 15.88 5.64 -86.78
CA ALA S 42 14.49 5.97 -86.50
C ALA S 42 13.96 7.06 -87.47
N ALA S 43 14.72 8.16 -87.59
CA ALA S 43 14.36 9.26 -88.50
C ALA S 43 14.44 8.85 -89.97
N VAL S 44 15.54 8.20 -90.35
CA VAL S 44 15.77 7.74 -91.71
C VAL S 44 14.72 6.75 -92.25
N ARG S 45 14.40 5.73 -91.44
CA ARG S 45 13.33 4.79 -91.78
C ARG S 45 11.95 5.40 -91.92
N GLY S 46 11.61 6.33 -91.01
CA GLY S 46 10.34 7.10 -91.06
C GLY S 46 10.12 7.87 -92.37
N VAL S 47 11.15 8.56 -92.87
CA VAL S 47 11.09 9.28 -94.18
C VAL S 47 11.06 8.37 -95.45
N ARG S 48 11.78 7.23 -95.43
CA ARG S 48 11.70 6.23 -96.51
C ARG S 48 10.30 5.67 -96.65
N GLN S 49 9.60 5.59 -95.53
CA GLN S 49 8.19 5.30 -95.56
C GLN S 49 7.34 6.46 -96.14
N ALA S 50 7.51 7.68 -95.64
CA ALA S 50 6.74 8.86 -96.12
C ALA S 50 6.85 9.07 -97.63
N GLN S 51 8.06 8.92 -98.16
CA GLN S 51 8.30 8.89 -99.61
C GLN S 51 7.72 7.70 -100.37
N ALA S 52 7.77 6.50 -99.77
CA ALA S 52 7.36 5.22 -100.44
C ALA S 52 5.85 5.15 -100.72
N GLU S 53 5.07 5.75 -99.81
CA GLU S 53 3.62 6.00 -99.97
C GLU S 53 3.33 7.48 -100.32
N ASP S 54 4.41 8.22 -100.67
CA ASP S 54 4.33 9.56 -101.28
C ASP S 54 3.59 10.63 -100.44
N ALA S 55 4.11 10.86 -99.22
CA ALA S 55 3.58 11.87 -98.28
C ALA S 55 4.11 13.31 -98.51
N LEU S 56 3.30 14.30 -98.13
CA LEU S 56 3.67 15.71 -98.25
C LEU S 56 4.36 16.24 -96.97
N ARG S 57 4.09 15.58 -95.84
CA ARG S 57 4.91 15.67 -94.60
C ARG S 57 4.92 14.32 -93.84
N VAL S 58 5.87 14.14 -92.92
CA VAL S 58 5.93 12.85 -92.20
C VAL S 58 5.01 12.88 -90.98
N ASP S 59 3.92 12.11 -91.08
CA ASP S 59 2.94 11.90 -90.00
C ASP S 59 3.10 10.54 -89.26
N VAL S 60 2.39 10.38 -88.14
CA VAL S 60 2.53 9.18 -87.28
C VAL S 60 2.27 7.84 -88.01
N ASP S 61 1.35 7.83 -89.00
CA ASP S 61 1.07 6.65 -89.84
C ASP S 61 2.35 5.95 -90.36
N GLN S 62 3.23 6.73 -90.98
CA GLN S 62 4.51 6.23 -91.51
C GLN S 62 5.49 5.80 -90.45
N LEU S 63 5.71 6.68 -89.47
CA LEU S 63 6.52 6.38 -88.26
C LEU S 63 6.16 5.01 -87.67
N GLU S 64 4.87 4.83 -87.43
CA GLU S 64 4.42 3.62 -86.80
C GLU S 64 4.49 2.39 -87.72
N LYS S 65 4.49 2.63 -89.03
CA LYS S 65 4.88 1.55 -89.98
C LYS S 65 6.40 1.16 -89.94
N VAL S 66 7.27 1.99 -89.33
CA VAL S 66 8.75 1.76 -89.24
C VAL S 66 9.26 1.35 -87.84
N LEU S 67 8.35 1.32 -86.87
CA LEU S 67 8.67 0.84 -85.52
C LEU S 67 9.16 -0.64 -85.41
N PRO S 68 8.48 -1.60 -86.13
CA PRO S 68 8.76 -3.05 -85.87
C PRO S 68 10.20 -3.46 -86.10
N GLN S 69 10.71 -3.08 -87.27
CA GLN S 69 12.02 -3.47 -87.72
C GLN S 69 13.12 -2.80 -86.92
N LEU S 70 12.87 -1.60 -86.40
CA LEU S 70 13.86 -0.93 -85.55
C LEU S 70 14.11 -1.69 -84.23
N LEU S 71 13.04 -2.14 -83.57
CA LEU S 71 13.10 -3.02 -82.37
C LEU S 71 13.87 -4.34 -82.51
N LEU S 72 13.78 -4.94 -83.69
CA LEU S 72 14.39 -6.27 -83.98
C LEU S 72 15.92 -6.20 -84.19
N ASP S 73 16.37 -5.09 -84.80
CA ASP S 73 17.78 -4.76 -84.95
C ASP S 73 18.45 -4.39 -83.59
N PHE S 74 17.63 -4.09 -82.59
CA PHE S 74 18.09 -3.75 -81.26
C PHE S 74 17.44 -4.67 -80.22
N SER T 1 1.34 -34.29 -76.07
CA SER T 1 0.81 -32.94 -76.42
C SER T 1 1.91 -31.89 -76.39
N GLY T 2 2.44 -31.63 -77.59
CA GLY T 2 3.54 -30.68 -77.75
C GLY T 2 4.98 -31.16 -77.84
N PHE T 3 5.90 -30.22 -77.52
CA PHE T 3 7.34 -30.22 -77.91
C PHE T 3 8.20 -31.40 -77.44
N ARG T 4 8.72 -32.14 -78.43
CA ARG T 4 9.69 -33.22 -78.21
C ARG T 4 11.01 -32.61 -77.81
N LYS T 5 11.64 -33.31 -76.88
CA LYS T 5 12.98 -33.05 -76.45
C LYS T 5 13.89 -32.92 -77.71
N GLU T 6 13.87 -33.95 -78.55
CA GLU T 6 14.62 -33.98 -79.84
C GLU T 6 14.36 -32.78 -80.82
N LEU T 7 13.10 -32.33 -80.91
CA LEU T 7 12.65 -31.25 -81.84
C LEU T 7 13.40 -29.97 -81.66
N VAL T 8 13.40 -29.54 -80.42
CA VAL T 8 14.03 -28.33 -80.11
C VAL T 8 15.52 -28.47 -80.36
N SER T 9 16.07 -29.63 -80.06
CA SER T 9 17.51 -29.93 -80.29
C SER T 9 17.91 -29.76 -81.74
N ARG T 10 17.19 -30.46 -82.61
CA ARG T 10 17.41 -30.44 -84.05
C ARG T 10 17.33 -29.02 -84.55
N LEU T 11 16.26 -28.36 -84.12
CA LEU T 11 15.97 -27.03 -84.56
C LEU T 11 17.14 -26.09 -84.25
N LEU T 12 17.68 -26.17 -83.03
CA LEU T 12 18.80 -25.34 -82.62
C LEU T 12 20.07 -25.63 -83.37
N HIS T 13 20.41 -26.92 -83.48
CA HIS T 13 21.63 -27.36 -84.14
C HIS T 13 21.69 -26.97 -85.63
N LEU T 14 20.52 -26.68 -86.19
CA LEU T 14 20.36 -26.32 -87.60
C LEU T 14 21.01 -24.95 -87.90
N HIS T 15 20.90 -24.04 -86.92
CA HIS T 15 21.20 -22.59 -87.09
C HIS T 15 22.43 -22.09 -86.25
N PHE T 16 23.11 -23.03 -85.60
CA PHE T 16 24.34 -22.72 -84.93
C PHE T 16 25.37 -22.26 -85.92
N LYS T 17 25.84 -21.04 -85.73
CA LYS T 17 26.92 -20.50 -86.56
C LYS T 17 28.32 -21.07 -86.18
N ASP T 18 28.53 -21.39 -84.90
CA ASP T 18 29.60 -22.35 -84.52
C ASP T 18 29.01 -23.74 -84.22
N ASP T 19 29.51 -24.78 -84.89
CA ASP T 19 29.05 -26.18 -84.66
C ASP T 19 29.61 -26.86 -83.39
N LYS T 20 30.51 -26.18 -82.65
CA LYS T 20 31.08 -26.67 -81.35
C LYS T 20 30.02 -26.81 -80.24
N THR T 21 29.03 -25.89 -80.30
CA THR T 21 27.80 -25.86 -79.48
C THR T 21 26.99 -27.22 -79.45
N LYS T 22 26.94 -27.87 -78.28
CA LYS T 22 25.92 -28.88 -78.00
C LYS T 22 25.06 -28.28 -76.90
N VAL T 23 23.94 -28.90 -76.59
CA VAL T 23 23.08 -28.35 -75.57
C VAL T 23 22.97 -29.38 -74.42
N SER T 24 23.23 -28.94 -73.18
CA SER T 24 22.98 -29.77 -71.99
C SER T 24 21.48 -30.17 -71.91
N GLY T 25 21.21 -31.38 -71.39
CA GLY T 25 19.84 -31.92 -71.32
C GLY T 25 18.80 -31.02 -70.66
N ASP T 26 19.16 -30.45 -69.50
CA ASP T 26 18.29 -29.53 -68.79
C ASP T 26 18.01 -28.26 -69.59
N ALA T 27 19.03 -27.72 -70.26
CA ALA T 27 18.88 -26.54 -71.15
C ALA T 27 17.95 -26.88 -72.29
N LEU T 28 18.05 -28.10 -72.80
CA LEU T 28 17.14 -28.61 -73.79
C LEU T 28 15.72 -28.69 -73.24
N GLN T 29 15.58 -29.21 -72.02
CA GLN T 29 14.26 -29.34 -71.40
CA GLN T 29 14.25 -29.34 -71.39
C GLN T 29 13.63 -27.96 -71.05
N LEU T 30 14.46 -26.95 -70.84
CA LEU T 30 13.94 -25.57 -70.66
C LEU T 30 13.36 -24.92 -71.92
N MET T 31 13.87 -25.31 -73.09
CA MET T 31 13.41 -24.70 -74.33
C MET T 31 12.06 -25.20 -74.80
N VAL T 32 11.72 -26.43 -74.45
CA VAL T 32 10.37 -26.93 -74.69
C VAL T 32 9.41 -26.02 -73.93
N GLU T 33 9.79 -25.69 -72.70
CA GLU T 33 9.05 -24.75 -71.86
C GLU T 33 9.02 -23.31 -72.45
N LEU T 34 10.17 -22.80 -72.94
CA LEU T 34 10.25 -21.46 -73.59
C LEU T 34 9.47 -21.40 -74.90
N LEU T 35 9.62 -22.43 -75.72
CA LEU T 35 8.85 -22.52 -76.95
C LEU T 35 7.36 -22.65 -76.64
N LYS T 36 7.02 -23.36 -75.56
CA LYS T 36 5.65 -23.44 -75.04
C LYS T 36 5.03 -22.07 -74.71
N VAL T 37 5.70 -21.29 -73.86
CA VAL T 37 5.28 -19.91 -73.51
C VAL T 37 5.15 -18.98 -74.75
N PHE T 38 6.12 -19.08 -75.64
CA PHE T 38 6.22 -18.32 -76.88
C PHE T 38 4.97 -18.43 -77.79
N VAL T 39 4.66 -19.64 -78.27
CA VAL T 39 3.59 -19.91 -79.27
C VAL T 39 2.21 -19.68 -78.69
N VAL T 40 2.00 -20.11 -77.45
CA VAL T 40 0.67 -20.02 -76.90
C VAL T 40 0.32 -18.59 -76.51
N GLU T 41 1.32 -17.78 -76.18
CA GLU T 41 1.02 -16.37 -75.96
C GLU T 41 0.84 -15.56 -77.21
N ALA T 42 1.54 -15.95 -78.27
CA ALA T 42 1.11 -15.52 -79.60
C ALA T 42 -0.38 -15.91 -79.93
N ALA T 43 -0.80 -17.14 -79.57
CA ALA T 43 -2.19 -17.68 -79.76
C ALA T 43 -3.26 -17.01 -78.91
N VAL T 44 -2.97 -16.86 -77.61
CA VAL T 44 -3.78 -16.07 -76.66
C VAL T 44 -4.04 -14.62 -77.14
N ARG T 45 -2.99 -13.94 -77.63
CA ARG T 45 -3.11 -12.57 -78.20
C ARG T 45 -3.93 -12.44 -79.49
N GLY T 46 -3.83 -13.44 -80.38
CA GLY T 46 -4.75 -13.61 -81.53
C GLY T 46 -6.23 -13.65 -81.14
N VAL T 47 -6.57 -14.43 -80.11
CA VAL T 47 -7.94 -14.53 -79.55
C VAL T 47 -8.44 -13.26 -78.84
N ARG T 48 -7.61 -12.69 -77.95
CA ARG T 48 -7.88 -11.41 -77.28
C ARG T 48 -8.17 -10.30 -78.28
N GLN T 49 -7.54 -10.39 -79.45
CA GLN T 49 -7.77 -9.41 -80.49
C GLN T 49 -9.06 -9.68 -81.28
N ALA T 50 -9.29 -10.94 -81.66
CA ALA T 50 -10.56 -11.38 -82.26
C ALA T 50 -11.73 -10.90 -81.41
N GLN T 51 -11.68 -11.19 -80.11
CA GLN T 51 -12.63 -10.62 -79.12
C GLN T 51 -12.74 -9.05 -79.02
N ALA T 52 -11.62 -8.31 -79.07
CA ALA T 52 -11.56 -6.82 -78.86
C ALA T 52 -12.30 -5.96 -79.89
N GLU T 53 -12.03 -6.21 -81.18
CA GLU T 53 -12.65 -5.47 -82.29
C GLU T 53 -14.00 -6.07 -82.75
N ASP T 54 -14.55 -6.96 -81.90
CA ASP T 54 -15.90 -7.54 -82.06
C ASP T 54 -16.09 -8.57 -83.22
N ALA T 55 -15.61 -9.83 -83.04
CA ALA T 55 -15.56 -10.85 -84.13
C ALA T 55 -16.05 -12.31 -83.87
N LEU T 56 -16.21 -13.04 -84.99
CA LEU T 56 -16.79 -14.41 -85.12
C LEU T 56 -15.77 -15.57 -85.00
N ARG T 57 -14.48 -15.24 -85.15
CA ARG T 57 -13.37 -16.20 -85.34
C ARG T 57 -11.96 -15.53 -85.36
N VAL T 58 -10.87 -16.31 -85.19
CA VAL T 58 -9.47 -15.76 -85.16
C VAL T 58 -8.65 -15.80 -86.50
N ASP T 59 -8.56 -14.63 -87.14
CA ASP T 59 -8.05 -14.46 -88.51
C ASP T 59 -6.68 -13.74 -88.55
N VAL T 60 -6.03 -13.74 -89.73
CA VAL T 60 -4.69 -13.10 -89.92
C VAL T 60 -4.58 -11.66 -89.43
N ASP T 61 -5.62 -10.87 -89.70
CA ASP T 61 -5.70 -9.44 -89.37
C ASP T 61 -5.39 -9.12 -87.90
N GLN T 62 -6.09 -9.84 -87.03
CA GLN T 62 -6.00 -9.64 -85.59
C GLN T 62 -4.59 -9.98 -85.10
N LEU T 63 -4.08 -11.12 -85.54
CA LEU T 63 -2.72 -11.53 -85.22
C LEU T 63 -1.67 -10.46 -85.59
N GLU T 64 -1.73 -9.93 -86.82
CA GLU T 64 -0.74 -8.94 -87.28
C GLU T 64 -0.80 -7.57 -86.58
N LYS T 65 -1.93 -7.35 -85.91
CA LYS T 65 -2.10 -6.25 -84.95
C LYS T 65 -1.38 -6.51 -83.60
N VAL T 66 -1.30 -7.77 -83.18
CA VAL T 66 -0.57 -8.18 -81.94
C VAL T 66 0.90 -8.56 -82.17
N LEU T 67 1.35 -8.47 -83.44
CA LEU T 67 2.73 -8.80 -83.89
C LEU T 67 3.77 -7.88 -83.25
N PRO T 68 3.51 -6.57 -83.24
CA PRO T 68 4.36 -5.66 -82.51
C PRO T 68 4.69 -6.16 -81.09
N GLN T 69 3.65 -6.58 -80.39
CA GLN T 69 3.74 -6.93 -78.99
C GLN T 69 4.56 -8.18 -78.73
N LEU T 70 4.38 -9.16 -79.60
CA LEU T 70 5.10 -10.42 -79.48
C LEU T 70 6.61 -10.29 -79.67
N LEU T 71 7.04 -9.48 -80.66
CA LEU T 71 8.46 -9.14 -80.97
C LEU T 71 9.12 -8.50 -79.78
N LEU T 72 8.35 -7.65 -79.10
CA LEU T 72 8.77 -6.90 -77.91
C LEU T 72 9.08 -7.81 -76.72
N ASP T 73 8.31 -8.89 -76.63
CA ASP T 73 8.50 -9.87 -75.57
C ASP T 73 9.62 -10.89 -75.83
N PHE T 74 9.98 -11.08 -77.11
CA PHE T 74 10.96 -12.11 -77.49
C PHE T 74 12.09 -11.57 -78.36
N SER U 1 -1.78 -40.46 2.76
CA SER U 1 -0.47 -40.39 2.04
C SER U 1 0.75 -40.58 2.98
N TYR U 2 1.93 -40.25 2.45
CA TYR U 2 3.21 -40.38 3.14
C TYR U 2 3.22 -39.91 4.62
N GLN U 3 2.82 -38.66 4.86
CA GLN U 3 2.82 -38.07 6.21
C GLN U 3 1.93 -38.78 7.22
N GLN U 4 0.71 -39.17 6.81
CA GLN U 4 -0.31 -39.76 7.73
C GLN U 4 0.04 -41.12 8.37
N ARG U 5 0.84 -41.91 7.66
CA ARG U 5 1.29 -43.20 8.14
C ARG U 5 2.33 -43.05 9.27
N LEU U 6 3.22 -42.05 9.13
CA LEU U 6 4.17 -41.63 10.17
C LEU U 6 3.44 -41.10 11.39
N LYS U 7 2.42 -40.29 11.15
CA LYS U 7 1.52 -39.82 12.21
C LYS U 7 0.88 -40.99 12.98
N ALA U 8 0.51 -42.08 12.29
CA ALA U 8 -0.18 -43.22 12.92
C ALA U 8 0.75 -44.06 13.80
N ALA U 9 1.97 -44.27 13.34
CA ALA U 9 2.98 -44.91 14.15
C ALA U 9 3.32 -44.01 15.37
N VAL U 10 3.36 -42.68 15.17
CA VAL U 10 3.45 -41.67 16.26
C VAL U 10 2.34 -41.93 17.31
N HIS U 11 1.09 -42.05 16.83
CA HIS U 11 -0.12 -42.30 17.66
C HIS U 11 0.07 -43.51 18.56
N TYR U 12 0.73 -44.52 18.01
CA TYR U 12 1.02 -45.72 18.75
C TYR U 12 1.85 -45.44 20.01
N THR U 13 3.07 -44.87 19.85
CA THR U 13 4.00 -44.67 21.00
C THR U 13 3.42 -43.73 22.04
N VAL U 14 2.69 -42.72 21.56
CA VAL U 14 1.94 -41.82 22.44
C VAL U 14 0.97 -42.61 23.33
N GLY U 15 0.24 -43.56 22.75
CA GLY U 15 -0.69 -44.38 23.52
C GLY U 15 0.04 -45.09 24.65
N CYS U 16 1.25 -45.52 24.33
CA CYS U 16 2.08 -46.27 25.24
C CYS U 16 2.66 -45.42 26.35
N LEU U 17 3.31 -44.32 25.99
CA LEU U 17 3.97 -43.51 27.01
C LEU U 17 2.95 -42.71 27.86
N CYS U 18 1.76 -42.46 27.30
CA CYS U 18 0.63 -41.93 28.09
C CYS U 18 0.11 -42.95 29.10
N GLU U 19 0.26 -44.23 28.75
CA GLU U 19 -0.04 -45.29 29.69
C GLU U 19 0.92 -45.31 30.87
N GLU U 20 2.18 -44.96 30.63
CA GLU U 20 3.17 -44.78 31.72
C GLU U 20 2.75 -43.71 32.74
N VAL U 21 2.13 -42.64 32.25
CA VAL U 21 1.59 -41.58 33.09
C VAL U 21 0.30 -42.00 33.79
N ALA U 22 -0.54 -42.73 33.06
CA ALA U 22 -1.74 -43.32 33.63
C ALA U 22 -1.32 -44.25 34.77
N LEU U 23 -0.23 -45.01 34.52
CA LEU U 23 0.45 -45.90 35.51
C LEU U 23 0.72 -45.15 36.83
N ASP U 24 1.37 -43.99 36.67
CA ASP U 24 1.89 -43.17 37.77
C ASP U 24 0.80 -42.61 38.73
N LYS U 25 -0.39 -42.33 38.18
CA LYS U 25 -1.44 -41.63 38.92
C LYS U 25 -2.70 -42.42 39.33
N ALA U 26 -2.84 -43.65 38.86
CA ALA U 26 -4.10 -44.39 39.00
C ALA U 26 -5.33 -43.54 38.59
N MET U 27 -5.14 -42.77 37.52
CA MET U 27 -6.18 -41.94 36.85
C MET U 27 -6.13 -42.08 35.30
N GLN U 28 -7.33 -42.22 34.69
CA GLN U 28 -7.52 -42.71 33.29
C GLN U 28 -7.56 -41.64 32.22
N PHE U 29 -7.14 -42.02 31.02
CA PHE U 29 -7.05 -41.12 29.86
C PHE U 29 -8.15 -41.36 28.86
N SER U 30 -8.74 -40.28 28.34
CA SER U 30 -9.57 -40.43 27.17
C SER U 30 -8.62 -40.71 26.03
N LYS U 31 -9.00 -41.68 25.17
CA LYS U 31 -8.25 -42.02 23.96
C LYS U 31 -8.09 -40.81 23.07
N GLN U 32 -9.00 -39.86 23.32
CA GLN U 32 -9.11 -38.61 22.57
C GLN U 32 -8.05 -37.55 23.04
N THR U 33 -7.76 -37.54 24.34
CA THR U 33 -6.68 -36.74 24.91
C THR U 33 -5.37 -37.27 24.29
N ILE U 34 -5.26 -38.60 24.22
CA ILE U 34 -4.21 -39.28 23.46
C ILE U 34 -4.08 -38.72 22.03
N ALA U 35 -5.15 -38.80 21.24
CA ALA U 35 -5.18 -38.28 19.87
C ALA U 35 -4.73 -36.81 19.80
N ALA U 36 -5.25 -35.97 20.69
CA ALA U 36 -4.86 -34.56 20.74
C ALA U 36 -3.33 -34.39 20.83
N ILE U 37 -2.68 -35.08 21.77
CA ILE U 37 -1.22 -35.00 21.91
C ILE U 37 -0.45 -35.48 20.67
N SER U 38 -0.98 -36.46 19.95
CA SER U 38 -0.33 -36.99 18.75
C SER U 38 -0.26 -35.97 17.60
N GLU U 39 -1.42 -35.39 17.29
CA GLU U 39 -1.52 -34.40 16.25
C GLU U 39 -0.65 -33.25 16.62
N LEU U 40 -0.70 -32.88 17.89
CA LEU U 40 0.06 -31.74 18.40
C LEU U 40 1.53 -32.03 18.27
N THR U 41 1.91 -33.27 18.57
CA THR U 41 3.27 -33.73 18.42
C THR U 41 3.69 -33.46 16.98
N PHE U 42 2.89 -33.93 16.02
CA PHE U 42 3.19 -33.72 14.59
C PHE U 42 3.40 -32.26 14.19
N ARG U 43 2.48 -31.39 14.60
CA ARG U 43 2.58 -29.99 14.23
C ARG U 43 3.71 -29.30 14.99
N GLN U 44 4.07 -29.84 16.15
CA GLN U 44 5.20 -29.32 16.90
C GLN U 44 6.53 -29.65 16.24
N CYS U 45 6.59 -30.83 15.63
CA CYS U 45 7.75 -31.26 14.84
C CYS U 45 8.02 -30.30 13.69
N GLU U 46 6.93 -29.77 13.14
CA GLU U 46 6.94 -28.75 12.09
C GLU U 46 7.73 -27.53 12.54
N ASN U 47 7.37 -26.99 13.70
CA ASN U 47 8.07 -25.87 14.28
C ASN U 47 9.48 -26.21 14.77
N PHE U 48 9.67 -27.38 15.40
CA PHE U 48 11.00 -27.84 15.77
C PHE U 48 11.91 -27.94 14.57
N ALA U 49 11.37 -28.56 13.52
CA ALA U 49 12.07 -28.73 12.24
C ALA U 49 12.43 -27.43 11.52
N LYS U 50 11.42 -26.56 11.31
CA LYS U 50 11.62 -25.21 10.72
C LYS U 50 12.76 -24.43 11.39
N ASP U 51 12.78 -24.48 12.73
CA ASP U 51 13.76 -23.77 13.54
C ASP U 51 15.15 -24.37 13.45
N LEU U 52 15.23 -25.70 13.42
CA LEU U 52 16.52 -26.37 13.30
C LEU U 52 17.19 -26.22 11.92
N GLU U 53 16.38 -26.10 10.86
CA GLU U 53 16.89 -25.70 9.54
C GLU U 53 17.57 -24.29 9.52
N MET U 54 16.90 -23.25 10.05
CA MET U 54 17.41 -21.83 10.14
C MET U 54 18.69 -21.65 10.96
N PHE U 55 18.80 -22.47 12.00
CA PHE U 55 20.03 -22.68 12.79
C PHE U 55 21.18 -23.15 11.91
N ALA U 56 20.98 -24.27 11.21
CA ALA U 56 22.00 -25.04 10.46
C ALA U 56 22.53 -24.38 9.17
N ARG U 57 21.65 -23.74 8.40
CA ARG U 57 22.02 -22.93 7.21
C ARG U 57 22.83 -21.70 7.65
N HIS U 58 22.46 -21.14 8.78
CA HIS U 58 23.19 -19.98 9.32
C HIS U 58 24.50 -20.28 10.15
N ALA U 59 24.84 -21.57 10.37
CA ALA U 59 26.15 -22.03 10.98
C ALA U 59 27.14 -22.71 9.99
N LYS U 60 26.83 -22.63 8.69
CA LYS U 60 27.56 -23.27 7.57
C LYS U 60 28.02 -24.70 7.86
N ARG U 61 27.04 -25.50 8.23
CA ARG U 61 27.14 -26.94 8.20
C ARG U 61 25.76 -27.51 7.75
N THR U 62 25.77 -28.68 7.09
CA THR U 62 24.52 -29.40 6.67
C THR U 62 24.10 -30.58 7.60
N THR U 63 24.93 -30.98 8.57
CA THR U 63 24.49 -31.84 9.68
C THR U 63 24.43 -31.12 11.04
N ILE U 64 23.23 -31.09 11.60
CA ILE U 64 22.92 -30.52 12.93
C ILE U 64 23.72 -31.23 14.05
N ASN U 65 24.22 -30.46 15.02
CA ASN U 65 24.77 -31.04 16.28
C ASN U 65 24.00 -30.60 17.56
N THR U 66 24.46 -31.04 18.75
CA THR U 66 23.73 -30.87 20.03
C THR U 66 23.45 -29.43 20.39
N GLU U 67 24.31 -28.53 19.93
CA GLU U 67 24.24 -27.13 20.34
C GLU U 67 22.99 -26.42 19.80
N ASP U 68 22.66 -26.65 18.53
CA ASP U 68 21.43 -26.13 17.92
C ASP U 68 20.23 -26.60 18.68
N VAL U 69 20.25 -27.89 18.97
CA VAL U 69 19.19 -28.53 19.71
C VAL U 69 18.95 -27.89 21.10
N LYS U 70 20.04 -27.67 21.86
CA LYS U 70 19.89 -27.13 23.21
C LYS U 70 19.56 -25.65 23.21
N LEU U 71 19.83 -24.97 22.10
CA LEU U 71 19.27 -23.64 21.81
C LEU U 71 17.76 -23.72 21.58
N LEU U 72 17.31 -24.83 21.00
CA LEU U 72 15.87 -25.09 20.77
C LEU U 72 15.12 -25.48 22.07
N ALA U 73 15.87 -25.85 23.11
CA ALA U 73 15.32 -26.27 24.42
C ALA U 73 15.34 -25.14 25.49
N ARG U 74 15.27 -23.90 25.01
CA ARG U 74 15.48 -22.67 25.82
C ARG U 74 14.36 -22.23 26.79
N ARG U 75 13.13 -22.73 26.59
CA ARG U 75 11.89 -22.04 27.07
C ARG U 75 11.54 -22.10 28.57
N SER U 76 11.31 -23.29 29.12
CA SER U 76 11.23 -23.42 30.57
C SER U 76 12.61 -23.85 31.09
N ASN U 77 12.96 -23.44 32.30
CA ASN U 77 14.30 -23.77 32.80
C ASN U 77 14.56 -25.22 33.21
N SER U 78 13.53 -25.93 33.70
CA SER U 78 13.63 -27.38 34.02
C SER U 78 14.01 -28.22 32.79
N LEU U 79 13.48 -27.79 31.63
CA LEU U 79 13.80 -28.33 30.30
C LEU U 79 15.29 -28.27 29.97
N LEU U 80 15.85 -27.05 29.99
CA LEU U 80 17.20 -26.74 29.57
C LEU U 80 18.26 -27.54 30.33
N LYS U 81 18.19 -27.50 31.66
CA LYS U 81 19.05 -28.30 32.56
C LYS U 81 18.90 -29.80 32.33
N TYR U 82 17.66 -30.25 32.23
CA TYR U 82 17.40 -31.67 32.16
C TYR U 82 18.01 -32.27 30.90
N ILE U 83 17.86 -31.54 29.80
CA ILE U 83 18.40 -31.94 28.51
C ILE U 83 19.93 -32.04 28.53
N THR U 84 20.60 -31.04 29.10
CA THR U 84 22.06 -31.04 29.18
C THR U 84 22.61 -32.27 29.89
N ASP U 85 22.02 -32.61 31.03
CA ASP U 85 22.35 -33.81 31.79
C ASP U 85 22.47 -35.04 30.87
N LYS U 86 21.37 -35.27 30.16
CA LYS U 86 21.17 -36.47 29.36
C LYS U 86 22.07 -36.50 28.12
N SER U 87 22.49 -35.32 27.65
CA SER U 87 23.45 -35.19 26.54
C SER U 87 24.85 -35.79 26.82
N GLU U 88 25.35 -35.64 28.05
CA GLU U 88 26.69 -36.19 28.42
C GLU U 88 26.67 -37.71 28.65
N GLU U 89 25.51 -38.22 29.09
CA GLU U 89 25.23 -39.66 29.27
C GLU U 89 25.29 -40.49 27.95
N ILE U 90 24.55 -40.05 26.91
CA ILE U 90 24.57 -40.71 25.60
C ILE U 90 25.85 -40.42 24.80
N ALA U 91 26.54 -39.32 25.13
CA ALA U 91 27.92 -39.11 24.67
C ALA U 91 28.82 -40.26 25.15
N GLN U 92 28.52 -40.81 26.34
CA GLN U 92 29.15 -42.03 26.83
C GLN U 92 28.74 -43.29 26.06
N ALA U 93 27.52 -43.30 25.53
CA ALA U 93 27.10 -44.38 24.62
C ALA U 93 27.97 -44.40 23.34
N ASN U 94 28.41 -43.23 22.88
CA ASN U 94 29.33 -43.21 21.73
C ASN U 94 30.84 -43.27 22.06
N LEU U 95 31.19 -43.04 23.33
CA LEU U 95 32.52 -43.41 23.89
C LEU U 95 32.74 -44.93 23.82
N GLU U 96 31.65 -45.68 24.05
CA GLU U 96 31.55 -47.15 23.84
C GLU U 96 32.05 -47.49 22.45
N ARG U 97 31.61 -46.67 21.48
CA ARG U 97 32.06 -46.74 20.07
C ARG U 97 33.59 -46.84 20.01
N LYS U 98 34.25 -45.97 20.78
CA LYS U 98 35.73 -46.00 20.93
C LYS U 98 36.33 -47.22 21.66
N ALA U 99 35.64 -47.74 22.69
CA ALA U 99 36.06 -48.95 23.42
C ALA U 99 35.97 -50.19 22.53
N GLN U 100 34.92 -50.26 21.72
CA GLN U 100 34.71 -51.47 20.94
C GLN U 100 35.43 -51.50 19.60
N LYS U 101 35.60 -50.35 18.96
CA LYS U 101 36.54 -50.16 17.84
C LYS U 101 37.95 -50.52 18.35
N LYS U 102 38.65 -51.47 17.70
CA LYS U 102 39.89 -52.02 18.28
C LYS U 102 41.01 -50.98 18.32
N LYS U 103 41.57 -50.80 19.51
CA LYS U 103 42.60 -49.82 19.73
C LYS U 103 43.87 -50.57 20.06
N LYS U 104 44.87 -50.36 19.22
CA LYS U 104 45.95 -51.31 19.07
C LYS U 104 47.04 -51.24 20.15
N SER U 105 47.19 -50.10 20.84
CA SER U 105 48.18 -50.03 21.93
C SER U 105 47.62 -50.60 23.22
N SER V 1 4.02 -2.77 41.49
CA SER V 1 5.48 -2.76 41.11
C SER V 1 5.67 -2.19 39.70
N TYR V 2 6.91 -1.84 39.34
CA TYR V 2 7.24 -1.26 38.02
C TYR V 2 6.93 -2.18 36.81
N GLN V 3 7.11 -3.50 36.94
CA GLN V 3 6.72 -4.42 35.86
C GLN V 3 5.21 -4.61 35.73
N GLN V 4 4.49 -4.59 36.84
CA GLN V 4 3.01 -4.68 36.83
C GLN V 4 2.38 -3.46 36.12
N ARG V 5 3.10 -2.33 36.20
CA ARG V 5 2.76 -1.10 35.48
C ARG V 5 2.87 -1.28 33.98
N LEU V 6 3.90 -2.03 33.53
CA LEU V 6 4.13 -2.33 32.11
C LEU V 6 3.09 -3.27 31.53
N LYS V 7 2.64 -4.23 32.34
CA LYS V 7 1.52 -5.13 32.00
C LYS V 7 0.27 -4.28 31.74
N ALA V 8 0.02 -3.35 32.66
CA ALA V 8 -1.07 -2.40 32.58
C ALA V 8 -0.90 -1.35 31.44
N ALA V 9 0.32 -0.95 31.14
CA ALA V 9 0.54 -0.07 30.00
C ALA V 9 0.39 -0.85 28.68
N VAL V 10 0.76 -2.14 28.71
CA VAL V 10 0.45 -3.06 27.61
C VAL V 10 -1.06 -3.13 27.48
N HIS V 11 -1.76 -3.27 28.62
CA HIS V 11 -3.23 -3.23 28.63
C HIS V 11 -3.85 -1.96 28.03
N TYR V 12 -3.27 -0.80 28.35
CA TYR V 12 -3.81 0.52 27.99
C TYR V 12 -3.93 0.67 26.44
N THR V 13 -2.85 0.34 25.73
CA THR V 13 -2.92 0.30 24.24
C THR V 13 -3.57 -0.98 23.69
N VAL V 14 -3.48 -2.12 24.39
CA VAL V 14 -4.34 -3.29 24.06
C VAL V 14 -5.86 -3.02 24.23
N GLY V 15 -6.22 -2.14 25.17
CA GLY V 15 -7.56 -1.55 25.30
C GLY V 15 -8.02 -0.80 24.04
N CYS V 16 -7.17 0.07 23.49
CA CYS V 16 -7.45 0.76 22.18
C CYS V 16 -7.47 -0.08 20.83
N LEU V 17 -6.57 -1.06 20.60
CA LEU V 17 -6.41 -1.83 19.28
C LEU V 17 -7.48 -2.88 18.95
N CYS V 18 -8.00 -3.51 19.98
CA CYS V 18 -9.11 -4.44 19.85
C CYS V 18 -10.45 -3.68 19.59
N GLU V 19 -10.49 -2.37 19.87
CA GLU V 19 -11.66 -1.57 19.49
C GLU V 19 -11.75 -1.20 18.00
N GLU V 20 -10.61 -1.04 17.30
CA GLU V 20 -10.60 -0.94 15.83
C GLU V 20 -11.32 -2.16 15.22
N VAL V 21 -11.09 -3.34 15.82
CA VAL V 21 -11.76 -4.62 15.47
C VAL V 21 -13.25 -4.56 15.76
N ALA V 22 -13.61 -3.90 16.87
CA ALA V 22 -15.02 -3.69 17.23
C ALA V 22 -15.76 -2.77 16.23
N LEU V 23 -15.05 -1.78 15.66
CA LEU V 23 -15.60 -0.91 14.58
C LEU V 23 -15.77 -1.71 13.28
N ASP V 24 -14.75 -2.53 12.99
CA ASP V 24 -14.54 -3.27 11.74
C ASP V 24 -15.58 -4.40 11.48
N LYS V 25 -15.74 -5.31 12.44
CA LYS V 25 -16.54 -6.53 12.26
C LYS V 25 -17.97 -6.43 12.79
N ALA V 26 -18.20 -5.44 13.65
CA ALA V 26 -19.35 -5.47 14.55
C ALA V 26 -19.32 -6.71 15.50
N MET V 27 -18.13 -7.05 16.01
CA MET V 27 -18.00 -7.88 17.24
C MET V 27 -17.05 -7.26 18.29
N GLN V 28 -17.62 -6.85 19.43
CA GLN V 28 -16.86 -6.30 20.57
C GLN V 28 -16.55 -7.44 21.57
N PHE V 29 -15.66 -7.16 22.54
CA PHE V 29 -15.28 -8.16 23.54
C PHE V 29 -15.63 -7.75 24.97
N SER V 30 -15.69 -8.76 25.85
CA SER V 30 -15.71 -8.55 27.29
C SER V 30 -14.41 -7.88 27.73
N LYS V 31 -14.47 -7.10 28.81
CA LYS V 31 -13.24 -6.48 29.30
C LYS V 31 -12.25 -7.53 29.89
N GLN V 32 -12.75 -8.73 30.25
CA GLN V 32 -11.91 -9.93 30.59
C GLN V 32 -10.98 -10.45 29.47
N THR V 33 -11.43 -10.37 28.19
CA THR V 33 -10.59 -10.64 26.99
C THR V 33 -9.45 -9.61 26.84
N ILE V 34 -9.79 -8.33 27.00
CA ILE V 34 -8.81 -7.24 26.97
C ILE V 34 -7.70 -7.48 28.00
N ALA V 35 -8.06 -7.81 29.25
CA ALA V 35 -7.10 -8.12 30.33
C ALA V 35 -6.21 -9.34 30.07
N ALA V 36 -6.79 -10.42 29.53
CA ALA V 36 -6.03 -11.64 29.24
C ALA V 36 -5.01 -11.53 28.07
N ILE V 37 -5.29 -10.67 27.07
CA ILE V 37 -4.33 -10.41 25.93
C ILE V 37 -3.13 -9.57 26.37
N SER V 38 -3.35 -8.66 27.34
CA SER V 38 -2.32 -7.77 27.89
C SER V 38 -1.29 -8.51 28.75
N GLU V 39 -1.83 -9.39 29.60
CA GLU V 39 -1.08 -10.37 30.39
C GLU V 39 -0.22 -11.24 29.46
N LEU V 40 -0.86 -11.79 28.42
CA LEU V 40 -0.22 -12.58 27.35
C LEU V 40 0.91 -11.83 26.65
N THR V 41 0.68 -10.56 26.30
CA THR V 41 1.68 -9.76 25.61
C THR V 41 2.93 -9.58 26.47
N PHE V 42 2.75 -9.19 27.73
CA PHE V 42 3.87 -9.10 28.66
C PHE V 42 4.61 -10.42 28.92
N ARG V 43 3.86 -11.48 29.23
CA ARG V 43 4.43 -12.81 29.44
C ARG V 43 5.25 -13.22 28.23
N GLN V 44 4.71 -12.98 27.05
CA GLN V 44 5.32 -13.34 25.77
C GLN V 44 6.59 -12.53 25.48
N CYS V 45 6.65 -11.31 26.00
CA CYS V 45 7.77 -10.42 25.74
C CYS V 45 9.01 -10.88 26.47
N GLU V 46 8.79 -11.66 27.52
CA GLU V 46 9.86 -12.35 28.20
C GLU V 46 10.60 -13.32 27.24
N ASN V 47 9.87 -14.22 26.58
CA ASN V 47 10.47 -15.07 25.57
C ASN V 47 11.06 -14.33 24.37
N PHE V 48 10.43 -13.23 23.95
CA PHE V 48 10.98 -12.49 22.82
C PHE V 48 12.27 -11.75 23.12
N ALA V 49 12.38 -11.21 24.34
CA ALA V 49 13.63 -10.59 24.84
C ALA V 49 14.76 -11.61 24.95
N LYS V 50 14.50 -12.71 25.65
CA LYS V 50 15.38 -13.89 25.65
C LYS V 50 15.73 -14.39 24.23
N ASP V 51 14.71 -14.54 23.37
CA ASP V 51 14.90 -14.96 21.97
C ASP V 51 15.75 -14.02 21.18
N LEU V 52 15.43 -12.74 21.23
CA LEU V 52 16.23 -11.77 20.52
C LEU V 52 17.67 -11.71 21.04
N GLU V 53 17.84 -11.86 22.36
CA GLU V 53 19.17 -11.98 22.98
C GLU V 53 20.01 -13.13 22.42
N MET V 54 19.43 -14.34 22.36
CA MET V 54 20.00 -15.53 21.69
C MET V 54 20.49 -15.31 20.26
N PHE V 55 19.71 -14.55 19.49
CA PHE V 55 20.01 -14.27 18.08
C PHE V 55 21.16 -13.27 17.93
N ALA V 56 21.09 -12.17 18.71
CA ALA V 56 22.05 -11.05 18.69
C ALA V 56 23.37 -11.42 19.33
N ARG V 57 23.30 -12.23 20.39
CA ARG V 57 24.46 -12.87 20.97
C ARG V 57 25.11 -13.87 20.02
N HIS V 58 24.30 -14.56 19.20
CA HIS V 58 24.81 -15.48 18.15
C HIS V 58 25.38 -14.79 16.90
N ALA V 59 24.90 -13.57 16.60
CA ALA V 59 25.46 -12.77 15.53
C ALA V 59 26.63 -11.90 16.04
N LYS V 60 26.95 -12.04 17.33
CA LYS V 60 28.06 -11.35 18.01
C LYS V 60 28.28 -9.80 17.79
N ARG V 61 27.19 -9.04 17.76
CA ARG V 61 27.26 -7.61 18.14
C ARG V 61 26.31 -7.45 19.34
N THR V 62 26.34 -6.29 20.01
CA THR V 62 25.46 -6.06 21.20
C THR V 62 24.13 -5.26 20.95
N THR V 63 23.93 -4.75 19.73
CA THR V 63 22.63 -4.22 19.32
C THR V 63 21.95 -5.12 18.31
N ILE V 64 20.68 -5.33 18.57
CA ILE V 64 19.80 -6.07 17.68
C ILE V 64 19.45 -5.18 16.46
N ASN V 65 19.55 -5.74 15.25
CA ASN V 65 19.11 -5.06 14.01
C ASN V 65 17.88 -5.72 13.39
N THR V 66 17.46 -5.20 12.24
CA THR V 66 16.29 -5.70 11.53
C THR V 66 16.28 -7.21 11.21
N GLU V 67 17.46 -7.82 11.03
CA GLU V 67 17.59 -9.25 10.65
C GLU V 67 16.99 -10.19 11.66
N ASP V 68 17.46 -10.01 12.89
CA ASP V 68 17.10 -10.83 14.03
C ASP V 68 15.60 -10.67 14.27
N VAL V 69 15.15 -9.42 14.12
CA VAL V 69 13.75 -9.00 14.29
C VAL V 69 12.78 -9.73 13.35
N LYS V 70 13.00 -9.61 12.03
CA LYS V 70 12.10 -10.22 11.07
C LYS V 70 12.13 -11.74 11.17
N LEU V 71 13.23 -12.27 11.74
CA LEU V 71 13.34 -13.70 11.99
C LEU V 71 12.49 -14.19 13.16
N LEU V 72 12.09 -13.27 14.06
CA LEU V 72 11.21 -13.62 15.22
C LEU V 72 9.69 -13.68 14.92
N ALA V 73 9.30 -13.20 13.74
CA ALA V 73 7.94 -13.35 13.25
C ALA V 73 7.84 -14.53 12.24
N ARG V 74 8.56 -15.63 12.52
CA ARG V 74 8.87 -16.71 11.54
C ARG V 74 7.79 -17.76 11.26
N ARG V 75 6.92 -17.97 12.24
CA ARG V 75 6.11 -19.18 12.28
C ARG V 75 4.96 -19.23 11.25
N SER V 76 4.11 -18.21 11.19
CA SER V 76 3.10 -18.15 10.14
C SER V 76 3.62 -17.36 8.92
N ASN V 77 3.43 -17.90 7.72
CA ASN V 77 4.00 -17.27 6.51
C ASN V 77 3.19 -16.08 5.97
N SER V 78 1.90 -16.02 6.32
CA SER V 78 1.07 -14.80 6.15
C SER V 78 1.66 -13.62 6.95
N LEU V 79 2.07 -13.90 8.19
CA LEU V 79 2.81 -13.00 9.06
C LEU V 79 4.12 -12.51 8.41
N LEU V 80 4.93 -13.47 7.95
CA LEU V 80 6.26 -13.23 7.35
C LEU V 80 6.28 -12.38 6.06
N LYS V 81 5.42 -12.69 5.07
CA LYS V 81 5.29 -11.87 3.82
C LYS V 81 4.86 -10.44 4.16
N TYR V 82 3.87 -10.34 5.05
CA TYR V 82 3.43 -9.09 5.63
C TYR V 82 4.58 -8.31 6.32
N ILE V 83 5.39 -8.99 7.13
CA ILE V 83 6.50 -8.37 7.92
C ILE V 83 7.60 -7.70 7.08
N THR V 84 8.03 -8.39 6.03
CA THR V 84 9.07 -7.90 5.12
C THR V 84 8.64 -6.61 4.40
N ASP V 85 7.35 -6.54 4.03
CA ASP V 85 6.75 -5.37 3.36
C ASP V 85 6.99 -4.06 4.13
N LYS V 86 6.74 -4.10 5.43
CA LYS V 86 6.80 -2.91 6.25
C LYS V 86 8.22 -2.46 6.60
N SER V 87 9.16 -3.39 6.45
CA SER V 87 10.60 -3.11 6.67
C SER V 87 11.20 -2.21 5.59
N GLU V 88 10.75 -2.43 4.36
CA GLU V 88 11.07 -1.59 3.19
C GLU V 88 10.80 -0.09 3.42
N GLU V 89 9.63 0.21 4.01
CA GLU V 89 9.09 1.55 4.35
C GLU V 89 9.84 2.26 5.52
N ILE V 90 10.15 1.51 6.59
CA ILE V 90 10.90 2.01 7.75
C ILE V 90 12.36 2.22 7.40
N ALA V 91 12.88 1.47 6.43
CA ALA V 91 14.25 1.66 5.91
C ALA V 91 14.38 2.90 5.01
N GLN V 92 13.28 3.32 4.38
CA GLN V 92 13.24 4.59 3.62
C GLN V 92 13.34 5.83 4.54
N ALA V 93 13.23 5.59 5.87
CA ALA V 93 13.59 6.56 6.92
C ALA V 93 15.09 6.51 7.24
N SER W 1 -12.76 -35.09 46.81
CA SER W 1 -13.19 -35.77 48.07
C SER W 1 -12.61 -37.17 48.14
N TYR W 2 -12.60 -37.77 49.34
CA TYR W 2 -11.84 -39.01 49.62
C TYR W 2 -12.16 -40.11 48.64
N GLN W 3 -13.42 -40.49 48.73
CA GLN W 3 -14.05 -41.56 48.01
C GLN W 3 -13.92 -41.32 46.54
N GLN W 4 -14.15 -40.10 46.10
CA GLN W 4 -14.17 -39.81 44.69
C GLN W 4 -12.81 -39.91 44.04
N ARG W 5 -11.78 -39.38 44.68
CA ARG W 5 -10.47 -39.46 44.02
C ARG W 5 -9.99 -40.90 44.14
N LEU W 6 -10.26 -41.52 45.28
CA LEU W 6 -9.83 -42.88 45.45
C LEU W 6 -10.65 -43.84 44.58
N LYS W 7 -11.94 -43.56 44.38
CA LYS W 7 -12.74 -44.31 43.36
C LYS W 7 -12.17 -44.14 41.93
N ALA W 8 -11.64 -42.96 41.59
CA ALA W 8 -11.08 -42.70 40.23
C ALA W 8 -9.78 -43.49 40.00
N ALA W 9 -8.96 -43.56 41.05
CA ALA W 9 -7.84 -44.46 41.07
C ALA W 9 -8.24 -45.96 41.00
N VAL W 10 -9.28 -46.38 41.74
CA VAL W 10 -9.83 -47.78 41.68
C VAL W 10 -10.42 -48.09 40.30
N HIS W 11 -11.17 -47.13 39.74
CA HIS W 11 -11.75 -47.18 38.38
C HIS W 11 -10.66 -47.36 37.33
N TYR W 12 -9.52 -46.69 37.52
CA TYR W 12 -8.36 -46.89 36.64
C TYR W 12 -7.87 -48.35 36.68
N THR W 13 -7.69 -48.88 37.89
CA THR W 13 -7.28 -50.28 38.16
C THR W 13 -8.28 -51.26 37.55
N VAL W 14 -9.56 -51.00 37.82
CA VAL W 14 -10.60 -51.83 37.28
C VAL W 14 -10.59 -51.73 35.75
N GLY W 15 -10.42 -50.53 35.20
CA GLY W 15 -10.24 -50.30 33.75
C GLY W 15 -9.12 -51.12 33.15
N CYS W 16 -8.00 -51.19 33.86
CA CYS W 16 -6.87 -52.05 33.51
C CYS W 16 -7.22 -53.54 33.49
N LEU W 17 -7.94 -53.99 34.52
CA LEU W 17 -8.30 -55.42 34.65
C LEU W 17 -9.25 -55.88 33.56
N CYS W 18 -10.19 -54.99 33.21
CA CYS W 18 -11.15 -55.22 32.13
C CYS W 18 -10.44 -55.25 30.79
N GLU W 19 -9.48 -54.35 30.60
CA GLU W 19 -8.66 -54.39 29.40
C GLU W 19 -7.87 -55.70 29.27
N GLU W 20 -7.32 -56.19 30.39
CA GLU W 20 -6.71 -57.53 30.43
C GLU W 20 -7.67 -58.62 29.94
N VAL W 21 -8.87 -58.67 30.49
CA VAL W 21 -9.86 -59.68 30.05
C VAL W 21 -10.36 -59.46 28.58
N ALA W 22 -10.51 -58.19 28.17
CA ALA W 22 -10.84 -57.83 26.78
C ALA W 22 -9.80 -58.32 25.77
N LEU W 23 -8.53 -58.17 26.12
CA LEU W 23 -7.38 -58.67 25.34
C LEU W 23 -7.48 -60.18 25.06
N ASP W 24 -7.97 -60.95 26.04
CA ASP W 24 -7.96 -62.43 26.01
C ASP W 24 -8.87 -62.98 24.93
N LYS W 25 -10.09 -62.46 24.88
CA LYS W 25 -11.02 -62.98 23.93
C LYS W 25 -11.21 -62.05 22.74
N ALA W 26 -10.52 -60.90 22.73
CA ALA W 26 -10.83 -59.75 21.83
C ALA W 26 -12.33 -59.42 21.82
N MET W 27 -12.87 -59.32 23.04
CA MET W 27 -14.27 -58.93 23.36
C MET W 27 -14.19 -57.87 24.45
N GLN W 28 -14.63 -56.69 24.07
CA GLN W 28 -14.28 -55.46 24.76
C GLN W 28 -15.41 -55.01 25.70
N PHE W 29 -15.05 -54.16 26.66
CA PHE W 29 -15.97 -53.71 27.73
C PHE W 29 -16.51 -52.30 27.52
N SER W 30 -17.80 -52.13 27.76
CA SER W 30 -18.41 -50.82 27.66
C SER W 30 -17.91 -49.93 28.77
N LYS W 31 -18.03 -48.63 28.51
CA LYS W 31 -17.73 -47.53 29.42
C LYS W 31 -18.43 -47.74 30.76
N GLN W 32 -19.70 -48.12 30.62
CA GLN W 32 -20.63 -48.30 31.72
C GLN W 32 -20.31 -49.56 32.57
N THR W 33 -19.90 -50.65 31.89
CA THR W 33 -19.42 -51.90 32.52
C THR W 33 -18.25 -51.61 33.46
N ILE W 34 -17.22 -50.96 32.93
CA ILE W 34 -16.02 -50.59 33.69
C ILE W 34 -16.41 -49.81 34.95
N ALA W 35 -17.24 -48.79 34.74
CA ALA W 35 -17.68 -47.90 35.81
C ALA W 35 -18.45 -48.65 36.89
N ALA W 36 -19.38 -49.50 36.48
CA ALA W 36 -20.22 -50.25 37.41
C ALA W 36 -19.38 -51.22 38.25
N ILE W 37 -18.42 -51.91 37.62
CA ILE W 37 -17.51 -52.78 38.36
C ILE W 37 -16.64 -51.98 39.34
N SER W 38 -16.17 -50.79 38.94
CA SER W 38 -15.33 -49.93 39.82
C SER W 38 -16.03 -49.52 41.09
N GLU W 39 -17.27 -49.07 40.92
CA GLU W 39 -18.08 -48.76 42.06
C GLU W 39 -18.44 -50.00 42.89
N LEU W 40 -18.76 -51.13 42.24
CA LEU W 40 -19.07 -52.40 42.96
C LEU W 40 -17.89 -52.88 43.83
N THR W 41 -16.69 -52.77 43.28
CA THR W 41 -15.51 -53.21 44.01
C THR W 41 -15.16 -52.25 45.16
N PHE W 42 -15.32 -50.94 44.93
CA PHE W 42 -15.24 -49.94 46.01
C PHE W 42 -16.23 -50.27 47.16
N ARG W 43 -17.49 -50.54 46.84
CA ARG W 43 -18.47 -50.87 47.90
C ARG W 43 -18.24 -52.27 48.48
N GLN W 44 -17.65 -53.17 47.68
CA GLN W 44 -17.21 -54.48 48.17
C GLN W 44 -16.18 -54.35 49.27
N CYS W 45 -15.29 -53.38 49.13
CA CYS W 45 -14.32 -53.13 50.20
C CYS W 45 -14.94 -52.62 51.52
N GLU W 46 -16.19 -52.12 51.48
CA GLU W 46 -16.92 -51.77 52.72
C GLU W 46 -17.28 -53.05 53.51
N ASN W 47 -17.77 -54.06 52.79
CA ASN W 47 -17.96 -55.41 53.37
C ASN W 47 -16.66 -56.03 53.91
N PHE W 48 -15.56 -55.95 53.14
CA PHE W 48 -14.23 -56.37 53.62
C PHE W 48 -13.80 -55.66 54.92
N ALA W 49 -13.83 -54.32 54.93
CA ALA W 49 -13.43 -53.48 56.08
C ALA W 49 -14.17 -53.82 57.38
N LYS W 50 -15.49 -53.71 57.37
CA LYS W 50 -16.31 -54.01 58.53
C LYS W 50 -16.10 -55.43 59.03
N ASP W 51 -16.13 -56.41 58.11
CA ASP W 51 -16.00 -57.84 58.45
C ASP W 51 -14.64 -58.15 59.08
N LEU W 52 -13.57 -57.67 58.45
CA LEU W 52 -12.19 -57.86 58.95
C LEU W 52 -12.04 -57.33 60.37
N GLU W 53 -12.59 -56.13 60.60
CA GLU W 53 -12.61 -55.49 61.92
C GLU W 53 -13.43 -56.32 62.94
N MET W 54 -14.62 -56.81 62.55
CA MET W 54 -15.42 -57.67 63.43
C MET W 54 -14.76 -58.99 63.76
N PHE W 55 -14.05 -59.56 62.79
CA PHE W 55 -13.41 -60.83 63.04
C PHE W 55 -12.11 -60.72 63.80
N ALA W 56 -11.37 -59.64 63.58
CA ALA W 56 -10.20 -59.32 64.40
C ALA W 56 -10.64 -59.10 65.85
N ARG W 57 -11.58 -58.18 66.05
CA ARG W 57 -12.23 -57.90 67.35
C ARG W 57 -12.86 -59.15 67.98
N HIS W 58 -13.43 -59.97 67.10
CA HIS W 58 -14.10 -61.22 67.43
C HIS W 58 -13.13 -62.33 67.95
N ALA W 59 -11.85 -62.24 67.57
CA ALA W 59 -10.80 -63.15 68.10
C ALA W 59 -9.86 -62.41 69.06
N LYS W 60 -10.37 -61.34 69.67
CA LYS W 60 -9.62 -60.41 70.55
C LYS W 60 -8.20 -59.91 70.08
N ARG W 61 -8.10 -59.53 68.80
CA ARG W 61 -6.95 -58.76 68.30
C ARG W 61 -7.44 -57.49 67.65
N THR W 62 -6.57 -56.52 67.52
CA THR W 62 -6.89 -55.46 66.60
C THR W 62 -6.16 -55.67 65.26
N THR W 63 -5.03 -56.38 65.22
CA THR W 63 -4.25 -56.48 63.95
C THR W 63 -4.56 -57.72 63.11
N ILE W 64 -5.06 -57.47 61.89
CA ILE W 64 -5.65 -58.50 60.99
C ILE W 64 -4.54 -59.39 60.37
N ASN W 65 -4.65 -60.74 60.52
CA ASN W 65 -3.64 -61.73 59.99
C ASN W 65 -4.12 -62.52 58.75
N THR W 66 -3.27 -63.44 58.26
CA THR W 66 -3.58 -64.28 57.08
C THR W 66 -4.86 -65.12 57.24
N GLU W 67 -5.12 -65.51 58.47
CA GLU W 67 -6.27 -66.34 58.81
C GLU W 67 -7.57 -65.61 58.60
N ASP W 68 -7.63 -64.36 59.04
CA ASP W 68 -8.79 -63.49 58.77
C ASP W 68 -9.11 -63.39 57.25
N VAL W 69 -8.08 -63.17 56.42
CA VAL W 69 -8.22 -63.05 54.94
C VAL W 69 -8.86 -64.30 54.38
N LYS W 70 -8.25 -65.43 54.73
CA LYS W 70 -8.67 -66.70 54.22
C LYS W 70 -10.04 -67.07 54.76
N LEU W 71 -10.33 -66.66 56.00
CA LEU W 71 -11.67 -66.77 56.60
C LEU W 71 -12.68 -66.05 55.72
N LEU W 72 -12.35 -64.82 55.35
CA LEU W 72 -13.27 -63.95 54.60
C LEU W 72 -13.54 -64.47 53.19
N ALA W 73 -12.50 -64.99 52.55
CA ALA W 73 -12.61 -65.45 51.17
C ALA W 73 -12.89 -66.97 51.06
N ARG W 74 -13.44 -67.57 52.12
CA ARG W 74 -13.74 -69.04 52.20
C ARG W 74 -14.77 -69.51 51.15
N ARG W 75 -15.32 -68.51 50.46
CA ARG W 75 -16.63 -68.55 49.80
C ARG W 75 -16.74 -69.43 48.53
N SER W 76 -15.92 -69.15 47.51
CA SER W 76 -15.87 -70.04 46.34
C SER W 76 -14.68 -70.97 46.47
N ASN W 77 -14.98 -72.27 46.29
CA ASN W 77 -14.06 -73.35 46.64
C ASN W 77 -12.77 -73.39 45.78
N SER W 78 -12.89 -73.17 44.47
CA SER W 78 -11.75 -72.98 43.54
C SER W 78 -10.85 -71.83 44.00
N LEU W 79 -11.47 -70.81 44.58
CA LEU W 79 -10.74 -69.65 45.07
C LEU W 79 -9.95 -69.92 46.35
N LEU W 80 -10.56 -70.60 47.33
CA LEU W 80 -9.87 -70.89 48.61
C LEU W 80 -8.69 -71.82 48.36
N LYS W 81 -8.92 -72.85 47.53
CA LYS W 81 -7.88 -73.65 46.88
C LYS W 81 -6.74 -72.79 46.30
N TYR W 82 -7.06 -71.89 45.37
CA TYR W 82 -6.00 -71.13 44.66
C TYR W 82 -5.39 -70.02 45.52
N ILE W 83 -6.17 -69.47 46.43
CA ILE W 83 -5.63 -68.45 47.30
C ILE W 83 -4.71 -69.02 48.39
N THR W 84 -5.04 -70.21 48.93
CA THR W 84 -4.09 -70.98 49.78
C THR W 84 -2.72 -71.22 49.10
N ASP W 85 -2.72 -71.50 47.78
CA ASP W 85 -1.49 -71.63 46.95
C ASP W 85 -0.63 -70.38 46.93
N LYS W 86 -1.29 -69.25 46.71
CA LYS W 86 -0.58 -68.00 46.65
C LYS W 86 -0.06 -67.52 48.01
N SER W 87 -0.68 -68.00 49.10
CA SER W 87 -0.21 -67.79 50.50
C SER W 87 1.09 -68.55 50.84
N GLU W 88 1.34 -69.64 50.14
CA GLU W 88 2.63 -70.33 50.16
C GLU W 88 3.76 -69.48 49.51
N GLU W 89 3.46 -68.90 48.35
CA GLU W 89 4.38 -67.99 47.64
C GLU W 89 4.64 -66.72 48.45
N ILE W 90 3.59 -66.26 49.13
CA ILE W 90 3.65 -65.19 50.13
C ILE W 90 4.47 -65.58 51.41
N ALA W 91 4.28 -66.81 51.94
CA ALA W 91 5.05 -67.34 53.09
C ALA W 91 6.54 -67.49 52.76
N GLN W 92 6.86 -67.56 51.48
CA GLN W 92 8.25 -67.50 51.01
C GLN W 92 8.84 -66.08 50.94
N ALA W 93 8.03 -65.08 50.56
CA ALA W 93 8.50 -63.69 50.34
C ALA W 93 8.68 -62.89 51.64
N SER X 1 26.56 -40.15 -16.04
CA SER X 1 28.05 -40.16 -16.12
C SER X 1 28.71 -39.35 -14.98
N TYR X 2 30.03 -39.46 -14.86
CA TYR X 2 30.75 -38.87 -13.73
C TYR X 2 30.73 -37.33 -13.76
N GLN X 3 30.80 -36.77 -14.96
CA GLN X 3 30.68 -35.32 -15.18
C GLN X 3 29.28 -34.80 -14.79
N GLN X 4 28.26 -35.61 -15.02
CA GLN X 4 26.91 -35.22 -14.66
C GLN X 4 26.70 -35.22 -13.13
N ARG X 5 27.36 -36.13 -12.42
CA ARG X 5 27.44 -36.10 -10.95
C ARG X 5 28.05 -34.76 -10.48
N LEU X 6 29.21 -34.40 -11.03
CA LEU X 6 29.85 -33.14 -10.68
C LEU X 6 29.03 -31.89 -11.11
N LYS X 7 28.31 -31.94 -12.24
CA LYS X 7 27.39 -30.84 -12.66
C LYS X 7 26.25 -30.62 -11.65
N ALA X 8 25.77 -31.73 -11.10
CA ALA X 8 24.76 -31.71 -10.04
C ALA X 8 25.31 -31.11 -8.73
N ALA X 9 26.55 -31.45 -8.37
CA ALA X 9 27.21 -30.85 -7.20
C ALA X 9 27.44 -29.34 -7.38
N VAL X 10 27.71 -28.95 -8.63
CA VAL X 10 27.84 -27.53 -8.99
C VAL X 10 26.53 -26.79 -8.84
N HIS X 11 25.41 -27.41 -9.22
CA HIS X 11 24.08 -26.80 -9.01
C HIS X 11 23.83 -26.44 -7.53
N TYR X 12 24.25 -27.34 -6.63
CA TYR X 12 24.18 -27.11 -5.18
C TYR X 12 24.84 -25.81 -4.75
N THR X 13 26.10 -25.61 -5.18
CA THR X 13 26.91 -24.44 -4.81
C THR X 13 26.30 -23.11 -5.35
N VAL X 14 25.90 -23.11 -6.63
CA VAL X 14 25.22 -21.95 -7.25
C VAL X 14 23.92 -21.64 -6.50
N GLY X 15 23.15 -22.68 -6.18
CA GLY X 15 21.97 -22.56 -5.34
C GLY X 15 22.20 -21.83 -4.02
N CYS X 16 23.27 -22.17 -3.30
CA CYS X 16 23.64 -21.52 -2.01
C CYS X 16 23.94 -20.05 -2.19
N LEU X 17 24.78 -19.77 -3.20
CA LEU X 17 25.12 -18.42 -3.61
C LEU X 17 23.88 -17.58 -3.91
N CYS X 18 23.03 -18.09 -4.79
CA CYS X 18 21.81 -17.40 -5.20
C CYS X 18 20.80 -17.26 -4.03
N GLU X 19 20.74 -18.27 -3.14
CA GLU X 19 19.94 -18.19 -1.90
C GLU X 19 20.31 -16.97 -1.06
N GLU X 20 21.60 -16.82 -0.80
CA GLU X 20 22.09 -15.67 -0.03
C GLU X 20 21.79 -14.34 -0.71
N VAL X 21 22.04 -14.26 -2.03
CA VAL X 21 21.72 -13.06 -2.84
C VAL X 21 20.21 -12.77 -2.85
N ALA X 22 19.38 -13.82 -2.99
CA ALA X 22 17.91 -13.64 -2.97
C ALA X 22 17.43 -12.98 -1.66
N LEU X 23 18.08 -13.27 -0.54
CA LEU X 23 17.62 -12.64 0.69
C LEU X 23 18.15 -11.21 0.83
N ASP X 24 19.26 -10.92 0.16
CA ASP X 24 19.83 -9.57 0.05
C ASP X 24 18.94 -8.57 -0.74
N LYS X 25 18.42 -9.00 -1.90
CA LYS X 25 17.60 -8.13 -2.79
C LYS X 25 16.09 -8.14 -2.46
N ALA X 26 15.68 -9.02 -1.54
CA ALA X 26 14.27 -9.23 -1.17
C ALA X 26 13.39 -9.56 -2.39
N MET X 27 13.94 -10.35 -3.29
CA MET X 27 13.25 -10.86 -4.45
C MET X 27 13.91 -12.21 -4.78
N GLN X 28 13.06 -13.24 -4.91
CA GLN X 28 13.46 -14.64 -5.14
C GLN X 28 14.13 -14.88 -6.52
N PHE X 29 14.97 -15.90 -6.61
CA PHE X 29 15.62 -16.21 -7.89
C PHE X 29 14.86 -17.31 -8.63
N SER X 30 14.57 -17.14 -9.93
CA SER X 30 13.76 -18.14 -10.64
C SER X 30 14.48 -19.48 -10.77
N LYS X 31 13.68 -20.53 -10.96
CA LYS X 31 14.14 -21.89 -11.20
C LYS X 31 15.14 -21.90 -12.35
N GLN X 32 14.77 -21.22 -13.44
CA GLN X 32 15.56 -21.15 -14.69
C GLN X 32 16.90 -20.47 -14.48
N THR X 33 16.87 -19.39 -13.72
CA THR X 33 18.04 -18.59 -13.40
C THR X 33 19.10 -19.40 -12.69
N ILE X 34 18.72 -20.08 -11.61
CA ILE X 34 19.68 -20.93 -10.87
C ILE X 34 20.28 -21.99 -11.79
N ALA X 35 19.42 -22.68 -12.56
CA ALA X 35 19.83 -23.70 -13.55
C ALA X 35 20.75 -23.13 -14.63
N ALA X 36 20.38 -21.97 -15.16
CA ALA X 36 21.15 -21.33 -16.23
C ALA X 36 22.53 -20.88 -15.75
N ILE X 37 22.61 -20.31 -14.53
CA ILE X 37 23.92 -19.93 -13.97
C ILE X 37 24.78 -21.18 -13.69
N SER X 38 24.16 -22.26 -13.21
CA SER X 38 24.89 -23.54 -13.05
C SER X 38 25.51 -24.01 -14.39
N GLU X 39 24.71 -24.00 -15.45
CA GLU X 39 25.22 -24.43 -16.75
C GLU X 39 26.21 -23.40 -17.34
N LEU X 40 25.94 -22.11 -17.08
CA LEU X 40 26.80 -20.98 -17.48
C LEU X 40 28.19 -21.20 -16.93
N THR X 41 28.22 -21.53 -15.64
CA THR X 41 29.46 -21.67 -14.88
C THR X 41 30.24 -22.88 -15.38
N PHE X 42 29.54 -23.98 -15.66
CA PHE X 42 30.25 -25.15 -16.17
C PHE X 42 30.81 -24.87 -17.57
N ARG X 43 30.06 -24.16 -18.41
CA ARG X 43 30.52 -23.76 -19.75
C ARG X 43 31.76 -22.87 -19.66
N GLN X 44 31.67 -21.88 -18.77
CA GLN X 44 32.75 -20.95 -18.56
C GLN X 44 34.08 -21.63 -18.20
N CYS X 45 33.96 -22.71 -17.45
CA CYS X 45 35.10 -23.46 -16.94
C CYS X 45 35.94 -24.08 -18.08
N GLU X 46 35.33 -24.29 -19.25
CA GLU X 46 36.10 -24.84 -20.38
C GLU X 46 37.12 -23.81 -20.83
N ASN X 47 36.66 -22.58 -20.97
CA ASN X 47 37.55 -21.53 -21.37
C ASN X 47 38.57 -21.17 -20.30
N PHE X 48 38.16 -21.18 -19.02
CA PHE X 48 39.14 -21.09 -17.91
C PHE X 48 40.28 -22.11 -17.97
N ALA X 49 39.92 -23.40 -18.04
CA ALA X 49 40.90 -24.50 -18.01
C ALA X 49 41.91 -24.48 -19.16
N LYS X 50 41.42 -24.32 -20.40
CA LYS X 50 42.29 -24.27 -21.59
C LYS X 50 43.24 -23.06 -21.57
N ASP X 51 42.75 -21.89 -21.18
CA ASP X 51 43.61 -20.70 -21.11
C ASP X 51 44.66 -20.87 -20.01
N LEU X 52 44.21 -21.39 -18.86
CA LEU X 52 45.12 -21.76 -17.78
C LEU X 52 46.25 -22.68 -18.27
N GLU X 53 45.91 -23.69 -19.08
CA GLU X 53 46.92 -24.59 -19.63
C GLU X 53 47.92 -23.87 -20.56
N MET X 54 47.38 -23.00 -21.42
CA MET X 54 48.17 -22.22 -22.36
C MET X 54 49.17 -21.33 -21.62
N PHE X 55 48.67 -20.69 -20.56
CA PHE X 55 49.51 -19.89 -19.63
C PHE X 55 50.60 -20.73 -18.87
N ALA X 56 50.24 -21.91 -18.31
CA ALA X 56 51.17 -22.75 -17.53
C ALA X 56 52.31 -23.22 -18.41
N ARG X 57 51.97 -23.79 -19.55
CA ARG X 57 52.98 -24.30 -20.44
C ARG X 57 53.77 -23.17 -21.11
N HIS X 58 53.12 -22.01 -21.33
CA HIS X 58 53.83 -20.80 -21.80
C HIS X 58 54.87 -20.28 -20.79
N ALA X 59 54.57 -20.43 -19.49
CA ALA X 59 55.43 -19.92 -18.42
C ALA X 59 56.32 -21.06 -17.88
N LYS X 60 56.47 -22.10 -18.70
CA LYS X 60 57.48 -23.17 -18.49
C LYS X 60 57.24 -23.98 -17.19
N ARG X 61 55.96 -24.19 -16.84
CA ARG X 61 55.58 -24.89 -15.60
C ARG X 61 54.54 -25.99 -15.87
N THR X 62 54.59 -27.06 -15.08
CA THR X 62 53.61 -28.15 -15.17
C THR X 62 52.46 -27.90 -14.20
N THR X 63 52.75 -27.25 -13.08
CA THR X 63 51.72 -26.88 -12.12
C THR X 63 51.34 -25.38 -12.24
N ILE X 64 50.07 -25.13 -12.58
CA ILE X 64 49.48 -23.76 -12.59
C ILE X 64 49.48 -23.15 -11.18
N ASN X 65 50.04 -21.95 -11.05
CA ASN X 65 50.03 -21.27 -9.77
C ASN X 65 49.21 -20.00 -9.82
N THR X 66 49.33 -19.23 -8.75
CA THR X 66 48.63 -17.96 -8.58
C THR X 66 48.82 -16.92 -9.73
N GLU X 67 50.01 -16.89 -10.34
CA GLU X 67 50.28 -15.91 -11.42
C GLU X 67 49.42 -16.19 -12.67
N ASP X 68 49.30 -17.47 -13.00
CA ASP X 68 48.48 -17.86 -14.14
C ASP X 68 47.00 -17.59 -13.89
N VAL X 69 46.54 -17.85 -12.67
CA VAL X 69 45.16 -17.52 -12.24
C VAL X 69 44.84 -16.01 -12.40
N LYS X 70 45.74 -15.16 -11.88
CA LYS X 70 45.56 -13.69 -11.94
C LYS X 70 45.64 -13.17 -13.38
N LEU X 71 46.45 -13.85 -14.20
CA LEU X 71 46.54 -13.66 -15.65
C LEU X 71 45.15 -13.90 -16.25
N LEU X 72 44.52 -15.02 -15.87
CA LEU X 72 43.18 -15.38 -16.33
C LEU X 72 42.08 -14.34 -15.93
N ALA X 73 42.20 -13.74 -14.74
CA ALA X 73 41.22 -12.77 -14.21
C ALA X 73 41.45 -11.31 -14.65
N ARG X 74 42.25 -11.14 -15.69
CA ARG X 74 42.71 -9.83 -16.18
C ARG X 74 41.62 -8.82 -16.61
N ARG X 75 40.43 -9.31 -16.90
CA ARG X 75 39.56 -8.63 -17.86
C ARG X 75 38.74 -7.40 -17.39
N SER X 76 38.04 -7.51 -16.25
CA SER X 76 37.38 -6.32 -15.66
C SER X 76 38.10 -5.86 -14.40
N ASN X 77 38.29 -4.56 -14.27
CA ASN X 77 39.14 -4.06 -13.19
C ASN X 77 38.56 -4.17 -11.80
N SER X 78 37.23 -4.10 -11.65
CA SER X 78 36.61 -4.35 -10.34
C SER X 78 36.85 -5.79 -9.89
N LEU X 79 36.95 -6.69 -10.85
CA LEU X 79 37.25 -8.11 -10.59
C LEU X 79 38.72 -8.33 -10.18
N LEU X 80 39.64 -7.59 -10.81
CA LEU X 80 41.08 -7.81 -10.62
C LEU X 80 41.61 -7.33 -9.24
N LYS X 81 41.11 -6.17 -8.80
CA LYS X 81 41.38 -5.61 -7.46
C LYS X 81 40.78 -6.48 -6.31
N TYR X 82 39.59 -7.05 -6.55
CA TYR X 82 38.93 -8.02 -5.66
C TYR X 82 39.85 -9.17 -5.32
N ILE X 83 40.39 -9.74 -6.37
CA ILE X 83 41.26 -10.89 -6.33
C ILE X 83 42.49 -10.60 -5.45
N THR X 84 43.22 -9.53 -5.72
CA THR X 84 44.44 -9.22 -4.99
C THR X 84 44.21 -8.93 -3.48
N ASP X 85 43.07 -8.33 -3.15
CA ASP X 85 42.68 -8.04 -1.76
C ASP X 85 42.56 -9.31 -0.96
N LYS X 86 41.69 -10.17 -1.45
CA LYS X 86 41.42 -11.42 -0.82
C LYS X 86 42.66 -12.29 -0.78
N SER X 87 43.55 -12.11 -1.76
CA SER X 87 44.84 -12.86 -1.86
C SER X 87 45.78 -12.58 -0.68
N GLU X 88 45.72 -11.36 -0.18
CA GLU X 88 46.49 -10.98 1.00
C GLU X 88 46.08 -11.78 2.27
N GLU X 89 44.76 -11.89 2.51
CA GLU X 89 44.20 -12.66 3.64
C GLU X 89 44.52 -14.16 3.55
N ILE X 90 44.40 -14.74 2.36
CA ILE X 90 44.78 -16.14 2.12
C ILE X 90 46.30 -16.33 2.27
N ALA X 91 47.07 -15.32 1.83
CA ALA X 91 48.54 -15.30 2.02
C ALA X 91 48.87 -15.14 3.49
N GLN X 92 48.02 -14.39 4.20
CA GLN X 92 48.07 -14.32 5.65
C GLN X 92 47.68 -15.67 6.25
N ALA X 93 46.70 -16.34 5.65
CA ALA X 93 46.29 -17.69 6.06
C ALA X 93 47.41 -18.72 5.82
N ASN X 94 48.25 -18.46 4.82
CA ASN X 94 49.46 -19.25 4.59
C ASN X 94 50.55 -19.07 5.64
N LEU X 95 50.68 -17.83 6.15
CA LEU X 95 51.46 -17.56 7.36
C LEU X 95 51.08 -18.54 8.47
N GLU X 96 49.78 -18.87 8.56
CA GLU X 96 49.26 -19.94 9.46
C GLU X 96 49.78 -21.36 9.11
N ARG X 97 50.00 -21.62 7.81
CA ARG X 97 50.56 -22.89 7.32
C ARG X 97 52.01 -23.09 7.78
N LYS X 98 52.81 -22.03 7.62
CA LYS X 98 54.19 -21.97 8.14
C LYS X 98 54.21 -22.20 9.67
N ALA X 99 53.18 -21.66 10.36
CA ALA X 99 53.07 -21.63 11.83
C ALA X 99 52.67 -22.95 12.45
N GLN X 100 51.99 -23.80 11.68
CA GLN X 100 51.57 -25.07 12.24
C GLN X 100 52.72 -26.08 12.42
N LYS X 101 53.73 -26.01 11.55
CA LYS X 101 54.99 -26.73 11.82
C LYS X 101 55.85 -26.05 12.90
N LYS X 102 56.28 -26.82 13.91
CA LYS X 102 57.07 -26.34 15.06
C LYS X 102 58.48 -25.89 14.68
N LYS X 103 59.01 -24.91 15.41
CA LYS X 103 60.28 -24.24 15.04
C LYS X 103 61.45 -24.45 16.05
N LYS X 104 62.66 -24.70 15.52
CA LYS X 104 63.81 -25.39 16.18
C LYS X 104 64.33 -25.00 17.59
N SER X 105 64.74 -23.75 17.78
CA SER X 105 65.48 -23.42 18.99
C SER X 105 64.57 -22.95 20.11
N SER Y 1 31.06 -16.57 1.75
CA SER Y 1 30.29 -17.48 0.85
C SER Y 1 30.92 -17.53 -0.57
N GLY Y 2 31.68 -18.58 -0.85
CA GLY Y 2 32.29 -18.86 -2.17
C GLY Y 2 32.26 -20.34 -2.57
N PHE Y 3 32.77 -20.67 -3.76
CA PHE Y 3 32.75 -22.07 -4.23
C PHE Y 3 33.60 -22.94 -3.29
N ARG Y 4 33.19 -24.21 -3.14
CA ARG Y 4 33.94 -25.13 -2.28
C ARG Y 4 35.16 -25.60 -3.06
N LYS Y 5 36.28 -25.77 -2.35
CA LYS Y 5 37.58 -26.04 -2.96
C LYS Y 5 37.64 -27.33 -3.76
N GLU Y 6 37.06 -28.40 -3.23
CA GLU Y 6 36.98 -29.70 -3.92
C GLU Y 6 36.31 -29.56 -5.27
N LEU Y 7 35.19 -28.84 -5.29
CA LEU Y 7 34.41 -28.70 -6.51
C LEU Y 7 35.22 -28.01 -7.59
N VAL Y 8 35.73 -26.82 -7.27
CA VAL Y 8 36.54 -26.02 -8.19
C VAL Y 8 37.71 -26.83 -8.74
N SER Y 9 38.41 -27.55 -7.86
CA SER Y 9 39.58 -28.32 -8.31
C SER Y 9 39.24 -29.43 -9.29
N ARG Y 10 38.16 -30.18 -9.05
CA ARG Y 10 37.83 -31.31 -9.95
C ARG Y 10 37.32 -30.81 -11.28
N LEU Y 11 36.59 -29.70 -11.25
CA LEU Y 11 36.11 -29.07 -12.47
C LEU Y 11 37.27 -28.56 -13.34
N LEU Y 12 38.33 -28.02 -12.72
CA LEU Y 12 39.54 -27.57 -13.44
C LEU Y 12 40.30 -28.75 -14.05
N HIS Y 13 40.47 -29.80 -13.25
CA HIS Y 13 41.20 -30.98 -13.70
C HIS Y 13 40.47 -31.71 -14.82
N LEU Y 14 39.17 -31.45 -14.93
CA LEU Y 14 38.40 -31.84 -16.11
C LEU Y 14 38.94 -31.34 -17.45
N HIS Y 15 39.67 -30.21 -17.46
CA HIS Y 15 40.09 -29.62 -18.74
C HIS Y 15 41.57 -29.40 -19.01
N PHE Y 16 42.43 -29.82 -18.07
CA PHE Y 16 43.87 -29.82 -18.30
C PHE Y 16 44.20 -30.76 -19.45
N LYS Y 17 45.00 -30.28 -20.40
CA LYS Y 17 45.47 -31.15 -21.46
C LYS Y 17 46.58 -32.00 -20.86
N ASP Y 18 47.43 -31.38 -20.05
CA ASP Y 18 48.34 -32.14 -19.24
C ASP Y 18 47.77 -32.26 -17.82
N ASP Y 19 47.43 -33.49 -17.44
CA ASP Y 19 46.95 -33.80 -16.07
C ASP Y 19 48.03 -33.69 -15.00
N LYS Y 20 49.29 -33.56 -15.45
CA LYS Y 20 50.42 -33.25 -14.55
C LYS Y 20 50.19 -31.87 -13.86
N THR Y 21 49.42 -31.01 -14.55
CA THR Y 21 48.97 -29.71 -14.04
C THR Y 21 48.22 -29.89 -12.72
N LYS Y 22 48.59 -29.11 -11.71
CA LYS Y 22 47.88 -29.09 -10.45
C LYS Y 22 47.18 -27.77 -10.30
N VAL Y 23 46.48 -27.59 -9.21
CA VAL Y 23 46.06 -26.26 -8.84
C VAL Y 23 46.65 -25.97 -7.45
N SER Y 24 47.48 -24.91 -7.32
CA SER Y 24 48.11 -24.57 -6.02
C SER Y 24 47.05 -24.11 -4.99
N GLY Y 25 47.32 -24.28 -3.69
CA GLY Y 25 46.34 -23.94 -2.63
C GLY Y 25 45.83 -22.50 -2.69
N ASP Y 26 46.78 -21.58 -2.82
CA ASP Y 26 46.43 -20.18 -3.01
C ASP Y 26 45.76 -19.87 -4.34
N ALA Y 27 46.19 -20.50 -5.44
CA ALA Y 27 45.51 -20.35 -6.73
C ALA Y 27 44.07 -20.86 -6.65
N LEU Y 28 43.86 -21.98 -5.95
CA LEU Y 28 42.52 -22.53 -5.71
C LEU Y 28 41.65 -21.53 -4.96
N GLN Y 29 42.22 -20.88 -3.95
CA GLN Y 29 41.49 -19.88 -3.18
CA GLN Y 29 41.47 -19.88 -3.19
C GLN Y 29 41.16 -18.64 -4.02
N LEU Y 30 42.09 -18.24 -4.88
CA LEU Y 30 41.84 -17.15 -5.84
C LEU Y 30 40.67 -17.50 -6.73
N MET Y 31 40.60 -18.76 -7.17
CA MET Y 31 39.54 -19.15 -8.09
C MET Y 31 38.17 -19.28 -7.43
N VAL Y 32 38.15 -19.68 -6.15
CA VAL Y 32 36.98 -19.59 -5.28
C VAL Y 32 36.38 -18.16 -5.32
N GLU Y 33 37.23 -17.16 -5.10
CA GLU Y 33 36.88 -15.73 -5.13
C GLU Y 33 36.44 -15.29 -6.54
N LEU Y 34 37.18 -15.75 -7.54
CA LEU Y 34 36.97 -15.38 -8.95
C LEU Y 34 35.66 -15.91 -9.51
N LEU Y 35 35.33 -17.17 -9.20
CA LEU Y 35 34.06 -17.69 -9.68
C LEU Y 35 32.87 -17.02 -8.99
N LYS Y 36 33.01 -16.66 -7.70
CA LYS Y 36 31.99 -15.81 -7.00
C LYS Y 36 31.72 -14.49 -7.73
N VAL Y 37 32.78 -13.74 -8.03
CA VAL Y 37 32.66 -12.42 -8.69
C VAL Y 37 32.08 -12.55 -10.12
N PHE Y 38 32.49 -13.59 -10.84
CA PHE Y 38 31.94 -13.91 -12.14
C PHE Y 38 30.43 -14.14 -12.09
N VAL Y 39 29.97 -15.01 -11.18
CA VAL Y 39 28.55 -15.35 -11.05
C VAL Y 39 27.77 -14.14 -10.53
N VAL Y 40 28.32 -13.44 -9.53
CA VAL Y 40 27.71 -12.21 -8.98
C VAL Y 40 27.57 -11.17 -10.09
N GLU Y 41 28.61 -11.02 -10.91
CA GLU Y 41 28.54 -10.16 -12.08
C GLU Y 41 27.41 -10.52 -13.05
N ALA Y 42 27.31 -11.80 -13.42
CA ALA Y 42 26.24 -12.29 -14.31
C ALA Y 42 24.82 -12.00 -13.75
N ALA Y 43 24.58 -12.35 -12.47
CA ALA Y 43 23.30 -12.12 -11.81
C ALA Y 43 23.04 -10.61 -11.65
N VAL Y 44 24.02 -9.87 -11.16
CA VAL Y 44 23.92 -8.41 -11.01
C VAL Y 44 23.61 -7.72 -12.34
N ARG Y 45 24.38 -8.07 -13.38
CA ARG Y 45 24.17 -7.52 -14.73
C ARG Y 45 22.77 -7.83 -15.27
N GLY Y 46 22.37 -9.09 -15.19
CA GLY Y 46 21.02 -9.51 -15.59
C GLY Y 46 19.88 -8.76 -14.91
N VAL Y 47 19.99 -8.56 -13.60
CA VAL Y 47 18.99 -7.85 -12.79
C VAL Y 47 18.87 -6.41 -13.26
N ARG Y 48 20.02 -5.75 -13.44
CA ARG Y 48 20.03 -4.37 -13.92
C ARG Y 48 19.36 -4.26 -15.30
N GLN Y 49 19.62 -5.23 -16.19
CA GLN Y 49 19.03 -5.20 -17.53
C GLN Y 49 17.51 -5.38 -17.49
N ALA Y 50 17.05 -6.32 -16.67
CA ALA Y 50 15.61 -6.56 -16.54
C ALA Y 50 14.91 -5.33 -16.01
N GLN Y 51 15.45 -4.78 -14.95
CA GLN Y 51 14.90 -3.59 -14.38
C GLN Y 51 15.03 -2.38 -15.33
N ALA Y 52 16.12 -2.32 -16.12
CA ALA Y 52 16.30 -1.23 -17.11
C ALA Y 52 15.22 -1.23 -18.20
N GLU Y 53 14.82 -2.41 -18.67
CA GLU Y 53 13.71 -2.51 -19.65
C GLU Y 53 12.36 -2.80 -18.97
N ASP Y 54 12.37 -2.69 -17.65
CA ASP Y 54 11.15 -2.62 -16.83
C ASP Y 54 10.32 -3.90 -16.83
N ALA Y 55 10.93 -5.00 -16.43
CA ALA Y 55 10.23 -6.28 -16.36
C ALA Y 55 10.06 -6.72 -14.90
N LEU Y 56 8.92 -7.36 -14.56
CA LEU Y 56 8.73 -8.07 -13.26
C LEU Y 56 9.59 -9.33 -13.22
N ARG Y 57 9.98 -9.80 -14.39
CA ARG Y 57 10.81 -10.97 -14.54
C ARG Y 57 12.16 -10.66 -15.19
N VAL Y 58 13.24 -11.06 -14.53
CA VAL Y 58 14.56 -11.12 -15.18
C VAL Y 58 14.47 -12.37 -16.03
N ASP Y 59 14.45 -12.17 -17.34
CA ASP Y 59 14.29 -13.26 -18.26
C ASP Y 59 15.63 -13.61 -18.90
N VAL Y 60 15.66 -14.76 -19.55
CA VAL Y 60 16.85 -15.20 -20.24
C VAL Y 60 17.25 -14.17 -21.31
N ASP Y 61 16.25 -13.55 -21.93
CA ASP Y 61 16.47 -12.47 -22.88
C ASP Y 61 17.35 -11.33 -22.31
N GLN Y 62 17.13 -10.95 -21.04
CA GLN Y 62 17.95 -9.91 -20.42
C GLN Y 62 19.37 -10.39 -20.13
N LEU Y 63 19.49 -11.62 -19.62
CA LEU Y 63 20.83 -12.20 -19.43
C LEU Y 63 21.59 -12.23 -20.77
N GLU Y 64 20.95 -12.73 -21.83
CA GLU Y 64 21.48 -12.64 -23.20
C GLU Y 64 21.85 -11.18 -23.66
N LYS Y 65 21.18 -10.17 -23.13
CA LYS Y 65 21.53 -8.77 -23.48
C LYS Y 65 22.83 -8.31 -22.80
N VAL Y 66 23.13 -8.90 -21.66
CA VAL Y 66 24.38 -8.64 -20.94
C VAL Y 66 25.49 -9.64 -21.28
N LEU Y 67 25.18 -10.76 -21.97
CA LEU Y 67 26.17 -11.77 -22.44
C LEU Y 67 27.34 -11.19 -23.25
N PRO Y 68 27.06 -10.31 -24.27
CA PRO Y 68 28.15 -9.81 -25.10
C PRO Y 68 29.31 -9.27 -24.25
N GLN Y 69 28.98 -8.32 -23.39
CA GLN Y 69 29.94 -7.63 -22.53
C GLN Y 69 30.47 -8.51 -21.39
N LEU Y 70 29.64 -9.37 -20.83
CA LEU Y 70 30.06 -10.30 -19.78
C LEU Y 70 31.20 -11.14 -20.29
N LEU Y 71 31.04 -11.72 -21.47
CA LEU Y 71 32.07 -12.60 -22.01
C LEU Y 71 33.32 -11.86 -22.46
N LEU Y 72 33.14 -10.65 -23.01
CA LEU Y 72 34.28 -9.73 -23.27
C LEU Y 72 35.04 -9.40 -21.95
N ASP Y 73 34.31 -9.33 -20.83
CA ASP Y 73 34.88 -9.04 -19.49
C ASP Y 73 35.65 -10.22 -18.86
N PHE Y 74 35.42 -11.42 -19.36
CA PHE Y 74 35.95 -12.62 -18.71
C PHE Y 74 36.69 -13.56 -19.64
N SER Z 1 12.84 -45.83 28.57
CA SER Z 1 11.50 -46.03 27.96
C SER Z 1 11.06 -44.82 27.13
N GLY Z 2 11.09 -44.93 25.79
CA GLY Z 2 10.62 -43.86 24.91
C GLY Z 2 10.44 -44.14 23.42
N PHE Z 3 10.79 -43.16 22.58
CA PHE Z 3 10.57 -43.23 21.12
C PHE Z 3 11.63 -44.00 20.35
N ARG Z 4 11.20 -44.52 19.21
CA ARG Z 4 12.07 -45.14 18.23
C ARG Z 4 12.88 -44.07 17.48
N LYS Z 5 14.18 -44.35 17.27
CA LYS Z 5 15.15 -43.42 16.68
C LYS Z 5 14.77 -42.98 15.27
N GLU Z 6 14.51 -43.95 14.43
CA GLU Z 6 14.24 -43.66 13.04
C GLU Z 6 12.83 -43.07 12.86
N LEU Z 7 11.91 -43.39 13.77
CA LEU Z 7 10.60 -42.74 13.78
C LEU Z 7 10.74 -41.22 13.92
N VAL Z 8 11.42 -40.78 14.99
CA VAL Z 8 11.60 -39.34 15.29
C VAL Z 8 12.32 -38.65 14.11
N SER Z 9 13.31 -39.36 13.53
CA SER Z 9 14.07 -38.84 12.38
C SER Z 9 13.20 -38.56 11.18
N ARG Z 10 12.34 -39.53 10.85
CA ARG Z 10 11.50 -39.42 9.68
C ARG Z 10 10.54 -38.25 9.87
N LEU Z 11 10.01 -38.11 11.09
CA LEU Z 11 9.09 -37.02 11.44
C LEU Z 11 9.70 -35.65 11.12
N LEU Z 12 10.93 -35.46 11.56
CA LEU Z 12 11.55 -34.16 11.41
C LEU Z 12 12.01 -33.90 10.00
N HIS Z 13 12.48 -34.94 9.33
CA HIS Z 13 12.83 -34.80 7.91
C HIS Z 13 11.64 -34.52 6.99
N LEU Z 14 10.43 -34.81 7.49
CA LEU Z 14 9.19 -34.41 6.80
C LEU Z 14 9.01 -32.89 6.61
N HIS Z 15 9.62 -32.07 7.48
CA HIS Z 15 9.40 -30.59 7.46
C HIS Z 15 10.62 -29.70 7.10
N PHE Z 16 11.80 -30.31 6.89
CA PHE Z 16 13.02 -29.56 6.52
C PHE Z 16 12.82 -28.81 5.22
N LYS Z 17 13.12 -27.51 5.22
CA LYS Z 17 13.05 -26.74 3.97
C LYS Z 17 14.34 -26.96 3.14
N ASP Z 18 15.52 -26.84 3.76
CA ASP Z 18 16.71 -27.39 3.11
C ASP Z 18 16.91 -28.86 3.44
N ASP Z 19 16.86 -29.63 2.36
CA ASP Z 19 17.08 -31.05 2.36
C ASP Z 19 18.51 -31.42 2.66
N LYS Z 20 19.42 -30.45 2.55
CA LYS Z 20 20.80 -30.66 3.01
C LYS Z 20 20.90 -30.71 4.54
N THR Z 21 19.86 -30.29 5.27
CA THR Z 21 19.83 -30.49 6.73
C THR Z 21 19.93 -32.02 7.09
N LYS Z 22 20.88 -32.41 7.94
CA LYS Z 22 21.09 -33.82 8.35
C LYS Z 22 21.23 -33.74 9.88
N VAL Z 23 21.04 -34.84 10.62
CA VAL Z 23 21.03 -34.75 12.14
C VAL Z 23 22.07 -35.68 12.85
N SER Z 24 23.05 -35.13 13.60
CA SER Z 24 24.09 -35.94 14.30
C SER Z 24 23.48 -36.79 15.42
N GLY Z 25 24.23 -37.82 15.81
CA GLY Z 25 23.71 -38.85 16.72
C GLY Z 25 23.20 -38.35 18.06
N ASP Z 26 23.97 -37.45 18.67
CA ASP Z 26 23.64 -36.92 19.99
C ASP Z 26 22.38 -36.07 19.91
N ALA Z 27 22.21 -35.29 18.84
CA ALA Z 27 20.98 -34.52 18.58
C ALA Z 27 19.73 -35.42 18.54
N LEU Z 28 19.79 -36.48 17.74
CA LEU Z 28 18.72 -37.47 17.66
C LEU Z 28 18.34 -38.04 19.03
N GLN Z 29 19.36 -38.39 19.81
CA GLN Z 29 19.16 -39.00 21.11
CA GLN Z 29 19.17 -39.01 21.11
C GLN Z 29 18.45 -38.08 22.09
N LEU Z 30 18.85 -36.82 22.09
CA LEU Z 30 18.21 -35.87 22.97
C LEU Z 30 16.81 -35.56 22.49
N MET Z 31 16.56 -35.71 21.18
CA MET Z 31 15.20 -35.56 20.67
C MET Z 31 14.20 -36.61 21.14
N VAL Z 32 14.66 -37.84 21.25
CA VAL Z 32 13.88 -38.91 21.87
C VAL Z 32 13.46 -38.53 23.28
N GLU Z 33 14.40 -37.99 24.04
CA GLU Z 33 14.17 -37.51 25.41
C GLU Z 33 13.17 -36.34 25.49
N LEU Z 34 13.32 -35.40 24.55
CA LEU Z 34 12.47 -34.22 24.52
C LEU Z 34 11.06 -34.60 24.15
N LEU Z 35 10.87 -35.46 23.15
CA LEU Z 35 9.54 -35.89 22.77
C LEU Z 35 8.86 -36.66 23.89
N LYS Z 36 9.63 -37.52 24.56
CA LYS Z 36 9.20 -38.23 25.77
C LYS Z 36 8.64 -37.23 26.81
N VAL Z 37 9.48 -36.30 27.26
CA VAL Z 37 9.10 -35.42 28.37
C VAL Z 37 7.98 -34.44 27.94
N PHE Z 38 8.03 -34.04 26.68
CA PHE Z 38 6.99 -33.29 25.93
C PHE Z 38 5.60 -33.90 26.08
N VAL Z 39 5.48 -35.15 25.65
CA VAL Z 39 4.21 -35.81 25.64
C VAL Z 39 3.79 -36.19 27.06
N VAL Z 40 4.75 -36.62 27.88
CA VAL Z 40 4.49 -36.93 29.29
C VAL Z 40 4.00 -35.71 30.05
N GLU Z 41 4.56 -34.56 29.73
CA GLU Z 41 4.09 -33.37 30.35
C GLU Z 41 2.66 -33.03 29.92
N ALA Z 42 2.32 -33.27 28.65
CA ALA Z 42 0.92 -33.07 28.20
C ALA Z 42 -0.03 -33.95 29.03
N ALA Z 43 0.39 -35.19 29.23
CA ALA Z 43 -0.32 -36.13 30.04
C ALA Z 43 -0.37 -35.70 31.52
N VAL Z 44 0.77 -35.31 32.09
CA VAL Z 44 0.88 -34.84 33.49
C VAL Z 44 -0.03 -33.67 33.76
N ARG Z 45 0.01 -32.70 32.86
CA ARG Z 45 -0.80 -31.52 33.01
C ARG Z 45 -2.29 -31.88 32.91
N GLY Z 46 -2.65 -32.73 31.94
CA GLY Z 46 -4.01 -33.26 31.82
C GLY Z 46 -4.54 -33.89 33.10
N VAL Z 47 -3.71 -34.73 33.73
CA VAL Z 47 -4.07 -35.40 35.00
C VAL Z 47 -4.25 -34.41 36.15
N ARG Z 48 -3.36 -33.40 36.23
CA ARG Z 48 -3.47 -32.33 37.23
C ARG Z 48 -4.82 -31.68 37.12
N GLN Z 49 -5.20 -31.37 35.88
CA GLN Z 49 -6.48 -30.73 35.61
C GLN Z 49 -7.67 -31.63 35.97
N ALA Z 50 -7.67 -32.91 35.58
CA ALA Z 50 -8.78 -33.83 35.92
C ALA Z 50 -8.95 -33.94 37.42
N GLN Z 51 -7.85 -34.22 38.11
CA GLN Z 51 -7.81 -34.23 39.58
C GLN Z 51 -8.31 -32.92 40.17
N ALA Z 52 -7.80 -31.80 39.64
CA ALA Z 52 -8.07 -30.45 40.18
C ALA Z 52 -9.53 -30.06 40.09
N GLU Z 53 -10.17 -30.42 38.98
CA GLU Z 53 -11.61 -30.18 38.81
C GLU Z 53 -12.48 -31.40 39.21
N ASP Z 54 -11.80 -32.43 39.74
CA ASP Z 54 -12.46 -33.60 40.31
C ASP Z 54 -13.39 -34.30 39.26
N ALA Z 55 -12.83 -34.55 38.08
CA ALA Z 55 -13.47 -35.36 37.02
C ALA Z 55 -13.14 -36.86 37.20
N LEU Z 56 -14.06 -37.79 36.90
CA LEU Z 56 -13.83 -39.25 37.14
C LEU Z 56 -13.00 -39.98 36.06
N ARG Z 57 -12.65 -39.23 35.01
CA ARG Z 57 -11.69 -39.62 33.99
C ARG Z 57 -11.07 -38.35 33.39
N VAL Z 58 -9.96 -38.51 32.65
CA VAL Z 58 -9.29 -37.36 31.99
C VAL Z 58 -9.94 -37.02 30.60
N ASP Z 59 -10.78 -35.97 30.59
CA ASP Z 59 -11.59 -35.59 29.40
C ASP Z 59 -11.02 -34.40 28.60
N VAL Z 60 -11.49 -34.29 27.35
CA VAL Z 60 -11.26 -33.15 26.46
C VAL Z 60 -11.26 -31.72 27.12
N ASP Z 61 -12.22 -31.48 28.00
CA ASP Z 61 -12.42 -30.13 28.58
C ASP Z 61 -11.17 -29.72 29.40
N GLN Z 62 -10.69 -30.65 30.19
CA GLN Z 62 -9.52 -30.42 31.01
C GLN Z 62 -8.27 -30.28 30.15
N LEU Z 63 -8.13 -31.18 29.17
CA LEU Z 63 -7.04 -31.16 28.18
C LEU Z 63 -6.87 -29.75 27.59
N GLU Z 64 -7.97 -29.22 27.10
CA GLU Z 64 -7.96 -27.87 26.59
C GLU Z 64 -7.58 -26.88 27.66
N LYS Z 65 -7.96 -27.15 28.89
CA LYS Z 65 -7.58 -26.27 29.99
C LYS Z 65 -6.06 -26.30 30.23
N VAL Z 66 -5.40 -27.37 29.79
CA VAL Z 66 -3.95 -27.55 30.04
C VAL Z 66 -3.02 -27.18 28.89
N LEU Z 67 -3.59 -27.08 27.70
CA LEU Z 67 -2.81 -26.82 26.48
C LEU Z 67 -1.98 -25.53 26.51
N PRO Z 68 -2.56 -24.43 27.06
CA PRO Z 68 -1.91 -23.11 26.98
C PRO Z 68 -0.49 -23.12 27.53
N GLN Z 69 -0.34 -23.73 28.71
CA GLN Z 69 0.90 -23.69 29.47
C GLN Z 69 1.97 -24.60 28.88
N LEU Z 70 1.52 -25.71 28.31
CA LEU Z 70 2.38 -26.59 27.51
C LEU Z 70 3.18 -25.76 26.51
N LEU Z 71 2.47 -25.01 25.70
CA LEU Z 71 3.09 -24.26 24.64
C LEU Z 71 3.89 -23.04 25.08
N LEU Z 72 3.53 -22.44 26.22
CA LEU Z 72 4.37 -21.41 26.87
C LEU Z 72 5.72 -21.97 27.26
N ASP Z 73 5.74 -23.22 27.71
CA ASP Z 73 6.98 -23.84 28.13
C ASP Z 73 7.84 -24.35 26.97
N PHE Z 74 7.25 -24.41 25.77
CA PHE Z 74 7.96 -24.85 24.55
C PHE Z 74 7.86 -23.76 23.47
N SER AA 1 -1.83 5.60 14.55
CA SER AA 1 -2.62 4.74 15.49
C SER AA 1 -1.83 3.54 16.05
N GLY AA 2 -1.45 3.62 17.33
CA GLY AA 2 -0.86 2.49 18.01
C GLY AA 2 0.09 2.77 19.16
N PHE AA 3 0.93 1.77 19.44
CA PHE AA 3 1.79 1.71 20.62
C PHE AA 3 2.83 2.84 20.77
N ARG AA 4 2.94 3.28 22.03
CA ARG AA 4 3.94 4.22 22.52
C ARG AA 4 5.37 3.63 22.35
N LYS AA 5 6.26 4.40 21.75
CA LYS AA 5 7.54 3.84 21.33
C LYS AA 5 8.52 3.61 22.51
N GLU AA 6 8.45 4.52 23.47
CA GLU AA 6 9.26 4.40 24.70
C GLU AA 6 8.82 3.19 25.56
N LEU AA 7 7.51 2.89 25.55
CA LEU AA 7 6.96 1.71 26.21
C LEU AA 7 7.68 0.48 25.71
N VAL AA 8 7.67 0.30 24.39
CA VAL AA 8 8.28 -0.85 23.76
C VAL AA 8 9.75 -1.00 24.16
N SER AA 9 10.49 0.11 24.11
CA SER AA 9 11.92 0.12 24.49
C SER AA 9 12.15 -0.40 25.90
N ARG AA 10 11.39 0.16 26.83
CA ARG AA 10 11.64 -0.10 28.23
C ARG AA 10 11.21 -1.55 28.55
N LEU AA 11 10.18 -2.04 27.86
CA LEU AA 11 9.68 -3.38 28.11
C LEU AA 11 10.75 -4.38 27.81
N LEU AA 12 11.45 -4.14 26.70
CA LEU AA 12 12.51 -5.01 26.23
C LEU AA 12 13.70 -5.00 27.19
N HIS AA 13 14.09 -3.79 27.62
CA HIS AA 13 15.25 -3.61 28.49
C HIS AA 13 15.14 -4.30 29.85
N LEU AA 14 13.92 -4.47 30.32
CA LEU AA 14 13.71 -5.18 31.57
C LEU AA 14 14.16 -6.64 31.51
N HIS AA 15 14.14 -7.21 30.30
CA HIS AA 15 14.25 -8.65 30.08
C HIS AA 15 15.61 -9.09 29.50
N PHE AA 16 16.41 -8.12 29.04
CA PHE AA 16 17.80 -8.38 28.72
C PHE AA 16 18.54 -8.80 30.00
N LYS AA 17 19.33 -9.88 29.95
CA LYS AA 17 20.22 -10.32 31.07
C LYS AA 17 21.49 -9.43 31.11
N ASP AA 18 22.18 -9.35 29.97
CA ASP AA 18 23.18 -8.31 29.79
C ASP AA 18 22.53 -7.12 29.09
N ASP AA 19 22.33 -6.06 29.86
CA ASP AA 19 21.74 -4.83 29.32
C ASP AA 19 22.65 -4.12 28.31
N LYS AA 20 23.83 -4.68 27.99
CA LYS AA 20 24.70 -4.13 26.91
C LYS AA 20 24.00 -4.24 25.56
N THR AA 21 23.03 -5.16 25.51
CA THR AA 21 22.03 -5.22 24.45
C THR AA 21 21.37 -3.86 24.25
N LYS AA 22 21.43 -3.36 23.02
CA LYS AA 22 20.62 -2.22 22.61
C LYS AA 22 19.76 -2.67 21.41
N VAL AA 23 18.66 -1.96 21.13
CA VAL AA 23 17.80 -2.23 19.98
C VAL AA 23 17.84 -1.00 19.05
N SER AA 24 18.18 -1.23 17.78
CA SER AA 24 18.33 -0.15 16.79
C SER AA 24 17.00 0.61 16.57
N GLY AA 25 17.09 1.88 16.13
CA GLY AA 25 15.92 2.70 15.80
C GLY AA 25 14.97 1.99 14.83
N ASP AA 26 15.55 1.43 13.75
CA ASP AA 26 14.76 0.66 12.77
C ASP AA 26 14.16 -0.64 13.30
N ALA AA 27 14.92 -1.41 14.09
CA ALA AA 27 14.35 -2.58 14.81
C ALA AA 27 13.24 -2.21 15.82
N LEU AA 28 13.38 -1.08 16.54
CA LEU AA 28 12.27 -0.55 17.39
C LEU AA 28 11.00 -0.33 16.58
N GLN AA 29 11.16 0.27 15.40
CA GLN AA 29 10.00 0.58 14.57
CA GLN AA 29 10.03 0.57 14.53
C GLN AA 29 9.33 -0.72 14.12
N LEU AA 30 10.14 -1.72 13.75
CA LEU AA 30 9.61 -3.04 13.39
C LEU AA 30 8.91 -3.72 14.56
N MET AA 31 9.40 -3.48 15.76
CA MET AA 31 8.81 -4.00 16.98
C MET AA 31 7.43 -3.44 17.22
N VAL AA 32 7.23 -2.16 16.94
CA VAL AA 32 5.90 -1.59 17.11
C VAL AA 32 4.95 -2.24 16.14
N GLU AA 33 5.48 -2.56 14.96
CA GLU AA 33 4.74 -3.30 13.94
C GLU AA 33 4.42 -4.70 14.44
N LEU AA 34 5.41 -5.35 15.05
CA LEU AA 34 5.25 -6.70 15.60
C LEU AA 34 4.22 -6.76 16.74
N LEU AA 35 4.25 -5.75 17.61
CA LEU AA 35 3.34 -5.69 18.73
C LEU AA 35 1.93 -5.53 18.23
N LYS AA 36 1.76 -4.65 17.25
CA LYS AA 36 0.49 -4.49 16.56
C LYS AA 36 0.00 -5.86 16.11
N VAL AA 37 0.82 -6.56 15.33
CA VAL AA 37 0.41 -7.81 14.72
C VAL AA 37 0.13 -8.89 15.76
N PHE AA 38 0.98 -8.95 16.78
CA PHE AA 38 0.76 -9.83 17.93
C PHE AA 38 -0.62 -9.65 18.57
N VAL AA 39 -0.91 -8.42 19.02
CA VAL AA 39 -2.14 -8.12 19.79
C VAL AA 39 -3.38 -8.28 18.93
N VAL AA 40 -3.29 -7.79 17.70
CA VAL AA 40 -4.39 -7.84 16.76
C VAL AA 40 -4.70 -9.30 16.40
N GLU AA 41 -3.67 -10.14 16.29
CA GLU AA 41 -3.96 -11.55 16.03
C GLU AA 41 -4.70 -12.24 17.17
N ALA AA 42 -4.27 -11.95 18.40
CA ALA AA 42 -4.96 -12.40 19.61
C ALA AA 42 -6.43 -11.98 19.55
N ALA AA 43 -6.66 -10.69 19.28
CA ALA AA 43 -8.00 -10.11 19.16
C ALA AA 43 -8.84 -10.70 18.01
N VAL AA 44 -8.28 -10.73 16.78
CA VAL AA 44 -9.05 -11.18 15.62
C VAL AA 44 -9.31 -12.67 15.69
N ARG AA 45 -8.34 -13.43 16.18
CA ARG AA 45 -8.60 -14.84 16.43
C ARG AA 45 -9.67 -15.12 17.51
N GLY AA 46 -9.64 -14.38 18.63
CA GLY AA 46 -10.71 -14.45 19.67
C GLY AA 46 -12.09 -14.24 19.06
N VAL AA 47 -12.19 -13.20 18.22
CA VAL AA 47 -13.40 -12.89 17.40
C VAL AA 47 -13.85 -14.08 16.50
N ARG AA 48 -12.93 -14.73 15.79
CA ARG AA 48 -13.33 -15.81 14.87
C ARG AA 48 -13.82 -17.05 15.62
N GLN AA 49 -13.27 -17.27 16.82
CA GLN AA 49 -13.77 -18.34 17.68
C GLN AA 49 -15.16 -18.02 18.24
N ALA AA 50 -15.35 -16.78 18.71
CA ALA AA 50 -16.67 -16.35 19.17
C ALA AA 50 -17.74 -16.48 18.06
N GLN AA 51 -17.39 -16.02 16.84
CA GLN AA 51 -18.23 -16.14 15.63
C GLN AA 51 -18.70 -17.57 15.45
N ALA AA 52 -17.72 -18.48 15.56
CA ALA AA 52 -17.94 -19.91 15.31
C ALA AA 52 -18.96 -20.51 16.27
N GLU AA 53 -18.92 -20.10 17.55
CA GLU AA 53 -19.89 -20.61 18.51
C GLU AA 53 -21.10 -19.69 18.69
N ASP AA 54 -21.21 -18.68 17.83
CA ASP AA 54 -22.31 -17.69 17.90
C ASP AA 54 -22.39 -16.95 19.24
N ALA AA 55 -21.20 -16.63 19.76
CA ALA AA 55 -21.09 -15.81 20.98
C ALA AA 55 -21.41 -14.31 20.73
N LEU AA 56 -21.89 -13.63 21.77
CA LEU AA 56 -22.39 -12.24 21.64
C LEU AA 56 -21.28 -11.17 21.84
N ARG AA 57 -20.21 -11.58 22.49
CA ARG AA 57 -18.96 -10.83 22.57
C ARG AA 57 -17.87 -11.87 22.61
N VAL AA 58 -16.62 -11.43 22.62
CA VAL AA 58 -15.51 -12.36 22.85
C VAL AA 58 -15.38 -12.59 24.39
N ASP AA 59 -15.82 -13.78 24.85
CA ASP AA 59 -15.68 -14.25 26.24
C ASP AA 59 -14.34 -14.97 26.44
N VAL AA 60 -13.91 -15.11 27.70
CA VAL AA 60 -12.61 -15.71 28.00
C VAL AA 60 -12.50 -17.15 27.43
N ASP AA 61 -13.64 -17.85 27.37
CA ASP AA 61 -13.72 -19.20 26.77
C ASP AA 61 -13.13 -19.28 25.35
N GLN AA 62 -13.56 -18.34 24.52
CA GLN AA 62 -13.12 -18.27 23.13
C GLN AA 62 -11.64 -17.84 23.05
N LEU AA 63 -11.24 -16.85 23.86
CA LEU AA 63 -9.82 -16.40 23.97
C LEU AA 63 -8.89 -17.58 24.20
N GLU AA 64 -9.25 -18.37 25.20
CA GLU AA 64 -8.44 -19.51 25.52
C GLU AA 64 -8.49 -20.57 24.44
N LYS AA 65 -9.55 -20.63 23.65
CA LYS AA 65 -9.49 -21.49 22.46
C LYS AA 65 -8.48 -21.00 21.36
N VAL AA 66 -8.14 -19.72 21.39
CA VAL AA 66 -7.22 -19.09 20.41
C VAL AA 66 -5.78 -18.94 20.91
N LEU AA 67 -5.57 -19.11 22.22
CA LEU AA 67 -4.21 -19.21 22.79
C LEU AA 67 -3.36 -20.31 22.13
N PRO AA 68 -3.88 -21.58 22.00
CA PRO AA 68 -3.09 -22.65 21.38
C PRO AA 68 -2.42 -22.28 20.05
N GLN AA 69 -3.22 -21.78 19.10
CA GLN AA 69 -2.72 -21.48 17.75
C GLN AA 69 -1.82 -20.22 17.74
N LEU AA 70 -2.12 -19.26 18.61
CA LEU AA 70 -1.26 -18.09 18.74
C LEU AA 70 0.16 -18.49 19.21
N LEU AA 71 0.23 -19.37 20.20
CA LEU AA 71 1.50 -19.91 20.71
C LEU AA 71 2.31 -20.63 19.62
N LEU AA 72 1.63 -21.39 18.74
CA LEU AA 72 2.25 -22.02 17.58
C LEU AA 72 2.79 -21.00 16.62
N ASP AA 73 2.11 -19.87 16.49
CA ASP AA 73 2.53 -18.84 15.53
C ASP AA 73 3.70 -17.96 16.03
N PHE AA 74 3.98 -18.05 17.34
CA PHE AA 74 5.06 -17.27 17.97
C PHE AA 74 5.93 -18.15 18.88
N SER BA 1 1.58 -56.70 37.34
CA SER BA 1 0.16 -56.92 36.99
C SER BA 1 -0.71 -57.25 38.23
N GLY BA 2 -1.42 -56.24 38.75
CA GLY BA 2 -2.24 -56.36 39.99
C GLY BA 2 -2.24 -55.25 41.05
N PHE BA 3 -2.95 -55.51 42.16
CA PHE BA 3 -3.31 -54.50 43.19
C PHE BA 3 -2.16 -54.08 44.14
N ARG BA 4 -1.95 -52.77 44.35
CA ARG BA 4 -0.98 -52.29 45.36
C ARG BA 4 -1.54 -52.39 46.75
N LYS BA 5 -0.67 -52.84 47.68
CA LYS BA 5 -0.89 -52.81 49.15
C LYS BA 5 -1.29 -51.40 49.68
N GLU BA 6 -0.62 -50.35 49.20
CA GLU BA 6 -0.84 -48.99 49.66
C GLU BA 6 -2.26 -48.53 49.34
N LEU BA 7 -2.72 -48.90 48.17
CA LEU BA 7 -4.04 -48.57 47.70
C LEU BA 7 -5.10 -49.20 48.60
N VAL BA 8 -4.99 -50.53 48.75
CA VAL BA 8 -5.91 -51.31 49.61
C VAL BA 8 -5.88 -50.77 51.03
N SER BA 9 -4.69 -50.41 51.50
CA SER BA 9 -4.51 -49.89 52.85
C SER BA 9 -5.30 -48.60 53.08
N ARG BA 10 -5.15 -47.62 52.20
CA ARG BA 10 -5.87 -46.34 52.37
C ARG BA 10 -7.39 -46.52 52.27
N LEU BA 11 -7.84 -47.30 51.28
CA LEU BA 11 -9.28 -47.52 51.02
C LEU BA 11 -9.98 -48.18 52.20
N LEU BA 12 -9.34 -49.21 52.76
CA LEU BA 12 -9.92 -49.94 53.89
C LEU BA 12 -9.83 -49.11 55.20
N HIS BA 13 -8.77 -48.31 55.43
CA HIS BA 13 -8.74 -47.38 56.61
C HIS BA 13 -9.89 -46.37 56.55
N LEU BA 14 -10.36 -46.08 55.33
CA LEU BA 14 -11.54 -45.26 55.17
C LEU BA 14 -12.86 -45.86 55.75
N HIS BA 15 -12.97 -47.19 55.85
CA HIS BA 15 -14.22 -47.85 56.31
C HIS BA 15 -14.18 -48.61 57.67
N PHE BA 16 -13.02 -48.62 58.30
CA PHE BA 16 -12.90 -49.15 59.67
C PHE BA 16 -13.70 -48.29 60.64
N LYS BA 17 -14.48 -48.92 61.51
CA LYS BA 17 -14.94 -48.19 62.68
C LYS BA 17 -13.88 -48.18 63.80
N ASP BA 18 -13.14 -49.27 64.04
CA ASP BA 18 -11.92 -49.16 64.90
C ASP BA 18 -10.64 -48.88 64.11
N ASP BA 19 -10.02 -47.73 64.38
CA ASP BA 19 -8.79 -47.30 63.70
C ASP BA 19 -7.53 -47.81 64.40
N LYS BA 20 -7.64 -48.22 65.67
CA LYS BA 20 -6.54 -48.88 66.38
C LYS BA 20 -6.14 -50.09 65.60
N THR BA 21 -7.18 -50.72 64.98
CA THR BA 21 -7.04 -51.83 63.99
C THR BA 21 -5.94 -51.43 62.93
N LYS BA 22 -4.88 -52.25 62.85
CA LYS BA 22 -3.81 -52.17 61.84
C LYS BA 22 -3.77 -53.54 61.14
N VAL BA 23 -3.17 -53.64 59.98
CA VAL BA 23 -3.29 -54.89 59.24
C VAL BA 23 -1.91 -55.51 59.04
N SER BA 24 -1.77 -56.81 59.38
CA SER BA 24 -0.51 -57.56 59.15
C SER BA 24 -0.14 -57.63 57.66
N GLY BA 25 1.17 -57.56 57.40
CA GLY BA 25 1.73 -57.63 56.06
C GLY BA 25 1.30 -58.90 55.35
N ASP BA 26 1.26 -60.03 56.08
CA ASP BA 26 0.77 -61.30 55.54
C ASP BA 26 -0.69 -61.27 55.07
N ALA BA 27 -1.58 -60.76 55.94
CA ALA BA 27 -3.00 -60.56 55.62
C ALA BA 27 -3.13 -59.72 54.35
N LEU BA 28 -2.41 -58.60 54.35
CA LEU BA 28 -2.34 -57.68 53.21
C LEU BA 28 -1.95 -58.35 51.86
N GLN BA 29 -0.97 -59.26 51.88
CA GLN BA 29 -0.52 -59.94 50.66
CA GLN BA 29 -0.52 -59.94 50.66
C GLN BA 29 -1.57 -60.91 50.11
N LEU BA 30 -2.20 -61.64 51.02
CA LEU BA 30 -3.29 -62.56 50.68
C LEU BA 30 -4.51 -61.79 50.13
N MET BA 31 -4.75 -60.60 50.64
CA MET BA 31 -5.87 -59.84 50.10
C MET BA 31 -5.58 -59.14 48.78
N VAL BA 32 -4.29 -58.86 48.46
CA VAL BA 32 -3.85 -58.44 47.09
C VAL BA 32 -4.42 -59.44 46.10
N GLU BA 33 -4.21 -60.73 46.43
CA GLU BA 33 -4.76 -61.88 45.71
C GLU BA 33 -6.30 -61.93 45.65
N LEU BA 34 -6.97 -61.76 46.79
CA LEU BA 34 -8.46 -61.82 46.86
C LEU BA 34 -9.12 -60.72 46.04
N LEU BA 35 -8.59 -59.49 46.14
CA LEU BA 35 -9.11 -58.33 45.41
C LEU BA 35 -9.01 -58.54 43.90
N LYS BA 36 -7.83 -59.01 43.48
CA LYS BA 36 -7.55 -59.27 42.08
C LYS BA 36 -8.48 -60.35 41.52
N VAL BA 37 -8.63 -61.46 42.24
CA VAL BA 37 -9.47 -62.56 41.77
C VAL BA 37 -10.96 -62.14 41.67
N PHE BA 38 -11.43 -61.38 42.68
CA PHE BA 38 -12.76 -60.76 42.68
C PHE BA 38 -13.01 -59.98 41.38
N VAL BA 39 -12.13 -59.03 41.10
CA VAL BA 39 -12.35 -58.11 39.97
C VAL BA 39 -12.19 -58.84 38.63
N VAL BA 40 -11.19 -59.71 38.54
CA VAL BA 40 -10.95 -60.39 37.27
C VAL BA 40 -12.09 -61.38 36.99
N GLU BA 41 -12.62 -62.02 38.02
CA GLU BA 41 -13.81 -62.84 37.83
C GLU BA 41 -15.03 -62.04 37.34
N ALA BA 42 -15.24 -60.84 37.88
CA ALA BA 42 -16.28 -59.95 37.35
C ALA BA 42 -16.13 -59.67 35.83
N ALA BA 43 -14.89 -59.36 35.42
CA ALA BA 43 -14.56 -59.08 34.02
C ALA BA 43 -14.76 -60.29 33.12
N VAL BA 44 -14.20 -61.42 33.55
CA VAL BA 44 -14.31 -62.72 32.85
C VAL BA 44 -15.76 -63.17 32.74
N ARG BA 45 -16.50 -62.99 33.82
CA ARG BA 45 -17.91 -63.35 33.83
C ARG BA 45 -18.68 -62.45 32.84
N GLY BA 46 -18.41 -61.15 32.87
CA GLY BA 46 -18.95 -60.22 31.87
C GLY BA 46 -18.70 -60.69 30.44
N VAL BA 47 -17.46 -61.04 30.14
CA VAL BA 47 -17.08 -61.56 28.80
C VAL BA 47 -17.87 -62.83 28.41
N ARG BA 48 -18.02 -63.79 29.35
CA ARG BA 48 -18.75 -65.06 29.08
C ARG BA 48 -20.23 -64.84 28.77
N GLN BA 49 -20.84 -63.88 29.47
CA GLN BA 49 -22.21 -63.48 29.22
C GLN BA 49 -22.39 -62.87 27.83
N ALA BA 50 -21.51 -61.93 27.45
CA ALA BA 50 -21.51 -61.33 26.10
C ALA BA 50 -21.38 -62.37 24.99
N GLN BA 51 -20.38 -63.24 25.10
CA GLN BA 51 -20.22 -64.38 24.18
C GLN BA 51 -21.43 -65.32 24.11
N ALA BA 52 -21.99 -65.65 25.28
CA ALA BA 52 -23.11 -66.59 25.38
C ALA BA 52 -24.36 -66.08 24.63
N GLU BA 53 -24.60 -64.77 24.75
CA GLU BA 53 -25.72 -64.14 24.02
C GLU BA 53 -25.27 -63.49 22.67
N ASP BA 54 -24.02 -63.76 22.25
CA ASP BA 54 -23.54 -63.38 20.91
C ASP BA 54 -23.54 -61.86 20.64
N ALA BA 55 -23.13 -61.12 21.65
CA ALA BA 55 -22.87 -59.69 21.55
C ALA BA 55 -21.57 -59.45 20.77
N LEU BA 56 -21.42 -58.29 20.12
CA LEU BA 56 -20.10 -57.93 19.57
C LEU BA 56 -19.08 -57.31 20.60
N ARG BA 57 -19.59 -56.83 21.74
CA ARG BA 57 -18.76 -56.41 22.91
C ARG BA 57 -19.47 -56.70 24.24
N VAL BA 58 -18.76 -56.59 25.35
CA VAL BA 58 -19.34 -56.86 26.66
C VAL BA 58 -19.99 -55.61 27.27
N ASP BA 59 -21.31 -55.60 27.30
CA ASP BA 59 -22.03 -54.41 27.69
C ASP BA 59 -22.57 -54.48 29.11
N VAL BA 60 -23.08 -53.36 29.61
CA VAL BA 60 -23.74 -53.28 30.93
C VAL BA 60 -24.88 -54.29 31.08
N ASP BA 61 -25.63 -54.56 30.00
CA ASP BA 61 -26.70 -55.56 30.02
C ASP BA 61 -26.21 -56.92 30.49
N GLN BA 62 -25.10 -57.35 29.90
CA GLN BA 62 -24.46 -58.61 30.28
C GLN BA 62 -23.93 -58.55 31.71
N LEU BA 63 -23.29 -57.44 32.10
CA LEU BA 63 -22.73 -57.25 33.46
C LEU BA 63 -23.81 -57.44 34.49
N GLU BA 64 -24.93 -56.82 34.22
CA GLU BA 64 -26.04 -56.89 35.11
C GLU BA 64 -26.48 -58.36 35.25
N LYS BA 65 -26.35 -59.15 34.18
CA LYS BA 65 -26.63 -60.59 34.26
C LYS BA 65 -25.60 -61.34 35.16
N VAL BA 66 -24.41 -60.77 35.31
CA VAL BA 66 -23.31 -61.39 36.08
C VAL BA 66 -23.18 -60.89 37.51
N LEU BA 67 -23.73 -59.70 37.79
CA LEU BA 67 -23.71 -59.10 39.12
C LEU BA 67 -24.29 -60.00 40.21
N PRO BA 68 -25.51 -60.56 39.96
CA PRO BA 68 -26.20 -61.22 41.06
C PRO BA 68 -25.33 -62.35 41.58
N GLN BA 69 -24.83 -63.16 40.64
CA GLN BA 69 -24.04 -64.36 40.93
C GLN BA 69 -22.70 -64.04 41.62
N LEU BA 70 -22.02 -63.01 41.11
CA LEU BA 70 -20.75 -62.58 41.68
C LEU BA 70 -20.91 -62.25 43.16
N LEU BA 71 -21.94 -61.47 43.48
CA LEU BA 71 -22.12 -61.07 44.86
C LEU BA 71 -22.59 -62.18 45.80
N LEU BA 72 -23.32 -63.19 45.33
CA LEU BA 72 -23.67 -64.33 46.19
C LEU BA 72 -22.45 -65.14 46.48
N ASP BA 73 -21.55 -65.15 45.51
CA ASP BA 73 -20.30 -65.84 45.67
C ASP BA 73 -19.32 -65.06 46.56
N PHE BA 74 -19.59 -63.79 46.82
CA PHE BA 74 -18.74 -62.99 47.69
C PHE BA 74 -19.52 -62.45 48.89
N SER CA 1 -23.47 -14.63 3.90
CA SER CA 1 -24.62 -14.62 2.94
C SER CA 1 -24.87 -13.21 2.38
N TYR CA 2 -25.71 -13.11 1.34
CA TYR CA 2 -25.98 -11.82 0.72
C TYR CA 2 -26.65 -10.79 1.64
N GLN CA 3 -27.63 -11.22 2.43
CA GLN CA 3 -28.27 -10.34 3.43
C GLN CA 3 -27.30 -9.89 4.54
N GLN CA 4 -26.40 -10.78 4.93
CA GLN CA 4 -25.35 -10.43 5.90
C GLN CA 4 -24.44 -9.31 5.36
N ARG CA 5 -24.09 -9.39 4.07
CA ARG CA 5 -23.35 -8.32 3.38
C ARG CA 5 -24.10 -6.97 3.42
N LEU CA 6 -25.39 -6.98 3.10
CA LEU CA 6 -26.23 -5.78 3.09
C LEU CA 6 -26.28 -5.15 4.47
N LYS CA 7 -26.47 -5.98 5.51
CA LYS CA 7 -26.49 -5.52 6.91
C LYS CA 7 -25.15 -4.86 7.28
N ALA CA 8 -24.07 -5.46 6.80
CA ALA CA 8 -22.72 -4.98 7.09
C ALA CA 8 -22.45 -3.66 6.42
N ALA CA 9 -22.96 -3.51 5.19
CA ALA CA 9 -22.87 -2.25 4.45
C ALA CA 9 -23.65 -1.15 5.19
N VAL CA 10 -24.84 -1.50 5.67
CA VAL CA 10 -25.67 -0.58 6.46
C VAL CA 10 -24.91 -0.15 7.72
N HIS CA 11 -24.37 -1.14 8.43
CA HIS CA 11 -23.56 -0.94 9.64
C HIS CA 11 -22.40 0.04 9.45
N TYR CA 12 -21.70 -0.09 8.32
CA TYR CA 12 -20.56 0.77 7.99
C TYR CA 12 -21.01 2.23 7.89
N THR CA 13 -22.06 2.45 7.12
CA THR CA 13 -22.57 3.80 6.91
C THR CA 13 -23.19 4.33 8.18
N VAL CA 14 -23.95 3.49 8.87
CA VAL CA 14 -24.50 3.85 10.18
C VAL CA 14 -23.38 4.27 11.15
N GLY CA 15 -22.29 3.48 11.16
CA GLY CA 15 -21.11 3.78 11.97
C GLY CA 15 -20.50 5.15 11.71
N CYS CA 16 -20.37 5.49 10.42
CA CYS CA 16 -19.89 6.82 9.97
C CYS CA 16 -20.81 7.96 10.47
N LEU CA 17 -22.13 7.79 10.29
CA LEU CA 17 -23.11 8.79 10.71
C LEU CA 17 -23.17 8.97 12.23
N CYS CA 18 -23.10 7.86 12.99
CA CYS CA 18 -23.05 7.92 14.46
C CYS CA 18 -21.76 8.56 14.96
N GLU CA 19 -20.66 8.31 14.28
CA GLU CA 19 -19.41 8.98 14.63
C GLU CA 19 -19.52 10.49 14.46
N GLU CA 20 -20.15 10.91 13.37
CA GLU CA 20 -20.47 12.32 13.10
C GLU CA 20 -21.28 12.91 14.25
N VAL CA 21 -22.32 12.16 14.65
CA VAL CA 21 -23.20 12.56 15.76
C VAL CA 21 -22.44 12.63 17.12
N ALA CA 22 -21.57 11.64 17.35
CA ALA CA 22 -20.76 11.61 18.59
C ALA CA 22 -20.08 12.97 18.85
N LEU CA 23 -19.52 13.54 17.77
CA LEU CA 23 -18.95 14.92 17.74
C LEU CA 23 -19.83 15.98 18.40
N ASP CA 24 -21.10 16.01 18.01
CA ASP CA 24 -21.97 17.16 18.23
C ASP CA 24 -22.36 17.50 19.66
N LYS CA 25 -22.92 16.56 20.43
CA LYS CA 25 -23.37 16.93 21.80
C LYS CA 25 -22.45 16.39 22.88
N ALA CA 26 -21.30 15.90 22.44
CA ALA CA 26 -20.29 15.48 23.36
C ALA CA 26 -20.71 14.21 24.10
N MET CA 27 -21.32 13.27 23.38
CA MET CA 27 -21.40 11.88 23.88
C MET CA 27 -21.18 10.77 22.84
N GLN CA 28 -20.38 9.79 23.25
CA GLN CA 28 -20.07 8.60 22.45
C GLN CA 28 -21.15 7.48 22.58
N PHE CA 29 -21.07 6.48 21.70
CA PHE CA 29 -22.04 5.37 21.64
C PHE CA 29 -21.42 4.04 22.02
N SER CA 30 -22.21 3.15 22.61
CA SER CA 30 -21.76 1.76 22.76
C SER CA 30 -21.77 1.10 21.39
N LYS CA 31 -20.96 0.07 21.24
CA LYS CA 31 -20.93 -0.72 20.01
C LYS CA 31 -22.28 -1.40 19.79
N GLN CA 32 -22.97 -1.73 20.89
CA GLN CA 32 -24.31 -2.33 20.83
C GLN CA 32 -25.33 -1.37 20.22
N THR CA 33 -25.26 -0.08 20.58
CA THR CA 33 -26.14 0.96 20.01
C THR CA 33 -25.95 1.03 18.52
N ILE CA 34 -24.69 1.06 18.10
CA ILE CA 34 -24.34 1.10 16.70
C ILE CA 34 -24.92 -0.10 15.95
N ALA CA 35 -24.72 -1.29 16.52
CA ALA CA 35 -25.25 -2.54 15.94
C ALA CA 35 -26.76 -2.51 15.86
N ALA CA 36 -27.42 -2.05 16.91
CA ALA CA 36 -28.87 -2.02 16.94
C ALA CA 36 -29.47 -1.00 15.95
N ILE CA 37 -28.81 0.15 15.79
CA ILE CA 37 -29.22 1.14 14.76
C ILE CA 37 -29.12 0.52 13.35
N SER CA 38 -28.02 -0.18 13.10
CA SER CA 38 -27.79 -0.87 11.82
C SER CA 38 -28.89 -1.92 11.53
N GLU CA 39 -29.22 -2.71 12.56
CA GLU CA 39 -30.29 -3.71 12.51
C GLU CA 39 -31.64 -3.06 12.13
N LEU CA 40 -31.99 -2.00 12.84
CA LEU CA 40 -33.26 -1.32 12.62
C LEU CA 40 -33.31 -0.71 11.21
N THR CA 41 -32.18 -0.19 10.73
CA THR CA 41 -32.14 0.40 9.39
C THR CA 41 -32.36 -0.63 8.33
N PHE CA 42 -31.69 -1.77 8.45
CA PHE CA 42 -31.89 -2.88 7.52
C PHE CA 42 -33.37 -3.27 7.53
N ARG CA 43 -33.93 -3.46 8.73
CA ARG CA 43 -35.31 -3.90 8.88
C ARG CA 43 -36.27 -2.86 8.29
N GLN CA 44 -36.00 -1.61 8.61
CA GLN CA 44 -36.85 -0.49 8.18
C GLN CA 44 -36.94 -0.39 6.66
N CYS CA 45 -35.85 -0.76 5.97
CA CYS CA 45 -35.78 -0.71 4.50
C CYS CA 45 -36.88 -1.56 3.85
N GLU CA 46 -37.25 -2.65 4.52
CA GLU CA 46 -38.28 -3.55 4.01
C GLU CA 46 -39.65 -2.88 3.95
N ASN CA 47 -40.03 -2.25 5.06
CA ASN CA 47 -41.30 -1.52 5.15
C ASN CA 47 -41.38 -0.37 4.13
N PHE CA 48 -40.30 0.39 4.02
CA PHE CA 48 -40.24 1.49 3.06
C PHE CA 48 -40.36 1.00 1.61
N ALA CA 49 -39.63 -0.06 1.27
CA ALA CA 49 -39.65 -0.64 -0.08
C ALA CA 49 -41.05 -1.07 -0.51
N LYS CA 50 -41.71 -1.85 0.33
CA LYS CA 50 -43.03 -2.35 -0.02
C LYS CA 50 -44.07 -1.22 -0.13
N ASP CA 51 -44.03 -0.24 0.78
CA ASP CA 51 -44.91 0.94 0.71
C ASP CA 51 -44.72 1.73 -0.60
N LEU CA 52 -43.46 2.02 -0.92
CA LEU CA 52 -43.10 2.71 -2.16
C LEU CA 52 -43.62 1.99 -3.40
N GLU CA 53 -43.47 0.66 -3.43
CA GLU CA 53 -43.97 -0.17 -4.53
C GLU CA 53 -45.49 -0.03 -4.66
N MET CA 54 -46.19 -0.14 -3.54
CA MET CA 54 -47.65 -0.02 -3.50
C MET CA 54 -48.09 1.32 -4.05
N PHE CA 55 -47.36 2.37 -3.67
CA PHE CA 55 -47.68 3.72 -4.10
C PHE CA 55 -47.38 3.96 -5.58
N ALA CA 56 -46.27 3.42 -6.07
CA ALA CA 56 -45.95 3.48 -7.51
C ALA CA 56 -47.00 2.75 -8.34
N ARG CA 57 -47.30 1.51 -7.97
CA ARG CA 57 -48.31 0.72 -8.70
C ARG CA 57 -49.69 1.34 -8.54
N HIS CA 58 -49.94 1.99 -7.41
CA HIS CA 58 -51.21 2.69 -7.16
C HIS CA 58 -51.39 3.92 -8.05
N ALA CA 59 -50.27 4.53 -8.47
CA ALA CA 59 -50.28 5.67 -9.40
C ALA CA 59 -49.97 5.25 -10.86
N LYS CA 60 -50.17 3.95 -11.14
CA LYS CA 60 -50.01 3.36 -12.48
C LYS CA 60 -48.62 3.57 -13.07
N ARG CA 61 -47.60 3.52 -12.22
CA ARG CA 61 -46.23 3.64 -12.68
C ARG CA 61 -45.41 2.46 -12.20
N THR CA 62 -44.41 2.10 -12.98
CA THR CA 62 -43.49 1.05 -12.59
C THR CA 62 -42.28 1.64 -11.88
N THR CA 63 -41.98 2.90 -12.15
CA THR CA 63 -40.87 3.58 -11.48
C THR CA 63 -41.35 4.59 -10.44
N ILE CA 64 -40.88 4.39 -9.21
CA ILE CA 64 -41.13 5.29 -8.07
C ILE CA 64 -40.45 6.64 -8.33
N ASN CA 65 -41.20 7.74 -8.17
CA ASN CA 65 -40.63 9.08 -8.32
C ASN CA 65 -40.55 9.89 -7.01
N THR CA 66 -40.09 11.14 -7.13
CA THR CA 66 -39.86 12.04 -6.00
C THR CA 66 -41.12 12.28 -5.14
N GLU CA 67 -42.27 12.32 -5.81
CA GLU CA 67 -43.55 12.54 -5.14
C GLU CA 67 -43.89 11.42 -4.16
N ASP CA 68 -43.71 10.17 -4.56
CA ASP CA 68 -43.92 9.02 -3.67
C ASP CA 68 -43.03 9.10 -2.42
N VAL CA 69 -41.75 9.43 -2.60
CA VAL CA 69 -40.80 9.50 -1.47
C VAL CA 69 -41.18 10.63 -0.51
N LYS CA 70 -41.48 11.81 -1.06
CA LYS CA 70 -41.85 12.94 -0.22
C LYS CA 70 -43.16 12.69 0.55
N LEU CA 71 -44.06 11.96 -0.09
CA LEU CA 71 -45.28 11.47 0.52
C LEU CA 71 -44.93 10.54 1.70
N LEU CA 72 -43.95 9.68 1.45
CA LEU CA 72 -43.48 8.73 2.45
C LEU CA 72 -42.89 9.44 3.69
N ALA CA 73 -42.17 10.55 3.49
CA ALA CA 73 -41.59 11.33 4.61
C ALA CA 73 -42.58 12.32 5.24
N ARG CA 74 -43.86 12.00 5.12
CA ARG CA 74 -44.96 12.88 5.52
C ARG CA 74 -45.11 13.12 7.03
N ARG CA 75 -44.56 12.22 7.86
CA ARG CA 75 -44.98 12.11 9.27
C ARG CA 75 -44.56 13.24 10.25
N SER CA 76 -43.36 13.80 10.06
CA SER CA 76 -42.98 14.98 10.84
C SER CA 76 -42.76 16.20 9.95
N ASN CA 77 -43.35 17.31 10.35
CA ASN CA 77 -43.37 18.52 9.54
C ASN CA 77 -41.98 19.12 9.36
N SER CA 78 -41.14 19.04 10.40
CA SER CA 78 -39.74 19.47 10.29
C SER CA 78 -38.97 18.61 9.29
N LEU CA 79 -39.31 17.32 9.22
CA LEU CA 79 -38.65 16.36 8.31
C LEU CA 79 -39.03 16.72 6.87
N LEU CA 80 -40.27 17.17 6.69
CA LEU CA 80 -40.74 17.54 5.37
C LEU CA 80 -40.03 18.79 4.86
N LYS CA 81 -39.93 19.82 5.71
CA LYS CA 81 -39.21 21.07 5.39
C LYS CA 81 -37.77 20.75 5.00
N TYR CA 82 -37.10 19.97 5.86
CA TYR CA 82 -35.73 19.56 5.64
C TYR CA 82 -35.54 18.80 4.31
N ILE CA 83 -36.35 17.77 4.09
CA ILE CA 83 -36.23 16.94 2.89
C ILE CA 83 -36.67 17.62 1.60
N THR CA 84 -37.70 18.46 1.65
CA THR CA 84 -38.06 19.27 0.46
C THR CA 84 -36.96 20.27 0.08
N ASP CA 85 -36.35 20.90 1.09
CA ASP CA 85 -35.18 21.78 0.87
C ASP CA 85 -34.05 20.98 0.19
N LYS CA 86 -33.78 19.79 0.72
CA LYS CA 86 -32.83 18.83 0.14
C LYS CA 86 -33.23 18.31 -1.25
N SER CA 87 -34.54 18.18 -1.51
CA SER CA 87 -35.05 17.83 -2.84
C SER CA 87 -34.83 18.95 -3.86
N GLU CA 88 -34.94 20.21 -3.42
CA GLU CA 88 -34.56 21.38 -4.23
C GLU CA 88 -33.06 21.39 -4.58
N GLU CA 89 -32.25 20.92 -3.63
CA GLU CA 89 -30.79 20.80 -3.81
C GLU CA 89 -30.39 19.64 -4.74
N ILE CA 90 -31.02 18.47 -4.56
CA ILE CA 90 -30.80 17.31 -5.44
C ILE CA 90 -31.34 17.59 -6.86
N ALA CA 91 -32.42 18.37 -6.96
CA ALA CA 91 -32.94 18.82 -8.26
C ALA CA 91 -31.98 19.75 -9.01
N GLN CA 92 -31.17 20.51 -8.26
CA GLN CA 92 -30.10 21.33 -8.85
C GLN CA 92 -28.98 20.47 -9.46
N ALA CA 93 -28.76 19.28 -8.88
CA ALA CA 93 -27.80 18.30 -9.39
C ALA CA 93 -28.42 17.40 -10.46
N SER DA 1 -20.08 11.34 1.39
CA SER DA 1 -20.60 10.44 2.45
C SER DA 1 -22.14 10.35 2.41
N GLY DA 2 -22.61 9.37 1.66
CA GLY DA 2 -24.05 9.04 1.55
C GLY DA 2 -24.22 7.53 1.42
N PHE DA 3 -25.46 7.05 1.59
CA PHE DA 3 -25.81 5.65 1.24
C PHE DA 3 -25.54 5.45 -0.25
N ARG DA 4 -25.04 4.27 -0.60
CA ARG DA 4 -24.67 3.95 -1.97
C ARG DA 4 -25.99 3.68 -2.69
N LYS DA 5 -26.10 4.17 -3.92
CA LYS DA 5 -27.37 4.11 -4.63
C LYS DA 5 -27.70 2.67 -5.00
N GLU DA 6 -26.66 1.94 -5.39
CA GLU DA 6 -26.78 0.52 -5.68
C GLU DA 6 -27.29 -0.26 -4.46
N LEU DA 7 -26.77 0.07 -3.27
CA LEU DA 7 -27.20 -0.59 -2.03
C LEU DA 7 -28.69 -0.40 -1.78
N VAL DA 8 -29.13 0.86 -1.79
CA VAL DA 8 -30.54 1.22 -1.56
C VAL DA 8 -31.44 0.51 -2.59
N SER DA 9 -31.00 0.50 -3.84
CA SER DA 9 -31.77 -0.15 -4.91
C SER DA 9 -31.94 -1.65 -4.68
N ARG DA 10 -30.85 -2.34 -4.33
CA ARG DA 10 -30.92 -3.79 -4.14
C ARG DA 10 -31.75 -4.16 -2.92
N LEU DA 11 -31.67 -3.34 -1.87
CA LEU DA 11 -32.45 -3.58 -0.66
C LEU DA 11 -33.95 -3.52 -0.94
N LEU DA 12 -34.38 -2.54 -1.73
CA LEU DA 12 -35.79 -2.38 -2.08
C LEU DA 12 -36.26 -3.52 -3.01
N HIS DA 13 -35.43 -3.83 -4.00
CA HIS DA 13 -35.78 -4.85 -5.00
C HIS DA 13 -35.85 -6.27 -4.41
N LEU DA 14 -35.28 -6.48 -3.22
CA LEU DA 14 -35.42 -7.77 -2.50
C LEU DA 14 -36.85 -8.20 -2.24
N HIS DA 15 -37.72 -7.26 -1.89
CA HIS DA 15 -39.07 -7.65 -1.43
C HIS DA 15 -40.26 -6.91 -2.10
N PHE DA 16 -40.04 -6.30 -3.27
CA PHE DA 16 -41.18 -5.87 -4.11
C PHE DA 16 -41.99 -7.11 -4.50
N LYS DA 17 -43.33 -6.99 -4.45
CA LYS DA 17 -44.21 -8.06 -4.96
C LYS DA 17 -44.23 -8.06 -6.49
N ASP DA 18 -44.46 -6.90 -7.10
CA ASP DA 18 -44.51 -6.77 -8.55
C ASP DA 18 -43.14 -6.43 -9.12
N ASP DA 19 -42.63 -7.35 -9.94
CA ASP DA 19 -41.36 -7.16 -10.62
C ASP DA 19 -41.39 -6.03 -11.65
N LYS DA 20 -42.58 -5.55 -11.97
CA LYS DA 20 -42.74 -4.35 -12.79
C LYS DA 20 -42.13 -3.15 -12.07
N THR DA 21 -42.24 -3.12 -10.74
CA THR DA 21 -41.75 -2.00 -9.93
C THR DA 21 -40.28 -1.66 -10.16
N LYS DA 22 -40.04 -0.39 -10.49
CA LYS DA 22 -38.70 0.18 -10.61
C LYS DA 22 -38.63 1.40 -9.71
N VAL DA 23 -37.41 1.91 -9.49
CA VAL DA 23 -37.20 3.15 -8.75
C VAL DA 23 -36.45 4.14 -9.66
N SER DA 24 -36.98 5.34 -9.83
CA SER DA 24 -36.29 6.37 -10.63
C SER DA 24 -35.01 6.83 -9.95
N GLY DA 25 -34.07 7.37 -10.72
CA GLY DA 25 -32.83 7.93 -10.19
C GLY DA 25 -33.11 8.98 -9.13
N ASP DA 26 -34.06 9.86 -9.43
CA ASP DA 26 -34.50 10.89 -8.49
C ASP DA 26 -35.02 10.33 -7.18
N ALA DA 27 -35.91 9.34 -7.28
CA ALA DA 27 -36.49 8.71 -6.10
C ALA DA 27 -35.42 8.00 -5.28
N LEU DA 28 -34.49 7.34 -5.98
CA LEU DA 28 -33.39 6.66 -5.33
C LEU DA 28 -32.57 7.64 -4.51
N GLN DA 29 -32.28 8.80 -5.10
CA GLN DA 29 -31.53 9.85 -4.42
C GLN DA 29 -32.24 10.31 -3.14
N LEU DA 30 -33.55 10.53 -3.23
CA LEU DA 30 -34.31 10.95 -2.05
C LEU DA 30 -34.39 9.86 -0.98
N MET DA 31 -34.37 8.59 -1.40
CA MET DA 31 -34.34 7.52 -0.42
C MET DA 31 -33.02 7.43 0.33
N VAL DA 32 -31.91 7.67 -0.37
CA VAL DA 32 -30.59 7.82 0.23
C VAL DA 32 -30.64 8.88 1.35
N GLU DA 33 -31.27 10.02 1.03
CA GLU DA 33 -31.48 11.15 1.95
C GLU DA 33 -32.28 10.78 3.18
N LEU DA 34 -33.41 10.11 2.92
CA LEU DA 34 -34.36 9.73 3.95
C LEU DA 34 -33.77 8.67 4.87
N LEU DA 35 -33.04 7.74 4.27
CA LEU DA 35 -32.30 6.73 5.01
C LEU DA 35 -31.23 7.33 5.90
N LYS DA 36 -30.53 8.35 5.42
CA LYS DA 36 -29.53 9.05 6.22
C LYS DA 36 -30.20 9.67 7.45
N VAL DA 37 -31.29 10.40 7.22
CA VAL DA 37 -32.08 11.04 8.29
C VAL DA 37 -32.57 10.00 9.29
N PHE DA 38 -33.07 8.88 8.78
CA PHE DA 38 -33.52 7.78 9.61
C PHE DA 38 -32.42 7.22 10.53
N VAL DA 39 -31.25 6.93 9.94
CA VAL DA 39 -30.09 6.39 10.67
C VAL DA 39 -29.63 7.35 11.74
N VAL DA 40 -29.42 8.60 11.34
CA VAL DA 40 -28.90 9.64 12.23
C VAL DA 40 -29.89 9.92 13.35
N GLU DA 41 -31.18 9.95 13.04
CA GLU DA 41 -32.19 10.09 14.07
C GLU DA 41 -32.17 8.94 15.09
N ALA DA 42 -32.06 7.70 14.60
CA ALA DA 42 -31.93 6.55 15.51
C ALA DA 42 -30.73 6.73 16.45
N ALA DA 43 -29.60 7.13 15.87
CA ALA DA 43 -28.36 7.41 16.60
C ALA DA 43 -28.49 8.55 17.61
N VAL DA 44 -29.03 9.70 17.16
CA VAL DA 44 -29.20 10.89 18.00
C VAL DA 44 -30.09 10.57 19.19
N ARG DA 45 -31.20 9.89 18.91
CA ARG DA 45 -32.15 9.54 19.95
C ARG DA 45 -31.52 8.57 20.98
N GLY DA 46 -30.78 7.58 20.49
CA GLY DA 46 -30.02 6.68 21.37
C GLY DA 46 -29.06 7.41 22.32
N VAL DA 47 -28.27 8.34 21.76
CA VAL DA 47 -27.35 9.17 22.57
C VAL DA 47 -28.12 9.98 23.62
N ARG DA 48 -29.22 10.59 23.22
CA ARG DA 48 -30.08 11.37 24.12
C ARG DA 48 -30.59 10.51 25.30
N GLN DA 49 -30.98 9.26 25.01
CA GLN DA 49 -31.45 8.30 26.03
C GLN DA 49 -30.36 7.94 27.04
N ALA DA 50 -29.18 7.57 26.55
CA ALA DA 50 -28.06 7.23 27.42
C ALA DA 50 -27.69 8.39 28.32
N GLN DA 51 -27.52 9.57 27.73
CA GLN DA 51 -27.24 10.79 28.50
C GLN DA 51 -28.30 11.07 29.59
N ALA DA 52 -29.58 10.84 29.27
CA ALA DA 52 -30.67 11.11 30.22
C ALA DA 52 -30.58 10.21 31.45
N GLU DA 53 -30.21 8.95 31.22
CA GLU DA 53 -29.94 8.04 32.33
C GLU DA 53 -28.49 8.16 32.82
N ASP DA 54 -27.82 9.20 32.31
CA ASP DA 54 -26.48 9.57 32.74
C ASP DA 54 -25.49 8.42 32.52
N ALA DA 55 -25.71 7.64 31.44
CA ALA DA 55 -24.83 6.54 31.07
C ALA DA 55 -23.58 7.07 30.36
N LEU DA 56 -22.47 6.37 30.50
CA LEU DA 56 -21.21 6.84 29.94
C LEU DA 56 -20.89 6.13 28.61
N ARG DA 57 -21.86 5.31 28.18
CA ARG DA 57 -22.03 4.84 26.79
C ARG DA 57 -23.52 4.55 26.52
N VAL DA 58 -23.91 4.50 25.24
CA VAL DA 58 -25.29 4.18 24.87
C VAL DA 58 -25.45 2.65 24.78
N ASP DA 59 -26.07 2.04 25.79
CA ASP DA 59 -26.27 0.58 25.82
C ASP DA 59 -27.67 0.14 25.33
N VAL DA 60 -27.86 -1.19 25.22
CA VAL DA 60 -29.10 -1.79 24.68
C VAL DA 60 -30.35 -1.32 25.44
N ASP DA 61 -30.22 -1.13 26.75
CA ASP DA 61 -31.31 -0.67 27.60
C ASP DA 61 -31.89 0.63 27.06
N GLN DA 62 -31.01 1.59 26.80
CA GLN DA 62 -31.41 2.88 26.27
C GLN DA 62 -32.04 2.75 24.90
N LEU DA 63 -31.39 1.98 24.04
CA LEU DA 63 -31.85 1.81 22.68
C LEU DA 63 -33.26 1.22 22.62
N GLU DA 64 -33.49 0.15 23.38
CA GLU DA 64 -34.80 -0.48 23.43
C GLU DA 64 -35.84 0.45 24.05
N LYS DA 65 -35.36 1.33 24.93
CA LYS DA 65 -36.22 2.37 25.47
C LYS DA 65 -36.54 3.45 24.40
N VAL DA 66 -35.70 3.57 23.37
CA VAL DA 66 -35.95 4.54 22.27
C VAL DA 66 -36.70 3.93 21.09
N LEU DA 67 -36.70 2.60 20.99
CA LEU DA 67 -37.31 1.92 19.84
C LEU DA 67 -38.82 2.18 19.70
N PRO DA 68 -39.58 2.14 20.82
CA PRO DA 68 -41.02 2.43 20.73
C PRO DA 68 -41.37 3.65 19.87
N GLN DA 69 -40.83 4.82 20.23
CA GLN DA 69 -41.15 6.09 19.54
C GLN DA 69 -40.53 6.16 18.14
N LEU DA 70 -39.36 5.55 17.98
CA LEU DA 70 -38.71 5.46 16.69
C LEU DA 70 -39.65 4.82 15.68
N LEU DA 71 -40.20 3.67 16.06
CA LEU DA 71 -41.10 2.90 15.20
C LEU DA 71 -42.40 3.67 14.86
N LEU DA 72 -42.95 4.37 15.86
CA LEU DA 72 -44.14 5.21 15.65
C LEU DA 72 -43.85 6.31 14.62
N ASP DA 73 -42.63 6.81 14.63
CA ASP DA 73 -42.25 7.90 13.75
C ASP DA 73 -41.95 7.46 12.33
N PHE DA 74 -41.69 6.17 12.16
CA PHE DA 74 -41.33 5.63 10.85
C PHE DA 74 -42.07 4.31 10.61
N SER EA 1 -56.65 30.67 32.14
CA SER EA 1 -56.84 30.73 30.66
C SER EA 1 -57.88 29.73 30.18
N TYR EA 2 -58.36 29.93 28.96
CA TYR EA 2 -59.30 29.03 28.30
C TYR EA 2 -58.78 27.60 28.22
N GLN EA 3 -57.51 27.44 27.83
CA GLN EA 3 -56.75 26.16 27.84
C GLN EA 3 -56.76 25.48 29.21
N GLN EA 4 -56.44 26.26 30.23
CA GLN EA 4 -56.31 25.73 31.58
C GLN EA 4 -57.65 25.26 32.11
N ARG EA 5 -58.70 25.97 31.73
CA ARG EA 5 -60.06 25.62 32.07
C ARG EA 5 -60.48 24.26 31.48
N LEU EA 6 -60.22 24.09 30.19
CA LEU EA 6 -60.51 22.84 29.51
C LEU EA 6 -59.71 21.67 30.10
N LYS EA 7 -58.43 21.90 30.41
CA LYS EA 7 -57.58 20.90 31.05
C LYS EA 7 -58.13 20.48 32.43
N ALA EA 8 -58.67 21.44 33.17
CA ALA EA 8 -59.19 21.17 34.51
C ALA EA 8 -60.46 20.33 34.44
N ALA EA 9 -61.28 20.59 33.42
CA ALA EA 9 -62.47 19.78 33.17
C ALA EA 9 -62.06 18.34 32.82
N VAL EA 10 -61.03 18.20 31.97
CA VAL EA 10 -60.46 16.89 31.61
C VAL EA 10 -59.95 16.16 32.87
N HIS EA 11 -59.16 16.91 33.65
CA HIS EA 11 -58.60 16.47 34.92
C HIS EA 11 -59.67 15.93 35.88
N TYR EA 12 -60.82 16.60 35.90
CA TYR EA 12 -61.96 16.18 36.71
C TYR EA 12 -62.39 14.75 36.38
N THR EA 13 -62.65 14.52 35.09
CA THR EA 13 -63.12 13.23 34.63
C THR EA 13 -62.02 12.17 34.81
N VAL EA 14 -60.78 12.51 34.48
CA VAL EA 14 -59.65 11.61 34.73
C VAL EA 14 -59.56 11.21 36.23
N GLY EA 15 -59.72 12.19 37.12
CA GLY EA 15 -59.73 11.94 38.57
C GLY EA 15 -60.76 10.93 39.03
N CYS EA 16 -61.97 11.08 38.48
CA CYS EA 16 -63.07 10.15 38.75
C CYS EA 16 -62.70 8.71 38.35
N LEU EA 17 -62.12 8.56 37.16
CA LEU EA 17 -61.76 7.27 36.60
C LEU EA 17 -60.70 6.54 37.41
N CYS EA 18 -59.70 7.29 37.89
CA CYS EA 18 -58.65 6.70 38.68
C CYS EA 18 -59.19 6.24 40.04
N GLU EA 19 -60.13 6.99 40.60
CA GLU EA 19 -60.79 6.53 41.81
C GLU EA 19 -61.59 5.24 41.59
N GLU EA 20 -62.26 5.15 40.44
CA GLU EA 20 -62.92 3.90 40.05
C GLU EA 20 -61.95 2.72 40.03
N VAL EA 21 -60.81 2.91 39.37
CA VAL EA 21 -59.77 1.87 39.30
C VAL EA 21 -59.19 1.59 40.69
N ALA EA 22 -58.98 2.64 41.48
CA ALA EA 22 -58.55 2.49 42.87
C ALA EA 22 -59.50 1.60 43.68
N LEU EA 23 -60.80 1.73 43.45
CA LEU EA 23 -61.82 0.92 44.15
C LEU EA 23 -61.69 -0.58 43.84
N ASP EA 24 -61.34 -0.85 42.59
CA ASP EA 24 -61.13 -2.21 42.10
C ASP EA 24 -59.93 -2.91 42.76
N LYS EA 25 -58.80 -2.20 42.83
CA LYS EA 25 -57.55 -2.74 43.38
C LYS EA 25 -57.44 -2.56 44.89
N ALA EA 26 -58.37 -1.79 45.46
CA ALA EA 26 -58.29 -1.33 46.86
C ALA EA 26 -56.90 -0.80 47.19
N MET EA 27 -56.35 -0.03 46.25
CA MET EA 27 -55.10 0.68 46.46
C MET EA 27 -55.15 2.03 45.76
N GLN EA 28 -54.73 3.05 46.51
CA GLN EA 28 -54.81 4.44 46.06
C GLN EA 28 -53.70 4.79 45.08
N PHE EA 29 -53.98 5.79 44.25
CA PHE EA 29 -52.99 6.40 43.38
C PHE EA 29 -52.51 7.68 44.06
N SER EA 30 -51.25 8.05 43.85
CA SER EA 30 -50.81 9.37 44.27
C SER EA 30 -51.59 10.41 43.48
N LYS EA 31 -51.82 11.55 44.08
CA LYS EA 31 -52.60 12.54 43.38
C LYS EA 31 -51.77 13.12 42.21
N GLN EA 32 -50.44 13.00 42.29
CA GLN EA 32 -49.55 13.39 41.17
C GLN EA 32 -49.84 12.58 39.93
N THR EA 33 -50.12 11.30 40.16
CA THR EA 33 -50.43 10.35 39.10
C THR EA 33 -51.68 10.80 38.31
N ILE EA 34 -52.73 11.15 39.05
CA ILE EA 34 -53.98 11.68 38.46
C ILE EA 34 -53.70 12.91 37.59
N ALA EA 35 -52.91 13.83 38.13
CA ALA EA 35 -52.52 15.04 37.44
C ALA EA 35 -51.74 14.77 36.15
N ALA EA 36 -50.82 13.82 36.25
CA ALA EA 36 -49.99 13.45 35.11
C ALA EA 36 -50.81 12.82 33.99
N ILE EA 37 -51.78 11.96 34.34
CA ILE EA 37 -52.66 11.36 33.33
C ILE EA 37 -53.51 12.44 32.66
N SER EA 38 -53.99 13.40 33.45
CA SER EA 38 -54.77 14.51 32.89
C SER EA 38 -53.95 15.33 31.88
N GLU EA 39 -52.71 15.63 32.26
CA GLU EA 39 -51.80 16.35 31.38
C GLU EA 39 -51.48 15.55 30.12
N LEU EA 40 -51.26 14.26 30.29
CA LEU EA 40 -50.97 13.36 29.20
C LEU EA 40 -52.15 13.28 28.23
N THR EA 41 -53.35 13.26 28.78
CA THR EA 41 -54.54 13.18 27.95
C THR EA 41 -54.72 14.47 27.17
N PHE EA 42 -54.49 15.62 27.81
CA PHE EA 42 -54.50 16.91 27.09
C PHE EA 42 -53.50 16.89 25.91
N ARG EA 43 -52.27 16.49 26.19
CA ARG EA 43 -51.22 16.45 25.17
C ARG EA 43 -51.54 15.43 24.08
N GLN EA 44 -52.04 14.26 24.51
CA GLN EA 44 -52.44 13.18 23.61
C GLN EA 44 -53.49 13.62 22.62
N CYS EA 45 -54.37 14.49 23.07
CA CYS EA 45 -55.46 14.97 22.24
C CYS EA 45 -54.95 15.79 21.06
N GLU EA 46 -53.78 16.40 21.20
CA GLU EA 46 -53.20 17.13 20.09
C GLU EA 46 -52.77 16.16 19.00
N ASN EA 47 -52.10 15.08 19.40
CA ASN EA 47 -51.77 13.99 18.49
C ASN EA 47 -53.00 13.37 17.83
N PHE EA 48 -54.01 13.06 18.62
CA PHE EA 48 -55.27 12.54 18.08
C PHE EA 48 -55.91 13.46 17.05
N ALA EA 49 -56.06 14.74 17.40
CA ALA EA 49 -56.74 15.71 16.54
C ALA EA 49 -56.07 15.87 15.18
N LYS EA 50 -54.75 16.07 15.19
CA LYS EA 50 -53.97 16.27 13.97
C LYS EA 50 -54.04 15.03 13.08
N ASP EA 51 -53.88 13.86 13.68
CA ASP EA 51 -53.94 12.61 12.94
C ASP EA 51 -55.33 12.38 12.36
N LEU EA 52 -56.36 12.65 13.18
CA LEU EA 52 -57.76 12.55 12.73
C LEU EA 52 -58.01 13.43 11.52
N GLU EA 53 -57.50 14.66 11.57
CA GLU EA 53 -57.60 15.59 10.46
C GLU EA 53 -56.94 15.00 9.20
N MET EA 54 -55.70 14.51 9.36
CA MET EA 54 -54.98 13.81 8.28
C MET EA 54 -55.78 12.66 7.67
N PHE EA 55 -56.39 11.84 8.53
CA PHE EA 55 -57.14 10.66 8.08
C PHE EA 55 -58.40 11.04 7.32
N ALA EA 56 -59.11 12.02 7.83
CA ALA EA 56 -60.32 12.51 7.18
C ALA EA 56 -59.98 13.10 5.80
N ARG EA 57 -58.94 13.93 5.77
CA ARG EA 57 -58.43 14.54 4.53
C ARG EA 57 -58.06 13.45 3.51
N HIS EA 58 -57.47 12.36 4.00
CA HIS EA 58 -57.04 11.24 3.13
C HIS EA 58 -58.23 10.52 2.50
N ALA EA 59 -59.37 10.53 3.20
CA ALA EA 59 -60.56 9.82 2.77
C ALA EA 59 -61.59 10.75 2.12
N LYS EA 60 -61.11 11.89 1.66
CA LYS EA 60 -61.94 12.84 0.89
C LYS EA 60 -63.11 13.40 1.73
N ARG EA 61 -62.95 13.50 3.05
CA ARG EA 61 -64.01 14.00 3.92
C ARG EA 61 -63.50 15.09 4.88
N THR EA 62 -64.41 15.91 5.40
CA THR EA 62 -64.07 16.89 6.46
C THR EA 62 -64.60 16.43 7.81
N THR EA 63 -65.50 15.45 7.78
CA THR EA 63 -66.08 14.91 9.01
C THR EA 63 -65.54 13.51 9.28
N ILE EA 64 -64.94 13.36 10.45
CA ILE EA 64 -64.35 12.10 10.88
C ILE EA 64 -65.44 11.09 11.22
N ASN EA 65 -65.31 9.89 10.66
CA ASN EA 65 -66.21 8.77 10.96
C ASN EA 65 -65.50 7.62 11.71
N THR EA 66 -66.24 6.54 11.97
CA THR EA 66 -65.74 5.40 12.75
C THR EA 66 -64.55 4.70 12.11
N GLU EA 67 -64.46 4.76 10.78
CA GLU EA 67 -63.36 4.13 10.06
C GLU EA 67 -62.04 4.79 10.42
N ASP EA 68 -62.04 6.11 10.43
CA ASP EA 68 -60.86 6.89 10.81
C ASP EA 68 -60.40 6.56 12.23
N VAL EA 69 -61.37 6.49 13.16
CA VAL EA 69 -61.10 6.22 14.58
C VAL EA 69 -60.50 4.81 14.74
N LYS EA 70 -61.13 3.82 14.10
CA LYS EA 70 -60.67 2.42 14.17
C LYS EA 70 -59.26 2.30 13.61
N LEU EA 71 -58.98 3.07 12.57
CA LEU EA 71 -57.66 3.10 11.98
C LEU EA 71 -56.67 3.75 12.96
N LEU EA 72 -57.10 4.83 13.62
CA LEU EA 72 -56.29 5.47 14.65
C LEU EA 72 -55.91 4.50 15.80
N ALA EA 73 -56.82 3.59 16.14
CA ALA EA 73 -56.61 2.63 17.23
C ALA EA 73 -55.91 1.33 16.81
N ARG EA 74 -55.15 1.39 15.71
CA ARG EA 74 -54.53 0.20 15.10
C ARG EA 74 -53.44 -0.49 15.94
N ARG EA 75 -52.93 0.20 16.97
CA ARG EA 75 -51.65 -0.22 17.59
C ARG EA 75 -51.64 -1.44 18.54
N SER EA 76 -52.50 -1.44 19.56
CA SER EA 76 -52.63 -2.61 20.45
C SER EA 76 -53.90 -3.42 20.20
N ASN EA 77 -53.69 -4.72 20.12
CA ASN EA 77 -54.71 -5.64 19.65
C ASN EA 77 -55.89 -5.76 20.58
N SER EA 78 -55.63 -5.73 21.89
CA SER EA 78 -56.68 -5.77 22.89
C SER EA 78 -57.55 -4.51 22.81
N LEU EA 79 -56.93 -3.40 22.44
CA LEU EA 79 -57.65 -2.14 22.30
C LEU EA 79 -58.62 -2.20 21.12
N LEU EA 80 -58.20 -2.88 20.05
CA LEU EA 80 -59.01 -2.93 18.84
C LEU EA 80 -60.24 -3.82 18.97
N LYS EA 81 -60.06 -4.99 19.58
CA LYS EA 81 -61.14 -5.93 19.89
C LYS EA 81 -62.21 -5.22 20.75
N TYR EA 82 -61.74 -4.47 21.74
CA TYR EA 82 -62.58 -3.68 22.66
C TYR EA 82 -63.55 -2.79 21.89
N ILE EA 83 -62.97 -1.97 21.03
CA ILE EA 83 -63.67 -0.88 20.38
C ILE EA 83 -64.71 -1.36 19.35
N THR EA 84 -64.39 -2.42 18.60
CA THR EA 84 -65.30 -2.96 17.57
C THR EA 84 -66.66 -3.42 18.13
N ASP EA 85 -66.61 -4.11 19.26
CA ASP EA 85 -67.82 -4.58 19.96
C ASP EA 85 -68.72 -3.40 20.36
N LYS EA 86 -68.11 -2.42 21.02
CA LYS EA 86 -68.77 -1.18 21.41
C LYS EA 86 -69.36 -0.39 20.23
N SER EA 87 -68.74 -0.51 19.06
CA SER EA 87 -69.25 0.15 17.84
C SER EA 87 -70.58 -0.42 17.37
N GLU EA 88 -70.73 -1.74 17.48
CA GLU EA 88 -71.99 -2.42 17.18
C GLU EA 88 -73.09 -2.01 18.16
N GLU EA 89 -72.70 -1.87 19.42
CA GLU EA 89 -73.57 -1.37 20.49
C GLU EA 89 -74.05 0.08 20.21
N ILE EA 90 -73.12 0.98 19.88
CA ILE EA 90 -73.43 2.39 19.57
C ILE EA 90 -74.11 2.53 18.20
N ALA EA 91 -73.83 1.61 17.28
CA ALA EA 91 -74.50 1.58 15.96
C ALA EA 91 -75.99 1.29 16.10
N GLN EA 92 -76.33 0.50 17.11
CA GLN EA 92 -77.72 0.26 17.45
C GLN EA 92 -78.39 1.52 18.03
N ALA EA 93 -77.59 2.39 18.64
CA ALA EA 93 -78.09 3.67 19.13
C ALA EA 93 -78.14 4.70 18.00
N SER FA 1 -71.21 5.70 34.14
CA SER FA 1 -69.80 5.50 34.56
C SER FA 1 -68.83 5.79 33.41
N GLY FA 2 -68.25 7.00 33.39
CA GLY FA 2 -67.31 7.38 32.32
C GLY FA 2 -67.30 8.82 31.83
N PHE FA 3 -66.60 9.04 30.71
CA PHE FA 3 -66.39 10.40 30.16
C PHE FA 3 -67.69 11.04 29.70
N ARG FA 4 -67.73 12.36 29.81
CA ARG FA 4 -68.81 13.14 29.23
C ARG FA 4 -68.49 13.34 27.75
N LYS FA 5 -69.52 13.20 26.91
CA LYS FA 5 -69.38 13.37 25.45
C LYS FA 5 -68.96 14.80 25.07
N GLU FA 6 -69.54 15.77 25.78
CA GLU FA 6 -69.22 17.19 25.59
C GLU FA 6 -67.74 17.48 25.82
N LEU FA 7 -67.19 16.88 26.89
CA LEU FA 7 -65.78 16.99 27.24
C LEU FA 7 -64.90 16.52 26.09
N VAL FA 8 -65.09 15.28 25.66
CA VAL FA 8 -64.32 14.66 24.58
C VAL FA 8 -64.40 15.49 23.29
N SER FA 9 -65.58 16.02 22.97
CA SER FA 9 -65.78 16.86 21.78
C SER FA 9 -64.91 18.11 21.82
N ARG FA 10 -64.98 18.80 22.95
CA ARG FA 10 -64.26 20.04 23.06
C ARG FA 10 -62.75 19.79 23.08
N LEU FA 11 -62.33 18.67 23.66
CA LEU FA 11 -60.90 18.29 23.71
C LEU FA 11 -60.30 18.15 22.34
N LEU FA 12 -61.03 17.49 21.45
CA LEU FA 12 -60.55 17.25 20.09
C LEU FA 12 -60.47 18.57 19.31
N HIS FA 13 -61.53 19.37 19.44
CA HIS FA 13 -61.66 20.60 18.68
C HIS FA 13 -60.61 21.66 19.04
N LEU FA 14 -60.01 21.52 20.24
CA LEU FA 14 -58.95 22.40 20.75
C LEU FA 14 -57.73 22.44 19.82
N HIS FA 15 -57.41 21.30 19.22
CA HIS FA 15 -56.15 21.16 18.52
C HIS FA 15 -56.30 20.94 17.01
N PHE FA 16 -57.54 20.90 16.52
CA PHE FA 16 -57.77 20.79 15.09
C PHE FA 16 -57.15 21.95 14.36
N LYS FA 17 -56.50 21.64 13.24
CA LYS FA 17 -55.98 22.61 12.29
C LYS FA 17 -57.17 23.24 11.58
N ASP FA 18 -57.98 22.42 10.92
CA ASP FA 18 -59.23 22.90 10.38
C ASP FA 18 -60.37 22.63 11.35
N ASP FA 19 -60.99 23.72 11.78
CA ASP FA 19 -62.14 23.63 12.68
C ASP FA 19 -63.41 23.25 11.91
N LYS FA 20 -63.37 23.31 10.58
CA LYS FA 20 -64.50 22.83 9.77
C LYS FA 20 -64.73 21.33 10.00
N THR FA 21 -63.66 20.66 10.45
CA THR FA 21 -63.71 19.28 10.93
C THR FA 21 -64.83 19.07 11.96
N LYS FA 22 -65.63 18.03 11.74
CA LYS FA 22 -66.68 17.69 12.69
C LYS FA 22 -66.54 16.25 13.19
N VAL FA 23 -67.16 15.96 14.32
CA VAL FA 23 -67.19 14.59 14.89
C VAL FA 23 -68.63 14.09 15.03
N SER FA 24 -68.92 12.92 14.45
CA SER FA 24 -70.27 12.35 14.51
C SER FA 24 -70.62 11.90 15.93
N GLY FA 25 -71.91 11.86 16.24
CA GLY FA 25 -72.39 11.42 17.55
C GLY FA 25 -71.91 10.03 17.91
N ASP FA 26 -71.99 9.12 16.95
CA ASP FA 26 -71.53 7.74 17.14
C ASP FA 26 -70.01 7.67 17.31
N ALA FA 27 -69.26 8.45 16.53
CA ALA FA 27 -67.80 8.53 16.68
C ALA FA 27 -67.45 9.07 18.06
N LEU FA 28 -68.17 10.11 18.49
CA LEU FA 28 -67.99 10.67 19.84
C LEU FA 28 -68.22 9.61 20.93
N GLN FA 29 -69.26 8.79 20.77
CA GLN FA 29 -69.55 7.69 21.70
C GLN FA 29 -68.40 6.69 21.81
N LEU FA 30 -67.85 6.29 20.66
CA LEU FA 30 -66.70 5.40 20.64
C LEU FA 30 -65.44 6.02 21.27
N MET FA 31 -65.27 7.33 21.12
CA MET FA 31 -64.10 7.99 21.70
C MET FA 31 -64.18 8.15 23.23
N VAL FA 32 -65.39 8.33 23.75
CA VAL FA 32 -65.64 8.27 25.20
C VAL FA 32 -65.14 6.91 25.74
N GLU FA 33 -65.48 5.83 25.03
CA GLU FA 33 -65.02 4.47 25.34
C GLU FA 33 -63.50 4.37 25.29
N LEU FA 34 -62.89 4.91 24.24
CA LEU FA 34 -61.43 4.87 24.07
C LEU FA 34 -60.65 5.61 25.14
N LEU FA 35 -61.13 6.79 25.52
CA LEU FA 35 -60.44 7.58 26.53
C LEU FA 35 -60.52 6.91 27.88
N LYS FA 36 -61.68 6.32 28.15
CA LYS FA 36 -61.93 5.56 29.35
C LYS FA 36 -60.94 4.38 29.39
N VAL FA 37 -60.87 3.64 28.28
CA VAL FA 37 -59.92 2.51 28.15
C VAL FA 37 -58.47 2.98 28.30
N PHE FA 38 -58.13 4.13 27.72
CA PHE FA 38 -56.79 4.71 27.85
C PHE FA 38 -56.39 4.91 29.33
N VAL FA 39 -57.25 5.60 30.07
CA VAL FA 39 -56.96 5.94 31.45
C VAL FA 39 -56.91 4.67 32.29
N VAL FA 40 -57.90 3.80 32.13
CA VAL FA 40 -57.98 2.54 32.85
C VAL FA 40 -56.74 1.68 32.59
N GLU FA 41 -56.32 1.59 31.33
CA GLU FA 41 -55.11 0.81 31.00
C GLU FA 41 -53.87 1.39 31.66
N ALA FA 42 -53.71 2.72 31.60
CA ALA FA 42 -52.59 3.41 32.27
C ALA FA 42 -52.54 3.03 33.77
N ALA FA 43 -53.69 3.17 34.42
CA ALA FA 43 -53.84 2.90 35.85
C ALA FA 43 -53.62 1.43 36.18
N VAL FA 44 -54.32 0.55 35.45
CA VAL FA 44 -54.24 -0.89 35.70
C VAL FA 44 -52.86 -1.43 35.40
N ARG FA 45 -52.22 -0.94 34.34
CA ARG FA 45 -50.86 -1.37 34.06
C ARG FA 45 -49.88 -0.90 35.13
N GLY FA 46 -50.02 0.33 35.61
CA GLY FA 46 -49.25 0.83 36.77
C GLY FA 46 -49.41 -0.08 37.98
N VAL FA 47 -50.65 -0.47 38.26
CA VAL FA 47 -50.94 -1.42 39.35
C VAL FA 47 -50.25 -2.77 39.14
N ARG FA 48 -50.30 -3.30 37.93
CA ARG FA 48 -49.68 -4.59 37.64
C ARG FA 48 -48.15 -4.52 37.80
N GLN FA 49 -47.57 -3.38 37.44
CA GLN FA 49 -46.14 -3.16 37.63
C GLN FA 49 -45.80 -3.10 39.12
N ALA FA 50 -46.59 -2.35 39.89
CA ALA FA 50 -46.38 -2.28 41.35
C ALA FA 50 -46.46 -3.68 41.98
N GLN FA 51 -47.50 -4.43 41.60
CA GLN FA 51 -47.68 -5.83 42.03
C GLN FA 51 -46.47 -6.69 41.72
N ALA FA 52 -45.97 -6.58 40.48
CA ALA FA 52 -44.85 -7.38 39.99
C ALA FA 52 -43.57 -7.11 40.78
N GLU FA 53 -43.33 -5.86 41.14
CA GLU FA 53 -42.15 -5.49 41.91
C GLU FA 53 -42.38 -5.48 43.43
N ASP FA 54 -43.59 -5.91 43.84
CA ASP FA 54 -43.98 -6.01 45.25
C ASP FA 54 -43.86 -4.66 46.01
N ALA FA 55 -44.34 -3.61 45.35
CA ALA FA 55 -44.25 -2.26 45.87
C ALA FA 55 -45.27 -2.02 46.96
N LEU FA 56 -44.98 -1.04 47.82
CA LEU FA 56 -45.82 -0.65 48.96
C LEU FA 56 -47.15 0.00 48.51
N ARG FA 57 -47.11 0.64 47.34
CA ARG FA 57 -48.29 1.22 46.68
C ARG FA 57 -48.00 1.35 45.17
N VAL FA 58 -49.00 1.77 44.40
CA VAL FA 58 -48.79 2.11 42.99
C VAL FA 58 -48.22 3.55 42.92
N ASP FA 59 -46.92 3.65 42.63
CA ASP FA 59 -46.23 4.96 42.55
C ASP FA 59 -45.86 5.33 41.11
N VAL FA 60 -45.46 6.59 40.91
CA VAL FA 60 -45.05 7.08 39.57
C VAL FA 60 -43.92 6.24 38.97
N ASP FA 61 -43.05 5.69 39.82
CA ASP FA 61 -41.96 4.80 39.39
C ASP FA 61 -42.47 3.63 38.54
N GLN FA 62 -43.53 2.96 39.01
CA GLN FA 62 -44.15 1.85 38.29
C GLN FA 62 -44.86 2.34 37.02
N LEU FA 63 -45.61 3.42 37.12
CA LEU FA 63 -46.27 4.01 35.95
C LEU FA 63 -45.27 4.29 34.83
N GLU FA 64 -44.19 4.98 35.18
CA GLU FA 64 -43.17 5.26 34.18
C GLU FA 64 -42.47 3.97 33.72
N LYS FA 65 -42.49 2.93 34.55
CA LYS FA 65 -42.00 1.62 34.09
C LYS FA 65 -42.95 0.99 33.07
N VAL FA 66 -44.23 1.39 33.12
CA VAL FA 66 -45.22 0.89 32.17
C VAL FA 66 -45.39 1.80 30.96
N LEU FA 67 -44.86 3.03 31.04
CA LEU FA 67 -45.00 4.01 29.94
C LEU FA 67 -44.44 3.54 28.58
N PRO FA 68 -43.25 2.88 28.55
CA PRO FA 68 -42.68 2.52 27.23
C PRO FA 68 -43.68 1.75 26.39
N GLN FA 69 -44.19 0.67 26.97
CA GLN FA 69 -45.10 -0.25 26.33
C GLN FA 69 -46.48 0.39 26.13
N LEU FA 70 -46.92 1.16 27.10
CA LEU FA 70 -48.19 1.86 27.00
C LEU FA 70 -48.20 2.74 25.76
N LEU FA 71 -47.16 3.52 25.57
CA LEU FA 71 -47.12 4.46 24.48
C LEU FA 71 -46.91 3.81 23.11
N LEU FA 72 -46.18 2.69 23.07
CA LEU FA 72 -46.17 1.80 21.90
C LEU FA 72 -47.58 1.33 21.54
N ASP FA 73 -48.39 1.02 22.57
CA ASP FA 73 -49.76 0.52 22.40
C ASP FA 73 -50.76 1.62 22.02
N PHE FA 74 -50.37 2.88 22.25
CA PHE FA 74 -51.22 4.04 21.98
C PHE FA 74 -50.61 5.00 20.95
N SER GA 1 -29.38 -19.18 56.14
CA SER GA 1 -28.36 -19.09 57.21
C SER GA 1 -28.95 -18.74 58.57
N TYR GA 2 -28.14 -18.94 59.62
CA TYR GA 2 -28.61 -18.70 60.97
C TYR GA 2 -28.83 -17.22 61.01
N GLN GA 3 -27.80 -16.57 60.51
CA GLN GA 3 -27.73 -15.16 60.37
C GLN GA 3 -28.73 -14.63 59.34
N GLN GA 4 -28.97 -15.40 58.28
CA GLN GA 4 -29.92 -14.95 57.26
C GLN GA 4 -31.36 -14.78 57.77
N ARG GA 5 -31.90 -15.75 58.47
CA ARG GA 5 -33.26 -15.42 58.89
C ARG GA 5 -33.24 -14.60 60.17
N LEU GA 6 -32.16 -14.63 60.93
CA LEU GA 6 -32.07 -13.65 62.00
C LEU GA 6 -31.95 -12.19 61.50
N LYS GA 7 -31.23 -11.99 60.39
CA LYS GA 7 -31.24 -10.69 59.70
C LYS GA 7 -32.66 -10.33 59.23
N ALA GA 8 -33.43 -11.34 58.81
CA ALA GA 8 -34.82 -11.16 58.38
C ALA GA 8 -35.74 -10.70 59.51
N ALA GA 9 -35.53 -11.25 60.70
CA ALA GA 9 -36.27 -10.84 61.88
C ALA GA 9 -35.93 -9.38 62.23
N VAL GA 10 -34.64 -9.04 62.14
CA VAL GA 10 -34.17 -7.66 62.31
C VAL GA 10 -34.87 -6.73 61.30
N HIS GA 11 -34.78 -7.15 60.04
CA HIS GA 11 -35.37 -6.51 58.85
C HIS GA 11 -36.84 -6.19 59.11
N TYR GA 12 -37.55 -7.17 59.68
CA TYR GA 12 -38.96 -6.99 59.99
C TYR GA 12 -39.21 -5.85 60.96
N THR GA 13 -38.52 -5.91 62.10
CA THR GA 13 -38.72 -4.92 63.14
C THR GA 13 -38.25 -3.54 62.67
N VAL GA 14 -37.12 -3.53 61.95
CA VAL GA 14 -36.62 -2.29 61.33
C VAL GA 14 -37.69 -1.68 60.40
N GLY GA 15 -38.32 -2.52 59.59
CA GLY GA 15 -39.41 -2.09 58.71
C GLY GA 15 -40.55 -1.41 59.43
N CYS GA 16 -40.94 -2.00 60.56
CA CYS GA 16 -42.01 -1.46 61.38
C CYS GA 16 -41.68 -0.06 61.90
N LEU GA 17 -40.45 0.10 62.36
CA LEU GA 17 -40.03 1.38 62.89
C LEU GA 17 -39.92 2.47 61.82
N CYS GA 18 -39.48 2.09 60.62
CA CYS GA 18 -39.42 3.09 59.55
C CYS GA 18 -40.79 3.45 59.02
N GLU GA 19 -41.73 2.50 59.10
CA GLU GA 19 -43.12 2.80 58.86
C GLU GA 19 -43.65 3.88 59.82
N GLU GA 20 -43.31 3.73 61.11
CA GLU GA 20 -43.63 4.74 62.12
C GLU GA 20 -43.07 6.10 61.73
N VAL GA 21 -41.81 6.11 61.35
CA VAL GA 21 -41.13 7.32 60.90
C VAL GA 21 -41.80 7.90 59.64
N ALA GA 22 -42.15 7.02 58.70
CA ALA GA 22 -42.84 7.43 57.46
C ALA GA 22 -44.12 8.21 57.76
N LEU GA 23 -44.87 7.71 58.74
CA LEU GA 23 -46.06 8.40 59.24
C LEU GA 23 -45.79 9.82 59.75
N ASP GA 24 -44.68 9.99 60.47
CA ASP GA 24 -44.34 11.25 61.15
C ASP GA 24 -44.10 12.42 60.20
N LYS GA 25 -43.24 12.23 59.21
CA LYS GA 25 -42.95 13.35 58.30
C LYS GA 25 -43.60 13.16 56.93
N ALA GA 26 -44.47 12.15 56.83
CA ALA GA 26 -45.25 11.94 55.61
C ALA GA 26 -44.37 11.69 54.38
N MET GA 27 -43.39 10.80 54.55
CA MET GA 27 -42.46 10.44 53.48
C MET GA 27 -41.93 9.02 53.63
N GLN GA 28 -41.78 8.32 52.52
CA GLN GA 28 -41.30 6.92 52.55
C GLN GA 28 -39.87 6.72 52.01
N PHE GA 29 -39.28 5.57 52.36
CA PHE GA 29 -37.95 5.18 51.89
C PHE GA 29 -38.05 3.97 50.95
N SER GA 30 -37.01 3.75 50.15
CA SER GA 30 -37.02 2.64 49.22
C SER GA 30 -36.94 1.30 49.94
N LYS GA 31 -37.39 0.25 49.26
CA LYS GA 31 -37.32 -1.13 49.73
C LYS GA 31 -35.86 -1.49 50.02
N GLN GA 32 -34.98 -0.99 49.15
CA GLN GA 32 -33.55 -1.26 49.24
C GLN GA 32 -32.94 -0.53 50.44
N THR GA 33 -33.42 0.68 50.73
CA THR GA 33 -32.98 1.42 51.91
C THR GA 33 -33.30 0.66 53.21
N ILE GA 34 -34.51 0.10 53.26
CA ILE GA 34 -34.93 -0.73 54.40
C ILE GA 34 -33.98 -1.89 54.60
N ALA GA 35 -33.70 -2.60 53.51
CA ALA GA 35 -32.74 -3.70 53.50
C ALA GA 35 -31.33 -3.26 53.92
N ALA GA 36 -30.90 -2.08 53.45
CA ALA GA 36 -29.55 -1.55 53.75
C ALA GA 36 -29.37 -1.23 55.23
N ILE GA 37 -30.41 -0.64 55.81
CA ILE GA 37 -30.42 -0.36 57.23
C ILE GA 37 -30.34 -1.65 58.03
N SER GA 38 -31.12 -2.65 57.62
CA SER GA 38 -31.13 -3.96 58.29
C SER GA 38 -29.76 -4.63 58.25
N GLU GA 39 -29.11 -4.58 57.08
CA GLU GA 39 -27.77 -5.12 56.91
C GLU GA 39 -26.74 -4.35 57.76
N LEU GA 40 -26.86 -3.02 57.77
CA LEU GA 40 -25.95 -2.18 58.53
C LEU GA 40 -26.09 -2.43 60.03
N THR GA 41 -27.34 -2.63 60.45
CA THR GA 41 -27.64 -2.94 61.84
C THR GA 41 -27.04 -4.28 62.24
N PHE GA 42 -27.16 -5.27 61.36
CA PHE GA 42 -26.57 -6.60 61.58
C PHE GA 42 -25.07 -6.48 61.75
N ARG GA 43 -24.42 -5.77 60.84
CA ARG GA 43 -22.99 -5.54 60.88
C ARG GA 43 -22.60 -4.80 62.15
N GLN GA 44 -23.37 -3.76 62.48
CA GLN GA 44 -23.14 -2.95 63.65
C GLN GA 44 -23.16 -3.78 64.94
N CYS GA 45 -23.99 -4.82 64.97
CA CYS GA 45 -24.08 -5.70 66.13
C CYS GA 45 -22.78 -6.45 66.42
N GLU GA 46 -21.99 -6.71 65.39
CA GLU GA 46 -20.72 -7.40 65.58
C GLU GA 46 -19.75 -6.49 66.33
N ASN GA 47 -19.68 -5.24 65.88
CA ASN GA 47 -18.91 -4.19 66.56
C ASN GA 47 -19.32 -4.04 68.02
N PHE GA 48 -20.63 -3.86 68.26
CA PHE GA 48 -21.18 -3.74 69.62
C PHE GA 48 -20.79 -4.93 70.50
N ALA GA 49 -21.04 -6.14 69.99
CA ALA GA 49 -20.87 -7.38 70.74
C ALA GA 49 -19.44 -7.57 71.26
N LYS GA 50 -18.49 -7.46 70.36
CA LYS GA 50 -17.12 -7.76 70.74
C LYS GA 50 -16.54 -6.67 71.63
N ASP GA 51 -16.91 -5.41 71.38
CA ASP GA 51 -16.50 -4.31 72.24
C ASP GA 51 -17.04 -4.47 73.67
N LEU GA 52 -18.32 -4.85 73.76
CA LEU GA 52 -18.99 -5.14 75.02
C LEU GA 52 -18.27 -6.24 75.79
N GLU GA 53 -17.86 -7.29 75.08
CA GLU GA 53 -17.11 -8.40 75.68
C GLU GA 53 -15.82 -7.87 76.30
N MET GA 54 -15.12 -7.05 75.55
CA MET GA 54 -13.84 -6.52 75.98
C MET GA 54 -13.98 -5.57 77.19
N PHE GA 55 -15.05 -4.79 77.19
CA PHE GA 55 -15.34 -3.91 78.34
C PHE GA 55 -15.76 -4.67 79.60
N ALA GA 56 -16.54 -5.73 79.44
CA ALA GA 56 -16.92 -6.59 80.58
C ALA GA 56 -15.68 -7.27 81.16
N ARG GA 57 -14.82 -7.78 80.27
CA ARG GA 57 -13.54 -8.36 80.67
C ARG GA 57 -12.67 -7.37 81.44
N HIS GA 58 -12.67 -6.10 81.01
CA HIS GA 58 -11.95 -5.05 81.74
C HIS GA 58 -12.49 -4.80 83.14
N ALA GA 59 -13.79 -4.99 83.31
CA ALA GA 59 -14.45 -4.73 84.57
C ALA GA 59 -14.60 -6.00 85.40
N LYS GA 60 -13.83 -7.02 85.03
CA LYS GA 60 -13.72 -8.25 85.82
C LYS GA 60 -15.06 -9.00 85.90
N ARG GA 61 -15.89 -8.88 84.85
CA ARG GA 61 -17.19 -9.56 84.79
C ARG GA 61 -17.44 -10.30 83.47
N THR GA 62 -18.30 -11.31 83.53
CA THR GA 62 -18.77 -12.03 82.34
C THR GA 62 -20.17 -11.58 81.98
N THR GA 63 -20.86 -10.96 82.93
CA THR GA 63 -22.24 -10.58 82.73
C THR GA 63 -22.36 -9.08 82.63
N ILE GA 64 -22.90 -8.64 81.50
CA ILE GA 64 -22.92 -7.22 81.15
C ILE GA 64 -24.01 -6.48 81.92
N ASN GA 65 -23.63 -5.35 82.52
CA ASN GA 65 -24.58 -4.46 83.21
C ASN GA 65 -24.80 -3.12 82.52
N THR GA 66 -25.62 -2.30 83.15
CA THR GA 66 -26.05 -1.00 82.64
C THR GA 66 -24.89 -0.04 82.37
N GLU GA 67 -23.85 -0.18 83.18
CA GLU GA 67 -22.69 0.70 83.07
C GLU GA 67 -21.94 0.48 81.76
N ASP GA 68 -21.77 -0.79 81.40
CA ASP GA 68 -21.12 -1.15 80.13
C ASP GA 68 -21.86 -0.52 78.92
N VAL GA 69 -23.19 -0.62 78.94
CA VAL GA 69 -24.05 -0.08 77.86
C VAL GA 69 -23.87 1.44 77.71
N LYS GA 70 -23.97 2.13 78.83
CA LYS GA 70 -23.86 3.58 78.85
C LYS GA 70 -22.46 4.03 78.39
N LEU GA 71 -21.43 3.24 78.74
CA LEU GA 71 -20.08 3.52 78.26
C LEU GA 71 -20.01 3.32 76.74
N LEU GA 72 -20.69 2.30 76.27
CA LEU GA 72 -20.71 2.02 74.85
C LEU GA 72 -21.35 3.17 74.06
N ALA GA 73 -22.37 3.80 74.66
CA ALA GA 73 -23.08 4.90 74.00
C ALA GA 73 -22.46 6.30 74.19
N ARG GA 74 -21.18 6.31 74.61
CA ARG GA 74 -20.45 7.51 75.03
C ARG GA 74 -20.23 8.65 74.00
N ARG GA 75 -20.44 8.37 72.72
CA ARG GA 75 -19.91 9.22 71.63
C ARG GA 75 -20.67 10.53 71.37
N SER GA 76 -21.99 10.47 71.25
CA SER GA 76 -22.79 11.68 71.09
C SER GA 76 -23.53 12.08 72.37
N ASN GA 77 -23.39 13.35 72.69
CA ASN GA 77 -23.90 13.94 73.92
C ASN GA 77 -25.42 13.86 74.04
N SER GA 78 -26.12 14.09 72.92
CA SER GA 78 -27.58 13.99 72.90
C SER GA 78 -28.02 12.57 73.23
N LEU GA 79 -27.19 11.61 72.83
CA LEU GA 79 -27.48 10.22 73.08
C LEU GA 79 -27.29 9.89 74.55
N LEU GA 80 -26.22 10.41 75.13
CA LEU GA 80 -25.89 10.18 76.55
C LEU GA 80 -27.03 10.62 77.45
N LYS GA 81 -27.55 11.82 77.18
CA LYS GA 81 -28.64 12.40 77.95
C LYS GA 81 -29.92 11.56 77.75
N TYR GA 82 -30.22 11.26 76.49
CA TYR GA 82 -31.34 10.38 76.12
C TYR GA 82 -31.32 9.06 76.92
N ILE GA 83 -30.15 8.40 76.91
CA ILE GA 83 -29.97 7.07 77.50
C ILE GA 83 -30.12 7.05 79.02
N THR GA 84 -29.50 8.02 79.68
CA THR GA 84 -29.59 8.11 81.14
C THR GA 84 -31.04 8.24 81.60
N ASP GA 85 -31.80 9.09 80.90
CA ASP GA 85 -33.23 9.29 81.17
C ASP GA 85 -34.01 7.99 81.14
N LYS GA 86 -33.89 7.30 80.00
CA LYS GA 86 -34.56 6.04 79.83
C LYS GA 86 -34.06 4.93 80.79
N SER GA 87 -32.81 5.05 81.27
CA SER GA 87 -32.25 4.10 82.26
C SER GA 87 -32.97 4.21 83.60
N GLU GA 88 -33.41 5.42 83.92
CA GLU GA 88 -34.25 5.65 85.08
C GLU GA 88 -35.65 5.02 84.91
N GLU GA 89 -36.20 5.12 83.70
CA GLU GA 89 -37.48 4.51 83.34
C GLU GA 89 -37.45 2.99 83.49
N ILE GA 90 -36.33 2.40 83.07
CA ILE GA 90 -36.17 0.95 83.16
C ILE GA 90 -35.89 0.48 84.61
N ALA GA 91 -35.14 1.27 85.37
CA ALA GA 91 -34.84 0.96 86.79
C ALA GA 91 -36.11 0.88 87.67
N GLN GA 92 -37.16 1.57 87.21
CA GLN GA 92 -38.50 1.46 87.81
C GLN GA 92 -39.07 0.05 87.79
N ALA GA 93 -38.77 -0.71 86.72
CA ALA GA 93 -39.22 -2.11 86.62
C ALA GA 93 -38.33 -3.03 87.41
N SER HA 1 -44.75 -0.23 70.05
CA SER HA 1 -43.93 0.75 69.27
C SER HA 1 -42.45 0.62 69.62
N GLY HA 2 -41.76 -0.31 68.96
CA GLY HA 2 -40.34 -0.60 69.23
C GLY HA 2 -39.89 -2.07 69.10
N PHE HA 3 -38.61 -2.33 69.40
CA PHE HA 3 -38.00 -3.67 69.23
C PHE HA 3 -38.39 -4.69 70.30
N ARG HA 4 -38.66 -5.92 69.88
CA ARG HA 4 -39.08 -6.97 70.81
C ARG HA 4 -37.84 -7.56 71.47
N LYS HA 5 -37.96 -7.85 72.76
CA LYS HA 5 -36.79 -8.10 73.60
C LYS HA 5 -36.04 -9.39 73.25
N GLU HA 6 -36.79 -10.44 72.95
CA GLU HA 6 -36.17 -11.72 72.66
C GLU HA 6 -35.37 -11.63 71.36
N LEU HA 7 -35.88 -10.85 70.41
CA LEU HA 7 -35.19 -10.58 69.15
C LEU HA 7 -33.83 -9.94 69.41
N VAL HA 8 -33.84 -8.83 70.14
CA VAL HA 8 -32.61 -8.07 70.45
C VAL HA 8 -31.57 -8.98 71.11
N SER HA 9 -32.03 -9.82 72.04
CA SER HA 9 -31.14 -10.71 72.77
C SER HA 9 -30.47 -11.69 71.83
N ARG HA 10 -31.28 -12.30 70.97
CA ARG HA 10 -30.78 -13.30 70.03
C ARG HA 10 -29.77 -12.69 69.04
N LEU HA 11 -30.03 -11.45 68.61
CA LEU HA 11 -29.15 -10.76 67.65
C LEU HA 11 -27.74 -10.59 68.18
N LEU HA 12 -27.65 -10.15 69.43
CA LEU HA 12 -26.36 -9.89 70.02
C LEU HA 12 -25.58 -11.19 70.24
N HIS HA 13 -26.27 -12.21 70.73
CA HIS HA 13 -25.60 -13.47 71.08
C HIS HA 13 -25.07 -14.26 69.89
N LEU HA 14 -25.56 -13.94 68.69
CA LEU HA 14 -24.99 -14.53 67.48
C LEU HA 14 -23.53 -14.16 67.28
N HIS HA 15 -23.08 -13.07 67.89
CA HIS HA 15 -21.73 -12.54 67.59
C HIS HA 15 -20.71 -12.61 68.74
N PHE HA 16 -21.19 -12.92 69.93
CA PHE HA 16 -20.29 -13.12 71.06
C PHE HA 16 -19.38 -14.31 70.83
N LYS HA 17 -18.12 -14.18 71.21
CA LYS HA 17 -17.20 -15.29 71.13
C LYS HA 17 -17.37 -16.31 72.25
N ASP HA 18 -17.56 -15.85 73.48
CA ASP HA 18 -17.79 -16.77 74.62
C ASP HA 18 -19.28 -16.93 74.95
N ASP HA 19 -19.73 -18.18 75.02
CA ASP HA 19 -21.14 -18.47 75.31
C ASP HA 19 -21.52 -18.38 76.79
N LYS HA 20 -20.52 -18.28 77.67
CA LYS HA 20 -20.71 -17.95 79.08
C LYS HA 20 -21.71 -16.81 79.26
N THR HA 21 -21.60 -15.84 78.36
CA THR HA 21 -22.25 -14.55 78.47
C THR HA 21 -23.75 -14.59 78.75
N LYS HA 22 -24.14 -13.90 79.83
CA LYS HA 22 -25.53 -13.55 80.09
C LYS HA 22 -25.67 -12.02 80.30
N VAL HA 23 -26.90 -11.51 80.20
CA VAL HA 23 -27.15 -10.06 80.23
C VAL HA 23 -28.30 -9.73 81.16
N SER HA 24 -28.13 -8.69 81.98
CA SER HA 24 -29.21 -8.16 82.80
C SER HA 24 -30.41 -7.67 81.98
N GLY HA 25 -31.60 -7.82 82.56
CA GLY HA 25 -32.85 -7.48 81.89
C GLY HA 25 -32.97 -5.98 81.64
N ASP HA 26 -32.41 -5.20 82.54
CA ASP HA 26 -32.42 -3.75 82.40
C ASP HA 26 -31.54 -3.33 81.22
N ALA HA 27 -30.38 -3.98 81.05
CA ALA HA 27 -29.52 -3.72 79.89
C ALA HA 27 -30.26 -4.04 78.59
N LEU HA 28 -31.00 -5.16 78.55
CA LEU HA 28 -31.78 -5.52 77.36
C LEU HA 28 -32.85 -4.49 77.04
N GLN HA 29 -33.50 -3.97 78.09
CA GLN HA 29 -34.50 -2.92 77.93
CA GLN HA 29 -34.49 -2.92 77.93
C GLN HA 29 -33.86 -1.71 77.25
N LEU HA 30 -32.69 -1.32 77.73
CA LEU HA 30 -31.93 -0.22 77.12
C LEU HA 30 -31.51 -0.50 75.68
N MET HA 31 -31.22 -1.75 75.35
CA MET HA 31 -30.82 -2.11 74.00
C MET HA 31 -31.96 -2.01 72.99
N VAL HA 32 -33.14 -2.41 73.42
CA VAL HA 32 -34.36 -2.17 72.66
C VAL HA 32 -34.51 -0.67 72.33
N GLU HA 33 -34.27 0.18 73.32
CA GLU HA 33 -34.28 1.65 73.18
C GLU HA 33 -33.18 2.17 72.25
N LEU HA 34 -31.97 1.60 72.38
CA LEU HA 34 -30.82 2.01 71.56
C LEU HA 34 -31.07 1.74 70.09
N LEU HA 35 -31.64 0.57 69.80
CA LEU HA 35 -31.91 0.18 68.43
C LEU HA 35 -32.96 1.10 67.82
N LYS HA 36 -33.99 1.41 68.60
CA LYS HA 36 -35.03 2.36 68.22
C LYS HA 36 -34.38 3.72 67.85
N VAL HA 37 -33.57 4.24 68.77
CA VAL HA 37 -32.91 5.54 68.58
C VAL HA 37 -31.94 5.54 67.38
N PHE HA 38 -31.21 4.44 67.21
CA PHE HA 38 -30.31 4.24 66.07
C PHE HA 38 -31.07 4.40 64.75
N VAL HA 39 -32.14 3.63 64.61
CA VAL HA 39 -32.92 3.59 63.37
C VAL HA 39 -33.60 4.91 63.13
N VAL HA 40 -34.20 5.46 64.18
CA VAL HA 40 -34.88 6.75 64.11
C VAL HA 40 -33.93 7.85 63.67
N GLU HA 41 -32.73 7.87 64.23
CA GLU HA 41 -31.79 8.92 63.85
C GLU HA 41 -31.31 8.76 62.40
N ALA HA 42 -31.10 7.51 61.98
CA ALA HA 42 -30.80 7.22 60.57
C ALA HA 42 -31.89 7.80 59.66
N ALA HA 43 -33.14 7.50 59.99
CA ALA HA 43 -34.28 7.99 59.23
C ALA HA 43 -34.45 9.52 59.30
N VAL HA 44 -34.36 10.11 60.50
CA VAL HA 44 -34.51 11.56 60.70
C VAL HA 44 -33.47 12.32 59.89
N ARG HA 45 -32.22 11.90 60.00
CA ARG HA 45 -31.16 12.61 59.31
C ARG HA 45 -31.26 12.39 57.79
N GLY HA 46 -31.65 11.20 57.35
CA GLY HA 46 -31.94 10.95 55.93
C GLY HA 46 -33.02 11.86 55.38
N VAL HA 47 -34.08 12.04 56.17
CA VAL HA 47 -35.18 12.96 55.87
C VAL HA 47 -34.65 14.36 55.71
N ARG HA 48 -33.80 14.77 56.64
CA ARG HA 48 -33.25 16.11 56.59
C ARG HA 48 -32.35 16.33 55.37
N GLN HA 49 -31.60 15.30 54.96
CA GLN HA 49 -30.77 15.38 53.74
C GLN HA 49 -31.64 15.56 52.50
N ALA HA 50 -32.69 14.74 52.41
CA ALA HA 50 -33.61 14.81 51.29
C ALA HA 50 -34.25 16.20 51.19
N GLN HA 51 -34.79 16.68 52.31
CA GLN HA 51 -35.37 18.01 52.40
C GLN HA 51 -34.39 19.08 51.92
N ALA HA 52 -33.14 18.96 52.36
CA ALA HA 52 -32.10 19.94 52.08
C ALA HA 52 -31.81 20.04 50.59
N GLU HA 53 -31.82 18.91 49.90
CA GLU HA 53 -31.60 18.95 48.45
C GLU HA 53 -32.92 19.06 47.68
N ASP HA 54 -34.01 19.18 48.43
CA ASP HA 54 -35.37 19.22 47.90
C ASP HA 54 -35.68 17.97 47.09
N ALA HA 55 -35.26 16.82 47.64
CA ALA HA 55 -35.42 15.51 46.99
C ALA HA 55 -36.85 15.04 47.01
N LEU HA 56 -37.13 14.12 46.09
CA LEU HA 56 -38.47 13.60 45.79
C LEU HA 56 -39.03 12.81 46.96
N ARG HA 57 -38.11 12.15 47.65
CA ARG HA 57 -38.36 11.32 48.82
C ARG HA 57 -36.98 11.05 49.39
N VAL HA 58 -36.94 10.31 50.49
CA VAL HA 58 -35.67 9.85 51.05
C VAL HA 58 -35.23 8.57 50.33
N ASP HA 59 -34.26 8.72 49.43
CA ASP HA 59 -33.75 7.63 48.58
C ASP HA 59 -32.27 7.31 48.91
N VAL HA 60 -31.74 6.24 48.28
CA VAL HA 60 -30.38 5.73 48.55
C VAL HA 60 -29.26 6.79 48.46
N ASP HA 61 -29.35 7.70 47.50
CA ASP HA 61 -28.38 8.79 47.39
C ASP HA 61 -28.25 9.62 48.66
N GLN HA 62 -29.38 10.01 49.25
CA GLN HA 62 -29.37 10.82 50.47
C GLN HA 62 -28.82 10.00 51.63
N LEU HA 63 -29.27 8.74 51.74
CA LEU HA 63 -28.81 7.79 52.77
C LEU HA 63 -27.30 7.80 52.80
N GLU HA 64 -26.72 7.55 51.64
CA GLU HA 64 -25.29 7.48 51.50
C GLU HA 64 -24.63 8.84 51.80
N LYS HA 65 -25.37 9.93 51.58
CA LYS HA 65 -24.88 11.26 51.96
C LYS HA 65 -24.88 11.43 53.48
N VAL HA 66 -25.77 10.69 54.15
CA VAL HA 66 -25.88 10.80 55.62
C VAL HA 66 -25.11 9.70 56.35
N LEU HA 67 -24.67 8.68 55.61
CA LEU HA 67 -23.96 7.56 56.21
C LEU HA 67 -22.70 7.97 56.93
N PRO HA 68 -21.91 8.90 56.34
CA PRO HA 68 -20.66 9.31 56.96
C PRO HA 68 -20.85 9.64 58.42
N GLN HA 69 -21.72 10.62 58.67
CA GLN HA 69 -21.95 11.18 60.00
C GLN HA 69 -22.64 10.17 60.92
N LEU HA 70 -23.57 9.41 60.36
CA LEU HA 70 -24.27 8.37 61.09
C LEU HA 70 -23.30 7.41 61.74
N LEU HA 71 -22.39 6.89 60.94
CA LEU HA 71 -21.49 5.87 61.43
C LEU HA 71 -20.42 6.43 62.36
N LEU HA 72 -20.06 7.69 62.18
CA LEU HA 72 -19.19 8.36 63.15
C LEU HA 72 -19.92 8.46 64.49
N ASP HA 73 -21.23 8.69 64.42
CA ASP HA 73 -22.05 8.83 65.62
C ASP HA 73 -22.30 7.47 66.29
N PHE HA 74 -22.03 6.39 65.56
CA PHE HA 74 -22.10 5.04 66.10
C PHE HA 74 -20.79 4.30 65.88
N SER IA 1 13.01 78.72 -47.81
CA SER IA 1 14.11 78.05 -47.06
C SER IA 1 15.47 78.26 -47.72
N TYR IA 2 16.50 77.86 -47.00
CA TYR IA 2 17.86 77.89 -47.52
C TYR IA 2 18.00 77.25 -48.91
N GLN IA 3 17.41 76.07 -49.07
CA GLN IA 3 17.47 75.34 -50.33
C GLN IA 3 16.66 75.99 -51.47
N GLN IA 4 15.54 76.64 -51.15
CA GLN IA 4 14.74 77.32 -52.16
C GLN IA 4 15.50 78.48 -52.76
N ARG IA 5 16.28 79.14 -51.90
CA ARG IA 5 17.15 80.23 -52.31
C ARG IA 5 18.21 79.72 -53.30
N LEU IA 6 18.84 78.62 -52.93
CA LEU IA 6 19.86 78.03 -53.79
C LEU IA 6 19.29 77.57 -55.14
N LYS IA 7 18.08 77.02 -55.12
CA LYS IA 7 17.36 76.63 -56.35
C LYS IA 7 17.13 77.82 -57.30
N ALA IA 8 16.72 78.95 -56.72
CA ALA IA 8 16.40 80.13 -57.53
C ALA IA 8 17.68 80.70 -58.15
N ALA IA 9 18.78 80.62 -57.41
CA ALA IA 9 20.08 81.02 -57.91
C ALA IA 9 20.52 80.14 -59.08
N VAL IA 10 20.23 78.84 -58.96
CA VAL IA 10 20.50 77.88 -60.03
C VAL IA 10 19.80 78.30 -61.34
N HIS IA 11 18.55 78.73 -61.19
CA HIS IA 11 17.72 79.19 -62.31
C HIS IA 11 18.41 80.28 -63.10
N TYR IA 12 19.00 81.21 -62.37
CA TYR IA 12 19.70 82.33 -62.99
C TYR IA 12 20.88 81.86 -63.86
N THR IA 13 21.71 80.95 -63.34
CA THR IA 13 22.85 80.46 -64.13
C THR IA 13 22.38 79.64 -65.34
N VAL IA 14 21.38 78.80 -65.12
CA VAL IA 14 20.81 78.01 -66.21
C VAL IA 14 20.28 78.96 -67.28
N GLY IA 15 19.55 79.99 -66.84
CA GLY IA 15 19.03 81.03 -67.73
C GLY IA 15 20.11 81.69 -68.59
N CYS IA 16 21.25 81.99 -67.97
CA CYS IA 16 22.37 82.61 -68.66
C CYS IA 16 22.92 81.72 -69.79
N LEU IA 17 23.10 80.44 -69.51
CA LEU IA 17 23.70 79.55 -70.48
C LEU IA 17 22.77 79.31 -71.64
N CYS IA 18 21.47 79.28 -71.34
CA CYS IA 18 20.46 79.12 -72.37
C CYS IA 18 20.42 80.32 -73.29
N GLU IA 19 20.65 81.50 -72.74
CA GLU IA 19 20.75 82.71 -73.55
C GLU IA 19 21.90 82.62 -74.54
N GLU IA 20 23.05 82.12 -74.07
CA GLU IA 20 24.21 81.86 -74.92
C GLU IA 20 23.83 80.96 -76.09
N VAL IA 21 23.19 79.85 -75.76
CA VAL IA 21 22.76 78.88 -76.76
C VAL IA 21 21.71 79.48 -77.69
N ALA IA 22 20.76 80.24 -77.12
CA ALA IA 22 19.75 80.96 -77.91
C ALA IA 22 20.42 81.82 -78.97
N LEU IA 23 21.48 82.53 -78.55
CA LEU IA 23 22.32 83.36 -79.40
C LEU IA 23 22.90 82.52 -80.55
N ASP IA 24 23.42 81.35 -80.19
CA ASP IA 24 24.03 80.42 -81.12
C ASP IA 24 23.05 79.84 -82.16
N LYS IA 25 21.90 79.37 -81.70
CA LYS IA 25 20.98 78.61 -82.53
C LYS IA 25 19.95 79.46 -83.25
N ALA IA 26 19.95 80.75 -82.92
CA ALA IA 26 18.98 81.64 -83.51
C ALA IA 26 17.54 81.20 -83.20
N MET IA 27 17.31 80.71 -81.98
CA MET IA 27 15.96 80.40 -81.53
C MET IA 27 15.78 80.63 -80.02
N GLN IA 28 14.59 81.09 -79.65
CA GLN IA 28 14.31 81.56 -78.28
C GLN IA 28 13.58 80.54 -77.42
N PHE IA 29 13.87 80.61 -76.13
CA PHE IA 29 13.46 79.62 -75.14
C PHE IA 29 12.36 80.17 -74.26
N SER IA 30 11.34 79.36 -73.98
CA SER IA 30 10.29 79.78 -73.07
C SER IA 30 10.84 79.84 -71.64
N LYS IA 31 10.24 80.70 -70.80
CA LYS IA 31 10.54 80.77 -69.35
C LYS IA 31 10.32 79.40 -68.70
N GLN IA 32 9.31 78.67 -69.19
CA GLN IA 32 8.97 77.35 -68.66
C GLN IA 32 10.09 76.33 -68.95
N THR IA 33 10.65 76.41 -70.15
CA THR IA 33 11.79 75.59 -70.58
C THR IA 33 12.95 75.79 -69.63
N ILE IA 34 13.23 77.06 -69.39
CA ILE IA 34 14.27 77.47 -68.48
C ILE IA 34 14.05 76.86 -67.10
N ALA IA 35 12.83 77.04 -66.58
CA ALA IA 35 12.43 76.49 -65.28
C ALA IA 35 12.61 74.97 -65.23
N ALA IA 36 12.17 74.30 -66.28
CA ALA IA 36 12.21 72.84 -66.34
C ALA IA 36 13.63 72.31 -66.29
N ILE IA 37 14.53 72.92 -67.07
CA ILE IA 37 15.91 72.45 -67.08
C ILE IA 37 16.59 72.77 -65.76
N SER IA 38 16.24 73.90 -65.16
CA SER IA 38 16.77 74.24 -63.83
C SER IA 38 16.36 73.17 -62.80
N GLU IA 39 15.10 72.78 -62.83
CA GLU IA 39 14.61 71.77 -61.91
C GLU IA 39 15.25 70.42 -62.18
N LEU IA 40 15.40 70.09 -63.47
CA LEU IA 40 16.06 68.86 -63.88
C LEU IA 40 17.51 68.78 -63.37
N THR IA 41 18.21 69.91 -63.48
CA THR IA 41 19.61 69.96 -63.06
C THR IA 41 19.72 69.79 -61.56
N PHE IA 42 18.80 70.42 -60.84
CA PHE IA 42 18.71 70.28 -59.39
C PHE IA 42 18.52 68.80 -59.00
N ARG IA 43 17.54 68.15 -59.62
CA ARG IA 43 17.25 66.72 -59.46
C ARG IA 43 18.48 65.89 -59.71
N GLN IA 44 19.09 66.19 -60.85
CA GLN IA 44 20.21 65.46 -61.39
C GLN IA 44 21.36 65.42 -60.42
N CYS IA 45 21.55 66.51 -59.68
CA CYS IA 45 22.67 66.60 -58.77
C CYS IA 45 22.52 65.67 -57.55
N GLU IA 46 21.29 65.30 -57.23
CA GLU IA 46 21.05 64.32 -56.18
C GLU IA 46 21.62 62.97 -56.60
N ASN IA 47 21.30 62.56 -57.83
CA ASN IA 47 21.82 61.31 -58.39
C ASN IA 47 23.35 61.33 -58.55
N PHE IA 48 23.89 62.46 -59.02
CA PHE IA 48 25.34 62.61 -59.12
C PHE IA 48 26.01 62.44 -57.77
N ALA IA 49 25.52 63.18 -56.78
CA ALA IA 49 26.03 63.17 -55.41
C ALA IA 49 26.11 61.76 -54.80
N LYS IA 50 25.00 61.06 -54.80
CA LYS IA 50 24.95 59.78 -54.12
C LYS IA 50 25.73 58.65 -54.88
N ASP IA 51 25.75 58.72 -56.22
CA ASP IA 51 26.59 57.79 -57.01
C ASP IA 51 28.05 58.02 -56.73
N LEU IA 52 28.45 59.29 -56.72
CA LEU IA 52 29.83 59.64 -56.43
C LEU IA 52 30.24 59.15 -55.03
N GLU IA 53 29.33 59.24 -54.07
CA GLU IA 53 29.54 58.70 -52.71
C GLU IA 53 29.88 57.20 -52.76
N MET IA 54 29.04 56.46 -53.47
CA MET IA 54 29.17 55.01 -53.65
C MET IA 54 30.57 54.65 -54.16
N PHE IA 55 31.00 55.41 -55.18
CA PHE IA 55 32.29 55.19 -55.85
C PHE IA 55 33.49 55.47 -54.94
N ALA IA 56 33.44 56.61 -54.24
CA ALA IA 56 34.54 57.02 -53.37
C ALA IA 56 34.69 56.02 -52.23
N ARG IA 57 33.57 55.67 -51.60
CA ARG IA 57 33.60 54.73 -50.50
C ARG IA 57 34.04 53.33 -50.95
N HIS IA 58 33.72 52.94 -52.19
CA HIS IA 58 34.22 51.64 -52.70
C HIS IA 58 35.75 51.58 -52.80
N ALA IA 59 36.36 52.73 -53.06
CA ALA IA 59 37.81 52.81 -53.24
C ALA IA 59 38.52 53.18 -51.94
N LYS IA 60 37.80 53.04 -50.82
CA LYS IA 60 38.35 53.23 -49.49
C LYS IA 60 38.91 54.64 -49.30
N ARG IA 61 38.17 55.60 -49.87
CA ARG IA 61 38.46 57.04 -49.74
C ARG IA 61 37.20 57.84 -49.36
N THR IA 62 37.41 58.99 -48.71
CA THR IA 62 36.32 59.91 -48.33
C THR IA 62 36.21 61.08 -49.30
N THR IA 63 37.28 61.30 -50.07
CA THR IA 63 37.34 62.42 -51.01
C THR IA 63 37.22 61.89 -52.44
N ILE IA 64 36.16 62.29 -53.13
CA ILE IA 64 35.89 61.90 -54.51
C ILE IA 64 36.88 62.57 -55.48
N ASN IA 65 37.48 61.79 -56.38
CA ASN IA 65 38.43 62.33 -57.38
C ASN IA 65 37.99 62.21 -58.84
N THR IA 66 38.90 62.58 -59.74
CA THR IA 66 38.67 62.65 -61.19
C THR IA 66 38.22 61.33 -61.77
N GLU IA 67 38.72 60.24 -61.21
CA GLU IA 67 38.43 58.92 -61.73
C GLU IA 67 36.97 58.57 -61.52
N ASP IA 68 36.46 58.87 -60.33
CA ASP IA 68 35.07 58.62 -60.01
C ASP IA 68 34.15 59.40 -60.97
N VAL IA 69 34.50 60.66 -61.18
CA VAL IA 69 33.74 61.56 -62.04
C VAL IA 69 33.72 61.06 -63.49
N LYS IA 70 34.88 60.72 -64.01
CA LYS IA 70 34.98 60.26 -65.39
C LYS IA 70 34.24 58.94 -65.57
N LEU IA 71 34.20 58.11 -64.53
CA LEU IA 71 33.38 56.90 -64.61
C LEU IA 71 31.91 57.28 -64.59
N LEU IA 72 31.56 58.32 -63.84
CA LEU IA 72 30.18 58.80 -63.84
C LEU IA 72 29.75 59.28 -65.23
N ALA IA 73 30.68 59.92 -65.96
CA ALA IA 73 30.41 60.41 -67.32
C ALA IA 73 30.68 59.37 -68.42
N ARG IA 74 30.58 58.09 -68.07
CA ARG IA 74 30.87 56.94 -68.96
C ARG IA 74 29.90 56.75 -70.13
N ARG IA 75 28.82 57.53 -70.13
CA ARG IA 75 27.57 57.18 -70.82
C ARG IA 75 27.54 57.34 -72.33
N SER IA 76 27.69 58.59 -72.79
CA SER IA 76 27.82 58.90 -74.21
C SER IA 76 29.31 59.13 -74.51
N ASN IA 77 29.79 58.56 -75.60
CA ASN IA 77 31.23 58.57 -75.89
C ASN IA 77 31.77 59.94 -76.26
N SER IA 78 30.93 60.78 -76.87
CA SER IA 78 31.23 62.19 -77.08
C SER IA 78 31.48 62.90 -75.75
N LEU IA 79 30.67 62.55 -74.76
CA LEU IA 79 30.76 63.11 -73.43
C LEU IA 79 32.13 62.74 -72.87
N LEU IA 80 32.48 61.46 -73.03
CA LEU IA 80 33.69 60.88 -72.47
C LEU IA 80 34.95 61.51 -73.06
N LYS IA 81 34.98 61.54 -74.39
CA LYS IA 81 36.03 62.19 -75.20
C LYS IA 81 36.22 63.63 -74.70
N TYR IA 82 35.10 64.36 -74.69
CA TYR IA 82 35.02 65.76 -74.29
C TYR IA 82 35.74 65.95 -72.95
N ILE IA 83 35.31 65.17 -71.97
CA ILE IA 83 35.73 65.32 -70.59
C ILE IA 83 37.21 65.03 -70.38
N THR IA 84 37.68 63.95 -70.99
CA THR IA 84 39.06 63.55 -70.85
C THR IA 84 39.96 64.69 -71.30
N ASP IA 85 39.64 65.25 -72.46
CA ASP IA 85 40.37 66.41 -72.99
C ASP IA 85 40.42 67.52 -71.96
N LYS IA 86 39.25 67.81 -71.40
CA LYS IA 86 39.11 68.86 -70.42
C LYS IA 86 39.88 68.60 -69.12
N SER IA 87 39.93 67.34 -68.71
CA SER IA 87 40.70 66.95 -67.50
C SER IA 87 42.22 67.16 -67.68
N GLU IA 88 42.68 67.07 -68.92
CA GLU IA 88 44.09 67.32 -69.22
C GLU IA 88 44.47 68.79 -69.09
N GLU IA 89 43.54 69.64 -69.54
CA GLU IA 89 43.65 71.09 -69.39
C GLU IA 89 43.83 71.42 -67.89
N ILE IA 90 42.99 70.78 -67.07
CA ILE IA 90 43.05 70.84 -65.62
C ILE IA 90 44.43 70.45 -65.11
N ALA IA 91 44.99 69.37 -65.66
CA ALA IA 91 46.35 68.93 -65.32
C ALA IA 91 47.39 70.04 -65.52
N GLN IA 92 47.16 70.87 -66.52
CA GLN IA 92 48.06 72.00 -66.80
C GLN IA 92 47.82 73.20 -65.86
N ALA IA 93 46.59 73.37 -65.40
CA ALA IA 93 46.27 74.32 -64.32
C ALA IA 93 46.91 73.88 -63.00
N ASN IA 94 46.98 72.56 -62.80
CA ASN IA 94 47.77 71.93 -61.71
C ASN IA 94 49.27 72.24 -61.83
N LEU IA 95 49.76 72.26 -63.08
CA LEU IA 95 51.17 72.56 -63.38
C LEU IA 95 51.56 74.01 -63.02
N GLU IA 96 50.57 74.92 -63.04
CA GLU IA 96 50.71 76.26 -62.44
C GLU IA 96 51.05 76.20 -60.94
N ARG IA 97 50.43 75.26 -60.23
CA ARG IA 97 50.82 74.97 -58.83
C ARG IA 97 52.31 74.64 -58.66
N LYS IA 98 52.92 74.01 -59.68
CA LYS IA 98 54.38 73.82 -59.77
C LYS IA 98 55.15 75.12 -59.63
N ALA IA 99 54.70 76.12 -60.38
CA ALA IA 99 55.32 77.44 -60.37
C ALA IA 99 55.15 78.14 -59.02
N GLN IA 100 54.08 77.78 -58.29
CA GLN IA 100 53.76 78.34 -56.99
C GLN IA 100 54.87 78.23 -55.94
N LYS IA 101 55.37 77.03 -55.67
CA LYS IA 101 56.50 76.96 -54.72
C LYS IA 101 57.81 77.26 -55.46
N LYS IA 102 58.60 78.21 -54.97
CA LYS IA 102 59.91 78.45 -55.57
C LYS IA 102 60.87 77.42 -54.98
N LYS IA 103 61.82 76.93 -55.78
CA LYS IA 103 62.71 75.85 -55.33
C LYS IA 103 64.21 76.23 -55.31
N LYS IA 104 64.95 75.56 -54.43
CA LYS IA 104 66.18 76.12 -53.83
C LYS IA 104 67.45 76.28 -54.69
N SER IA 105 67.90 75.22 -55.36
CA SER IA 105 69.24 75.24 -55.99
C SER IA 105 69.41 76.27 -57.10
N SER JA 1 20.00 33.25 -86.43
CA SER JA 1 21.35 33.40 -85.81
C SER JA 1 21.26 33.19 -84.31
N TYR JA 2 22.43 33.11 -83.67
CA TYR JA 2 22.55 32.86 -82.24
C TYR JA 2 21.72 33.83 -81.39
N GLN JA 3 21.89 35.13 -81.65
CA GLN JA 3 21.18 36.20 -80.93
C GLN JA 3 19.66 36.12 -81.11
N GLN JA 4 19.25 35.74 -82.31
CA GLN JA 4 17.84 35.67 -82.64
C GLN JA 4 17.14 34.54 -81.89
N ARG JA 5 17.84 33.41 -81.76
CA ARG JA 5 17.34 32.27 -80.99
C ARG JA 5 17.13 32.66 -79.52
N LEU JA 6 18.14 33.35 -78.97
CA LEU JA 6 18.05 33.78 -77.60
C LEU JA 6 16.94 34.82 -77.36
N LYS JA 7 16.71 35.71 -78.33
CA LYS JA 7 15.61 36.67 -78.23
C LYS JA 7 14.24 35.98 -78.21
N ALA JA 8 14.13 34.87 -78.94
CA ALA JA 8 12.91 34.06 -78.97
C ALA JA 8 12.62 33.44 -77.60
N ALA JA 9 13.66 32.92 -76.99
CA ALA JA 9 13.57 32.37 -75.66
C ALA JA 9 13.21 33.46 -74.66
N VAL JA 10 13.77 34.66 -74.82
CA VAL JA 10 13.45 35.81 -73.97
C VAL JA 10 11.97 36.13 -74.02
N HIS JA 11 11.45 36.19 -75.26
CA HIS JA 11 10.05 36.53 -75.45
C HIS JA 11 9.15 35.53 -74.75
N TYR JA 12 9.55 34.27 -74.78
CA TYR JA 12 8.85 33.20 -74.11
C TYR JA 12 8.66 33.48 -72.61
N THR JA 13 9.75 33.79 -71.93
CA THR JA 13 9.67 34.04 -70.50
C THR JA 13 8.99 35.36 -70.18
N VAL JA 14 9.25 36.37 -71.00
CA VAL JA 14 8.58 37.65 -70.84
C VAL JA 14 7.06 37.44 -70.97
N GLY JA 15 6.66 36.62 -71.95
CA GLY JA 15 5.28 36.16 -72.06
C GLY JA 15 4.73 35.59 -70.76
N CYS JA 16 5.54 34.73 -70.12
CA CYS JA 16 5.22 34.14 -68.80
C CYS JA 16 4.70 35.16 -67.79
N LEU JA 17 5.55 36.15 -67.52
CA LEU JA 17 5.31 37.11 -66.44
C LEU JA 17 4.12 38.02 -66.73
N CYS JA 18 3.92 38.37 -68.00
CA CYS JA 18 2.86 39.31 -68.35
C CYS JA 18 1.48 38.67 -68.16
N GLU JA 19 1.40 37.37 -68.36
CA GLU JA 19 0.14 36.72 -68.11
C GLU JA 19 -0.20 36.66 -66.63
N GLU JA 20 0.83 36.55 -65.80
CA GLU JA 20 0.66 36.68 -64.35
C GLU JA 20 0.04 38.05 -64.03
N VAL JA 21 0.61 39.11 -64.61
CA VAL JA 21 0.08 40.48 -64.42
C VAL JA 21 -1.34 40.56 -64.97
N ALA JA 22 -1.58 39.97 -66.13
CA ALA JA 22 -2.89 39.99 -66.77
C ALA JA 22 -4.00 39.39 -65.90
N LEU JA 23 -3.75 38.21 -65.34
CA LEU JA 23 -4.77 37.61 -64.50
C LEU JA 23 -4.90 38.26 -63.12
N ASP JA 24 -3.80 38.86 -62.66
CA ASP JA 24 -3.82 39.67 -61.44
C ASP JA 24 -4.74 40.91 -61.60
N LYS JA 25 -4.63 41.62 -62.73
CA LYS JA 25 -5.43 42.84 -62.99
C LYS JA 25 -6.74 42.58 -63.78
N ALA JA 26 -6.93 41.34 -64.23
CA ALA JA 26 -8.11 40.94 -65.05
C ALA JA 26 -8.31 41.85 -66.26
N MET JA 27 -7.23 42.03 -67.03
CA MET JA 27 -7.27 42.81 -68.26
C MET JA 27 -6.17 42.38 -69.22
N GLN JA 28 -6.44 42.51 -70.51
CA GLN JA 28 -5.55 41.98 -71.57
C GLN JA 28 -4.62 43.01 -72.19
N PHE JA 29 -3.44 42.54 -72.57
CA PHE JA 29 -2.49 43.34 -73.33
C PHE JA 29 -2.32 42.73 -74.71
N SER JA 30 -2.00 43.56 -75.68
CA SER JA 30 -1.69 43.06 -77.02
C SER JA 30 -0.40 42.24 -77.03
N LYS JA 31 -0.28 41.33 -77.99
CA LYS JA 31 0.96 40.57 -78.16
C LYS JA 31 2.10 41.52 -78.52
N GLN JA 32 1.77 42.62 -79.18
CA GLN JA 32 2.75 43.63 -79.56
C GLN JA 32 3.42 44.26 -78.32
N THR JA 33 2.63 44.44 -77.25
CA THR JA 33 3.12 44.96 -75.97
C THR JA 33 4.14 44.00 -75.35
N ILE JA 34 3.80 42.72 -75.40
CA ILE JA 34 4.67 41.68 -74.88
C ILE JA 34 5.98 41.68 -75.65
N ALA JA 35 5.86 41.80 -76.97
CA ALA JA 35 7.03 41.87 -77.85
C ALA JA 35 7.92 43.09 -77.54
N ALA JA 36 7.29 44.23 -77.25
CA ALA JA 36 8.03 45.44 -76.90
C ALA JA 36 8.82 45.27 -75.60
N ILE JA 37 8.22 44.60 -74.62
CA ILE JA 37 8.89 44.27 -73.35
C ILE JA 37 10.12 43.40 -73.58
N SER JA 38 9.97 42.38 -74.42
CA SER JA 38 11.08 41.49 -74.75
C SER JA 38 12.23 42.24 -75.43
N GLU JA 39 11.89 43.14 -76.33
CA GLU JA 39 12.88 43.96 -77.00
C GLU JA 39 13.58 44.89 -76.03
N LEU JA 40 12.82 45.55 -75.16
CA LEU JA 40 13.40 46.45 -74.15
C LEU JA 40 14.27 45.68 -73.17
N THR JA 41 13.86 44.44 -72.87
CA THR JA 41 14.61 43.54 -72.00
C THR JA 41 15.99 43.31 -72.58
N PHE JA 42 16.01 42.88 -73.84
CA PHE JA 42 17.25 42.65 -74.51
C PHE JA 42 18.13 43.92 -74.65
N ARG JA 43 17.52 45.05 -75.05
CA ARG JA 43 18.19 46.39 -75.10
C ARG JA 43 18.85 46.79 -73.79
N GLN JA 44 18.06 46.67 -72.74
CA GLN JA 44 18.44 47.15 -71.44
C GLN JA 44 19.66 46.40 -70.95
N CYS JA 45 19.73 45.13 -71.35
CA CYS JA 45 20.85 44.25 -71.03
C CYS JA 45 22.19 44.82 -71.50
N GLU JA 46 22.16 45.59 -72.60
CA GLU JA 46 23.38 46.17 -73.19
C GLU JA 46 24.01 47.14 -72.21
N ASN JA 47 23.17 48.07 -71.77
CA ASN JA 47 23.55 49.10 -70.84
C ASN JA 47 23.97 48.51 -69.52
N PHE JA 48 23.20 47.58 -69.01
CA PHE JA 48 23.57 46.92 -67.76
C PHE JA 48 24.87 46.17 -67.81
N ALA JA 49 25.07 45.36 -68.86
CA ALA JA 49 26.27 44.55 -69.01
C ALA JA 49 27.55 45.39 -69.08
N LYS JA 50 27.52 46.43 -69.89
CA LYS JA 50 28.76 47.18 -70.08
C LYS JA 50 29.06 48.09 -68.89
N ASP JA 51 28.01 48.60 -68.25
CA ASP JA 51 28.18 49.28 -66.96
C ASP JA 51 28.75 48.35 -65.91
N LEU JA 52 28.15 47.16 -65.80
CA LEU JA 52 28.64 46.19 -64.85
C LEU JA 52 30.08 45.79 -65.12
N GLU JA 53 30.49 45.75 -66.39
CA GLU JA 53 31.89 45.46 -66.77
C GLU JA 53 32.82 46.51 -66.21
N MET JA 54 32.45 47.77 -66.42
CA MET JA 54 33.22 48.89 -65.91
C MET JA 54 33.33 48.83 -64.39
N PHE JA 55 32.23 48.47 -63.73
CA PHE JA 55 32.20 48.37 -62.28
C PHE JA 55 32.98 47.16 -61.75
N ALA JA 56 32.93 46.04 -62.46
CA ALA JA 56 33.73 44.89 -62.06
C ALA JA 56 35.21 45.19 -62.18
N ARG JA 57 35.63 45.77 -63.29
CA ARG JA 57 37.03 46.16 -63.43
C ARG JA 57 37.38 47.24 -62.42
N HIS JA 58 36.44 48.14 -62.15
CA HIS JA 58 36.59 49.19 -61.12
C HIS JA 58 36.79 48.63 -59.72
N ALA JA 59 36.42 47.36 -59.54
CA ALA JA 59 36.45 46.72 -58.23
C ALA JA 59 37.61 45.74 -58.09
N LYS JA 60 38.60 45.86 -58.98
CA LYS JA 60 39.79 45.01 -58.90
C LYS JA 60 39.43 43.53 -59.15
N ARG JA 61 38.39 43.30 -59.95
CA ARG JA 61 37.86 41.93 -60.21
C ARG JA 61 37.44 41.69 -61.67
N THR JA 62 37.39 40.40 -62.07
CA THR JA 62 36.96 40.00 -63.42
C THR JA 62 35.52 39.43 -63.47
N THR JA 63 35.02 38.90 -62.35
CA THR JA 63 33.64 38.35 -62.31
C THR JA 63 32.71 39.11 -61.37
N ILE JA 64 31.53 39.44 -61.89
CA ILE JA 64 30.55 40.28 -61.19
C ILE JA 64 29.86 39.55 -60.02
N ASN JA 65 29.77 40.23 -58.87
CA ASN JA 65 29.03 39.71 -57.69
C ASN JA 65 27.83 40.56 -57.24
N THR JA 66 27.22 40.16 -56.12
CA THR JA 66 26.01 40.79 -55.57
C THR JA 66 26.12 42.30 -55.28
N GLU JA 67 27.32 42.74 -54.90
CA GLU JA 67 27.52 44.14 -54.60
C GLU JA 67 27.41 45.02 -55.83
N ASP JA 68 28.01 44.58 -56.94
CA ASP JA 68 27.90 45.28 -58.22
C ASP JA 68 26.43 45.43 -58.62
N VAL JA 69 25.69 44.32 -58.49
CA VAL JA 69 24.25 44.24 -58.81
C VAL JA 69 23.47 45.30 -58.03
N LYS JA 70 23.63 45.28 -56.71
CA LYS JA 70 22.87 46.15 -55.81
C LYS JA 70 23.18 47.62 -56.13
N LEU JA 71 24.44 47.89 -56.45
CA LEU JA 71 24.86 49.21 -56.84
C LEU JA 71 24.17 49.65 -58.12
N LEU JA 72 24.06 48.71 -59.06
CA LEU JA 72 23.48 49.04 -60.35
C LEU JA 72 22.01 49.44 -60.22
N ALA JA 73 21.30 48.85 -59.28
CA ALA JA 73 19.87 49.11 -59.11
C ALA JA 73 19.61 50.25 -58.14
N ARG JA 74 20.54 51.20 -58.09
CA ARG JA 74 20.53 52.33 -57.15
C ARG JA 74 19.39 53.36 -57.32
N ARG JA 75 18.62 53.23 -58.41
CA ARG JA 75 17.75 54.32 -58.88
C ARG JA 75 16.44 54.57 -58.15
N SER JA 76 15.69 53.50 -57.85
CA SER JA 76 14.44 53.64 -57.06
C SER JA 76 14.53 52.90 -55.72
N ASN JA 77 14.26 53.66 -54.66
CA ASN JA 77 14.46 53.19 -53.30
C ASN JA 77 13.55 52.03 -52.92
N SER JA 78 12.33 52.04 -53.45
CA SER JA 78 11.38 50.93 -53.26
C SER JA 78 11.97 49.64 -53.81
N LEU JA 79 12.64 49.77 -54.95
CA LEU JA 79 13.17 48.60 -55.59
C LEU JA 79 14.37 48.07 -54.80
N LEU JA 80 15.16 49.01 -54.28
CA LEU JA 80 16.39 48.68 -53.58
C LEU JA 80 16.13 47.80 -52.37
N LYS JA 81 15.20 48.25 -51.52
CA LYS JA 81 14.91 47.50 -50.31
C LYS JA 81 14.28 46.15 -50.67
N TYR JA 82 13.40 46.13 -51.68
CA TYR JA 82 12.78 44.90 -52.16
C TYR JA 82 13.85 43.84 -52.45
N ILE JA 83 14.88 44.26 -53.17
CA ILE JA 83 15.92 43.35 -53.57
C ILE JA 83 16.85 42.94 -52.44
N THR JA 84 17.18 43.86 -51.56
CA THR JA 84 18.03 43.51 -50.42
C THR JA 84 17.33 42.42 -49.56
N ASP JA 85 16.01 42.50 -49.44
CA ASP JA 85 15.21 41.46 -48.77
C ASP JA 85 15.43 40.12 -49.44
N LYS JA 86 15.18 40.12 -50.74
CA LYS JA 86 15.45 39.00 -51.62
C LYS JA 86 16.85 38.43 -51.42
N SER JA 87 17.84 39.30 -51.21
CA SER JA 87 19.24 38.89 -51.01
C SER JA 87 19.44 38.06 -49.74
N GLU JA 88 18.73 38.37 -48.66
CA GLU JA 88 18.81 37.54 -47.47
C GLU JA 88 18.22 36.14 -47.65
N GLU JA 89 17.12 36.08 -48.40
CA GLU JA 89 16.52 34.80 -48.79
C GLU JA 89 17.48 33.98 -49.68
N ILE JA 90 18.07 34.63 -50.66
CA ILE JA 90 19.00 33.98 -51.58
C ILE JA 90 20.30 33.57 -50.87
N ALA JA 91 20.69 34.30 -49.80
CA ALA JA 91 21.86 33.93 -48.96
C ALA JA 91 21.69 32.58 -48.30
N GLN JA 92 20.44 32.21 -48.06
CA GLN JA 92 20.11 30.86 -47.60
C GLN JA 92 20.51 29.76 -48.57
N ALA JA 93 20.48 30.04 -49.88
CA ALA JA 93 20.88 29.05 -50.91
C ALA JA 93 22.38 28.99 -51.11
N SER KA 1 34.18 73.08 -21.46
CA SER KA 1 35.63 73.21 -21.16
C SER KA 1 36.46 72.26 -22.03
N TYR KA 2 37.76 72.22 -21.76
CA TYR KA 2 38.68 71.37 -22.51
C TYR KA 2 38.29 69.88 -22.52
N GLN KA 3 37.99 69.31 -21.35
CA GLN KA 3 37.53 67.91 -21.20
C GLN KA 3 36.23 67.61 -21.95
N GLN KA 4 35.32 68.57 -21.96
CA GLN KA 4 34.03 68.37 -22.61
C GLN KA 4 34.19 68.29 -24.12
N ARG KA 5 35.13 69.08 -24.65
CA ARG KA 5 35.50 69.03 -26.06
C ARG KA 5 36.05 67.64 -26.43
N LEU KA 6 36.94 67.14 -25.59
CA LEU KA 6 37.55 65.82 -25.78
C LEU KA 6 36.51 64.72 -25.71
N LYS KA 7 35.61 64.82 -24.73
CA LYS KA 7 34.49 63.90 -24.58
C LYS KA 7 33.61 63.89 -25.84
N ALA KA 8 33.41 65.07 -26.43
CA ALA KA 8 32.57 65.21 -27.62
C ALA KA 8 33.20 64.51 -28.84
N ALA KA 9 34.52 64.65 -28.95
CA ALA KA 9 35.29 63.97 -29.98
C ALA KA 9 35.15 62.44 -29.85
N VAL KA 10 35.29 61.94 -28.62
CA VAL KA 10 35.14 60.52 -28.30
C VAL KA 10 33.76 59.99 -28.73
N HIS KA 11 32.72 60.73 -28.39
CA HIS KA 11 31.32 60.38 -28.66
C HIS KA 11 31.06 60.08 -30.15
N TYR KA 12 31.71 60.86 -31.01
CA TYR KA 12 31.55 60.71 -32.44
C TYR KA 12 32.03 59.35 -32.97
N THR KA 13 33.24 58.96 -32.56
CA THR KA 13 33.84 57.72 -33.03
C THR KA 13 33.05 56.54 -32.53
N VAL KA 14 32.63 56.62 -31.27
CA VAL KA 14 31.76 55.60 -30.67
C VAL KA 14 30.47 55.44 -31.48
N GLY KA 15 29.85 56.58 -31.85
CA GLY KA 15 28.67 56.57 -32.70
C GLY KA 15 28.83 55.79 -34.01
N CYS KA 16 29.98 56.00 -34.67
CA CYS KA 16 30.33 55.30 -35.91
C CYS KA 16 30.42 53.78 -35.71
N LEU KA 17 31.14 53.38 -34.66
CA LEU KA 17 31.35 51.95 -34.38
C LEU KA 17 30.05 51.24 -33.94
N CYS KA 18 29.18 51.95 -33.24
CA CYS KA 18 27.86 51.41 -32.87
C CYS KA 18 26.99 51.13 -34.10
N GLU KA 19 27.06 52.02 -35.09
CA GLU KA 19 26.36 51.77 -36.33
C GLU KA 19 26.87 50.50 -37.06
N GLU KA 20 28.19 50.25 -37.03
CA GLU KA 20 28.79 48.99 -37.56
C GLU KA 20 28.15 47.75 -36.90
N VAL KA 21 28.09 47.76 -35.57
CA VAL KA 21 27.50 46.67 -34.78
C VAL KA 21 26.00 46.52 -35.10
N ALA KA 22 25.30 47.66 -35.15
CA ALA KA 22 23.87 47.69 -35.49
C ALA KA 22 23.61 46.99 -36.83
N LEU KA 23 24.42 47.33 -37.84
CA LEU KA 23 24.33 46.69 -39.17
C LEU KA 23 24.53 45.17 -39.16
N ASP KA 24 25.41 44.67 -38.27
CA ASP KA 24 25.70 43.23 -38.21
C ASP KA 24 24.50 42.33 -37.87
N LYS KA 25 23.79 42.62 -36.77
CA LYS KA 25 22.67 41.76 -36.38
C LYS KA 25 21.32 42.42 -36.62
N ALA KA 26 21.32 43.48 -37.42
CA ALA KA 26 20.10 44.21 -37.78
C ALA KA 26 19.28 44.65 -36.56
N MET KA 27 19.96 45.26 -35.60
CA MET KA 27 19.32 45.80 -34.41
C MET KA 27 19.99 47.13 -34.00
N GLN KA 28 19.23 48.23 -34.05
CA GLN KA 28 19.77 49.61 -33.90
C GLN KA 28 19.92 50.09 -32.45
N PHE KA 29 20.59 51.23 -32.28
CA PHE KA 29 20.98 51.71 -30.96
C PHE KA 29 20.19 52.94 -30.53
N SER KA 30 19.80 52.99 -29.26
CA SER KA 30 19.17 54.20 -28.73
C SER KA 30 20.22 55.28 -28.55
N LYS KA 31 19.77 56.54 -28.56
CA LYS KA 31 20.62 57.70 -28.25
C LYS KA 31 21.28 57.53 -26.89
N GLN KA 32 20.53 56.98 -25.94
CA GLN KA 32 20.98 56.77 -24.56
C GLN KA 32 22.18 55.83 -24.50
N THR KA 33 22.08 54.75 -25.28
CA THR KA 33 23.11 53.72 -25.36
C THR KA 33 24.44 54.30 -25.85
N ILE KA 34 24.35 55.07 -26.93
CA ILE KA 34 25.51 55.73 -27.52
C ILE KA 34 26.20 56.62 -26.48
N ALA KA 35 25.41 57.45 -25.80
CA ALA KA 35 25.91 58.36 -24.76
C ALA KA 35 26.58 57.61 -23.61
N ALA KA 36 25.97 56.50 -23.19
CA ALA KA 36 26.46 55.68 -22.08
C ALA KA 36 27.84 55.08 -22.36
N ILE KA 37 28.01 54.52 -23.57
CA ILE KA 37 29.28 53.92 -23.97
C ILE KA 37 30.36 55.00 -24.06
N SER KA 38 29.99 56.18 -24.57
CA SER KA 38 30.93 57.30 -24.65
C SER KA 38 31.45 57.73 -23.27
N GLU KA 39 30.53 57.83 -22.31
CA GLU KA 39 30.88 58.17 -20.93
C GLU KA 39 31.80 57.09 -20.33
N LEU KA 40 31.43 55.83 -20.55
CA LEU KA 40 32.21 54.69 -20.08
C LEU KA 40 33.63 54.69 -20.65
N THR KA 41 33.75 54.98 -21.94
CA THR KA 41 35.06 54.94 -22.60
C THR KA 41 35.95 56.07 -22.10
N PHE KA 42 35.38 57.27 -21.93
CA PHE KA 42 36.13 58.38 -21.37
C PHE KA 42 36.65 58.03 -19.98
N ARG KA 43 35.77 57.49 -19.13
CA ARG KA 43 36.11 57.05 -17.78
C ARG KA 43 37.19 55.98 -17.77
N GLN KA 44 37.04 55.00 -18.66
CA GLN KA 44 37.97 53.85 -18.77
C GLN KA 44 39.39 54.33 -19.03
N CYS KA 45 39.49 55.38 -19.84
CA CYS KA 45 40.77 55.89 -20.24
C CYS KA 45 41.54 56.48 -19.08
N GLU KA 46 40.85 56.93 -18.04
CA GLU KA 46 41.53 57.49 -16.86
C GLU KA 46 42.31 56.39 -16.16
N ASN KA 47 41.62 55.28 -15.93
CA ASN KA 47 42.23 54.16 -15.28
C ASN KA 47 43.29 53.54 -16.13
N PHE KA 48 43.03 53.40 -17.42
CA PHE KA 48 44.04 52.92 -18.36
C PHE KA 48 45.28 53.81 -18.40
N ALA KA 49 45.09 55.12 -18.49
CA ALA KA 49 46.21 56.07 -18.60
C ALA KA 49 47.09 56.09 -17.35
N LYS KA 50 46.48 56.13 -16.18
CA LYS KA 50 47.26 56.18 -14.96
C LYS KA 50 47.96 54.83 -14.67
N ASP KA 51 47.31 53.71 -15.01
CA ASP KA 51 47.97 52.40 -14.98
C ASP KA 51 49.17 52.33 -15.94
N LEU KA 52 49.00 52.81 -17.18
CA LEU KA 52 50.10 52.87 -18.15
C LEU KA 52 51.29 53.66 -17.60
N GLU KA 53 50.99 54.78 -16.94
CA GLU KA 53 52.02 55.61 -16.32
C GLU KA 53 52.75 54.86 -15.21
N MET KA 54 51.99 54.18 -14.35
CA MET KA 54 52.60 53.38 -13.30
C MET KA 54 53.43 52.22 -13.83
N PHE KA 55 53.02 51.63 -14.96
CA PHE KA 55 53.82 50.58 -15.62
C PHE KA 55 55.09 51.13 -16.21
N ALA KA 56 55.01 52.30 -16.84
CA ALA KA 56 56.19 52.91 -17.40
C ALA KA 56 57.16 53.26 -16.28
N ARG KA 57 56.65 53.87 -15.21
CA ARG KA 57 57.45 54.18 -14.03
C ARG KA 57 57.99 52.92 -13.36
N HIS KA 58 57.18 51.86 -13.36
CA HIS KA 58 57.58 50.54 -12.85
C HIS KA 58 58.73 49.94 -13.64
N ALA KA 59 58.81 50.28 -14.93
CA ALA KA 59 59.89 49.81 -15.79
C ALA KA 59 60.95 50.90 -15.96
N LYS KA 60 60.90 51.89 -15.09
CA LYS KA 60 61.88 52.97 -15.03
C LYS KA 60 62.10 53.68 -16.38
N ARG KA 61 60.99 53.89 -17.09
CA ARG KA 61 60.95 54.68 -18.32
C ARG KA 61 59.90 55.76 -18.22
N THR KA 62 60.02 56.79 -19.05
CA THR KA 62 58.99 57.81 -19.17
C THR KA 62 58.20 57.64 -20.46
N THR KA 63 58.74 56.88 -21.42
CA THR KA 63 58.04 56.68 -22.69
C THR KA 63 57.45 55.28 -22.82
N ILE KA 64 56.13 55.24 -22.97
CA ILE KA 64 55.35 54.00 -22.99
C ILE KA 64 55.56 53.25 -24.31
N ASN KA 65 55.84 51.96 -24.17
CA ASN KA 65 55.97 51.09 -25.33
C ASN KA 65 54.89 49.98 -25.37
N THR KA 66 54.98 49.12 -26.38
CA THR KA 66 53.97 48.08 -26.63
C THR KA 66 53.85 47.06 -25.50
N GLU KA 67 54.94 46.84 -24.77
CA GLU KA 67 54.93 45.89 -23.66
C GLU KA 67 53.98 46.34 -22.56
N ASP KA 68 54.01 47.64 -22.26
CA ASP KA 68 53.12 48.21 -21.26
C ASP KA 68 51.64 48.00 -21.61
N VAL KA 69 51.29 48.29 -22.88
CA VAL KA 69 49.91 48.16 -23.35
C VAL KA 69 49.44 46.70 -23.29
N LYS KA 70 50.30 45.79 -23.77
CA LYS KA 70 49.98 44.35 -23.75
C LYS KA 70 49.77 43.83 -22.33
N LEU KA 71 50.57 44.36 -21.39
CA LEU KA 71 50.42 44.00 -19.99
C LEU KA 71 49.10 44.57 -19.47
N LEU KA 72 48.75 45.77 -19.91
CA LEU KA 72 47.47 46.35 -19.53
C LEU KA 72 46.28 45.51 -20.02
N ALA KA 73 46.39 44.92 -21.21
CA ALA KA 73 45.32 44.10 -21.79
C ALA KA 73 45.36 42.60 -21.39
N ARG KA 74 46.10 42.32 -20.30
CA ARG KA 74 46.35 40.94 -19.81
C ARG KA 74 45.11 40.13 -19.38
N ARG KA 75 43.97 40.81 -19.26
CA ARG KA 75 42.84 40.33 -18.44
C ARG KA 75 41.97 39.22 -19.03
N SER KA 76 41.50 39.38 -20.27
CA SER KA 76 40.65 38.36 -20.92
C SER KA 76 41.34 37.65 -22.08
N ASN KA 77 41.22 36.31 -22.10
CA ASN KA 77 41.83 35.42 -23.10
C ASN KA 77 41.65 35.84 -24.54
N SER KA 78 40.40 36.06 -24.93
CA SER KA 78 40.05 36.40 -26.30
C SER KA 78 40.65 37.74 -26.67
N LEU KA 79 40.68 38.65 -25.71
CA LEU KA 79 41.20 39.99 -25.89
C LEU KA 79 42.69 39.92 -26.23
N LEU KA 80 43.41 39.08 -25.47
CA LEU KA 80 44.86 39.00 -25.55
C LEU KA 80 45.33 38.30 -26.81
N LYS KA 81 44.66 37.20 -27.11
CA LYS KA 81 44.79 36.46 -28.37
C LYS KA 81 44.68 37.40 -29.56
N TYR KA 82 43.58 38.14 -29.58
CA TYR KA 82 43.25 39.10 -30.64
C TYR KA 82 44.31 40.21 -30.80
N ILE KA 83 44.71 40.82 -29.69
CA ILE KA 83 45.61 41.99 -29.74
C ILE KA 83 47.05 41.66 -30.17
N THR KA 84 47.57 40.51 -29.73
CA THR KA 84 48.90 40.03 -30.15
C THR KA 84 49.02 39.87 -31.67
N ASP KA 85 47.99 39.29 -32.29
CA ASP KA 85 47.90 39.12 -33.74
C ASP KA 85 47.95 40.47 -34.49
N LYS KA 86 47.09 41.39 -34.04
CA LYS KA 86 46.97 42.71 -34.64
C LYS KA 86 48.27 43.50 -34.52
N SER KA 87 49.01 43.28 -33.43
CA SER KA 87 50.34 43.87 -33.23
C SER KA 87 51.33 43.45 -34.32
N GLU KA 88 51.17 42.23 -34.83
CA GLU KA 88 52.01 41.72 -35.91
C GLU KA 88 51.72 42.39 -37.26
N GLU KA 89 50.45 42.72 -37.51
CA GLU KA 89 50.07 43.54 -38.66
C GLU KA 89 50.67 44.94 -38.52
N ILE KA 90 50.62 45.47 -37.30
CA ILE KA 90 51.26 46.74 -36.94
C ILE KA 90 52.78 46.63 -37.15
N ALA KA 91 53.32 45.44 -36.91
CA ALA KA 91 54.74 45.14 -37.17
C ALA KA 91 55.08 45.25 -38.66
N GLN KA 92 54.13 44.86 -39.52
CA GLN KA 92 54.23 45.07 -40.95
C GLN KA 92 54.21 46.54 -41.34
N ALA KA 93 53.33 47.32 -40.69
CA ALA KA 93 53.30 48.77 -40.85
C ALA KA 93 54.62 49.42 -40.39
N ASN KA 94 55.17 48.88 -39.30
CA ASN KA 94 56.52 49.26 -38.81
C ASN KA 94 57.61 48.89 -39.81
N LEU KA 95 57.46 47.73 -40.46
CA LEU KA 95 58.37 47.27 -41.52
C LEU KA 95 58.42 48.25 -42.68
N GLU KA 96 57.27 48.82 -43.04
CA GLU KA 96 57.20 49.93 -43.97
C GLU KA 96 58.00 51.14 -43.43
N ARG KA 97 57.88 51.43 -42.13
CA ARG KA 97 58.76 52.45 -41.53
C ARG KA 97 60.25 52.07 -41.65
N LYS KA 98 60.55 50.78 -41.65
CA LYS KA 98 61.91 50.33 -41.92
C LYS KA 98 62.28 50.48 -43.41
N ALA KA 99 61.30 50.40 -44.31
CA ALA KA 99 61.51 50.71 -45.74
C ALA KA 99 61.73 52.21 -45.98
N GLN KA 100 61.16 53.05 -45.10
CA GLN KA 100 61.35 54.53 -45.13
C GLN KA 100 62.81 54.95 -44.81
N LYS KA 101 63.32 54.42 -43.68
CA LYS KA 101 64.68 54.65 -43.14
C LYS KA 101 65.81 54.04 -44.01
N LYS KA 102 67.01 54.63 -43.93
CA LYS KA 102 68.09 54.30 -44.87
C LYS KA 102 68.80 52.98 -44.56
N LYS KA 103 69.11 52.23 -45.61
CA LYS KA 103 70.00 51.05 -45.54
C LYS KA 103 71.22 51.34 -46.40
N LYS KA 104 72.38 51.38 -45.75
CA LYS KA 104 73.58 52.01 -46.29
C LYS KA 104 74.10 51.42 -47.60
N SER KA 105 73.91 50.11 -47.78
CA SER KA 105 74.43 49.44 -48.98
C SER KA 105 73.66 49.84 -50.25
N SER LA 1 38.76 51.98 -40.45
CA SER LA 1 37.96 52.15 -39.21
C SER LA 1 38.88 52.12 -37.99
N GLY LA 2 39.34 53.30 -37.57
CA GLY LA 2 40.30 53.40 -36.46
C GLY LA 2 40.47 54.80 -35.90
N PHE LA 3 40.99 54.89 -34.68
CA PHE LA 3 41.25 56.17 -34.03
C PHE LA 3 42.56 56.69 -34.62
N ARG LA 4 42.73 58.00 -34.79
CA ARG LA 4 44.06 58.47 -35.20
C ARG LA 4 44.96 58.67 -33.99
N LYS LA 5 46.26 58.68 -34.30
CA LYS LA 5 47.35 58.73 -33.33
C LYS LA 5 47.31 59.96 -32.43
N GLU LA 6 47.06 61.12 -33.04
CA GLU LA 6 46.97 62.38 -32.31
C GLU LA 6 45.94 62.34 -31.21
N LEU LA 7 44.79 61.76 -31.53
CA LEU LA 7 43.66 61.72 -30.63
C LEU LA 7 44.02 60.94 -29.37
N VAL LA 8 44.45 59.71 -29.59
CA VAL LA 8 44.79 58.79 -28.51
C VAL LA 8 45.89 59.40 -27.66
N SER LA 9 46.87 59.99 -28.33
CA SER LA 9 48.01 60.65 -27.69
C SER LA 9 47.56 61.72 -26.70
N ARG LA 10 46.72 62.63 -27.15
CA ARG LA 10 46.38 63.76 -26.29
C ARG LA 10 45.45 63.35 -25.15
N LEU LA 11 44.61 62.36 -25.40
CA LEU LA 11 43.73 61.86 -24.35
C LEU LA 11 44.50 61.22 -23.20
N LEU LA 12 45.56 60.49 -23.52
CA LEU LA 12 46.40 59.86 -22.49
C LEU LA 12 47.24 60.91 -21.75
N HIS LA 13 47.74 61.91 -22.50
CA HIS LA 13 48.47 63.04 -21.92
C HIS LA 13 47.65 63.84 -20.90
N LEU LA 14 46.32 63.75 -20.99
CA LEU LA 14 45.43 64.31 -19.99
C LEU LA 14 45.69 63.81 -18.55
N HIS LA 15 46.11 62.56 -18.40
CA HIS LA 15 46.09 61.88 -17.08
C HIS LA 15 47.46 61.42 -16.51
N PHE LA 16 48.53 61.61 -17.28
CA PHE LA 16 49.88 61.29 -16.81
C PHE LA 16 50.24 62.12 -15.57
N LYS LA 17 50.92 61.49 -14.62
CA LYS LA 17 51.48 62.25 -13.50
C LYS LA 17 52.78 63.00 -13.88
N ASP LA 18 53.71 62.31 -14.54
CA ASP LA 18 54.93 62.97 -15.08
C ASP LA 18 54.76 63.39 -16.54
N ASP LA 19 55.13 64.64 -16.82
CA ASP LA 19 55.04 65.20 -18.17
C ASP LA 19 56.12 64.71 -19.13
N LYS LA 20 57.20 64.12 -18.58
CA LYS LA 20 58.23 63.49 -19.42
C LYS LA 20 57.70 62.23 -20.10
N THR LA 21 56.62 61.67 -19.57
CA THR LA 21 56.01 60.48 -20.14
C THR LA 21 55.60 60.72 -21.59
N LYS LA 22 56.00 59.80 -22.46
CA LYS LA 22 55.65 59.87 -23.88
C LYS LA 22 55.06 58.55 -24.35
N VAL LA 23 54.50 58.52 -25.55
CA VAL LA 23 54.02 57.26 -26.12
C VAL LA 23 54.75 57.01 -27.43
N SER LA 24 55.35 55.83 -27.57
CA SER LA 24 56.05 55.48 -28.81
C SER LA 24 55.03 55.34 -29.95
N GLY LA 25 55.46 55.55 -31.20
CA GLY LA 25 54.56 55.53 -32.35
C GLY LA 25 53.90 54.18 -32.50
N ASP LA 26 54.69 53.14 -32.30
CA ASP LA 26 54.19 51.78 -32.39
C ASP LA 26 53.27 51.46 -31.24
N ALA LA 27 53.63 51.92 -30.04
CA ALA LA 27 52.75 51.78 -28.88
C ALA LA 27 51.42 52.51 -29.10
N LEU LA 28 51.50 53.72 -29.67
CA LEU LA 28 50.31 54.51 -30.00
C LEU LA 28 49.37 53.74 -30.94
N GLN LA 29 49.96 53.08 -31.96
CA GLN LA 29 49.19 52.26 -32.90
CA GLN LA 29 49.17 52.29 -32.90
C GLN LA 29 48.49 51.09 -32.21
N LEU LA 30 49.21 50.43 -31.31
CA LEU LA 30 48.60 49.35 -30.55
C LEU LA 30 47.51 49.81 -29.58
N MET LA 31 47.63 51.03 -29.06
CA MET LA 31 46.59 51.60 -28.18
C MET LA 31 45.32 51.97 -28.97
N VAL LA 32 45.51 52.43 -30.21
CA VAL LA 32 44.42 52.60 -31.17
C VAL LA 32 43.62 51.29 -31.27
N GLU LA 33 44.34 50.18 -31.42
CA GLU LA 33 43.74 48.84 -31.49
C GLU LA 33 43.09 48.40 -30.16
N LEU LA 34 43.73 48.71 -29.02
CA LEU LA 34 43.17 48.39 -27.69
C LEU LA 34 41.83 49.08 -27.43
N LEU LA 35 41.75 50.36 -27.79
CA LEU LA 35 40.53 51.12 -27.57
C LEU LA 35 39.39 50.62 -28.44
N LYS LA 36 39.72 50.23 -29.67
CA LYS LA 36 38.77 49.62 -30.60
C LYS LA 36 38.17 48.37 -29.99
N VAL LA 37 39.05 47.50 -29.47
CA VAL LA 37 38.62 46.25 -28.86
C VAL LA 37 37.74 46.50 -27.65
N PHE LA 38 38.10 47.51 -26.85
CA PHE LA 38 37.28 47.90 -25.69
C PHE LA 38 35.87 48.28 -26.11
N VAL LA 39 35.76 49.20 -27.08
CA VAL LA 39 34.48 49.70 -27.55
C VAL LA 39 33.64 48.59 -28.15
N VAL LA 40 34.25 47.82 -29.05
CA VAL LA 40 33.57 46.71 -29.70
C VAL LA 40 33.10 45.66 -28.69
N GLU LA 41 33.93 45.34 -27.69
CA GLU LA 41 33.52 44.38 -26.66
C GLU LA 41 32.35 44.89 -25.83
N ALA LA 42 32.36 46.16 -25.46
CA ALA LA 42 31.24 46.78 -24.74
C ALA LA 42 29.97 46.63 -25.56
N ALA LA 43 30.07 46.94 -26.85
CA ALA LA 43 28.95 46.84 -27.79
C ALA LA 43 28.48 45.39 -28.01
N VAL LA 44 29.42 44.48 -28.29
CA VAL LA 44 29.14 43.03 -28.48
C VAL LA 44 28.45 42.47 -27.23
N ARG LA 45 29.01 42.78 -26.05
CA ARG LA 45 28.45 42.27 -24.81
C ARG LA 45 27.06 42.87 -24.51
N GLY LA 46 26.87 44.17 -24.75
CA GLY LA 46 25.54 44.80 -24.63
C GLY LA 46 24.48 44.16 -25.50
N VAL LA 47 24.83 43.92 -26.76
CA VAL LA 47 23.95 43.24 -27.72
C VAL LA 47 23.59 41.83 -27.23
N ARG LA 48 24.60 41.10 -26.73
CA ARG LA 48 24.39 39.74 -26.21
C ARG LA 48 23.37 39.74 -25.07
N GLN LA 49 23.47 40.72 -24.17
CA GLN LA 49 22.59 40.79 -23.02
C GLN LA 49 21.16 41.11 -23.45
N ALA LA 50 21.02 42.07 -24.36
CA ALA LA 50 19.70 42.42 -24.87
C ALA LA 50 19.00 41.24 -25.56
N GLN LA 51 19.75 40.57 -26.44
CA GLN LA 51 19.29 39.35 -27.13
C GLN LA 51 18.82 38.31 -26.11
N ALA LA 52 19.61 38.13 -25.04
CA ALA LA 52 19.32 37.15 -24.00
C ALA LA 52 18.00 37.41 -23.27
N GLU LA 53 17.69 38.68 -22.97
CA GLU LA 53 16.40 38.99 -22.32
C GLU LA 53 15.29 39.34 -23.32
N ASP LA 54 15.61 39.16 -24.60
CA ASP LA 54 14.70 39.35 -25.72
C ASP LA 54 14.05 40.73 -25.76
N ALA LA 55 14.88 41.74 -25.55
CA ALA LA 55 14.47 43.13 -25.70
C ALA LA 55 14.35 43.47 -27.19
N LEU LA 56 13.54 44.48 -27.51
CA LEU LA 56 13.44 44.95 -28.90
C LEU LA 56 14.59 45.91 -29.31
N ARG LA 57 15.33 46.42 -28.33
CA ARG LA 57 16.66 47.06 -28.53
C ARG LA 57 17.57 46.93 -27.28
N VAL LA 58 18.86 47.24 -27.43
CA VAL LA 58 19.79 47.21 -26.30
C VAL LA 58 19.56 48.44 -25.42
N ASP LA 59 19.05 48.24 -24.20
CA ASP LA 59 18.85 49.32 -23.23
C ASP LA 59 19.88 49.29 -22.10
N VAL LA 60 19.91 50.37 -21.31
CA VAL LA 60 20.92 50.60 -20.26
C VAL LA 60 20.94 49.47 -19.22
N ASP LA 61 19.77 48.90 -18.97
CA ASP LA 61 19.62 47.76 -18.07
C ASP LA 61 20.56 46.61 -18.46
N GLN LA 62 20.65 46.34 -19.75
CA GLN LA 62 21.53 45.26 -20.24
C GLN LA 62 23.01 45.61 -20.06
N LEU LA 63 23.39 46.84 -20.41
CA LEU LA 63 24.76 47.30 -20.23
C LEU LA 63 25.20 47.12 -18.77
N GLU LA 64 24.37 47.59 -17.86
CA GLU LA 64 24.66 47.49 -16.43
C GLU LA 64 24.71 46.03 -15.96
N LYS LA 65 23.96 45.15 -16.63
CA LYS LA 65 24.07 43.71 -16.40
C LYS LA 65 25.41 43.16 -16.90
N VAL LA 66 26.00 43.81 -17.91
CA VAL LA 66 27.28 43.33 -18.44
C VAL LA 66 28.48 44.03 -17.81
N LEU LA 67 28.23 45.12 -17.08
CA LEU LA 67 29.30 45.93 -16.50
C LEU LA 67 30.25 45.15 -15.59
N PRO LA 68 29.71 44.32 -14.66
CA PRO LA 68 30.60 43.63 -13.73
C PRO LA 68 31.75 42.94 -14.44
N GLN LA 69 31.41 42.05 -15.37
CA GLN LA 69 32.39 41.23 -16.07
C GLN LA 69 33.25 42.04 -17.06
N LEU LA 70 32.64 43.04 -17.70
CA LEU LA 70 33.37 43.91 -18.61
C LEU LA 70 34.53 44.60 -17.88
N LEU LA 71 34.23 45.13 -16.71
CA LEU LA 71 35.21 45.90 -15.95
C LEU LA 71 36.34 45.00 -15.40
N LEU LA 72 36.01 43.77 -15.03
CA LEU LA 72 37.04 42.77 -14.68
C LEU LA 72 37.93 42.47 -15.88
N ASP LA 73 37.34 42.50 -17.08
CA ASP LA 73 38.07 42.23 -18.32
C ASP LA 73 38.97 43.39 -18.75
N PHE LA 74 38.75 44.58 -18.17
CA PHE LA 74 39.53 45.78 -18.51
C PHE LA 74 40.08 46.52 -17.29
N SER MA 1 32.01 82.03 -69.92
CA SER MA 1 31.12 81.03 -70.59
C SER MA 1 31.18 79.62 -69.96
N GLY MA 2 30.34 79.39 -68.93
CA GLY MA 2 30.48 78.26 -68.00
C GLY MA 2 30.30 78.62 -66.52
N PHE MA 3 30.30 77.60 -65.66
CA PHE MA 3 29.80 77.74 -64.27
C PHE MA 3 30.77 78.32 -63.27
N ARG MA 4 30.22 79.09 -62.33
CA ARG MA 4 30.97 79.62 -61.17
C ARG MA 4 31.26 78.48 -60.19
N LYS MA 5 32.48 78.44 -59.67
CA LYS MA 5 32.93 77.28 -58.87
C LYS MA 5 32.17 77.16 -57.55
N GLU MA 6 31.93 78.29 -56.92
CA GLU MA 6 31.29 78.26 -55.61
C GLU MA 6 29.84 77.85 -55.74
N LEU MA 7 29.21 78.26 -56.84
CA LEU MA 7 27.86 77.82 -57.19
C LEU MA 7 27.78 76.30 -57.23
N VAL MA 8 28.64 75.68 -58.04
CA VAL MA 8 28.63 74.23 -58.20
C VAL MA 8 28.90 73.52 -56.86
N SER MA 9 29.77 74.10 -56.05
CA SER MA 9 30.06 73.53 -54.74
C SER MA 9 28.83 73.51 -53.83
N ARG MA 10 28.11 74.63 -53.79
CA ARG MA 10 26.90 74.72 -52.99
C ARG MA 10 25.84 73.75 -53.49
N LEU MA 11 25.74 73.59 -54.81
CA LEU MA 11 24.83 72.62 -55.44
C LEU MA 11 25.10 71.23 -54.94
N LEU MA 12 26.38 70.88 -54.91
CA LEU MA 12 26.79 69.58 -54.42
C LEU MA 12 26.46 69.48 -52.93
N HIS MA 13 26.89 70.49 -52.17
CA HIS MA 13 26.66 70.47 -50.73
C HIS MA 13 25.18 70.46 -50.34
N LEU MA 14 24.29 70.71 -51.31
CA LEU MA 14 22.84 70.61 -51.11
C LEU MA 14 22.35 69.20 -50.83
N HIS MA 15 22.89 68.23 -51.55
CA HIS MA 15 22.38 66.85 -51.49
C HIS MA 15 23.27 65.84 -50.76
N PHE MA 16 24.48 66.29 -50.35
CA PHE MA 16 25.30 65.55 -49.40
C PHE MA 16 24.43 65.38 -48.16
N LYS MA 17 24.20 64.17 -47.71
CA LYS MA 17 23.61 64.11 -46.39
C LYS MA 17 24.77 64.11 -45.41
N ASP MA 18 25.93 63.59 -45.84
CA ASP MA 18 27.17 63.89 -45.12
C ASP MA 18 27.90 65.09 -45.67
N ASP MA 19 27.87 66.18 -44.92
CA ASP MA 19 28.61 67.39 -45.25
C ASP MA 19 30.10 67.21 -45.00
N LYS MA 20 30.49 66.11 -44.37
CA LYS MA 20 31.91 65.81 -44.21
C LYS MA 20 32.53 65.47 -45.57
N THR MA 21 31.65 65.24 -46.55
CA THR MA 21 32.06 65.01 -47.95
C THR MA 21 32.92 66.18 -48.47
N LYS MA 22 34.08 65.86 -49.04
CA LYS MA 22 35.10 66.85 -49.47
C LYS MA 22 35.29 66.81 -50.98
N VAL MA 23 35.71 67.94 -51.56
CA VAL MA 23 35.86 68.05 -53.02
C VAL MA 23 37.18 68.73 -53.38
N SER MA 24 38.05 68.01 -54.10
CA SER MA 24 39.29 68.56 -54.62
C SER MA 24 39.01 69.58 -55.72
N GLY MA 25 39.98 70.47 -55.93
CA GLY MA 25 39.88 71.52 -56.93
C GLY MA 25 39.66 70.97 -58.33
N ASP MA 26 40.39 69.90 -58.63
CA ASP MA 26 40.27 69.19 -59.90
C ASP MA 26 38.86 68.66 -60.12
N ALA MA 27 38.27 68.06 -59.08
CA ALA MA 27 36.94 67.46 -59.18
C ALA MA 27 35.92 68.55 -59.47
N LEU MA 28 36.06 69.66 -58.76
CA LEU MA 28 35.18 70.79 -58.95
C LEU MA 28 35.25 71.31 -60.37
N GLN MA 29 36.48 71.41 -60.89
CA GLN MA 29 36.69 71.87 -62.26
CA GLN MA 29 36.70 71.86 -62.26
C GLN MA 29 35.98 70.96 -63.26
N LEU MA 30 36.09 69.65 -63.05
CA LEU MA 30 35.45 68.72 -63.97
C LEU MA 30 33.92 68.74 -63.87
N MET MA 31 33.40 69.06 -62.70
CA MET MA 31 31.95 69.20 -62.54
C MET MA 31 31.39 70.38 -63.30
N VAL MA 32 32.15 71.47 -63.30
CA VAL MA 32 31.85 72.64 -64.12
C VAL MA 32 31.71 72.22 -65.57
N GLU MA 33 32.63 71.37 -66.05
CA GLU MA 33 32.64 70.85 -67.43
C GLU MA 33 31.42 70.01 -67.72
N LEU MA 34 31.12 69.13 -66.77
CA LEU MA 34 30.01 68.19 -66.91
C LEU MA 34 28.70 68.94 -67.02
N LEU MA 35 28.50 69.88 -66.12
CA LEU MA 35 27.27 70.62 -66.11
C LEU MA 35 27.14 71.46 -67.36
N LYS MA 36 28.25 72.02 -67.83
CA LYS MA 36 28.30 72.78 -69.07
C LYS MA 36 27.78 71.93 -70.22
N VAL MA 37 28.36 70.76 -70.38
CA VAL MA 37 28.03 69.93 -71.51
C VAL MA 37 26.60 69.40 -71.39
N PHE MA 38 26.18 69.10 -70.16
CA PHE MA 38 24.81 68.73 -69.83
C PHE MA 38 23.79 69.77 -70.30
N VAL MA 39 24.03 71.03 -69.96
CA VAL MA 39 23.12 72.10 -70.31
C VAL MA 39 23.17 72.41 -71.80
N VAL MA 40 24.37 72.39 -72.38
CA VAL MA 40 24.56 72.56 -73.84
C VAL MA 40 23.70 71.55 -74.56
N GLU MA 41 23.76 70.31 -74.10
CA GLU MA 41 23.03 69.23 -74.70
C GLU MA 41 21.53 69.40 -74.58
N ALA MA 42 21.08 69.84 -73.40
CA ALA MA 42 19.67 70.18 -73.18
C ALA MA 42 19.19 71.19 -74.25
N ALA MA 43 19.97 72.26 -74.40
CA ALA MA 43 19.66 73.32 -75.34
C ALA MA 43 19.74 72.85 -76.80
N VAL MA 44 20.82 72.12 -77.14
CA VAL MA 44 21.03 71.54 -78.47
C VAL MA 44 19.86 70.68 -78.92
N ARG MA 45 19.43 69.77 -78.04
CA ARG MA 45 18.36 68.85 -78.37
C ARG MA 45 17.05 69.58 -78.58
N GLY MA 46 16.73 70.51 -77.70
CA GLY MA 46 15.55 71.38 -77.83
C GLY MA 46 15.50 72.11 -79.17
N VAL MA 47 16.62 72.70 -79.57
CA VAL MA 47 16.68 73.44 -80.83
C VAL MA 47 16.52 72.49 -82.04
N ARG MA 48 17.10 71.30 -81.96
CA ARG MA 48 16.94 70.29 -83.02
C ARG MA 48 15.48 69.94 -83.22
N GLN MA 49 14.77 69.76 -82.11
CA GLN MA 49 13.35 69.47 -82.14
C GLN MA 49 12.54 70.63 -82.73
N ALA MA 50 12.81 71.87 -82.30
CA ALA MA 50 12.10 73.04 -82.81
C ALA MA 50 12.31 73.21 -84.32
N GLN MA 51 13.57 73.13 -84.74
CA GLN MA 51 13.90 73.19 -86.16
C GLN MA 51 13.23 72.05 -86.93
N ALA MA 52 13.22 70.86 -86.33
CA ALA MA 52 12.67 69.67 -86.99
C ALA MA 52 11.16 69.82 -87.26
N GLU MA 53 10.45 70.41 -86.31
CA GLU MA 53 9.00 70.68 -86.48
C GLU MA 53 8.74 72.08 -87.01
N ASP MA 54 9.82 72.77 -87.38
CA ASP MA 54 9.79 74.06 -88.09
C ASP MA 54 9.01 75.12 -87.30
N ALA MA 55 9.25 75.12 -85.99
CA ALA MA 55 8.64 76.06 -85.07
C ALA MA 55 9.25 77.46 -85.21
N LEU MA 56 8.46 78.50 -84.93
CA LEU MA 56 8.91 79.90 -84.92
C LEU MA 56 9.88 80.26 -83.76
N ARG MA 57 9.80 79.49 -82.68
CA ARG MA 57 10.68 79.65 -81.52
C ARG MA 57 10.82 78.31 -80.82
N VAL MA 58 11.70 78.20 -79.83
CA VAL MA 58 11.80 76.95 -79.08
C VAL MA 58 10.85 77.01 -77.88
N ASP MA 59 9.70 76.35 -78.01
CA ASP MA 59 8.64 76.37 -76.99
C ASP MA 59 8.62 75.10 -76.11
N VAL MA 60 7.79 75.13 -75.05
CA VAL MA 60 7.71 74.05 -74.05
C VAL MA 60 7.42 72.65 -74.64
N ASP MA 61 6.54 72.58 -75.65
CA ASP MA 61 6.23 71.35 -76.42
C ASP MA 61 7.50 70.62 -76.84
N GLN MA 62 8.40 71.34 -77.53
CA GLN MA 62 9.64 70.77 -78.04
C GLN MA 62 10.57 70.34 -76.92
N LEU MA 63 10.74 71.21 -75.91
CA LEU MA 63 11.58 70.93 -74.74
C LEU MA 63 11.19 69.59 -74.13
N GLU MA 64 9.90 69.48 -73.83
CA GLU MA 64 9.36 68.31 -73.18
C GLU MA 64 9.50 67.06 -74.07
N LYS MA 65 9.45 67.26 -75.39
CA LYS MA 65 9.74 66.17 -76.32
C LYS MA 65 11.20 65.71 -76.28
N VAL MA 66 12.12 66.57 -75.83
CA VAL MA 66 13.57 66.24 -75.85
C VAL MA 66 14.12 65.75 -74.50
N LEU MA 67 13.33 65.93 -73.45
CA LEU MA 67 13.78 65.58 -72.11
C LEU MA 67 14.15 64.10 -71.94
N PRO MA 68 13.33 63.18 -72.50
CA PRO MA 68 13.51 61.74 -72.33
C PRO MA 68 14.92 61.23 -72.62
N GLN MA 69 15.47 61.63 -73.76
CA GLN MA 69 16.76 61.09 -74.21
C GLN MA 69 17.92 61.71 -73.43
N LEU MA 70 17.77 62.97 -73.06
CA LEU MA 70 18.79 63.62 -72.24
C LEU MA 70 19.00 62.81 -70.96
N LEU MA 71 17.89 62.46 -70.31
CA LEU MA 71 17.93 61.67 -69.08
C LEU MA 71 18.57 60.28 -69.21
N LEU MA 72 18.30 59.59 -70.32
CA LEU MA 72 18.91 58.28 -70.59
C LEU MA 72 20.43 58.43 -70.74
N ASP MA 73 20.85 59.55 -71.32
CA ASP MA 73 22.26 59.83 -71.57
C ASP MA 73 23.03 60.24 -70.32
N PHE MA 74 22.30 60.58 -69.27
CA PHE MA 74 22.90 60.98 -68.01
C PHE MA 74 22.29 60.17 -66.86
N SER NA 1 6.18 29.50 -61.29
CA SER NA 1 6.61 30.28 -62.48
C SER NA 1 7.65 31.34 -62.13
N GLY NA 2 8.77 31.24 -62.80
CA GLY NA 2 9.86 32.17 -62.61
C GLY NA 2 10.66 32.21 -63.88
N PHE NA 3 11.58 33.18 -63.99
CA PHE NA 3 12.62 33.13 -65.01
C PHE NA 3 13.46 31.90 -64.71
N ARG NA 4 13.82 31.16 -65.76
CA ARG NA 4 14.84 30.14 -65.63
C ARG NA 4 16.19 30.82 -65.52
N LYS NA 5 17.00 30.27 -64.64
CA LYS NA 5 18.30 30.82 -64.31
C LYS NA 5 19.23 30.71 -65.53
N GLU NA 6 19.19 29.56 -66.20
CA GLU NA 6 19.98 29.32 -67.41
C GLU NA 6 19.63 30.33 -68.51
N LEU NA 7 18.36 30.68 -68.61
CA LEU NA 7 17.91 31.69 -69.58
C LEU NA 7 18.60 33.05 -69.39
N VAL NA 8 18.45 33.63 -68.21
CA VAL NA 8 19.03 34.93 -67.92
C VAL NA 8 20.55 34.89 -68.11
N SER NA 9 21.15 33.78 -67.68
CA SER NA 9 22.59 33.56 -67.81
C SER NA 9 23.04 33.64 -69.26
N ARG NA 10 22.35 32.92 -70.14
CA ARG NA 10 22.73 32.84 -71.55
C ARG NA 10 22.54 34.18 -72.22
N LEU NA 11 21.49 34.89 -71.82
CA LEU NA 11 21.22 36.23 -72.34
C LEU NA 11 22.42 37.13 -72.10
N LEU NA 12 22.94 37.08 -70.89
CA LEU NA 12 24.04 37.93 -70.47
C LEU NA 12 25.34 37.55 -71.19
N HIS NA 13 25.60 36.24 -71.21
CA HIS NA 13 26.83 35.66 -71.77
C HIS NA 13 27.03 36.01 -73.23
N LEU NA 14 25.95 36.24 -73.96
CA LEU NA 14 26.06 36.52 -75.38
C LEU NA 14 26.86 37.80 -75.65
N HIS NA 15 26.62 38.83 -74.84
CA HIS NA 15 27.14 40.16 -75.19
C HIS NA 15 28.03 40.87 -74.12
N PHE NA 16 28.58 40.08 -73.20
CA PHE NA 16 29.71 40.54 -72.42
C PHE NA 16 30.86 40.93 -73.35
N LYS NA 17 31.53 42.04 -73.03
CA LYS NA 17 32.78 42.40 -73.72
C LYS NA 17 33.82 41.32 -73.45
N ASP NA 18 33.99 40.96 -72.19
CA ASP NA 18 34.92 39.89 -71.82
C ASP NA 18 34.18 38.59 -71.56
N ASP NA 19 34.66 37.52 -72.18
CA ASP NA 19 34.07 36.19 -72.01
C ASP NA 19 34.41 35.52 -70.66
N LYS NA 20 35.36 36.10 -69.93
CA LYS NA 20 35.77 35.63 -68.60
C LYS NA 20 34.58 35.44 -67.65
N THR NA 21 33.62 36.35 -67.75
CA THR NA 21 32.46 36.43 -66.88
C THR NA 21 31.64 35.13 -66.79
N LYS NA 22 31.48 34.60 -65.58
CA LYS NA 22 30.38 33.67 -65.30
C LYS NA 22 29.49 34.26 -64.21
N VAL NA 23 28.41 33.56 -63.93
CA VAL NA 23 27.37 34.05 -63.04
C VAL NA 23 27.14 33.08 -61.87
N SER NA 24 27.28 33.59 -60.65
CA SER NA 24 26.98 32.83 -59.44
C SER NA 24 25.48 32.57 -59.34
N GLY NA 25 25.13 31.44 -58.73
CA GLY NA 25 23.75 31.02 -58.55
C GLY NA 25 22.95 32.08 -57.83
N ASP NA 26 23.52 32.61 -56.75
CA ASP NA 26 22.86 33.63 -55.96
C ASP NA 26 22.62 34.93 -56.68
N ALA NA 27 23.63 35.39 -57.43
CA ALA NA 27 23.51 36.62 -58.22
C ALA NA 27 22.44 36.43 -59.28
N LEU NA 28 22.46 35.27 -59.92
CA LEU NA 28 21.49 34.93 -60.93
C LEU NA 28 20.08 34.97 -60.35
N GLN NA 29 19.92 34.43 -59.13
CA GLN NA 29 18.63 34.45 -58.44
CA GLN NA 29 18.62 34.45 -58.44
C GLN NA 29 18.12 35.86 -58.17
N LEU NA 30 19.00 36.75 -57.73
CA LEU NA 30 18.60 38.15 -57.49
C LEU NA 30 18.17 38.86 -58.79
N MET NA 31 18.85 38.51 -59.87
CA MET NA 31 18.52 39.06 -61.17
C MET NA 31 17.17 38.62 -61.71
N VAL NA 32 16.83 37.35 -61.46
CA VAL NA 32 15.52 36.80 -61.79
C VAL NA 32 14.43 37.66 -61.13
N GLU NA 33 14.65 38.04 -59.87
CA GLU NA 33 13.70 38.86 -59.11
C GLU NA 33 13.64 40.27 -59.68
N LEU NA 34 14.81 40.80 -60.01
CA LEU NA 34 14.90 42.16 -60.53
C LEU NA 34 14.25 42.30 -61.89
N LEU NA 35 14.47 41.30 -62.74
CA LEU NA 35 13.86 41.30 -64.05
C LEU NA 35 12.35 41.20 -63.95
N LYS NA 36 11.87 40.40 -62.99
CA LYS NA 36 10.45 40.26 -62.76
C LYS NA 36 9.84 41.60 -62.36
N VAL NA 37 10.50 42.30 -61.42
CA VAL NA 37 10.06 43.62 -60.98
C VAL NA 37 9.97 44.64 -62.12
N PHE NA 38 11.00 44.66 -62.95
CA PHE NA 38 11.06 45.47 -64.16
C PHE NA 38 9.86 45.23 -65.10
N VAL NA 39 9.58 43.96 -65.43
CA VAL NA 39 8.49 43.63 -66.37
C VAL NA 39 7.12 43.93 -65.75
N VAL NA 40 6.96 43.58 -64.48
CA VAL NA 40 5.71 43.83 -63.77
C VAL NA 40 5.43 45.33 -63.72
N GLU NA 41 6.47 46.12 -63.47
CA GLU NA 41 6.29 47.56 -63.44
C GLU NA 41 5.88 48.13 -64.78
N ALA NA 42 6.52 47.66 -65.85
CA ALA NA 42 6.10 48.04 -67.19
C ALA NA 42 4.60 47.76 -67.43
N ALA NA 43 4.19 46.54 -67.07
CA ALA NA 43 2.80 46.06 -67.27
C ALA NA 43 1.78 46.82 -66.42
N VAL NA 44 2.10 46.93 -65.13
CA VAL NA 44 1.29 47.68 -64.16
C VAL NA 44 1.05 49.14 -64.60
N ARG NA 45 2.12 49.83 -64.98
CA ARG NA 45 2.02 51.21 -65.41
C ARG NA 45 1.22 51.37 -66.71
N GLY NA 46 1.43 50.48 -67.68
CA GLY NA 46 0.61 50.45 -68.90
C GLY NA 46 -0.90 50.34 -68.64
N VAL NA 47 -1.26 49.47 -67.71
CA VAL NA 47 -2.66 49.30 -67.33
C VAL NA 47 -3.21 50.57 -66.69
N ARG NA 48 -2.43 51.18 -65.81
CA ARG NA 48 -2.81 52.44 -65.17
C ARG NA 48 -3.06 53.52 -66.21
N GLN NA 49 -2.21 53.56 -67.23
CA GLN NA 49 -2.32 54.54 -68.29
C GLN NA 49 -3.59 54.32 -69.10
N ALA NA 50 -3.85 53.07 -69.45
CA ALA NA 50 -5.06 52.72 -70.20
C ALA NA 50 -6.31 53.14 -69.44
N GLN NA 51 -6.38 52.72 -68.17
CA GLN NA 51 -7.45 53.10 -67.26
C GLN NA 51 -7.58 54.62 -67.14
N ALA NA 52 -6.43 55.31 -67.03
CA ALA NA 52 -6.40 56.76 -66.82
C ALA NA 52 -7.00 57.52 -68.00
N GLU NA 53 -6.73 57.07 -69.23
CA GLU NA 53 -7.30 57.73 -70.40
C GLU NA 53 -8.59 57.06 -70.88
N ASP NA 54 -9.06 56.11 -70.07
CA ASP NA 54 -10.32 55.43 -70.30
C ASP NA 54 -10.41 54.77 -71.68
N ALA NA 55 -9.39 54.00 -72.01
CA ALA NA 55 -9.29 53.31 -73.30
C ALA NA 55 -10.00 51.95 -73.31
N LEU NA 56 -10.23 51.42 -74.52
CA LEU NA 56 -10.99 50.18 -74.75
C LEU NA 56 -10.18 48.92 -74.38
N ARG NA 57 -8.86 49.05 -74.48
CA ARG NA 57 -7.88 48.03 -74.06
C ARG NA 57 -6.53 48.71 -73.81
N VAL NA 58 -5.53 47.95 -73.35
CA VAL NA 58 -4.16 48.48 -73.22
C VAL NA 58 -3.42 48.41 -74.56
N ASP NA 59 -3.34 49.56 -75.22
CA ASP NA 59 -2.77 49.65 -76.57
C ASP NA 59 -1.35 50.23 -76.58
N VAL NA 60 -0.71 50.19 -77.75
CA VAL NA 60 0.64 50.72 -77.95
C VAL NA 60 0.80 52.15 -77.47
N ASP NA 61 -0.23 52.96 -77.70
CA ASP NA 61 -0.20 54.38 -77.34
C ASP NA 61 0.10 54.57 -75.86
N GLN NA 62 -0.58 53.78 -75.03
CA GLN NA 62 -0.41 53.87 -73.59
C GLN NA 62 0.96 53.36 -73.17
N LEU NA 63 1.38 52.23 -73.74
CA LEU NA 63 2.70 51.66 -73.47
C LEU NA 63 3.77 52.71 -73.68
N GLU NA 64 3.74 53.32 -74.86
CA GLU NA 64 4.74 54.30 -75.22
C GLU NA 64 4.65 55.55 -74.34
N LYS NA 65 3.46 55.83 -73.81
CA LYS NA 65 3.31 56.90 -72.81
C LYS NA 65 4.00 56.55 -71.49
N VAL NA 66 4.11 55.26 -71.19
CA VAL NA 66 4.70 54.79 -69.92
C VAL NA 66 6.20 54.49 -70.02
N LEU NA 67 6.69 54.32 -71.25
CA LEU NA 67 8.09 53.98 -71.50
C LEU NA 67 9.11 54.99 -70.88
N PRO NA 68 8.86 56.30 -71.05
CA PRO NA 68 9.85 57.28 -70.59
C PRO NA 68 10.25 57.08 -69.14
N GLN NA 69 9.26 56.98 -68.25
CA GLN NA 69 9.48 56.90 -66.80
C GLN NA 69 10.05 55.55 -66.40
N LEU NA 70 9.63 54.50 -67.08
CA LEU NA 70 10.13 53.18 -66.77
C LEU NA 70 11.63 53.16 -66.96
N LEU NA 71 12.09 53.70 -68.09
CA LEU NA 71 13.51 53.69 -68.38
C LEU NA 71 14.33 54.59 -67.46
N LEU NA 72 13.73 55.70 -67.02
CA LEU NA 72 14.32 56.54 -65.99
C LEU NA 72 14.52 55.75 -64.70
N ASP NA 73 13.54 54.91 -64.39
CA ASP NA 73 13.54 54.13 -63.16
C ASP NA 73 14.51 52.95 -63.22
N PHE NA 74 14.89 52.57 -64.43
CA PHE NA 74 15.78 51.44 -64.63
C PHE NA 74 16.89 51.87 -65.57
N SER OA 1 1.94 22.34 16.88
CA SER OA 1 3.17 22.89 16.26
C SER OA 1 4.43 22.65 17.09
N TYR OA 2 5.56 23.09 16.57
CA TYR OA 2 6.83 22.93 17.26
C TYR OA 2 6.81 23.61 18.64
N GLN OA 3 6.26 24.84 18.70
CA GLN OA 3 6.13 25.59 19.95
C GLN OA 3 5.16 24.97 20.93
N GLN OA 4 4.06 24.38 20.44
CA GLN OA 4 3.14 23.66 21.30
C GLN OA 4 3.83 22.49 22.02
N ARG OA 5 4.69 21.78 21.30
CA ARG OA 5 5.43 20.64 21.87
C ARG OA 5 6.37 21.10 23.00
N LEU OA 6 7.09 22.20 22.73
CA LEU OA 6 7.98 22.80 23.71
C LEU OA 6 7.23 23.23 24.97
N LYS OA 7 6.09 23.88 24.79
CA LYS OA 7 5.22 24.30 25.90
C LYS OA 7 4.79 23.11 26.76
N ALA OA 8 4.46 22.01 26.09
CA ALA OA 8 3.96 20.82 26.76
C ALA OA 8 5.04 20.15 27.58
N ALA OA 9 6.26 20.11 27.03
CA ALA OA 9 7.39 19.56 27.74
C ALA OA 9 7.72 20.42 28.98
N VAL OA 10 7.63 21.75 28.81
CA VAL OA 10 7.79 22.72 29.92
C VAL OA 10 6.78 22.41 31.01
N HIS OA 11 5.53 22.22 30.58
CA HIS OA 11 4.40 21.95 31.46
C HIS OA 11 4.62 20.73 32.33
N TYR OA 12 5.21 19.69 31.75
CA TYR OA 12 5.55 18.47 32.46
C TYR OA 12 6.49 18.75 33.62
N THR OA 13 7.61 19.42 33.32
CA THR OA 13 8.63 19.69 34.32
C THR OA 13 8.09 20.65 35.37
N VAL OA 14 7.31 21.64 34.95
CA VAL OA 14 6.64 22.55 35.88
C VAL OA 14 5.78 21.75 36.86
N GLY OA 15 4.97 20.84 36.33
CA GLY OA 15 4.12 19.97 37.14
C GLY OA 15 4.92 19.20 38.18
N CYS OA 16 6.05 18.65 37.77
CA CYS OA 16 6.93 17.90 38.66
C CYS OA 16 7.54 18.77 39.75
N LEU OA 17 7.98 19.95 39.39
CA LEU OA 17 8.60 20.82 40.36
C LEU OA 17 7.55 21.42 41.32
N CYS OA 18 6.35 21.67 40.80
CA CYS OA 18 5.23 22.08 41.66
C CYS OA 18 4.81 20.96 42.59
N GLU OA 19 4.92 19.73 42.13
CA GLU OA 19 4.71 18.57 43.00
C GLU OA 19 5.61 18.58 44.23
N GLU OA 20 6.89 18.84 44.01
CA GLU OA 20 7.88 19.01 45.09
C GLU OA 20 7.44 20.06 46.10
N VAL OA 21 7.07 21.23 45.58
CA VAL OA 21 6.62 22.33 46.41
C VAL OA 21 5.33 21.96 47.16
N ALA OA 22 4.42 21.28 46.45
CA ALA OA 22 3.19 20.75 47.06
C ALA OA 22 3.51 19.85 48.25
N LEU OA 23 4.53 19.00 48.06
CA LEU OA 23 5.06 18.07 49.07
C LEU OA 23 5.48 18.83 50.32
N ASP OA 24 6.19 19.94 50.10
CA ASP OA 24 6.72 20.79 51.15
C ASP OA 24 5.62 21.46 52.01
N LYS OA 25 4.63 22.02 51.34
CA LYS OA 25 3.62 22.81 52.01
C LYS OA 25 2.42 21.99 52.47
N ALA OA 26 2.35 20.75 52.01
CA ALA OA 26 1.16 19.92 52.21
C ALA OA 26 -0.11 20.67 51.78
N MET OA 27 -0.03 21.28 50.60
CA MET OA 27 -1.15 22.02 50.01
C MET OA 27 -1.22 21.79 48.50
N GLN OA 28 -2.43 21.53 48.01
CA GLN OA 28 -2.69 21.21 46.61
C GLN OA 28 -2.69 22.43 45.73
N PHE OA 29 -2.32 22.21 44.47
CA PHE OA 29 -2.38 23.22 43.42
C PHE OA 29 -3.47 22.83 42.43
N SER OA 30 -4.22 23.82 41.94
CA SER OA 30 -5.08 23.54 40.81
C SER OA 30 -4.22 23.27 39.58
N LYS OA 31 -4.69 22.38 38.70
CA LYS OA 31 -4.01 22.10 37.44
C LYS OA 31 -3.98 23.35 36.56
N GLN OA 32 -4.96 24.22 36.76
CA GLN OA 32 -5.06 25.49 36.06
C GLN OA 32 -3.89 26.43 36.40
N THR OA 33 -3.51 26.47 37.68
CA THR OA 33 -2.41 27.31 38.16
C THR OA 33 -1.14 26.81 37.51
N ILE OA 34 -0.98 25.49 37.51
CA ILE OA 34 0.13 24.83 36.84
C ILE OA 34 0.23 25.28 35.38
N ALA OA 35 -0.89 25.19 34.67
CA ALA OA 35 -0.95 25.57 33.26
C ALA OA 35 -0.59 27.05 33.07
N ALA OA 36 -1.10 27.90 33.95
CA ALA OA 36 -0.78 29.31 33.90
C ALA OA 36 0.73 29.55 34.09
N ILE OA 37 1.36 28.83 35.01
CA ILE OA 37 2.80 29.01 35.28
C ILE OA 37 3.61 28.61 34.07
N SER OA 38 3.18 27.51 33.45
CA SER OA 38 3.83 26.98 32.26
C SER OA 38 3.75 28.00 31.12
N GLU OA 39 2.58 28.61 30.94
CA GLU OA 39 2.39 29.62 29.89
C GLU OA 39 3.28 30.81 30.15
N LEU OA 40 3.32 31.24 31.40
CA LEU OA 40 4.12 32.39 31.78
C LEU OA 40 5.60 32.09 31.60
N THR OA 41 6.00 30.87 31.96
CA THR OA 41 7.39 30.43 31.83
C THR OA 41 7.81 30.49 30.36
N PHE OA 42 6.94 29.94 29.50
CA PHE OA 42 7.14 29.94 28.07
C PHE OA 42 7.31 31.38 27.54
N ARG OA 43 6.36 32.25 27.87
CA ARG OA 43 6.42 33.64 27.41
C ARG OA 43 7.65 34.36 27.95
N GLN OA 44 7.94 34.13 29.22
CA GLN OA 44 9.07 34.74 29.92
C GLN OA 44 10.39 34.40 29.23
N CYS OA 45 10.47 33.21 28.67
CA CYS OA 45 11.67 32.76 28.00
C CYS OA 45 12.00 33.62 26.78
N GLU OA 46 10.96 34.15 26.15
CA GLU OA 46 11.15 35.03 25.02
C GLU OA 46 11.87 36.30 25.44
N ASN OA 47 11.41 36.90 26.54
CA ASN OA 47 12.04 38.08 27.11
C ASN OA 47 13.48 37.84 27.58
N PHE OA 48 13.73 36.73 28.26
CA PHE OA 48 15.07 36.41 28.71
C PHE OA 48 16.02 36.20 27.56
N ALA OA 49 15.56 35.46 26.55
CA ALA OA 49 16.36 35.19 25.36
C ALA OA 49 16.76 36.45 24.60
N LYS OA 50 15.81 37.34 24.32
CA LYS OA 50 16.14 38.54 23.57
C LYS OA 50 17.05 39.50 24.36
N ASP OA 51 16.83 39.56 25.68
CA ASP OA 51 17.71 40.31 26.57
C ASP OA 51 19.15 39.78 26.54
N LEU OA 52 19.29 38.47 26.66
CA LEU OA 52 20.59 37.83 26.60
C LEU OA 52 21.29 38.12 25.26
N GLU OA 53 20.53 38.10 24.16
CA GLU OA 53 21.04 38.46 22.83
C GLU OA 53 21.57 39.90 22.80
N MET OA 54 20.82 40.84 23.37
CA MET OA 54 21.25 42.23 23.40
C MET OA 54 22.50 42.44 24.22
N PHE OA 55 22.61 41.69 25.32
CA PHE OA 55 23.79 41.70 26.18
C PHE OA 55 25.02 41.21 25.42
N ALA OA 56 24.85 40.13 24.68
CA ALA OA 56 25.94 39.58 23.88
C ALA OA 56 26.35 40.56 22.77
N ARG OA 57 25.36 41.12 22.08
CA ARG OA 57 25.56 42.15 21.05
C ARG OA 57 26.33 43.34 21.62
N HIS OA 58 25.93 43.71 22.84
CA HIS OA 58 26.51 44.85 23.55
C HIS OA 58 27.97 44.57 23.96
N ALA OA 59 28.33 43.30 24.08
CA ALA OA 59 29.69 42.90 24.47
C ALA OA 59 30.56 42.43 23.29
N LYS OA 60 30.07 42.61 22.06
CA LYS OA 60 30.80 42.18 20.85
C LYS OA 60 31.21 40.72 20.87
N ARG OA 61 30.34 39.87 21.38
CA ARG OA 61 30.53 38.42 21.38
C ARG OA 61 29.25 37.74 20.90
N THR OA 62 29.36 36.54 20.34
CA THR OA 62 28.17 35.80 19.90
C THR OA 62 27.80 34.68 20.87
N THR OA 63 28.74 34.29 21.73
CA THR OA 63 28.48 33.21 22.70
C THR OA 63 28.27 33.78 24.12
N ILE OA 64 27.07 33.56 24.66
CA ILE OA 64 26.62 34.15 25.94
C ILE OA 64 27.31 33.46 27.14
N ASN OA 65 27.84 34.27 28.07
CA ASN OA 65 28.49 33.75 29.28
C ASN OA 65 27.76 34.07 30.59
N THR OA 66 28.37 33.63 31.69
CA THR OA 66 27.78 33.69 33.01
C THR OA 66 27.53 35.12 33.48
N GLU OA 67 28.34 36.04 32.97
CA GLU OA 67 28.19 37.44 33.34
C GLU OA 67 26.88 37.99 32.86
N ASP OA 68 26.50 37.62 31.64
CA ASP OA 68 25.24 38.06 31.06
C ASP OA 68 24.07 37.57 31.90
N VAL OA 69 24.12 36.30 32.31
CA VAL OA 69 23.07 35.71 33.13
C VAL OA 69 22.96 36.40 34.49
N LYS OA 70 24.10 36.58 35.15
CA LYS OA 70 24.14 37.21 36.48
C LYS OA 70 23.60 38.63 36.41
N LEU OA 71 23.91 39.30 35.31
CA LEU OA 71 23.42 40.65 35.08
C LEU OA 71 21.91 40.59 34.89
N LEU OA 72 21.45 39.57 34.16
CA LEU OA 72 20.01 39.35 33.92
C LEU OA 72 19.23 39.20 35.25
N ALA OA 73 19.86 38.55 36.22
CA ALA OA 73 19.21 38.22 37.48
C ALA OA 73 19.37 39.32 38.54
N ARG OA 74 19.61 40.55 38.10
CA ARG OA 74 19.88 41.67 39.00
C ARG OA 74 18.67 42.16 39.83
N ARG OA 75 17.49 41.62 39.54
CA ARG OA 75 16.20 42.26 39.86
C ARG OA 75 15.75 42.26 41.33
N SER OA 76 15.54 41.07 41.89
CA SER OA 76 15.41 40.93 43.35
C SER OA 76 16.77 40.53 43.93
N ASN OA 77 17.12 41.12 45.05
CA ASN OA 77 18.46 40.91 45.62
C ASN OA 77 18.68 39.50 46.15
N SER OA 78 17.60 38.87 46.63
CA SER OA 78 17.63 37.44 47.00
C SER OA 78 17.99 36.59 45.79
N LEU OA 79 17.46 36.99 44.63
CA LEU OA 79 17.73 36.37 43.35
C LEU OA 79 19.20 36.55 42.98
N LEU OA 80 19.70 37.78 43.15
CA LEU OA 80 21.03 38.20 42.73
C LEU OA 80 22.10 37.39 43.45
N LYS OA 81 21.96 37.35 44.76
CA LYS OA 81 22.96 36.66 45.56
C LYS OA 81 22.84 35.12 45.44
N TYR OA 82 21.60 34.62 45.27
CA TYR OA 82 21.36 33.20 44.96
C TYR OA 82 22.25 32.72 43.81
N ILE OA 83 22.20 33.47 42.73
CA ILE OA 83 22.80 33.09 41.46
C ILE OA 83 24.30 32.96 41.61
N THR OA 84 24.90 33.97 42.22
CA THR OA 84 26.34 33.98 42.43
C THR OA 84 26.80 32.72 43.16
N ASP OA 85 26.12 32.37 44.25
CA ASP OA 85 26.44 31.19 45.06
C ASP OA 85 26.56 29.95 44.20
N LYS OA 86 25.49 29.71 43.47
CA LYS OA 86 25.34 28.50 42.71
C LYS OA 86 26.34 28.43 41.56
N SER OA 87 26.72 29.59 41.02
CA SER OA 87 27.72 29.63 39.96
C SER OA 87 29.04 29.03 40.42
N GLU OA 88 29.36 29.24 41.71
CA GLU OA 88 30.59 28.70 42.32
C GLU OA 88 30.60 27.17 42.33
N GLU OA 89 29.45 26.60 42.69
CA GLU OA 89 29.25 25.16 42.68
C GLU OA 89 29.55 24.53 41.31
N ILE OA 90 29.00 25.13 40.25
CA ILE OA 90 29.18 24.63 38.88
C ILE OA 90 30.66 24.72 38.47
N ALA OA 91 31.34 25.74 38.97
CA ALA OA 91 32.79 25.88 38.80
C ALA OA 91 33.52 24.63 39.31
N GLN OA 92 32.99 24.04 40.38
CA GLN OA 92 33.52 22.77 40.91
C GLN OA 92 33.22 21.58 39.99
N ALA OA 93 32.06 21.60 39.35
CA ALA OA 93 31.73 20.59 38.34
C ALA OA 93 32.70 20.68 37.16
N ASN OA 94 33.11 21.90 36.84
CA ASN OA 94 34.14 22.11 35.82
C ASN OA 94 35.55 21.70 36.29
N LEU OA 95 35.81 21.82 37.60
CA LEU OA 95 37.06 21.35 38.22
C LEU OA 95 37.21 19.84 38.06
N GLU OA 96 36.08 19.14 38.13
CA GLU OA 96 35.96 17.74 37.74
C GLU OA 96 36.55 17.52 36.35
N ARG OA 97 36.11 18.36 35.42
CA ARG OA 97 36.63 18.33 34.04
C ARG OA 97 38.15 18.41 34.00
N LYS OA 98 38.74 19.19 34.94
CA LYS OA 98 40.19 19.27 35.11
C LYS OA 98 40.83 17.90 35.42
N ALA OA 99 40.21 17.13 36.32
CA ALA OA 99 40.67 15.78 36.67
C ALA OA 99 40.49 14.83 35.50
N GLN OA 100 39.45 15.09 34.73
CA GLN OA 100 39.11 14.26 33.57
C GLN OA 100 40.15 14.38 32.44
N LYS OA 101 40.53 15.60 32.06
CA LYS OA 101 41.66 15.77 31.12
C LYS OA 101 42.97 15.34 31.78
N LYS OA 102 43.72 14.45 31.13
CA LYS OA 102 45.01 14.00 31.67
C LYS OA 102 46.06 15.11 31.59
N LYS OA 103 46.88 15.19 32.62
CA LYS OA 103 47.78 16.32 32.79
C LYS OA 103 49.25 15.94 32.75
N LYS OA 104 50.06 16.90 32.34
CA LYS OA 104 51.35 16.60 31.76
C LYS OA 104 52.43 16.09 32.72
N SER OA 105 52.58 16.73 33.88
CA SER OA 105 53.54 16.22 34.86
C SER OA 105 52.99 15.01 35.62
N SER PA 1 8.99 61.55 54.57
CA SER PA 1 10.42 61.47 54.17
C SER PA 1 10.64 61.94 52.72
N TYR PA 2 11.90 62.00 52.31
CA TYR PA 2 12.23 62.43 50.96
C TYR PA 2 11.60 61.54 49.89
N GLN PA 3 11.64 60.21 50.11
CA GLN PA 3 11.01 59.24 49.20
C GLN PA 3 9.49 59.34 49.11
N GLN PA 4 8.86 59.63 50.25
CA GLN PA 4 7.40 59.80 50.26
C GLN PA 4 6.98 61.00 49.40
N ARG PA 5 7.76 62.08 49.50
CA ARG PA 5 7.56 63.29 48.70
C ARG PA 5 7.65 62.94 47.20
N LEU PA 6 8.68 62.17 46.83
CA LEU PA 6 8.90 61.72 45.46
C LEU PA 6 7.75 60.90 44.90
N LYS PA 7 7.26 59.94 45.68
CA LYS PA 7 6.14 59.08 45.28
C LYS PA 7 4.90 59.94 44.98
N ALA PA 8 4.69 60.95 45.81
CA ALA PA 8 3.54 61.83 45.68
C ALA PA 8 3.62 62.76 44.46
N ALA PA 9 4.82 63.21 44.14
CA ALA PA 9 5.01 64.03 42.94
C ALA PA 9 4.81 63.17 41.69
N VAL PA 10 5.28 61.92 41.75
CA VAL PA 10 5.06 60.95 40.68
C VAL PA 10 3.54 60.77 40.52
N HIS PA 11 2.86 60.55 41.64
CA HIS PA 11 1.40 60.42 41.68
C HIS PA 11 0.64 61.56 41.02
N TYR PA 12 1.08 62.78 41.28
CA TYR PA 12 0.42 63.96 40.72
C TYR PA 12 0.48 63.94 39.19
N THR PA 13 1.69 63.69 38.66
CA THR PA 13 1.89 63.64 37.22
C THR PA 13 1.19 62.43 36.60
N VAL PA 14 1.27 61.29 37.28
CA VAL PA 14 0.52 60.10 36.85
C VAL PA 14 -0.99 60.38 36.76
N GLY PA 15 -1.52 61.02 37.79
CA GLY PA 15 -2.93 61.47 37.80
C GLY PA 15 -3.30 62.30 36.58
N CYS PA 16 -2.44 63.25 36.21
CA CYS PA 16 -2.66 64.11 35.03
C CYS PA 16 -2.71 63.34 33.69
N LEU PA 17 -1.78 62.38 33.51
CA LEU PA 17 -1.72 61.58 32.27
C LEU PA 17 -2.95 60.70 32.08
N CYS PA 18 -3.44 60.16 33.21
CA CYS PA 18 -4.65 59.34 33.20
C CYS PA 18 -5.91 60.13 32.78
N GLU PA 19 -5.93 61.44 33.11
CA GLU PA 19 -7.01 62.33 32.65
C GLU PA 19 -7.14 62.36 31.14
N GLU PA 20 -5.99 62.50 30.47
CA GLU PA 20 -5.94 62.44 29.01
C GLU PA 20 -6.57 61.14 28.48
N VAL PA 21 -6.17 60.00 29.05
CA VAL PA 21 -6.69 58.69 28.65
C VAL PA 21 -8.18 58.56 28.91
N ALA PA 22 -8.61 59.04 30.08
CA ALA PA 22 -10.01 59.04 30.43
C ALA PA 22 -10.85 59.85 29.43
N LEU PA 23 -10.32 61.02 29.03
CA LEU PA 23 -10.99 61.91 28.08
C LEU PA 23 -11.12 61.24 26.72
N ASP PA 24 -10.06 60.53 26.34
CA ASP PA 24 -9.89 59.84 25.07
C ASP PA 24 -10.93 58.73 24.85
N LYS PA 25 -11.04 57.81 25.82
CA LYS PA 25 -11.91 56.65 25.65
C LYS PA 25 -13.24 56.76 26.41
N ALA PA 26 -13.42 57.90 27.09
CA ALA PA 26 -14.58 58.11 27.96
C ALA PA 26 -14.75 56.96 28.96
N MET PA 27 -13.62 56.54 29.56
CA MET PA 27 -13.61 55.57 30.65
C MET PA 27 -12.65 56.05 31.73
N GLN PA 28 -13.15 56.11 32.95
CA GLN PA 28 -12.35 56.55 34.10
C GLN PA 28 -11.86 55.34 34.89
N PHE PA 29 -10.84 55.56 35.70
CA PHE PA 29 -10.26 54.51 36.52
C PHE PA 29 -10.51 54.84 37.99
N SER PA 30 -10.46 53.81 38.83
CA SER PA 30 -10.62 54.03 40.26
C SER PA 30 -9.47 54.86 40.78
N LYS PA 31 -9.72 55.53 41.89
CA LYS PA 31 -8.68 56.36 42.48
C LYS PA 31 -7.56 55.45 43.03
N GLN PA 32 -7.94 54.20 43.35
CA GLN PA 32 -7.00 53.17 43.82
C GLN PA 32 -6.02 52.78 42.72
N THR PA 33 -6.54 52.65 41.50
CA THR PA 33 -5.74 52.37 40.30
C THR PA 33 -4.68 53.45 40.11
N ILE PA 34 -5.10 54.73 40.23
CA ILE PA 34 -4.17 55.87 40.11
C ILE PA 34 -3.00 55.74 41.10
N ALA PA 35 -3.34 55.47 42.36
CA ALA PA 35 -2.36 55.30 43.44
C ALA PA 35 -1.41 54.13 43.16
N ALA PA 36 -1.99 53.02 42.72
CA ALA PA 36 -1.20 51.83 42.43
C ALA PA 36 -0.21 52.03 41.27
N ILE PA 37 -0.62 52.74 40.21
CA ILE PA 37 0.28 53.03 39.07
C ILE PA 37 1.45 53.89 39.54
N SER PA 38 1.14 54.85 40.40
CA SER PA 38 2.14 55.75 40.96
C SER PA 38 3.20 54.97 41.75
N GLU PA 39 2.72 54.04 42.57
CA GLU PA 39 3.61 53.20 43.35
C GLU PA 39 4.44 52.28 42.45
N LEU PA 40 3.82 51.73 41.42
CA LEU PA 40 4.52 50.87 40.47
C LEU PA 40 5.60 51.64 39.74
N THR PA 41 5.29 52.88 39.39
CA THR PA 41 6.22 53.73 38.69
C THR PA 41 7.42 54.05 39.56
N PHE PA 42 7.19 54.34 40.82
CA PHE PA 42 8.27 54.56 41.78
C PHE PA 42 9.16 53.32 41.90
N ARG PA 43 8.55 52.15 42.07
CA ARG PA 43 9.24 50.87 42.19
C ARG PA 43 10.08 50.64 40.96
N GLN PA 44 9.46 50.86 39.81
CA GLN PA 44 10.07 50.63 38.51
C GLN PA 44 11.33 51.47 38.31
N CYS PA 45 11.33 52.69 38.88
CA CYS PA 45 12.44 53.65 38.75
C CYS PA 45 13.73 53.08 39.27
N GLU PA 46 13.61 52.30 40.34
CA GLU PA 46 14.75 51.71 40.99
C GLU PA 46 15.43 50.71 40.06
N ASN PA 47 14.64 49.80 39.48
CA ASN PA 47 15.13 48.83 38.50
C ASN PA 47 15.77 49.50 37.28
N PHE PA 48 15.10 50.52 36.74
CA PHE PA 48 15.63 51.23 35.58
C PHE PA 48 16.95 51.92 35.87
N ALA PA 49 16.99 52.64 36.99
CA ALA PA 49 18.18 53.39 37.37
C ALA PA 49 19.40 52.50 37.59
N LYS PA 50 19.26 51.42 38.34
CA LYS PA 50 20.42 50.57 38.61
C LYS PA 50 20.88 49.81 37.37
N ASP PA 51 19.94 49.39 36.51
CA ASP PA 51 20.28 48.79 35.21
C ASP PA 51 21.12 49.73 34.35
N LEU PA 52 20.59 50.95 34.18
CA LEU PA 52 21.27 51.96 33.39
C LEU PA 52 22.67 52.23 33.91
N GLU PA 53 22.81 52.27 35.23
CA GLU PA 53 24.10 52.52 35.88
C GLU PA 53 25.09 51.41 35.54
N MET PA 54 24.64 50.16 35.63
CA MET PA 54 25.44 48.97 35.33
C MET PA 54 25.98 49.04 33.90
N PHE PA 55 25.11 49.45 32.99
CA PHE PA 55 25.46 49.50 31.59
C PHE PA 55 26.34 50.71 31.25
N ALA PA 56 26.12 51.85 31.90
CA ALA PA 56 26.99 53.03 31.74
C ALA PA 56 28.39 52.72 32.21
N ARG PA 57 28.48 52.13 33.41
CA ARG PA 57 29.75 51.75 33.99
C ARG PA 57 30.44 50.71 33.14
N HIS PA 58 29.64 49.80 32.58
CA HIS PA 58 30.14 48.75 31.70
C HIS PA 58 30.68 49.30 30.36
N ALA PA 59 30.17 50.45 29.93
CA ALA PA 59 30.63 51.13 28.71
C ALA PA 59 31.80 52.06 29.00
N LYS PA 60 32.39 51.89 30.17
CA LYS PA 60 33.58 52.62 30.58
C LYS PA 60 33.31 54.14 30.55
N ARG PA 61 32.09 54.49 30.92
CA ARG PA 61 31.69 55.88 31.08
C ARG PA 61 30.99 56.06 32.40
N THR PA 62 31.10 57.27 32.96
CA THR PA 62 30.35 57.61 34.17
C THR PA 62 29.02 58.28 33.87
N THR PA 63 28.90 58.87 32.68
CA THR PA 63 27.64 59.53 32.29
C THR PA 63 26.85 58.74 31.26
N ILE PA 64 25.64 58.36 31.66
CA ILE PA 64 24.68 57.63 30.84
C ILE PA 64 24.20 58.51 29.67
N ASN PA 65 24.29 57.98 28.44
CA ASN PA 65 23.81 58.69 27.25
C ASN PA 65 22.57 58.06 26.59
N THR PA 66 22.16 58.63 25.48
CA THR PA 66 20.97 58.23 24.76
C THR PA 66 20.99 56.77 24.32
N GLU PA 67 22.19 56.26 24.05
CA GLU PA 67 22.38 54.87 23.63
C GLU PA 67 21.84 53.90 24.66
N ASP PA 68 22.27 54.12 25.90
CA ASP PA 68 21.89 53.25 27.01
C ASP PA 68 20.38 53.25 27.18
N VAL PA 69 19.81 54.45 27.13
CA VAL PA 69 18.40 54.64 27.36
C VAL PA 69 17.55 53.96 26.29
N LYS PA 70 17.91 54.19 25.03
CA LYS PA 70 17.16 53.62 23.93
C LYS PA 70 17.26 52.10 23.95
N LEU PA 71 18.41 51.59 24.40
CA LEU PA 71 18.56 50.15 24.56
C LEU PA 71 17.66 49.68 25.72
N LEU PA 72 17.49 50.52 26.73
CA LEU PA 72 16.60 50.18 27.84
C LEU PA 72 15.12 50.03 27.42
N ALA PA 73 14.74 50.68 26.32
CA ALA PA 73 13.36 50.61 25.82
C ALA PA 73 13.13 49.46 24.81
N ARG PA 74 13.97 48.42 24.88
CA ARG PA 74 14.11 47.43 23.79
C ARG PA 74 12.99 46.41 23.53
N ARG PA 75 12.08 46.24 24.50
CA ARG PA 75 11.31 44.98 24.59
C ARG PA 75 10.20 44.74 23.56
N SER PA 76 9.23 45.67 23.49
CA SER PA 76 8.17 45.60 22.48
C SER PA 76 8.56 46.42 21.26
N ASN PA 77 8.34 45.85 20.08
CA ASN PA 77 8.71 46.47 18.80
C ASN PA 77 8.03 47.80 18.54
N SER PA 78 6.75 47.88 18.93
CA SER PA 78 5.98 49.13 18.87
C SER PA 78 6.68 50.22 19.69
N LEU PA 79 7.12 49.83 20.89
CA LEU PA 79 7.78 50.75 21.79
C LEU PA 79 9.01 51.31 21.09
N LEU PA 80 9.80 50.39 20.53
CA LEU PA 80 11.13 50.68 19.99
C LEU PA 80 11.12 51.55 18.74
N LYS PA 81 10.32 51.17 17.75
CA LYS PA 81 10.24 51.97 16.52
C LYS PA 81 9.68 53.34 16.87
N TYR PA 82 8.70 53.36 17.78
CA TYR PA 82 8.14 54.60 18.26
C TYR PA 82 9.19 55.47 18.99
N ILE PA 83 9.95 54.84 19.89
CA ILE PA 83 11.07 55.48 20.62
C ILE PA 83 12.09 56.22 19.73
N THR PA 84 12.53 55.51 18.69
CA THR PA 84 13.58 56.02 17.79
C THR PA 84 13.17 57.34 17.13
N ASP PA 85 11.92 57.39 16.66
CA ASP PA 85 11.35 58.58 16.05
C ASP PA 85 11.58 59.85 16.88
N LYS PA 86 11.23 59.79 18.16
CA LYS PA 86 11.29 60.94 19.06
C LYS PA 86 12.70 61.44 19.36
N SER PA 87 13.68 60.54 19.25
CA SER PA 87 15.07 60.89 19.49
C SER PA 87 15.62 61.83 18.41
N GLU PA 88 15.13 61.67 17.18
CA GLU PA 88 15.48 62.58 16.08
C GLU PA 88 14.99 64.01 16.36
N GLU PA 89 13.78 64.11 16.91
CA GLU PA 89 13.17 65.36 17.35
C GLU PA 89 14.05 66.06 18.42
N ILE PA 90 14.54 65.26 19.37
CA ILE PA 90 15.37 65.76 20.47
C ILE PA 90 16.77 66.17 20.01
N ALA PA 91 17.31 65.47 19.02
CA ALA PA 91 18.57 65.82 18.36
C ALA PA 91 18.50 67.19 17.69
N GLN PA 92 17.32 67.54 17.20
CA GLN PA 92 17.08 68.87 16.61
C GLN PA 92 17.15 70.00 17.62
N ALA PA 93 16.88 69.67 18.89
CA ALA PA 93 17.02 70.61 20.00
C ALA PA 93 18.47 70.67 20.47
N SER QA 1 -8.63 29.46 59.97
CA SER QA 1 -8.86 28.79 61.27
C SER QA 1 -8.12 27.46 61.33
N TYR QA 2 -7.94 26.89 62.54
CA TYR QA 2 -7.12 25.68 62.80
C TYR QA 2 -7.53 24.61 61.87
N GLN QA 3 -8.79 24.26 62.05
CA GLN QA 3 -9.42 23.13 61.44
C GLN QA 3 -9.51 23.33 59.95
N GLN QA 4 -9.77 24.56 59.53
CA GLN QA 4 -9.88 24.86 58.11
C GLN QA 4 -8.58 24.62 57.38
N ARG QA 5 -7.49 25.12 57.95
CA ARG QA 5 -6.20 24.95 57.33
C ARG QA 5 -5.75 23.49 57.44
N LEU QA 6 -6.04 22.86 58.58
CA LEU QA 6 -5.66 21.46 58.74
C LEU QA 6 -6.44 20.53 57.81
N LYS QA 7 -7.73 20.82 57.56
CA LYS QA 7 -8.51 20.07 56.55
C LYS QA 7 -7.87 20.23 55.19
N ALA QA 8 -7.39 21.44 54.88
CA ALA QA 8 -6.73 21.72 53.60
C ALA QA 8 -5.40 20.95 53.44
N ALA QA 9 -4.64 20.84 54.52
CA ALA QA 9 -3.44 20.00 54.55
C ALA QA 9 -3.77 18.51 54.37
N VAL QA 10 -4.82 18.04 55.06
CA VAL QA 10 -5.35 16.67 54.92
C VAL QA 10 -5.76 16.42 53.45
N HIS QA 11 -6.51 17.39 52.91
CA HIS QA 11 -6.99 17.42 51.53
C HIS QA 11 -5.85 17.24 50.53
N TYR QA 12 -4.72 17.88 50.76
CA TYR QA 12 -3.58 17.74 49.87
C TYR QA 12 -3.05 16.32 49.84
N THR QA 13 -2.88 15.75 51.03
CA THR QA 13 -2.40 14.39 51.18
C THR QA 13 -3.37 13.42 50.54
N VAL QA 14 -4.65 13.62 50.83
CA VAL QA 14 -5.72 12.83 50.24
C VAL QA 14 -5.65 12.91 48.70
N GLY QA 15 -5.47 14.11 48.18
CA GLY QA 15 -5.31 14.33 46.73
C GLY QA 15 -4.19 13.54 46.10
N CYS QA 16 -3.05 13.51 46.78
CA CYS QA 16 -1.90 12.75 46.33
C CYS QA 16 -2.19 11.25 46.30
N LEU QA 17 -2.84 10.77 47.35
CA LEU QA 17 -3.12 9.36 47.46
C LEU QA 17 -4.16 8.89 46.44
N CYS QA 18 -5.15 9.73 46.15
CA CYS QA 18 -6.14 9.41 45.12
C CYS QA 18 -5.50 9.40 43.74
N GLU QA 19 -4.57 10.32 43.53
CA GLU QA 19 -3.79 10.32 42.30
C GLU QA 19 -3.02 9.01 42.13
N GLU QA 20 -2.43 8.54 43.24
CA GLU QA 20 -1.74 7.23 43.27
C GLU QA 20 -2.66 6.11 42.79
N VAL QA 21 -3.86 6.06 43.37
CA VAL QA 21 -4.84 5.05 43.00
C VAL QA 21 -5.33 5.24 41.56
N ALA QA 22 -5.55 6.49 41.15
CA ALA QA 22 -5.95 6.81 39.77
C ALA QA 22 -4.93 6.31 38.74
N LEU QA 23 -3.64 6.40 39.08
CA LEU QA 23 -2.59 5.96 38.19
C LEU QA 23 -2.61 4.43 38.02
N ASP QA 24 -3.01 3.72 39.08
CA ASP QA 24 -3.06 2.24 39.09
C ASP QA 24 -4.11 1.70 38.12
N LYS QA 25 -5.30 2.27 38.16
CA LYS QA 25 -6.38 1.78 37.32
C LYS QA 25 -6.65 2.65 36.09
N ALA QA 26 -5.84 3.71 35.92
CA ALA QA 26 -5.99 4.68 34.81
C ALA QA 26 -7.42 5.21 34.69
N MET QA 27 -7.95 5.62 35.83
CA MET QA 27 -9.31 6.18 35.96
C MET QA 27 -9.24 7.20 37.09
N GLN QA 28 -9.67 8.42 36.79
CA GLN QA 28 -9.47 9.57 37.67
C GLN QA 28 -10.68 9.90 38.52
N PHE QA 29 -10.48 10.76 39.52
CA PHE QA 29 -11.49 11.09 40.51
C PHE QA 29 -12.03 12.48 40.30
N SER QA 30 -13.27 12.71 40.70
CA SER QA 30 -13.75 14.06 40.75
C SER QA 30 -13.06 14.76 41.91
N LYS QA 31 -12.95 16.07 41.77
CA LYS QA 31 -12.31 16.88 42.79
C LYS QA 31 -13.12 16.85 44.06
N GLN QA 32 -14.41 16.63 43.88
CA GLN QA 32 -15.34 16.58 44.98
C GLN QA 32 -15.22 15.26 45.75
N THR QA 33 -14.89 14.16 45.04
CA THR QA 33 -14.57 12.87 45.67
C THR QA 33 -13.38 13.06 46.62
N ILE QA 34 -12.34 13.69 46.11
CA ILE QA 34 -11.15 14.02 46.88
C ILE QA 34 -11.48 14.82 48.14
N ALA QA 35 -12.28 15.87 47.94
CA ALA QA 35 -12.69 16.76 49.02
C ALA QA 35 -13.51 16.02 50.06
N ALA QA 36 -14.39 15.14 49.59
CA ALA QA 36 -15.26 14.36 50.48
C ALA QA 36 -14.45 13.40 51.34
N ILE QA 37 -13.47 12.75 50.72
CA ILE QA 37 -12.55 11.88 51.45
C ILE QA 37 -11.76 12.68 52.49
N SER QA 38 -11.30 13.87 52.11
CA SER QA 38 -10.57 14.76 53.02
C SER QA 38 -11.39 15.12 54.25
N GLU QA 39 -12.65 15.53 54.01
CA GLU QA 39 -13.55 15.88 55.10
C GLU QA 39 -13.85 14.67 55.98
N LEU QA 40 -14.06 13.51 55.35
CA LEU QA 40 -14.35 12.27 56.05
C LEU QA 40 -13.20 11.86 56.98
N THR QA 41 -11.98 12.00 56.48
CA THR QA 41 -10.80 11.65 57.28
C THR QA 41 -10.59 12.63 58.41
N PHE QA 42 -10.83 13.92 58.15
CA PHE QA 42 -10.79 14.95 59.18
C PHE QA 42 -11.77 14.59 60.33
N ARG QA 43 -13.00 14.24 59.97
CA ARG QA 43 -14.02 13.88 60.95
C ARG QA 43 -13.66 12.57 61.66
N GLN QA 44 -13.14 11.63 60.89
CA GLN QA 44 -12.67 10.34 61.38
C GLN QA 44 -11.66 10.48 62.50
N CYS QA 45 -10.80 11.48 62.37
CA CYS QA 45 -9.76 11.68 63.36
C CYS QA 45 -10.29 12.15 64.71
N GLU QA 46 -11.49 12.72 64.73
CA GLU QA 46 -12.14 13.08 65.99
C GLU QA 46 -12.45 11.81 66.79
N ASN QA 47 -13.03 10.83 66.11
CA ASN QA 47 -13.31 9.51 66.68
C ASN QA 47 -12.06 8.81 67.16
N PHE QA 48 -11.03 8.79 66.32
CA PHE QA 48 -9.75 8.20 66.69
C PHE QA 48 -9.18 8.82 67.98
N ALA QA 49 -9.09 10.15 67.99
CA ALA QA 49 -8.49 10.92 69.08
C ALA QA 49 -9.14 10.67 70.45
N LYS QA 50 -10.45 10.81 70.53
CA LYS QA 50 -11.11 10.71 71.81
C LYS QA 50 -11.14 9.26 72.34
N ASP QA 51 -11.26 8.30 71.43
CA ASP QA 51 -11.18 6.87 71.81
C ASP QA 51 -9.81 6.54 72.37
N LEU QA 52 -8.78 6.99 71.67
CA LEU QA 52 -7.40 6.80 72.11
C LEU QA 52 -7.19 7.36 73.51
N GLU QA 53 -7.75 8.54 73.78
CA GLU QA 53 -7.65 9.17 75.09
C GLU QA 53 -8.29 8.30 76.16
N MET QA 54 -9.49 7.79 75.87
CA MET QA 54 -10.21 6.97 76.84
C MET QA 54 -9.49 5.65 77.13
N PHE QA 55 -8.84 5.09 76.11
CA PHE QA 55 -8.05 3.89 76.30
C PHE QA 55 -6.73 4.15 77.01
N ALA QA 56 -6.08 5.28 76.74
CA ALA QA 56 -4.89 5.67 77.49
C ALA QA 56 -5.24 5.88 78.97
N ARG QA 57 -6.31 6.63 79.27
CA ARG QA 57 -6.74 6.82 80.65
C ARG QA 57 -7.23 5.50 81.26
N HIS QA 58 -7.84 4.67 80.42
CA HIS QA 58 -8.28 3.32 80.81
C HIS QA 58 -7.10 2.43 81.27
N ALA QA 59 -5.91 2.68 80.73
CA ALA QA 59 -4.70 1.97 81.13
C ALA QA 59 -3.84 2.82 82.09
N LYS QA 60 -4.47 3.85 82.67
CA LYS QA 60 -3.81 4.81 83.58
C LYS QA 60 -2.48 5.38 83.06
N ARG QA 61 -2.46 5.73 81.78
CA ARG QA 61 -1.32 6.41 81.16
C ARG QA 61 -1.80 7.69 80.50
N THR QA 62 -0.87 8.62 80.31
CA THR QA 62 -1.15 9.81 79.53
C THR QA 62 -0.55 9.67 78.13
N THR QA 63 0.39 8.74 77.95
CA THR QA 63 1.05 8.59 76.66
C THR QA 63 0.61 7.35 75.89
N ILE QA 64 0.01 7.57 74.72
CA ILE QA 64 -0.54 6.53 73.86
C ILE QA 64 0.58 5.74 73.20
N ASN QA 65 0.50 4.41 73.28
CA ASN QA 65 1.54 3.53 72.73
C ASN QA 65 1.08 2.64 71.56
N THR QA 66 1.98 1.76 71.09
CA THR QA 66 1.71 0.82 69.97
C THR QA 66 0.52 -0.10 70.27
N GLU QA 67 0.35 -0.42 71.55
CA GLU QA 67 -0.74 -1.29 72.00
C GLU QA 67 -2.09 -0.65 71.77
N ASP QA 68 -2.19 0.64 72.13
CA ASP QA 68 -3.40 1.41 71.93
C ASP QA 68 -3.76 1.47 70.43
N VAL QA 69 -2.77 1.69 69.57
CA VAL QA 69 -2.97 1.74 68.11
C VAL QA 69 -3.57 0.43 67.59
N LYS QA 70 -2.90 -0.67 67.94
CA LYS QA 70 -3.31 -2.00 67.49
C LYS QA 70 -4.72 -2.33 67.98
N LEU QA 71 -5.01 -1.89 69.20
CA LEU QA 71 -6.33 -2.01 69.82
C LEU QA 71 -7.36 -1.30 68.95
N LEU QA 72 -7.03 -0.08 68.54
CA LEU QA 72 -7.95 0.73 67.77
C LEU QA 72 -8.22 0.16 66.38
N ALA QA 73 -7.19 -0.44 65.80
CA ALA QA 73 -7.28 -1.00 64.45
C ALA QA 73 -7.70 -2.47 64.45
N ARG QA 74 -8.30 -2.92 65.56
CA ARG QA 74 -8.73 -4.31 65.77
C ARG QA 74 -9.82 -4.81 64.79
N ARG QA 75 -10.34 -3.90 63.97
CA ARG QA 75 -11.63 -4.05 63.29
C ARG QA 75 -11.71 -5.07 62.12
N SER QA 76 -10.87 -4.89 61.11
CA SER QA 76 -10.77 -5.88 60.03
C SER QA 76 -9.49 -6.68 60.19
N ASN QA 77 -9.62 -7.99 60.02
CA ASN QA 77 -8.52 -8.91 60.28
C ASN QA 77 -7.37 -8.79 59.29
N SER QA 78 -7.68 -8.46 58.03
CA SER QA 78 -6.66 -8.11 57.03
C SER QA 78 -5.85 -6.90 57.47
N LEU QA 79 -6.54 -5.96 58.12
CA LEU QA 79 -5.89 -4.76 58.59
C LEU QA 79 -4.96 -5.10 59.75
N LEU QA 80 -5.36 -6.01 60.64
CA LEU QA 80 -4.52 -6.32 61.81
C LEU QA 80 -3.32 -7.15 61.40
N LYS QA 81 -3.54 -8.12 60.51
CA LYS QA 81 -2.48 -8.80 59.77
C LYS QA 81 -1.48 -7.76 59.24
N TYR QA 82 -2.00 -6.82 58.46
CA TYR QA 82 -1.20 -5.75 57.86
C TYR QA 82 -0.42 -4.97 58.91
N ILE QA 83 -1.13 -4.52 59.93
CA ILE QA 83 -0.60 -3.63 60.95
C ILE QA 83 0.51 -4.31 61.77
N THR QA 84 0.29 -5.56 62.18
CA THR QA 84 1.28 -6.34 62.94
C THR QA 84 2.62 -6.43 62.18
N ASP QA 85 2.54 -6.79 60.90
CA ASP QA 85 3.71 -6.84 60.01
C ASP QA 85 4.50 -5.54 60.07
N LYS QA 86 3.80 -4.44 59.80
CA LYS QA 86 4.42 -3.13 59.72
C LYS QA 86 4.97 -2.62 61.05
N SER QA 87 4.39 -3.07 62.16
CA SER QA 87 4.88 -2.76 63.52
C SER QA 87 6.25 -3.37 63.79
N GLU QA 88 6.51 -4.55 63.24
CA GLU QA 88 7.82 -5.15 63.33
C GLU QA 88 8.86 -4.35 62.54
N GLU QA 89 8.46 -3.92 61.34
CA GLU QA 89 9.25 -3.02 60.50
C GLU QA 89 9.55 -1.70 61.21
N ILE QA 90 8.53 -1.16 61.87
CA ILE QA 90 8.64 0.05 62.69
C ILE QA 90 9.57 -0.14 63.91
N ALA QA 91 9.45 -1.28 64.61
CA ALA QA 91 10.30 -1.63 65.76
C ALA QA 91 11.78 -1.72 65.35
N GLN QA 92 12.03 -2.10 64.11
CA GLN QA 92 13.38 -2.13 63.55
C GLN QA 92 14.02 -0.74 63.40
N ALA QA 93 13.19 0.30 63.23
CA ALA QA 93 13.68 1.69 63.21
C ALA QA 93 13.86 2.23 64.62
N SER RA 1 30.87 23.31 -2.97
CA SER RA 1 32.34 23.22 -3.19
C SER RA 1 33.09 24.06 -2.17
N TYR RA 2 34.41 23.91 -2.19
CA TYR RA 2 35.25 24.62 -1.25
C TYR RA 2 35.14 26.13 -1.41
N GLN RA 3 35.12 26.59 -2.66
CA GLN RA 3 34.93 28.01 -2.99
C GLN RA 3 33.59 28.55 -2.52
N GLN RA 4 32.55 27.73 -2.62
CA GLN RA 4 31.23 28.14 -2.17
C GLN RA 4 31.20 28.34 -0.66
N ARG RA 5 31.88 27.48 0.08
CA ARG RA 5 32.02 27.65 1.54
C ARG RA 5 32.72 28.97 1.91
N LEU RA 6 33.83 29.26 1.25
CA LEU RA 6 34.57 30.51 1.51
C LEU RA 6 33.78 31.75 1.13
N LYS RA 7 33.02 31.68 0.03
CA LYS RA 7 32.12 32.79 -0.36
C LYS RA 7 31.07 33.04 0.69
N ALA RA 8 30.57 31.95 1.29
CA ALA RA 8 29.55 32.03 2.33
C ALA RA 8 30.11 32.69 3.59
N ALA RA 9 31.36 32.35 3.92
CA ALA RA 9 32.07 32.97 5.04
C ALA RA 9 32.26 34.49 4.79
N VAL RA 10 32.61 34.83 3.55
CA VAL RA 10 32.74 36.24 3.13
C VAL RA 10 31.39 36.95 3.27
N HIS RA 11 30.34 36.33 2.75
CA HIS RA 11 28.99 36.88 2.80
C HIS RA 11 28.51 37.12 4.24
N TYR RA 12 28.90 36.22 5.16
CA TYR RA 12 28.65 36.36 6.60
C TYR RA 12 29.14 37.68 7.16
N THR RA 13 30.43 37.95 6.92
CA THR RA 13 31.07 39.14 7.45
C THR RA 13 30.46 40.41 6.83
N VAL RA 14 30.17 40.37 5.53
CA VAL RA 14 29.53 41.49 4.82
C VAL RA 14 28.18 41.85 5.48
N GLY RA 15 27.38 40.84 5.77
CA GLY RA 15 26.11 41.01 6.48
C GLY RA 15 26.24 41.78 7.79
N CYS RA 16 27.23 41.41 8.61
CA CYS RA 16 27.48 42.06 9.90
C CYS RA 16 27.93 43.52 9.73
N LEU RA 17 28.81 43.77 8.77
CA LEU RA 17 29.28 45.12 8.45
C LEU RA 17 28.16 46.01 7.95
N CYS RA 18 27.34 45.48 7.04
CA CYS RA 18 26.19 46.23 6.52
C CYS RA 18 25.14 46.47 7.63
N GLU RA 19 24.97 45.51 8.53
CA GLU RA 19 24.09 45.70 9.69
C GLU RA 19 24.53 46.86 10.58
N GLU RA 20 25.83 46.93 10.86
CA GLU RA 20 26.40 48.04 11.62
C GLU RA 20 26.16 49.37 10.90
N VAL RA 21 26.38 49.38 9.60
CA VAL RA 21 26.12 50.55 8.75
C VAL RA 21 24.64 50.92 8.76
N ALA RA 22 23.76 49.92 8.65
CA ALA RA 22 22.31 50.17 8.69
C ALA RA 22 21.88 50.82 10.01
N LEU RA 23 22.56 50.47 11.10
CA LEU RA 23 22.28 51.06 12.41
C LEU RA 23 22.66 52.54 12.44
N ASP RA 24 23.77 52.87 11.77
CA ASP RA 24 24.30 54.24 11.68
C ASP RA 24 23.41 55.21 10.90
N LYS RA 25 22.94 54.79 9.72
CA LYS RA 25 22.15 55.66 8.82
C LYS RA 25 20.63 55.56 9.06
N ALA RA 26 20.24 54.62 9.92
CA ALA RA 26 18.82 54.34 10.21
C ALA RA 26 18.03 54.03 8.95
N MET RA 27 18.65 53.27 8.06
CA MET RA 27 18.05 52.82 6.82
C MET RA 27 18.67 51.47 6.47
N GLN RA 28 17.80 50.49 6.27
CA GLN RA 28 18.17 49.08 6.06
C GLN RA 28 18.74 48.80 4.65
N PHE RA 29 19.41 47.66 4.50
CA PHE RA 29 19.91 47.22 3.21
C PHE RA 29 19.08 46.06 2.70
N SER RA 30 18.82 46.05 1.40
CA SER RA 30 18.13 44.91 0.80
C SER RA 30 19.04 43.69 0.85
N LYS RA 31 18.43 42.52 0.81
CA LYS RA 31 19.19 41.27 0.80
C LYS RA 31 20.05 41.19 -0.46
N GLN RA 32 19.54 41.75 -1.57
CA GLN RA 32 20.26 41.78 -2.85
C GLN RA 32 21.56 42.57 -2.73
N THR RA 33 21.49 43.72 -2.04
CA THR RA 33 22.62 44.59 -1.79
C THR RA 33 23.74 43.84 -1.06
N ILE RA 34 23.38 43.17 0.03
CA ILE RA 34 24.32 42.36 0.83
C ILE RA 34 25.02 41.33 -0.07
N ALA RA 35 24.22 40.59 -0.83
CA ALA RA 35 24.71 39.55 -1.74
C ALA RA 35 25.63 40.13 -2.82
N ALA RA 36 25.25 41.28 -3.35
CA ALA RA 36 26.00 41.92 -4.43
C ALA RA 36 27.37 42.40 -3.97
N ILE RA 37 27.41 42.98 -2.76
CA ILE RA 37 28.69 43.40 -2.21
C ILE RA 37 29.56 42.17 -1.92
N SER RA 38 28.96 41.08 -1.42
CA SER RA 38 29.70 39.83 -1.21
C SER RA 38 30.31 39.28 -2.51
N GLU RA 39 29.52 39.28 -3.59
CA GLU RA 39 30.00 38.83 -4.91
C GLU RA 39 31.12 39.72 -5.43
N LEU RA 40 30.93 41.03 -5.29
CA LEU RA 40 31.89 42.04 -5.71
C LEU RA 40 33.21 41.86 -4.96
N THR RA 41 33.10 41.61 -3.66
CA THR RA 41 34.27 41.44 -2.81
C THR RA 41 35.05 40.18 -3.19
N PHE RA 42 34.33 39.10 -3.52
CA PHE RA 42 35.00 37.88 -3.95
C PHE RA 42 35.76 38.10 -5.25
N ARG RA 43 35.10 38.76 -6.19
CA ARG RA 43 35.75 39.08 -7.47
C ARG RA 43 36.94 40.04 -7.27
N GLN RA 44 36.78 41.03 -6.40
CA GLN RA 44 37.87 41.97 -6.06
C GLN RA 44 39.13 41.28 -5.54
N CYS RA 45 38.92 40.17 -4.81
CA CYS RA 45 40.02 39.37 -4.25
C CYS RA 45 41.01 38.90 -5.32
N GLU RA 46 40.50 38.64 -6.52
CA GLU RA 46 41.34 38.17 -7.64
C GLU RA 46 42.35 39.24 -8.04
N ASN RA 47 41.86 40.47 -8.22
CA ASN RA 47 42.71 41.61 -8.56
C ASN RA 47 43.74 41.91 -7.48
N PHE RA 48 43.27 41.95 -6.23
CA PHE RA 48 44.16 42.19 -5.11
C PHE RA 48 45.27 41.12 -5.02
N ALA RA 49 44.87 39.87 -5.07
CA ALA RA 49 45.81 38.76 -4.94
C ALA RA 49 46.88 38.75 -6.03
N LYS RA 50 46.48 38.88 -7.30
CA LYS RA 50 47.45 38.80 -8.39
C LYS RA 50 48.42 39.98 -8.38
N ASP RA 51 47.91 41.17 -8.10
CA ASP RA 51 48.77 42.36 -7.97
C ASP RA 51 49.75 42.20 -6.82
N LEU RA 52 49.24 41.76 -5.66
CA LEU RA 52 50.09 41.45 -4.50
C LEU RA 52 51.22 40.47 -4.83
N GLU RA 53 50.91 39.40 -5.55
CA GLU RA 53 51.93 38.40 -5.87
C GLU RA 53 52.95 38.97 -6.84
N MET RA 54 52.49 39.76 -7.80
CA MET RA 54 53.38 40.44 -8.75
C MET RA 54 54.30 41.43 -8.04
N PHE RA 55 53.74 42.16 -7.07
CA PHE RA 55 54.53 43.07 -6.23
C PHE RA 55 55.56 42.30 -5.38
N ALA RA 56 55.17 41.19 -4.76
CA ALA RA 56 56.08 40.39 -3.91
C ALA RA 56 57.23 39.84 -4.74
N ARG RA 57 56.91 39.21 -5.85
CA ARG RA 57 57.92 38.66 -6.75
C ARG RA 57 58.80 39.77 -7.33
N HIS RA 58 58.18 40.90 -7.66
CA HIS RA 58 58.87 42.08 -8.18
C HIS RA 58 59.85 42.69 -7.16
N ALA RA 59 59.53 42.53 -5.87
CA ALA RA 59 60.34 43.07 -4.77
C ALA RA 59 61.17 41.97 -4.10
N LYS RA 60 61.46 40.93 -4.87
CA LYS RA 60 62.45 39.91 -4.47
C LYS RA 60 62.07 39.11 -3.21
N ARG RA 61 60.77 39.00 -2.92
CA ARG RA 61 60.32 38.23 -1.76
C ARG RA 61 59.22 37.25 -2.13
N THR RA 62 59.09 36.19 -1.33
CA THR RA 62 57.98 35.27 -1.50
C THR RA 62 56.91 35.57 -0.48
N THR RA 63 57.24 36.28 0.58
CA THR RA 63 56.25 36.65 1.59
C THR RA 63 55.85 38.12 1.48
N ILE RA 64 54.56 38.36 1.26
CA ILE RA 64 53.99 39.71 1.13
C ILE RA 64 54.07 40.44 2.47
N ASN RA 65 54.61 41.66 2.45
CA ASN RA 65 54.63 42.49 3.64
C ASN RA 65 53.83 43.80 3.49
N THR RA 66 53.90 44.66 4.50
CA THR RA 66 53.10 45.89 4.55
C THR RA 66 53.38 46.87 3.41
N GLU RA 67 54.62 46.87 2.89
CA GLU RA 67 54.98 47.74 1.77
C GLU RA 67 54.19 47.39 0.53
N ASP RA 68 54.06 46.09 0.28
CA ASP RA 68 53.28 45.59 -0.85
C ASP RA 68 51.82 45.99 -0.74
N VAL RA 69 51.25 45.85 0.46
CA VAL RA 69 49.86 46.22 0.75
C VAL RA 69 49.64 47.71 0.49
N LYS RA 70 50.53 48.54 1.02
CA LYS RA 70 50.45 50.00 0.87
C LYS RA 70 50.56 50.41 -0.60
N LEU RA 71 51.40 49.69 -1.33
CA LEU RA 71 51.54 49.85 -2.77
C LEU RA 71 50.20 49.54 -3.45
N LEU RA 72 49.57 48.43 -3.02
CA LEU RA 72 48.29 48.02 -3.55
C LEU RA 72 47.16 49.03 -3.28
N ALA RA 73 47.20 49.67 -2.11
CA ALA RA 73 46.14 50.60 -1.72
C ALA RA 73 46.38 52.06 -2.19
N ARG RA 74 47.22 52.19 -3.21
CA ARG RA 74 47.69 53.51 -3.70
C ARG RA 74 46.64 54.51 -4.22
N ARG RA 75 45.46 54.00 -4.57
CA ARG RA 75 44.57 54.75 -5.47
C ARG RA 75 43.80 55.95 -4.89
N SER RA 76 43.06 55.76 -3.80
CA SER RA 76 42.42 56.90 -3.15
C SER RA 76 43.18 57.34 -1.88
N ASN RA 77 43.53 58.62 -1.85
CA ASN RA 77 44.41 59.12 -0.81
C ASN RA 77 43.79 59.17 0.58
N SER RA 78 42.48 59.40 0.67
CA SER RA 78 41.79 59.34 1.96
C SER RA 78 41.88 57.93 2.56
N LEU RA 79 41.84 56.93 1.67
CA LEU RA 79 41.90 55.56 2.12
C LEU RA 79 43.30 55.18 2.57
N LEU RA 80 44.29 55.74 1.90
CA LEU RA 80 45.71 55.45 2.15
C LEU RA 80 46.18 55.95 3.53
N LYS RA 81 45.72 57.14 3.91
CA LYS RA 81 46.07 57.72 5.22
C LYS RA 81 45.43 56.99 6.40
N TYR RA 82 44.18 56.52 6.23
CA TYR RA 82 43.46 55.67 7.20
C TYR RA 82 44.31 54.46 7.56
N ILE RA 83 44.79 53.81 6.51
CA ILE RA 83 45.53 52.57 6.65
C ILE RA 83 46.88 52.77 7.40
N THR RA 84 47.63 53.83 7.06
CA THR RA 84 48.92 54.11 7.72
C THR RA 84 48.78 54.38 9.22
N ASP RA 85 47.72 55.10 9.61
CA ASP RA 85 47.40 55.32 11.02
C ASP RA 85 47.14 54.01 11.74
N LYS RA 86 46.27 53.20 11.16
CA LYS RA 86 45.95 51.88 11.68
C LYS RA 86 47.19 50.98 11.76
N SER RA 87 48.08 51.12 10.79
CA SER RA 87 49.36 50.39 10.78
C SER RA 87 50.25 50.73 11.97
N GLU RA 88 50.22 52.00 12.38
CA GLU RA 88 50.95 52.45 13.56
C GLU RA 88 50.46 51.77 14.83
N GLU RA 89 49.13 51.71 15.00
CA GLU RA 89 48.48 50.98 16.10
C GLU RA 89 48.89 49.50 16.15
N ILE RA 90 48.81 48.81 15.01
CA ILE RA 90 49.21 47.40 14.90
C ILE RA 90 50.72 47.24 15.14
N ALA RA 91 51.50 48.26 14.75
CA ALA RA 91 52.94 48.30 15.05
C ALA RA 91 53.20 48.40 16.56
N GLN RA 92 52.28 49.06 17.27
CA GLN RA 92 52.29 49.08 18.73
C GLN RA 92 51.97 47.68 19.28
N ALA RA 93 51.06 46.96 18.62
CA ALA RA 93 50.81 45.55 18.93
C ALA RA 93 52.06 44.69 18.66
N ASN RA 94 52.86 45.11 17.68
CA ASN RA 94 54.18 44.51 17.46
C ASN RA 94 55.22 44.93 18.51
N LEU RA 95 55.05 46.10 19.10
CA LEU RA 95 55.87 46.48 20.25
C LEU RA 95 55.52 45.59 21.47
N GLU RA 96 54.24 45.20 21.61
CA GLU RA 96 53.80 44.17 22.58
C GLU RA 96 54.44 42.79 22.28
N ARG RA 97 54.69 42.51 21.01
CA ARG RA 97 55.42 41.31 20.51
C ARG RA 97 56.77 41.20 21.22
N LYS RA 98 57.48 42.34 21.30
CA LYS RA 98 58.69 42.49 22.11
C LYS RA 98 58.47 42.04 23.57
N ALA RA 99 57.36 42.50 24.16
CA ALA RA 99 57.04 42.24 25.57
C ALA RA 99 56.71 40.76 25.89
N GLN RA 100 56.21 40.02 24.91
CA GLN RA 100 55.79 38.63 25.11
C GLN RA 100 56.89 37.66 25.54
N LYS RA 101 57.93 37.56 24.74
CA LYS RA 101 58.99 36.58 24.96
C LYS RA 101 60.02 37.09 25.98
N LYS RA 102 60.76 36.14 26.58
CA LYS RA 102 61.82 36.40 27.57
C LYS RA 102 62.95 37.35 27.11
N LYS RA 103 63.47 38.16 28.05
CA LYS RA 103 64.51 39.18 27.77
C LYS RA 103 65.77 38.92 28.61
N LYS RA 104 66.92 38.79 27.93
CA LYS RA 104 68.12 38.07 28.44
C LYS RA 104 68.84 38.57 29.71
N SER RA 105 69.17 39.86 29.78
CA SER RA 105 69.92 40.37 30.92
C SER RA 105 69.03 40.64 32.15
N SER SA 1 34.33 43.45 14.84
CA SER SA 1 33.36 43.26 13.71
C SER SA 1 34.10 43.19 12.40
N GLY SA 2 34.31 41.96 11.90
CA GLY SA 2 35.03 41.76 10.65
C GLY SA 2 35.48 40.34 10.29
N PHE SA 3 36.29 40.27 9.24
CA PHE SA 3 36.76 39.03 8.61
C PHE SA 3 37.78 38.37 9.51
N ARG SA 4 37.76 37.03 9.53
CA ARG SA 4 38.85 36.26 10.11
C ARG SA 4 40.12 36.44 9.30
N LYS SA 5 41.25 36.43 9.99
CA LYS SA 5 42.56 36.49 9.35
C LYS SA 5 42.80 35.25 8.48
N GLU SA 6 42.36 34.09 8.99
CA GLU SA 6 42.43 32.82 8.27
C GLU SA 6 41.69 32.90 6.92
N LEU SA 7 40.50 33.49 6.92
CA LEU SA 7 39.71 33.66 5.71
C LEU SA 7 40.44 34.53 4.67
N VAL SA 8 40.92 35.71 5.08
CA VAL SA 8 41.63 36.63 4.18
C VAL SA 8 42.87 35.96 3.59
N SER SA 9 43.60 35.22 4.44
CA SER SA 9 44.76 34.45 4.02
C SER SA 9 44.41 33.45 2.92
N ARG SA 10 43.32 32.70 3.12
CA ARG SA 10 42.91 31.68 2.15
C ARG SA 10 42.47 32.27 0.82
N LEU SA 11 41.76 33.39 0.86
CA LEU SA 11 41.26 34.00 -0.36
C LEU SA 11 42.41 34.47 -1.26
N LEU SA 12 43.46 35.02 -0.64
CA LEU SA 12 44.63 35.49 -1.37
C LEU SA 12 45.44 34.32 -1.94
N HIS SA 13 45.66 33.29 -1.12
CA HIS SA 13 46.45 32.12 -1.53
C HIS SA 13 45.83 31.36 -2.70
N LEU SA 14 44.53 31.55 -2.89
CA LEU SA 14 43.81 30.97 -4.02
C LEU SA 14 44.40 31.37 -5.35
N HIS SA 15 45.02 32.54 -5.40
CA HIS SA 15 45.42 33.10 -6.69
C HIS SA 15 46.91 33.41 -6.89
N PHE SA 16 47.72 33.15 -5.86
CA PHE SA 16 49.17 33.24 -6.00
C PHE SA 16 49.63 32.31 -7.12
N LYS SA 17 50.47 32.81 -8.01
CA LYS SA 17 51.06 31.95 -9.02
C LYS SA 17 52.16 31.16 -8.32
N ASP SA 18 52.93 31.84 -7.47
CA ASP SA 18 53.90 31.16 -6.64
C ASP SA 18 53.32 30.87 -5.26
N ASP SA 19 53.26 29.58 -4.94
CA ASP SA 19 52.76 29.13 -3.64
C ASP SA 19 53.72 29.41 -2.48
N LYS SA 20 54.97 29.72 -2.82
CA LYS SA 20 55.93 30.22 -1.84
C LYS SA 20 55.44 31.51 -1.20
N THR SA 21 54.65 32.27 -1.97
CA THR SA 21 54.10 33.55 -1.53
C THR SA 21 53.28 33.37 -0.25
N LYS SA 22 53.53 34.25 0.71
CA LYS SA 22 52.73 34.36 1.93
C LYS SA 22 52.22 35.80 2.02
N VAL SA 23 51.39 36.08 3.00
CA VAL SA 23 51.03 37.45 3.35
C VAL SA 23 51.42 37.62 4.82
N SER SA 24 52.14 38.67 5.17
CA SER SA 24 52.60 38.81 6.58
C SER SA 24 51.42 39.02 7.56
N GLY SA 25 51.60 38.66 8.83
CA GLY SA 25 50.52 38.74 9.83
C GLY SA 25 49.99 40.16 10.00
N ASP SA 26 50.92 41.11 10.06
CA ASP SA 26 50.58 42.51 10.12
C ASP SA 26 49.91 43.00 8.84
N ALA SA 27 50.42 42.56 7.69
CA ALA SA 27 49.80 42.93 6.42
C ALA SA 27 48.40 42.33 6.32
N LEU SA 28 48.24 41.10 6.80
CA LEU SA 28 46.95 40.44 6.85
C LEU SA 28 45.97 41.25 7.69
N GLN SA 29 46.42 41.78 8.81
CA GLN SA 29 45.60 42.66 9.66
CA GLN SA 29 45.55 42.62 9.64
C GLN SA 29 45.20 43.94 8.96
N LEU SA 30 46.15 44.56 8.27
CA LEU SA 30 45.86 45.77 7.50
C LEU SA 30 44.89 45.46 6.38
N MET SA 31 44.97 44.26 5.82
CA MET SA 31 44.04 43.85 4.78
C MET SA 31 42.63 43.60 5.30
N VAL SA 32 42.50 43.06 6.50
CA VAL SA 32 41.19 42.97 7.16
C VAL SA 32 40.58 44.37 7.28
N GLU SA 33 41.38 45.37 7.67
CA GLU SA 33 40.96 46.79 7.72
C GLU SA 33 40.63 47.37 6.34
N LEU SA 34 41.46 47.06 5.34
CA LEU SA 34 41.30 47.56 3.99
C LEU SA 34 40.05 46.98 3.31
N LEU SA 35 39.80 45.70 3.54
CA LEU SA 35 38.61 45.04 3.02
C LEU SA 35 37.35 45.61 3.64
N LYS SA 36 37.39 45.95 4.93
CA LYS SA 36 36.29 46.64 5.62
C LYS SA 36 35.95 47.93 4.89
N VAL SA 37 36.96 48.74 4.64
CA VAL SA 37 36.77 50.03 4.00
C VAL SA 37 36.19 49.87 2.58
N PHE SA 38 36.73 48.90 1.85
CA PHE SA 38 36.25 48.50 0.53
C PHE SA 38 34.74 48.16 0.54
N VAL SA 39 34.37 47.26 1.44
CA VAL SA 39 32.98 46.79 1.56
C VAL SA 39 32.05 47.92 2.00
N VAL SA 40 32.46 48.66 3.03
CA VAL SA 40 31.66 49.75 3.59
C VAL SA 40 31.44 50.82 2.52
N GLU SA 41 32.49 51.13 1.76
CA GLU SA 41 32.35 52.11 0.69
C GLU SA 41 31.39 51.61 -0.40
N ALA SA 42 31.44 50.32 -0.77
CA ALA SA 42 30.45 49.76 -1.71
C ALA SA 42 29.03 49.97 -1.21
N ALA SA 43 28.80 49.60 0.04
CA ALA SA 43 27.51 49.73 0.72
C ALA SA 43 27.03 51.17 0.83
N VAL SA 44 27.91 52.03 1.37
CA VAL SA 44 27.62 53.47 1.55
C VAL SA 44 27.32 54.19 0.24
N ARG SA 45 28.10 53.90 -0.81
CA ARG SA 45 27.88 54.55 -2.10
C ARG SA 45 26.55 54.11 -2.73
N GLY SA 46 26.23 52.82 -2.62
CA GLY SA 46 24.93 52.31 -3.06
C GLY SA 46 23.77 53.02 -2.37
N VAL SA 47 23.86 53.17 -1.05
CA VAL SA 47 22.84 53.86 -0.26
C VAL SA 47 22.72 55.34 -0.67
N ARG SA 48 23.86 55.99 -0.91
CA ARG SA 48 23.88 57.39 -1.36
C ARG SA 48 23.15 57.55 -2.70
N GLN SA 49 23.36 56.60 -3.62
CA GLN SA 49 22.70 56.65 -4.92
C GLN SA 49 21.20 56.40 -4.77
N ALA SA 50 20.81 55.43 -3.94
CA ALA SA 50 19.39 55.15 -3.69
C ALA SA 50 18.68 56.36 -3.13
N GLN SA 51 19.26 56.94 -2.07
CA GLN SA 51 18.68 58.11 -1.44
C GLN SA 51 18.67 59.29 -2.42
N ALA SA 52 19.72 59.40 -3.25
CA ALA SA 52 19.80 60.49 -4.24
C ALA SA 52 18.70 60.43 -5.30
N GLU SA 53 18.33 59.22 -5.72
CA GLU SA 53 17.19 59.08 -6.64
C GLU SA 53 15.88 58.73 -5.91
N ASP SA 54 15.89 58.91 -4.59
CA ASP SA 54 14.71 58.77 -3.72
C ASP SA 54 14.02 57.40 -3.80
N ALA SA 55 14.76 56.37 -3.44
CA ALA SA 55 14.19 55.04 -3.24
C ALA SA 55 14.13 54.78 -1.74
N LEU SA 56 13.05 54.18 -1.27
CA LEU SA 56 13.02 53.83 0.15
C LEU SA 56 13.78 52.54 0.46
N ARG SA 57 14.21 51.79 -0.56
CA ARG SA 57 15.30 50.83 -0.38
C ARG SA 57 16.28 50.76 -1.54
N VAL SA 58 17.46 50.23 -1.25
CA VAL SA 58 18.61 50.25 -2.16
C VAL SA 58 18.52 49.10 -3.18
N ASP SA 59 18.19 49.46 -4.43
CA ASP SA 59 18.06 48.47 -5.51
C ASP SA 59 19.35 48.29 -6.34
N VAL SA 60 19.36 47.19 -7.08
CA VAL SA 60 20.46 46.81 -7.97
C VAL SA 60 20.83 47.96 -8.94
N ASP SA 61 19.82 48.68 -9.42
CA ASP SA 61 20.02 49.80 -10.33
C ASP SA 61 20.97 50.86 -9.78
N GLN SA 62 20.80 51.20 -8.50
CA GLN SA 62 21.67 52.17 -7.85
C GLN SA 62 23.08 51.64 -7.68
N LEU SA 63 23.20 50.40 -7.22
CA LEU SA 63 24.52 49.83 -7.05
C LEU SA 63 25.31 49.79 -8.38
N GLU SA 64 24.63 49.34 -9.45
CA GLU SA 64 25.20 49.39 -10.80
C GLU SA 64 25.61 50.81 -11.21
N LYS SA 65 24.88 51.81 -10.71
CA LYS SA 65 25.26 53.21 -10.95
C LYS SA 65 26.54 53.60 -10.20
N VAL SA 66 26.82 52.89 -9.09
CA VAL SA 66 28.00 53.21 -8.29
C VAL SA 66 29.22 52.32 -8.61
N LEU SA 67 29.02 51.24 -9.36
CA LEU SA 67 30.11 50.31 -9.73
C LEU SA 67 31.26 50.99 -10.47
N PRO SA 68 30.95 51.75 -11.54
CA PRO SA 68 32.05 52.32 -12.31
C PRO SA 68 33.05 53.12 -11.47
N GLN SA 69 32.54 54.03 -10.63
CA GLN SA 69 33.37 54.89 -9.74
C GLN SA 69 34.08 54.10 -8.64
N LEU SA 70 33.39 53.10 -8.10
CA LEU SA 70 33.97 52.22 -7.12
C LEU SA 70 35.22 51.55 -7.68
N LEU SA 71 35.09 51.02 -8.89
CA LEU SA 71 36.20 50.32 -9.54
C LEU SA 71 37.36 51.24 -9.87
N LEU SA 72 37.07 52.48 -10.28
CA LEU SA 72 38.12 53.48 -10.50
C LEU SA 72 38.85 53.76 -9.19
N ASP SA 73 38.10 53.73 -8.08
CA ASP SA 73 38.68 54.01 -6.77
C ASP SA 73 39.49 52.83 -6.21
N PHE SA 74 39.30 51.66 -6.80
CA PHE SA 74 40.04 50.45 -6.39
C PHE SA 74 40.70 49.76 -7.57
N SER TA 1 17.63 16.06 40.27
CA SER TA 1 16.34 16.74 39.90
C SER TA 1 16.52 18.17 39.32
N GLY TA 2 16.46 18.27 37.99
CA GLY TA 2 16.54 19.55 37.27
C GLY TA 2 15.86 19.54 35.90
N PHE TA 3 15.89 20.68 35.21
CA PHE TA 3 15.44 20.76 33.82
C PHE TA 3 16.47 20.15 32.89
N ARG TA 4 16.00 19.64 31.75
CA ARG TA 4 16.87 19.14 30.71
C ARG TA 4 17.58 20.29 29.99
N LYS TA 5 18.88 20.11 29.75
CA LYS TA 5 19.73 21.11 29.11
C LYS TA 5 19.31 21.43 27.67
N GLU TA 6 19.08 20.38 26.89
CA GLU TA 6 18.71 20.57 25.49
C GLU TA 6 17.34 21.23 25.37
N LEU TA 7 16.45 20.95 26.31
CA LEU TA 7 15.12 21.57 26.35
C LEU TA 7 15.24 23.09 26.50
N VAL TA 8 15.96 23.52 27.52
CA VAL TA 8 16.09 24.93 27.82
C VAL TA 8 16.82 25.63 26.65
N SER TA 9 17.78 24.92 26.06
CA SER TA 9 18.51 25.40 24.88
C SER TA 9 17.58 25.72 23.72
N ARG TA 10 16.71 24.76 23.40
CA ARG TA 10 15.73 24.92 22.34
C ARG TA 10 14.82 26.11 22.63
N LEU TA 11 14.38 26.24 23.88
CA LEU TA 11 13.47 27.29 24.30
C LEU TA 11 14.03 28.69 24.06
N LEU TA 12 15.29 28.89 24.39
CA LEU TA 12 15.92 30.20 24.23
C LEU TA 12 16.12 30.53 22.76
N HIS TA 13 16.59 29.52 22.03
CA HIS TA 13 16.83 29.68 20.62
C HIS TA 13 15.56 29.95 19.79
N LEU TA 14 14.40 29.70 20.39
CA LEU TA 14 13.09 29.93 19.75
C LEU TA 14 12.91 31.37 19.24
N HIS TA 15 13.26 32.36 20.07
CA HIS TA 15 13.13 33.75 19.63
C HIS TA 15 14.39 34.63 19.72
N PHE TA 16 15.57 34.03 19.55
CA PHE TA 16 16.73 34.83 19.21
C PHE TA 16 16.47 35.52 17.88
N LYS TA 17 16.78 36.81 17.81
CA LYS TA 17 16.72 37.52 16.54
C LYS TA 17 17.93 37.15 15.68
N ASP TA 18 19.14 37.25 16.24
CA ASP TA 18 20.31 36.73 15.54
C ASP TA 18 20.60 35.29 15.92
N ASP TA 19 20.51 34.43 14.93
CA ASP TA 19 20.82 33.01 15.08
C ASP TA 19 22.31 32.75 15.27
N LYS TA 20 23.13 33.80 15.11
CA LYS TA 20 24.55 33.68 15.47
C LYS TA 20 24.74 33.60 16.99
N THR TA 21 23.70 33.93 17.76
CA THR TA 21 23.72 33.76 19.23
C THR TA 21 24.00 32.30 19.61
N LYS TA 22 24.94 32.09 20.53
CA LYS TA 22 25.33 30.76 20.97
C LYS TA 22 25.37 30.78 22.49
N VAL TA 23 25.32 29.63 23.17
CA VAL TA 23 25.31 29.62 24.67
C VAL TA 23 26.34 28.63 25.27
N SER TA 24 27.35 29.15 25.99
CA SER TA 24 28.39 28.31 26.63
C SER TA 24 27.77 27.34 27.64
N GLY TA 25 28.44 26.22 27.90
CA GLY TA 25 27.87 25.14 28.72
C GLY TA 25 27.54 25.55 30.15
N ASP TA 26 28.43 26.36 30.71
CA ASP TA 26 28.24 26.86 32.06
C ASP TA 26 27.04 27.81 32.15
N ALA TA 27 26.83 28.65 31.13
CA ALA TA 27 25.67 29.56 31.10
C ALA TA 27 24.36 28.77 31.07
N LEU TA 28 24.35 27.72 30.27
CA LEU TA 28 23.23 26.81 30.18
C LEU TA 28 22.90 26.22 31.55
N GLN TA 29 23.95 25.82 32.27
CA GLN TA 29 23.79 25.24 33.61
CA GLN TA 29 23.81 25.25 33.61
C GLN TA 29 23.11 26.23 34.56
N LEU TA 30 23.56 27.48 34.53
CA LEU TA 30 22.97 28.50 35.37
C LEU TA 30 21.51 28.79 35.00
N MET TA 31 21.19 28.67 33.71
CA MET TA 31 19.81 28.88 33.28
C MET TA 31 18.82 27.81 33.73
N VAL TA 32 19.32 26.59 33.79
CA VAL TA 32 18.54 25.49 34.35
C VAL TA 32 18.17 25.81 35.80
N GLU TA 33 19.11 26.36 36.54
CA GLU TA 33 18.90 26.77 37.94
C GLU TA 33 17.88 27.89 38.03
N LEU TA 34 18.02 28.86 37.13
CA LEU TA 34 17.15 30.03 37.10
C LEU TA 34 15.71 29.64 36.82
N LEU TA 35 15.50 28.73 35.86
CA LEU TA 35 14.14 28.29 35.52
C LEU TA 35 13.48 27.58 36.69
N LYS TA 36 14.27 26.75 37.37
CA LYS TA 36 13.82 26.05 38.56
C LYS TA 36 13.35 27.05 39.60
N VAL TA 37 14.18 28.04 39.90
CA VAL TA 37 13.86 29.02 40.93
C VAL TA 37 12.63 29.88 40.59
N PHE TA 38 12.52 30.22 39.31
CA PHE TA 38 11.36 30.92 38.74
C PHE TA 38 10.07 30.17 39.04
N VAL TA 39 10.06 28.88 38.68
CA VAL TA 39 8.90 28.00 38.84
C VAL TA 39 8.55 27.85 40.31
N VAL TA 40 9.57 27.60 41.12
CA VAL TA 40 9.43 27.40 42.55
C VAL TA 40 8.84 28.64 43.19
N GLU TA 41 9.33 29.81 42.78
CA GLU TA 41 8.81 31.01 43.36
C GLU TA 41 7.35 31.22 43.03
N ALA TA 42 6.98 30.93 41.78
CA ALA TA 42 5.58 30.97 41.36
C ALA TA 42 4.70 30.09 42.26
N ALA TA 43 5.17 28.87 42.45
CA ALA TA 43 4.51 27.88 43.26
C ALA TA 43 4.38 28.29 44.72
N VAL TA 44 5.52 28.68 45.31
CA VAL TA 44 5.62 29.10 46.70
C VAL TA 44 4.70 30.26 46.98
N ARG TA 45 4.73 31.26 46.12
CA ARG TA 45 3.92 32.43 46.32
C ARG TA 45 2.44 32.11 46.19
N GLY TA 46 2.08 31.28 45.20
CA GLY TA 46 0.70 30.81 45.03
C GLY TA 46 0.17 30.11 46.28
N VAL TA 47 1.01 29.26 46.86
CA VAL TA 47 0.66 28.56 48.10
C VAL TA 47 0.45 29.54 49.26
N ARG TA 48 1.33 30.53 49.37
CA ARG TA 48 1.22 31.55 50.42
C ARG TA 48 -0.09 32.30 50.30
N GLN TA 49 -0.48 32.62 49.06
CA GLN TA 49 -1.74 33.32 48.81
C GLN TA 49 -2.94 32.46 49.17
N ALA TA 50 -2.95 31.19 48.74
CA ALA TA 50 -4.05 30.30 49.08
C ALA TA 50 -4.16 30.13 50.60
N GLN TA 51 -3.03 29.85 51.26
CA GLN TA 51 -2.97 29.77 52.71
C GLN TA 51 -3.51 31.03 53.37
N ALA TA 52 -3.10 32.18 52.83
CA ALA TA 52 -3.42 33.48 53.41
C ALA TA 52 -4.92 33.74 53.38
N GLU TA 53 -5.57 33.36 52.28
CA GLU TA 53 -7.03 33.54 52.21
C GLU TA 53 -7.78 32.28 52.64
N ASP TA 54 -7.03 31.30 53.14
CA ASP TA 54 -7.54 30.02 53.63
C ASP TA 54 -8.42 29.29 52.61
N ALA TA 55 -7.97 29.34 51.36
CA ALA TA 55 -8.55 28.58 50.24
C ALA TA 55 -8.24 27.11 50.41
N LEU TA 56 -9.14 26.26 49.93
CA LEU TA 56 -9.02 24.82 50.17
C LEU TA 56 -8.11 24.16 49.11
N ARG TA 57 -7.82 24.91 48.04
CA ARG TA 57 -6.76 24.62 47.06
C ARG TA 57 -6.24 25.94 46.51
N VAL TA 58 -5.16 25.89 45.71
CA VAL TA 58 -4.67 27.09 45.02
C VAL TA 58 -5.46 27.31 43.72
N ASP TA 59 -6.35 28.31 43.74
CA ASP TA 59 -7.21 28.62 42.59
C ASP TA 59 -6.69 29.82 41.77
N VAL TA 60 -7.30 30.04 40.60
CA VAL TA 60 -6.96 31.12 39.67
C VAL TA 60 -6.84 32.49 40.35
N ASP TA 61 -7.74 32.75 41.29
CA ASP TA 61 -7.81 34.05 41.95
C ASP TA 61 -6.51 34.35 42.66
N GLN TA 62 -6.01 33.35 43.40
CA GLN TA 62 -4.78 33.51 44.17
C GLN TA 62 -3.61 33.65 43.23
N LEU TA 63 -3.58 32.80 42.21
CA LEU TA 63 -2.53 32.78 41.21
C LEU TA 63 -2.36 34.18 40.62
N GLU TA 64 -3.48 34.73 40.16
CA GLU TA 64 -3.48 36.06 39.61
C GLU TA 64 -3.05 37.08 40.65
N LYS TA 65 -3.38 36.84 41.91
CA LYS TA 65 -2.93 37.71 42.97
C LYS TA 65 -1.41 37.65 43.15
N VAL TA 66 -0.79 36.54 42.74
CA VAL TA 66 0.65 36.34 42.95
C VAL TA 66 1.55 36.62 41.75
N LEU TA 67 0.96 36.64 40.55
CA LEU TA 67 1.72 36.85 39.31
C LEU TA 67 2.51 38.17 39.35
N PRO TA 68 1.84 39.25 39.78
CA PRO TA 68 2.42 40.59 39.65
C PRO TA 68 3.78 40.70 40.32
N GLN TA 69 3.91 40.18 41.55
CA GLN TA 69 5.12 40.36 42.35
C GLN TA 69 6.25 39.46 41.82
N LEU TA 70 5.86 38.28 41.40
CA LEU TA 70 6.77 37.37 40.74
C LEU TA 70 7.45 38.10 39.59
N LEU TA 71 6.65 38.73 38.74
CA LEU TA 71 7.16 39.40 37.55
C LEU TA 71 7.99 40.66 37.83
N LEU TA 72 7.72 41.36 38.93
CA LEU TA 72 8.60 42.46 39.38
C LEU TA 72 9.96 41.91 39.74
N ASP TA 73 9.97 40.71 40.30
CA ASP TA 73 11.21 40.11 40.76
C ASP TA 73 11.99 39.50 39.61
N PHE TA 74 11.34 39.38 38.45
CA PHE TA 74 11.95 38.91 37.21
C PHE TA 74 11.69 39.91 36.07
N SER UA 1 3.47 69.02 30.07
CA SER UA 1 2.65 67.77 30.21
C SER UA 1 3.51 66.52 30.01
N GLY UA 2 3.80 65.87 31.13
CA GLY UA 2 4.91 64.93 31.25
C GLY UA 2 5.76 65.35 32.44
N PHE UA 3 6.86 64.63 32.69
CA PHE UA 3 7.69 64.88 33.88
C PHE UA 3 8.63 66.10 33.84
N ARG UA 4 8.75 66.82 34.97
CA ARG UA 4 9.68 67.94 35.08
C ARG UA 4 11.12 67.43 35.24
N LYS UA 5 12.05 68.21 34.68
CA LYS UA 5 13.41 67.74 34.41
C LYS UA 5 14.22 67.45 35.69
N GLU UA 6 14.12 68.38 36.64
CA GLU UA 6 14.81 68.30 37.92
C GLU UA 6 14.38 67.06 38.71
N LEU UA 7 13.07 66.77 38.65
CA LEU UA 7 12.49 65.63 39.36
C LEU UA 7 13.13 64.34 38.88
N VAL UA 8 13.09 64.14 37.57
CA VAL UA 8 13.61 62.93 36.96
C VAL UA 8 15.07 62.73 37.33
N SER UA 9 15.83 63.82 37.29
CA SER UA 9 17.25 63.79 37.58
C SER UA 9 17.51 63.27 38.98
N ARG UA 10 16.78 63.82 39.93
CA ARG UA 10 17.11 63.51 41.30
C ARG UA 10 16.57 62.15 41.72
N LEU UA 11 15.50 61.70 41.07
CA LEU UA 11 14.99 60.34 41.28
C LEU UA 11 16.04 59.31 40.93
N LEU UA 12 16.75 59.55 39.83
CA LEU UA 12 17.75 58.61 39.38
C LEU UA 12 19.01 58.66 40.24
N HIS UA 13 19.39 59.85 40.69
CA HIS UA 13 20.55 60.03 41.55
C HIS UA 13 20.45 59.27 42.87
N LEU UA 14 19.22 59.07 43.31
CA LEU UA 14 18.98 58.28 44.50
C LEU UA 14 19.45 56.83 44.35
N HIS UA 15 19.54 56.34 43.10
CA HIS UA 15 19.78 54.90 42.88
C HIS UA 15 21.15 54.52 42.33
N PHE UA 16 21.91 55.52 41.88
CA PHE UA 16 23.28 55.29 41.43
C PHE UA 16 24.12 54.69 42.57
N LYS UA 17 24.90 53.63 42.27
CA LYS UA 17 25.88 53.11 43.22
C LYS UA 17 27.09 54.05 43.26
N ASP UA 18 27.59 54.41 42.08
CA ASP UA 18 28.63 55.42 42.00
C ASP UA 18 28.05 56.81 41.80
N ASP UA 19 28.23 57.68 42.80
CA ASP UA 19 27.75 59.05 42.72
C ASP UA 19 28.49 59.90 41.68
N LYS UA 20 29.51 59.32 41.06
CA LYS UA 20 30.20 59.97 39.94
C LYS UA 20 29.23 60.19 38.79
N THR UA 21 28.27 59.27 38.63
CA THR UA 21 27.24 59.31 37.58
C THR UA 21 26.51 60.66 37.44
N LYS UA 22 26.59 61.22 36.23
CA LYS UA 22 25.81 62.39 35.85
C LYS UA 22 25.02 62.06 34.59
N VAL UA 23 24.01 62.85 34.27
CA VAL UA 23 23.12 62.54 33.15
C VAL UA 23 23.16 63.64 32.09
N SER UA 24 23.47 63.27 30.84
CA SER UA 24 23.53 64.23 29.71
C SER UA 24 22.17 64.87 29.45
N GLY UA 25 22.19 66.10 28.93
CA GLY UA 25 20.98 66.91 28.74
C GLY UA 25 20.01 66.22 27.80
N ASP UA 26 20.55 65.72 26.70
CA ASP UA 26 19.74 65.00 25.72
C ASP UA 26 19.21 63.69 26.29
N ALA UA 27 20.03 62.94 27.06
CA ALA UA 27 19.56 61.72 27.73
C ALA UA 27 18.43 62.03 28.73
N LEU UA 28 18.59 63.11 29.48
CA LEU UA 28 17.53 63.56 30.39
C LEU UA 28 16.22 63.82 29.66
N GLN UA 29 16.31 64.50 28.51
CA GLN UA 29 15.12 64.82 27.74
CA GLN UA 29 15.13 64.83 27.71
C GLN UA 29 14.43 63.55 27.24
N LEU UA 30 15.21 62.59 26.80
CA LEU UA 30 14.64 61.35 26.34
C LEU UA 30 14.05 60.54 27.50
N MET UA 31 14.62 60.69 28.69
CA MET UA 31 14.07 60.06 29.89
C MET UA 31 12.69 60.58 30.23
N VAL UA 32 12.49 61.89 30.07
CA VAL UA 32 11.20 62.51 30.29
C VAL UA 32 10.15 61.87 29.38
N GLU UA 33 10.55 61.63 28.14
CA GLU UA 33 9.74 60.97 27.13
C GLU UA 33 9.41 59.53 27.53
N LEU UA 34 10.44 58.80 27.96
CA LEU UA 34 10.32 57.40 28.37
C LEU UA 34 9.37 57.19 29.55
N LEU UA 35 9.46 58.07 30.54
CA LEU UA 35 8.63 57.95 31.73
C LEU UA 35 7.17 58.16 31.40
N LYS UA 36 6.92 59.16 30.55
CA LYS UA 36 5.59 59.46 30.05
C LYS UA 36 5.03 58.22 29.38
N VAL UA 37 5.82 57.65 28.49
CA VAL UA 37 5.42 56.47 27.74
C VAL UA 37 5.14 55.27 28.66
N PHE UA 38 6.00 55.07 29.65
CA PHE UA 38 5.82 54.02 30.66
C PHE UA 38 4.46 54.14 31.36
N VAL UA 39 4.17 55.32 31.87
CA VAL UA 39 2.95 55.55 32.65
C VAL UA 39 1.72 55.40 31.78
N VAL UA 40 1.77 56.01 30.59
CA VAL UA 40 0.67 55.95 29.64
C VAL UA 40 0.38 54.50 29.25
N GLU UA 41 1.43 53.71 29.01
CA GLU UA 41 1.21 52.33 28.67
C GLU UA 41 0.57 51.51 29.78
N ALA UA 42 1.02 51.76 31.01
CA ALA UA 42 0.39 51.16 32.19
C ALA UA 42 -1.12 51.46 32.20
N ALA UA 43 -1.45 52.73 32.04
CA ALA UA 43 -2.84 53.18 32.02
C ALA UA 43 -3.65 52.62 30.85
N VAL UA 44 -3.07 52.71 29.64
CA VAL UA 44 -3.69 52.22 28.40
C VAL UA 44 -3.99 50.73 28.47
N ARG UA 45 -3.03 49.96 28.95
CA ARG UA 45 -3.21 48.52 29.06
C ARG UA 45 -4.27 48.17 30.10
N GLY UA 46 -4.26 48.86 31.25
CA GLY UA 46 -5.30 48.70 32.27
C GLY UA 46 -6.71 48.92 31.72
N VAL UA 47 -6.86 49.98 30.94
CA VAL UA 47 -8.12 50.29 30.27
C VAL UA 47 -8.54 49.18 29.31
N ARG UA 48 -7.61 48.65 28.53
CA ARG UA 48 -7.97 47.62 27.58
C ARG UA 48 -8.37 46.34 28.30
N GLN UA 49 -7.77 46.06 29.44
CA GLN UA 49 -8.18 44.91 30.24
C GLN UA 49 -9.58 45.13 30.82
N ALA UA 50 -9.83 46.32 31.36
CA ALA UA 50 -11.17 46.63 31.87
C ALA UA 50 -12.22 46.51 30.77
N GLN UA 51 -11.93 47.11 29.60
CA GLN UA 51 -12.77 46.97 28.42
C GLN UA 51 -13.03 45.50 28.06
N ALA UA 52 -11.97 44.68 28.10
CA ALA UA 52 -12.04 43.26 27.74
C ALA UA 52 -12.99 42.48 28.66
N GLU UA 53 -12.98 42.80 29.95
CA GLU UA 53 -13.93 42.15 30.86
C GLU UA 53 -15.18 42.99 31.11
N ASP UA 54 -15.34 44.06 30.32
CA ASP UA 54 -16.49 44.98 30.40
C ASP UA 54 -16.72 45.58 31.79
N ALA UA 55 -15.63 46.01 32.42
CA ALA UA 55 -15.71 46.71 33.70
C ALA UA 55 -16.20 48.13 33.47
N LEU UA 56 -16.86 48.69 34.47
CA LEU UA 56 -17.45 50.03 34.35
C LEU UA 56 -16.45 51.12 34.79
N ARG UA 57 -15.32 50.68 35.35
CA ARG UA 57 -14.13 51.52 35.55
C ARG UA 57 -12.91 50.60 35.53
N VAL UA 58 -11.71 51.18 35.47
CA VAL UA 58 -10.50 50.37 35.57
C VAL UA 58 -10.16 50.18 37.06
N ASP UA 59 -10.45 48.99 37.57
CA ASP UA 59 -10.16 48.66 38.97
C ASP UA 59 -8.84 47.89 39.10
N VAL UA 60 -8.37 47.71 40.33
CA VAL UA 60 -7.07 47.10 40.59
C VAL UA 60 -6.96 45.67 40.02
N ASP UA 61 -8.08 44.96 39.96
CA ASP UA 61 -8.17 43.64 39.33
C ASP UA 61 -7.57 43.64 37.92
N GLN UA 62 -8.03 44.59 37.11
CA GLN UA 62 -7.60 44.71 35.71
C GLN UA 62 -6.16 45.18 35.63
N LEU UA 63 -5.82 46.17 36.46
CA LEU UA 63 -4.46 46.74 36.52
C LEU UA 63 -3.47 45.61 36.72
N GLU UA 64 -3.74 44.82 37.76
CA GLU UA 64 -2.92 43.70 38.10
C GLU UA 64 -2.90 42.65 36.98
N LYS UA 65 -3.98 42.54 36.21
CA LYS UA 65 -3.94 41.66 35.04
C LYS UA 65 -3.04 42.21 33.92
N VAL UA 66 -2.80 43.53 33.91
CA VAL UA 66 -1.97 44.16 32.87
C VAL UA 66 -0.51 44.37 33.28
N LEU UA 67 -0.25 44.30 34.59
CA LEU UA 67 1.11 44.47 35.11
C LEU UA 67 2.10 43.42 34.60
N PRO UA 68 1.69 42.13 34.55
CA PRO UA 68 2.63 41.12 34.05
C PRO UA 68 3.29 41.49 32.72
N GLN UA 69 2.48 41.82 31.72
CA GLN UA 69 2.97 42.10 30.37
C GLN UA 69 3.67 43.45 30.27
N LEU UA 70 3.20 44.41 31.08
CA LEU UA 70 3.86 45.68 31.19
C LEU UA 70 5.33 45.48 31.60
N LEU UA 71 5.54 44.70 32.65
CA LEU UA 71 6.89 44.44 33.17
C LEU UA 71 7.75 43.67 32.17
N LEU UA 72 7.13 42.77 31.40
CA LEU UA 72 7.84 42.06 30.35
C LEU UA 72 8.24 43.03 29.26
N ASP UA 73 7.43 44.06 29.03
CA ASP UA 73 7.73 45.03 27.99
C ASP UA 73 8.76 46.07 28.42
N PHE UA 74 9.05 46.09 29.73
CA PHE UA 74 10.07 46.96 30.27
C PHE UA 74 11.04 46.16 31.14
N SER VA 1 7.39 8.72 50.84
CA SER VA 1 5.93 8.93 50.54
C SER VA 1 5.02 8.56 51.72
N GLY VA 2 4.69 9.55 52.55
CA GLY VA 2 3.86 9.34 53.76
C GLY VA 2 3.42 10.63 54.46
N PHE VA 3 2.53 10.49 55.45
CA PHE VA 3 2.02 11.60 56.28
C PHE VA 3 3.13 12.01 57.21
N ARG VA 4 3.31 13.32 57.40
CA ARG VA 4 4.30 13.80 58.35
C ARG VA 4 3.76 13.65 59.76
N LYS VA 5 4.66 13.34 60.68
CA LYS VA 5 4.31 13.02 62.05
C LYS VA 5 3.79 14.23 62.82
N GLU VA 6 4.42 15.40 62.62
CA GLU VA 6 3.97 16.62 63.29
C GLU VA 6 2.56 17.01 62.83
N LEU VA 7 2.29 16.81 61.54
CA LEU VA 7 0.95 17.04 60.99
C LEU VA 7 -0.10 16.18 61.72
N VAL VA 8 0.11 14.86 61.72
CA VAL VA 8 -0.81 13.92 62.33
C VAL VA 8 -0.97 14.21 63.81
N SER VA 9 0.15 14.59 64.44
CA SER VA 9 0.16 14.92 65.86
C SER VA 9 -0.74 16.11 66.16
N ARG VA 10 -0.59 17.19 65.39
CA ARG VA 10 -1.40 18.39 65.62
C ARG VA 10 -2.88 18.12 65.35
N LEU VA 11 -3.17 17.35 64.30
CA LEU VA 11 -4.56 16.98 63.94
C LEU VA 11 -5.28 16.28 65.08
N LEU VA 12 -4.62 15.30 65.69
CA LEU VA 12 -5.26 14.53 66.74
C LEU VA 12 -5.31 15.30 68.06
N HIS VA 13 -4.29 16.11 68.36
CA HIS VA 13 -4.27 16.96 69.57
C HIS VA 13 -5.41 17.98 69.61
N LEU VA 14 -5.90 18.35 68.43
CA LEU VA 14 -7.05 19.21 68.36
C LEU VA 14 -8.34 18.56 68.90
N HIS VA 15 -8.37 17.24 69.06
CA HIS VA 15 -9.59 16.54 69.50
C HIS VA 15 -9.57 15.92 70.90
N PHE VA 16 -8.38 15.72 71.46
CA PHE VA 16 -8.26 15.24 72.84
C PHE VA 16 -8.88 16.28 73.78
N LYS VA 17 -9.66 15.83 74.75
CA LYS VA 17 -10.09 16.78 75.77
C LYS VA 17 -9.03 16.95 76.87
N ASP VA 18 -8.29 15.90 77.21
CA ASP VA 18 -7.12 16.04 78.10
C ASP VA 18 -5.82 16.34 77.34
N ASP VA 19 -5.20 17.48 77.68
CA ASP VA 19 -3.97 17.94 77.04
C ASP VA 19 -2.74 17.25 77.58
N LYS VA 20 -2.83 16.72 78.80
CA LYS VA 20 -1.76 15.92 79.40
C LYS VA 20 -1.39 14.77 78.48
N THR VA 21 -2.40 14.25 77.79
CA THR VA 21 -2.22 13.08 76.92
C THR VA 21 -1.15 13.35 75.86
N LYS VA 22 -0.16 12.44 75.77
CA LYS VA 22 0.87 12.51 74.74
C LYS VA 22 0.95 11.17 73.98
N VAL VA 23 1.62 11.16 72.83
CA VAL VA 23 1.66 9.98 71.96
C VAL VA 23 3.12 9.59 71.66
N SER VA 24 3.44 8.32 71.85
CA SER VA 24 4.80 7.83 71.60
C SER VA 24 5.19 7.89 70.11
N GLY VA 25 6.49 8.01 69.87
CA GLY VA 25 7.04 8.05 68.51
C GLY VA 25 6.64 6.83 67.71
N ASP VA 26 6.76 5.66 68.33
CA ASP VA 26 6.37 4.40 67.71
C ASP VA 26 4.86 4.35 67.35
N ALA VA 27 4.01 4.80 68.27
CA ALA VA 27 2.56 4.84 68.02
C ALA VA 27 2.24 5.79 66.87
N LEU VA 28 2.89 6.95 66.87
CA LEU VA 28 2.72 7.93 65.79
C LEU VA 28 3.07 7.33 64.42
N GLN VA 29 4.16 6.58 64.37
CA GLN VA 29 4.61 5.90 63.14
CA GLN VA 29 4.57 5.95 63.11
C GLN VA 29 3.54 4.92 62.61
N LEU VA 30 2.99 4.11 63.52
CA LEU VA 30 1.95 3.13 63.16
C LEU VA 30 0.68 3.81 62.65
N MET VA 31 0.37 4.97 63.22
CA MET VA 31 -0.82 5.69 62.80
C MET VA 31 -0.67 6.34 61.43
N VAL VA 32 0.55 6.77 61.10
CA VAL VA 32 0.87 7.25 59.74
C VAL VA 32 0.54 6.15 58.71
N GLU VA 33 0.89 4.91 59.05
CA GLU VA 33 0.58 3.73 58.25
C GLU VA 33 -0.93 3.46 58.14
N LEU VA 34 -1.62 3.55 59.28
CA LEU VA 34 -3.06 3.29 59.32
C LEU VA 34 -3.86 4.32 58.51
N LEU VA 35 -3.45 5.58 58.59
CA LEU VA 35 -4.09 6.66 57.83
C LEU VA 35 -3.91 6.46 56.33
N LYS VA 36 -2.72 6.03 55.95
CA LYS VA 36 -2.36 5.76 54.56
C LYS VA 36 -3.30 4.69 54.02
N VAL VA 37 -3.44 3.61 54.79
CA VAL VA 37 -4.33 2.48 54.47
C VAL VA 37 -5.78 2.95 54.25
N PHE VA 38 -6.28 3.76 55.18
CA PHE VA 38 -7.64 4.33 55.14
C PHE VA 38 -7.88 5.08 53.82
N VAL VA 39 -6.97 6.00 53.51
CA VAL VA 39 -7.14 6.87 52.36
C VAL VA 39 -7.07 6.07 51.07
N VAL VA 40 -6.07 5.20 50.99
CA VAL VA 40 -5.87 4.43 49.77
C VAL VA 40 -7.04 3.48 49.52
N GLU VA 41 -7.53 2.84 50.59
CA GLU VA 41 -8.71 1.98 50.45
C GLU VA 41 -9.95 2.75 49.97
N ALA VA 42 -10.17 3.96 50.50
CA ALA VA 42 -11.28 4.81 50.03
C ALA VA 42 -11.19 5.07 48.53
N ALA VA 43 -9.98 5.41 48.09
CA ALA VA 43 -9.71 5.71 46.69
C ALA VA 43 -9.88 4.48 45.81
N VAL VA 44 -9.28 3.37 46.24
CA VAL VA 44 -9.36 2.09 45.54
C VAL VA 44 -10.80 1.61 45.38
N ARG VA 45 -11.57 1.71 46.45
CA ARG VA 45 -12.95 1.28 46.40
C ARG VA 45 -13.77 2.20 45.47
N GLY VA 46 -13.52 3.51 45.52
CA GLY VA 46 -14.12 4.47 44.57
C GLY VA 46 -13.84 4.13 43.11
N VAL VA 47 -12.59 3.77 42.82
CA VAL VA 47 -12.19 3.33 41.48
C VAL VA 47 -12.96 2.07 41.03
N ARG VA 48 -13.11 1.10 41.95
CA ARG VA 48 -13.84 -0.14 41.64
C ARG VA 48 -15.29 0.16 41.28
N GLN VA 49 -15.89 1.11 42.00
CA GLN VA 49 -17.25 1.52 41.72
C GLN VA 49 -17.37 2.20 40.35
N ALA VA 50 -16.48 3.15 40.07
CA ALA VA 50 -16.51 3.86 38.79
C ALA VA 50 -16.34 2.90 37.63
N GLN VA 51 -15.34 2.03 37.72
CA GLN VA 51 -15.12 1.03 36.69
C GLN VA 51 -16.31 0.07 36.54
N ALA VA 52 -16.90 -0.33 37.66
CA ALA VA 52 -18.02 -1.29 37.65
C ALA VA 52 -19.22 -0.71 36.92
N GLU VA 53 -19.45 0.59 37.08
CA GLU VA 53 -20.53 1.29 36.37
C GLU VA 53 -20.09 1.96 35.06
N ASP VA 54 -18.85 1.69 34.66
CA ASP VA 54 -18.32 2.19 33.39
C ASP VA 54 -18.32 3.71 33.28
N ALA VA 55 -17.88 4.36 34.36
CA ALA VA 55 -17.79 5.81 34.44
C ALA VA 55 -16.65 6.40 33.62
N LEU VA 56 -16.78 7.69 33.26
CA LEU VA 56 -15.69 8.43 32.61
C LEU VA 56 -14.63 8.93 33.61
N ARG VA 57 -15.04 9.15 34.85
CA ARG VA 57 -14.13 9.51 35.94
C ARG VA 57 -14.73 8.97 37.25
N VAL VA 58 -13.96 8.91 38.34
CA VAL VA 58 -14.53 8.54 39.64
C VAL VA 58 -15.16 9.78 40.27
N ASP VA 59 -16.47 9.88 40.18
CA ASP VA 59 -17.19 11.07 40.63
C ASP VA 59 -17.81 10.81 41.99
N VAL VA 60 -18.41 11.86 42.56
CA VAL VA 60 -19.06 11.77 43.87
C VAL VA 60 -20.12 10.65 43.91
N ASP VA 61 -20.81 10.42 42.80
CA ASP VA 61 -21.80 9.35 42.71
C ASP VA 61 -21.23 8.01 43.14
N GLN VA 62 -20.08 7.68 42.57
CA GLN VA 62 -19.42 6.43 42.88
C GLN VA 62 -18.91 6.42 44.33
N LEU VA 63 -18.30 7.53 44.75
CA LEU VA 63 -17.77 7.67 46.12
C LEU VA 63 -18.86 7.34 47.12
N GLU VA 64 -19.99 7.99 46.94
CA GLU VA 64 -21.12 7.82 47.82
C GLU VA 64 -21.62 6.37 47.80
N LYS VA 65 -21.46 5.70 46.66
CA LYS VA 65 -21.82 4.28 46.55
C LYS VA 65 -20.87 3.39 47.35
N VAL VA 66 -19.65 3.85 47.57
CA VAL VA 66 -18.66 3.05 48.29
C VAL VA 66 -18.57 3.40 49.78
N LEU VA 67 -19.14 4.54 50.15
CA LEU VA 67 -19.09 5.01 51.53
C LEU VA 67 -19.71 4.03 52.55
N PRO VA 68 -20.84 3.37 52.21
CA PRO VA 68 -21.49 2.51 53.20
C PRO VA 68 -20.52 1.52 53.80
N GLN VA 69 -19.88 0.76 52.91
CA GLN VA 69 -18.97 -0.31 53.30
C GLN VA 69 -17.69 0.23 53.93
N LEU VA 70 -17.21 1.35 53.39
CA LEU VA 70 -16.04 2.03 53.95
C LEU VA 70 -16.25 2.27 55.44
N LEU VA 71 -17.38 2.85 55.79
CA LEU VA 71 -17.67 3.21 57.16
C LEU VA 71 -17.81 2.03 58.09
N LEU VA 72 -18.43 0.95 57.60
CA LEU VA 72 -18.55 -0.28 58.37
C LEU VA 72 -17.19 -0.86 58.65
N ASP VA 73 -16.29 -0.69 57.70
CA ASP VA 73 -14.93 -1.19 57.85
C ASP VA 73 -14.09 -0.28 58.75
N PHE VA 74 -14.56 0.95 58.97
CA PHE VA 74 -13.85 1.91 59.81
C PHE VA 74 -14.76 2.49 60.90
#